data_7QIX
#
_entry.id   7QIX
#
_cell.length_a   1.00
_cell.length_b   1.00
_cell.length_c   1.00
_cell.angle_alpha   90.00
_cell.angle_beta   90.00
_cell.angle_gamma   90.00
#
_symmetry.space_group_name_H-M   'P 1'
#
loop_
_entity.id
_entity.type
_entity.pdbx_description
1 polymer '18S rRNA body'
2 polymer '60S ribosomal protein L41'
3 polymer '40S ribosomal protein SA'
4 polymer '40S ribosomal protein S3a'
5 polymer '40S body ribosomal protein eS4'
6 polymer '40S ribosomal protein S7'
7 polymer '40S ribosomal protein S8'
8 polymer 'Ribosomal_S17_N domain-containing protein'
9 polymer '40S ribosomal protein S17'
10 polymer '40S ribosomal protein S21'
11 polymer '40S body ribosomal protein uS12'
12 polymer '40S ribosomal protein S26'
13 polymer 'S5 DRBM domain-containing protein'
14 polymer '40S ribosomal protein S6'
15 polymer '40S body ribosomal protein uS4'
16 polymer '30S ribosomal protein S15, chloroplastic'
17 polymer 'Ribosomal protein S14'
18 polymer '40S ribosomal protein S24'
19 polymer '40S ribosomal protein S27'
20 polymer '40S ribosomal protein S30'
21 polymer '40S ribosomal protein S15a-1'
22 polymer 'Ribosomal protein L19'
23 non-polymer 'POTASSIUM ION'
24 non-polymer 'MAGNESIUM ION'
25 non-polymer 'ZINC ION'
26 water water
#
loop_
_entity_poly.entity_id
_entity_poly.type
_entity_poly.pdbx_seq_one_letter_code
_entity_poly.pdbx_strand_id
1 'polyribonucleotide'
;UACCUGGUUGAUCCUGCCAGUAGUCAU(A2M)UGCUUGUCU(OMC)AAAGAUUAAGCCAUGCAUGUGUAAGUAUGAACAA
AUUCAGACUGUGAAACUGCGAAUGGCUCAU(PSU)AAAUCAG(PSU)UAUAGUUUG(PSU)U(OMU)GAUGGUAUCUACU
ACU(OMC)GGAUAACCGUAGUAAUUCUAG(A2M)GCUAAUACGUGCAACAAACCCCGACUUCUGGAAGGGAUGCAUUUA
(PSU)UAGAUAAAAGGUCGACGCGGGCUCUGCCCGUUGCUGC(OMG)AUGAUUCA(PSU)GA(PSU)AACUCGACGGAUC
GCACGGCCAUCGUGCCGGCGACGCAUCA(PSU)UCAAA(PSU)UUCUGCCCUAUCAACUUUCGAUGGUAGGAUAGUGGCC
UACCAUGGUGGUGACGGG(PSU)GACGGAGAAUUAGGGUUCGA(PSU)UCCGGAGA(OMG)GGAGCCUGAGAAACGGCUA
CCACAU(OMC)CAAGGAAGGCAGCAGGCGCGC(A2M)AAUUACCCAA(PSU)CCUGACACGGGGAGGU(A2M)GUGA
(OMC)AAUAAAUAACAAUACCGGGCUCUAUGAGUCUGGUAAUUGGAAUGAGUACAAUCUAAAUCCCUUAACGAGG(A2M)
UCCAUUGGAGGGCAAGUCUGGUGCCAGCAGCCGCGG(OMU)AA(PSU)UCCAGCUCCAAUA(OMG)CGUA(UY1)(UY1)
A(PSU)UUAAGUUG(OMU)UGCAGUU(A2M)AAAAGCUCGUAG(PSU)UGGACUUUGGGAUGGGCCGGCCGGUCCGCCCU
AGGUGUGCACCGGUCGUCUCGUCCCUUCUGUCGGCGAUGCGCUCCUGGCCUUAAUUGGCCGGGUCGUGCCUCCGGCGCUG
UUACU(PSU)UGAAGAAA(PSU)UAGAGUGCUCAAAGCAAGCCUACGCUCUGUAUACAUU(A2M)GCAUGGGA(PSU)AA
CAUUAUAGGAUUUCGGUCCUAUUACGUUGGCCUUCGGGAUCGGAGUAAUGAUUAACAGGGACAGUCGGGGGCAUUCGUAU
UUCAUAGUCAGAGGUGAAAU(PSU)CUUGGAUUUAUGAAAGACGAACAACUGCGAAAGCAU(PSU)(PSU)GCCAAGGAU
GUUUUCAUUAAUCAAGA(A2M)CGAAAGUUGGGGGCUCGAAGACGA(PSU)CAGAUACCG(OMU)CCUAGUCUCAACCA
(PSU)AAACGAUGCCGACCAGGGAUCGGCGGAUGUUGCUUUUAGGACUCCGCCGGCACCUUAUGAGAAAUCAAAGUUUUU
GGG(PSU)UCCGGGGGGAGUA(PSU)GGUCGCAAGGCUGAAACUUAAAGGAAUUGACGGAAGGGCACCACCAGGAGUGGA
GCC(PSU)GCGGC(PSU)UAAUU(PSU)GACCAACACGGGGAAACU(PSU)ACCAGG(PSU)(OMC)CAGACAUAGUAAG
GAUUGACAGACUGAGAGCUCUUUCUUGAUUC(OMU)A(OMU)GGGUGG(OMU)G(OMG)UGCAUGGCGUUCUUAGU
(PSU)GGUGGAGCGA(PSU)UUG(PSU)CUGG(PSU)UAAUUCCGUUAACGA(A2M)CGAGACCUCAGCCUGCUAACUAG
CUAUGCGGAGGUAUCCCUUCGCGGCCAGCU(OMU)CUUAGAGGGACUACGGCCUUUUAGGCCGCGGAAGUUUGAGGCAAU
AACA(OMG)GUCUGUGAUGCCC(OMU)UAGAUGUUCUGGGCCGCACGCGCGCUACACUGAUGUA(PSU)UCAACGAGCUU
AUAGCCUUGGCCGACAGGCCCGGGUAAUCUUUGAAAUU(PSU)CA(PSU)CGUGAUGGGGAUAGAUCAUUGCAAUUGU
(PSU)GGUCUUCAACG(A2M)G(7MG)AAUUCCUAGUAAGCGCGAGUCAUCAGCUCGCGUUGACUACGUCCCUGCCCUU
(PSU)GUACACACCG(OMC)CCGUCGCUCCUACCGAUUGAAUGAUCCGGUGAAAUGUUCGGAUCGCGGCGACGUGGGCGG
UUCGCUGCCCGCGACGUCGCGAGAAGUCCAUUGAACCUUAUCAUUUAGAGGA(A2M)GGAGAAGUCGUA(6MZ)CAAGGU
UUC(4AC)GUAGGUG(MA6)(MA6)CCUGCGGAAGGAUCAUUG
;
2
2 'polypeptide(L)' MRAKWKKKRMRRLKRKRRKMRQRSK D
3 'polypeptide(L)'
;MATQDVRTLSTKEADIQMMLAAEVHLGTKNCDFQMERYAFKRRNDGIYIINLGKTWEKLQMAARVIVAIENPQDIIVQSA
RPYGQRAVLKFAQYTGAHAIAGRHTPGTFTNQLQTSYSEPRLLILTDPRTDHQPIKEAALGNIPTIAFCDTDSPMRYVDI
GIPANNKGKHSIGVLFWILARMVLQMRGAINQGPKWDVMVDLFFYREPEEAKEQEEEVPAIADYADYSASAALGGDWTSS
QIPEAQWTADAAAPAVGGGWAGDGAADGGWDAAAAPAPVPLPVPDVAPTSGATGWE
;
E
4 'polypeptide(L)'
;MAVGKNKRISKGKKGGKKKAADPYAKKDWYDIKAPSVFEVRNVGKTLVTRTQGTKIASEGLKHRVFEVSLADLQNDEDHS
FRKIRLRAEDVQGRNVLTNFHGMDFTTDKLRSLVKKWQSLIEAHVDVKTTDSYTLRMFCIAFTKKRPNQQKRTCYAQSSQ
IRQIRRKMVEIMRNQAQSCDLKDLVLKFIPESIGREIEKATSSIFPLQNVFIRKVKILKAPKFDLGRLMEVHGDYSEDVG
VKVDRPAEDIATEPTEVVGA
;
F
5 'polypeptide(L)'
;MARGLKKHLKRLNAPKHWMLDKLGGAFAPKPSSGPHKSRECLPLVIILRNRLKYALTYREVISILMQRQVMVDGKVRTDK
TYPAGFMDVVTIPKTNESFRLLYDTKGRFRLHSLRDEEAKFKLCKVRSVQFGQKGIPYLNTYDGRTIRYPDPLIKANDTI
KLDLDSNKIVDFIKFDVGNVVMVTGGRNRGRVGILKNREKHKGSFETVHIQDSQGHEFATRLGNVFTLGKGSKPWVSLPK
GKGIKLSIIEEARKRMAAQSATPA
;
G
6 'polypeptide(L)'
;MYTSKQKIHKDKAAEPSEHEVSVGQAFFDLENTNQELKSELKDLYINSATQIDVSGNRKAVVIHVPYRLRKAFRKVHVRL
VRELEKKFSGKDVIFIATRRIVRPPKRGSAAQRPRTRTLTSVHDAILEDLVVPAEIVGKRTRYRVDGSKIMKVYLDPKER
NNTEYKLETFSAVYRKLSGKDVVFEYPITEA
;
H
7 'polypeptide(L)'
;MGISRDSMHKRRATGGKKKSWRKKRKYELGRQPANTKISSNKTVRRIRVRGGNVKWRALRLDTGNFSWGSEAVTRKTRIL
DVVYNASNNELVRTQTLVKSAIVQVDAAPFKQWYLQHYGIDIGRKKKGAAKKETTTEEGDAAEEAKKSNHVVRKIENRQA
DRKLDSHLEEQFASGRLLACISSRPGQCGRADGYILEGKELEFYMKKLQKKKGKASGASA
;
I
8 'polypeptide(L)'
;MAEQTEKAFLKQPGVFLSSKKTGKGKRPGKGGNRYFKSIGLGFKTPREATEGTYIDKKCPFTGNVSIRGRILAGTCHSAK
MNRTIIVRRNYLHYVKKYQRYEKRHSNIPAHISPCFRVKEGDHVTIGQCRPLSKTVRFNVLKVIPAGSGGVGKKAFTGM
;
J
9 'polypeptide(L)'
;MGRVRTKTVKKSSRQVIERYYSKMTLDFHTNKKILEEVAIIPSKRLRNKIAGFSTHLMKRIQKGPVRGISLKLQEEERER
RMDFVPEESAIKTDLIEVDKETLDMLSALGMSDLPGVVKQAAEPQAVAALPSYGRGGGGFGRKY
;
K
10 'polypeptide(L)'
;MQNDEGQNMDLYIPRKCSATNRLITSKDHASVQLNVGHLDESGVYTGQFTTYALCGFIRAQGDADSAMDRLWQKKKAEVG
QQ
;
L
11 'polypeptide(L)'
;MGKTRGMGAGRKLKSHRRRQRWADKSYKKSHLGNEWKKPFAGSSHAKGIVLEKIGIEAKQPNSAIRKCARVQLIKNGKKI
AAFVPNDGCLNYIEENDEVLIAGFGRKGHAVGDIPGVRFKVVKVSGVSLLALFKEKKEKPRS
;
M
12 'polypeptide(L)'
;MTFKRRNGGRNKHGRGHVKFIRCSNCGKCCPKDKAIKRFLVRNIVEQAAVRDVQEACAFELYTLPKLYLKMQYCVSCAIH
SKVVRVRSRTDRRVREPPQRFRRPRDDLPKTGQAPRPAGGPPAAPRT
;
N
13 'polypeptide(L)'
;MAERGAGDRGGFGRGFGGRGGRGGDRGGRGRGGRRPRRETEEEKWVPVTKLGRLVKDGKIRSLEQIYLHSLPIKEFQIID
TLIGPSLKDEVMKIMPVQKQTRAGQRTRFKAFVVVGDGNGHVGLGVKCSKEVATAIRGGIILAKLSVIPVRRGYWGNKIG
KPHTVPCKVTGKCGSVTVRMVPAPRGAGIVAARVPKKVLQFAGIEDVFTSSRGSTKTLGNFVKATFDCLMKTYGFLTPDF
WKETRFTKSPFQEYFDILAKPANKVIVYATEEAAPERVEA
;
O
14 'polypeptide(L)'
;MKFNIANPTTGCQKKLEIDDDQKLRAFFDKRISQEVSGDSLGEEFKGYVFKIMGGCDKQGFPMKQGVLTPGRVRLLLYRG
TPCFRGYGRRNGERRRKSVRGCIVSPDLSVLNLVIVKKGENDLPGLTDTEKPRMRGPKRASKIRKLFNLSKEDDVRKYVN
TYRRNFTTKTGKNASKAPKIQRLVTPLTLQRKRARIADKKKRIAKAKSEAADYQKLLASRLKEQRERRSESLAKKRSRLS
AASKPSIAA
;
P
15 'polypeptide(L)'
;MVHVSFYRNYGKTFKKPRRPYEKERLDAELKLVGEYGLRCKRELWRVQYALSRIRNAARMLLTLDEKDPRRIFEGEALLR
RMNRYGLLDESQNKLDYVLALTVENFLERRLQTLVFKTGMAKSIHHARVLIRQRHIRVGRQVVNVASFMVRVDSQKHIDF
SLTSPFGGGRPGRVKRKNQKSAAKKAAGGDGDEEDEE
;
Q
16 'polypeptide(L)'
;MGRMHSRGKGISASALPYKRTPPSWLKISAPDVEDNICKFAKKGLTPSQIGVILRDSHGIAQVKSVTGSKILRILKAHGL
APEIPEDLYHLIKKAVAIRKHLERNRKDKDSKFRLILVESRIHRLARYYKKTKKLPPVWKYESTTASTLVA
;
R
17 'polypeptide(L)'
;MSKRRTREPKEETVTLGPSVREGELVFGVAHIFASFNDTFIHVTDLSGRETMVRITGGMKVKADRDESSPYAAMLAAQDV
SQRCKELGINALHIKLRATGGNKTKTPGPGAQSALRALARSGMKIGRIEDVTPIPT(IAS)STRRKGGRRGRRL
;
S
18 'polypeptide(L)'
;MADKAVTIRTRKFMTNRLLARKQFIIDVLHPGRANVSKAELKEKLSRMYEVKDPNAIFVFKFRTHFGGGKSTGFGLIYDS
VENAKKYEPKYRLIRNGLDTKVEKSRKQMKERKNRAKKVRGVKKTKAGDAKKK
;
U
19 'polypeptide(L)'
;MVLPNDVDLLNPPAEHEKKKHKLKRLVQSPNSFFMDVKCQGCFNITTVFSHSQTVVVCGNCQTVLCQPTGGRARLIEGCS
FRRKGD
;
V
20 'polypeptide(L)' MGKVHGSLARAGKVRGQTPKVAKQDKKKKPRGRAHKRMQYNRRFVTAVVGFGKKRGPNSSEK W
21 'polypeptide(L)'
;MVRVSVLNDALKSMYNAEKAGKAQVELRPSSKVIIKFLIVMQKHGYIGDFQYVDDHRVGKIVVELNGRLNKCGVISPRFD
VGVATIEGWTARLLPSRQFGYIVLTTSAGIMDHEEARRKNVGGKVLGFFY
;
T
22 'polypeptide(L)'
;MVSLKLQKRLAASVLKCGRGKVWLDPNEGNEISMANSRQNIRKLVKDGFIIRKPTKIHSRSRARRMKEAKRKGRHSGYGK
RKGTREARLPTKVLWMRRLRVLRRLLRKYRESKKIDKHMYHDMYMKVKGNVFKNKRVLMENIHKTKAEKAREKTLSDQFE
ARRAKNKASRERKFARRKKRLAQGPGGEKPVQPAAPAAAAPAQPAQGSKKSKK
;
X
#
loop_
_chem_comp.id
_chem_comp.type
_chem_comp.name
_chem_comp.formula
4AC RNA linking N(4)-ACETYLCYTIDINE-5'-MONOPHOSPHATE 'C11 H16 N3 O9 P'
6MZ RNA linking N6-METHYLADENOSINE-5'-MONOPHOSPHATE 'C11 H16 N5 O7 P'
7MG RNA linking 7N-METHYL-8-HYDROGUANOSINE-5'-MONOPHOSPHATE 'C11 H18 N5 O8 P'
A RNA linking ADENOSINE-5'-MONOPHOSPHATE 'C10 H14 N5 O7 P'
A2M RNA linking '2'-O-methyladenosine 5'-(dihydrogen phosphate)' 'C11 H16 N5 O7 P'
C RNA linking CYTIDINE-5'-MONOPHOSPHATE 'C9 H14 N3 O8 P'
G RNA linking GUANOSINE-5'-MONOPHOSPHATE 'C10 H14 N5 O8 P'
IAS L-beta-peptide, C-gamma linking 'BETA-L-ASPARTIC ACID' 'C4 H7 N O4'
K non-polymer 'POTASSIUM ION' 'K 1'
MA6 RNA linking 6N-DIMETHYLADENOSINE-5'-MONOPHOSHATE 'C12 H18 N5 O7 P'
MG non-polymer 'MAGNESIUM ION' 'Mg 2'
OMC RNA linking O2'-METHYLYCYTIDINE-5'-MONOPHOSPHATE 'C10 H16 N3 O8 P'
OMG RNA linking O2'-METHYLGUANOSINE-5'-MONOPHOSPHATE 'C11 H16 N5 O8 P'
OMU RNA linking 'O2'-METHYLURIDINE 5'-MONOPHOSPHATE' 'C10 H15 N2 O9 P'
PSU RNA linking PSEUDOURIDINE-5'-MONOPHOSPHATE 'C9 H13 N2 O9 P'
U RNA linking URIDINE-5'-MONOPHOSPHATE 'C9 H13 N2 O9 P'
UY1 RNA linking 2'-O-methylpseudouridine-5'-monophosphate 'C10 H15 N2 O9 P'
ZN non-polymer 'ZINC ION' 'Zn 2'
#
# COMPACT_ATOMS: atom_id res chain seq x y z
P A2M A 28 15.95 39.83 13.14
OP1 A2M A 28 15.61 41.21 12.76
O5' A2M A 28 16.19 39.69 14.70
C5' A2M A 28 15.24 40.05 15.71
C4' A2M A 28 15.70 39.47 17.03
O4' A2M A 28 15.88 38.05 16.92
C3' A2M A 28 17.06 39.95 17.53
O3' A2M A 28 16.99 41.23 18.14
C2' A2M A 28 17.41 38.86 18.52
O2' A2M A 28 16.70 39.03 19.74
C1' A2M A 28 16.92 37.61 17.79
CM' A2M A 28 17.00 38.09 20.76
N9 A2M A 28 17.94 36.96 17.00
C8 A2M A 28 18.12 37.04 15.64
N7 A2M A 28 19.14 36.34 15.18
C5 A2M A 28 19.67 35.78 16.33
C6 A2M A 28 20.78 34.91 16.54
N6 A2M A 28 21.56 34.47 15.56
N1 A2M A 28 21.04 34.54 17.81
C2 A2M A 28 20.25 34.98 18.79
N3 A2M A 28 19.18 35.78 18.71
C4 A2M A 28 18.94 36.14 17.45
H5' A2M A 28 15.13 41.13 15.78
H5'' A2M A 28 14.30 39.64 15.37
H4' A2M A 28 14.94 39.61 17.80
H3' A2M A 28 17.77 39.95 16.71
H2' A2M A 28 18.49 38.84 18.71
H1' A2M A 28 16.47 36.85 18.42
HM'1 A2M A 28 16.59 38.52 21.66
HM'2 A2M A 28 16.54 37.12 20.58
HM'3 A2M A 28 18.07 37.94 20.90
H8 A2M A 28 17.47 37.63 14.98
OP2 A2M A 28 17.18 39.38 12.46
H61 A2M A 28 22.35 33.87 15.74
H62 A2M A 28 21.37 34.74 14.60
H2 A2M A 28 20.52 34.63 19.78
N1 OMC A 38 24.54 43.20 -3.65
C2 OMC A 38 24.32 42.70 -2.37
N3 OMC A 38 24.82 43.39 -1.31
C4 OMC A 38 25.51 44.52 -1.49
C5 OMC A 38 25.75 45.04 -2.79
C6 OMC A 38 25.25 44.36 -3.83
O2 OMC A 38 23.68 41.66 -2.23
N4 OMC A 38 25.99 45.15 -0.41
C1' OMC A 38 23.97 42.44 -4.79
C2' OMC A 38 22.47 42.66 -4.93
O2' OMC A 38 21.87 41.48 -5.44
CM2 OMC A 38 21.75 40.42 -4.49
C3' OMC A 38 22.44 43.76 -5.99
C4' OMC A 38 23.58 43.35 -6.91
O4' OMC A 38 24.59 42.86 -6.00
O3' OMC A 38 21.20 43.87 -6.65
C5' OMC A 38 24.15 44.42 -7.80
O5' OMC A 38 24.56 45.55 -7.06
P OMC A 38 25.43 46.70 -7.75
OP1 OMC A 38 24.71 47.17 -8.96
OP2 OMC A 38 25.81 47.67 -6.71
H5 OMC A 38 26.31 45.96 -2.95
H6 OMC A 38 25.38 44.71 -4.86
HN41 OMC A 38 25.83 44.80 0.53
HN42 OMC A 38 26.52 46.00 -0.51
H1' OMC A 38 24.25 41.38 -4.71
H2' OMC A 38 21.99 42.98 -4.01
HM21 OMC A 38 21.35 40.90 -3.59
HM22 OMC A 38 21.04 39.67 -4.81
HM23 OMC A 38 22.68 39.92 -4.24
H3' OMC A 38 22.70 44.71 -5.52
H4' OMC A 38 23.28 42.51 -7.54
H5' OMC A 38 23.37 44.79 -8.47
H5'' OMC A 38 24.97 44.07 -8.42
N1 PSU A 103 -9.65 33.28 8.94
C2 PSU A 103 -8.67 32.97 8.04
N3 PSU A 103 -9.09 32.78 6.75
C4 PSU A 103 -10.40 32.87 6.30
C5 PSU A 103 -11.38 33.19 7.32
C6 PSU A 103 -10.96 33.38 8.58
O2 PSU A 103 -7.49 32.87 8.34
O4 PSU A 103 -10.65 32.68 5.12
C1' PSU A 103 -12.81 33.24 6.90
C2' PSU A 103 -13.43 31.87 6.69
O2' PSU A 103 -14.43 31.96 5.68
C3' PSU A 103 -14.06 31.61 8.04
C4' PSU A 103 -14.56 32.98 8.45
O3' PSU A 103 -15.07 30.62 8.03
O4' PSU A 103 -13.57 33.89 7.91
C5' PSU A 103 -14.73 33.23 9.93
O5' PSU A 103 -13.49 33.15 10.60
P PSU A 103 -13.35 33.50 12.15
OP1 PSU A 103 -14.50 32.89 12.84
OP2 PSU A 103 -11.97 33.19 12.57
HN1 PSU A 103 -9.38 33.44 9.89
HN3 PSU A 103 -8.38 32.56 6.07
H6 PSU A 103 -11.63 33.64 9.39
H1' PSU A 103 -12.89 33.89 6.02
H2' PSU A 103 -12.70 31.12 6.37
HO2' PSU A 103 -14.72 31.02 5.61
H3' PSU A 103 -13.28 31.32 8.74
H4' PSU A 103 -15.52 33.23 7.97
H5' PSU A 103 -15.39 32.47 10.34
H5'' PSU A 103 -15.16 34.21 10.15
N1 PSU A 111 -10.68 25.99 -13.63
C2 PSU A 111 -11.88 26.36 -13.09
N3 PSU A 111 -12.85 25.39 -13.12
C4 PSU A 111 -12.71 24.11 -13.62
C5 PSU A 111 -11.41 23.80 -14.18
C6 PSU A 111 -10.46 24.76 -14.14
O2 PSU A 111 -12.09 27.47 -12.61
O4 PSU A 111 -13.65 23.33 -13.58
C1' PSU A 111 -11.18 22.45 -14.78
C2' PSU A 111 -11.77 22.30 -16.18
O2' PSU A 111 -12.23 20.98 -16.35
C3' PSU A 111 -10.56 22.59 -17.05
C4' PSU A 111 -9.42 21.96 -16.25
O3' PSU A 111 -10.66 22.09 -18.37
O4' PSU A 111 -9.79 22.20 -14.87
C5' PSU A 111 -8.04 22.50 -16.53
O5' PSU A 111 -7.98 23.89 -16.30
P PSU A 111 -6.60 24.69 -16.46
OP1 PSU A 111 -5.96 24.25 -17.71
OP2 PSU A 111 -6.88 26.12 -16.25
HN1 PSU A 111 -9.94 26.68 -13.63
HN3 PSU A 111 -13.75 25.65 -12.75
H6 PSU A 111 -9.45 24.59 -14.54
H1' PSU A 111 -11.57 21.71 -14.08
H2' PSU A 111 -12.62 22.98 -16.35
HO2' PSU A 111 -12.62 21.02 -17.26
H3' PSU A 111 -10.39 23.66 -17.07
H4' PSU A 111 -9.39 20.87 -16.40
H5' PSU A 111 -7.80 22.31 -17.57
H5'' PSU A 111 -7.28 22.01 -15.92
N1 PSU A 121 -16.41 50.16 -23.40
C2 PSU A 121 -15.64 49.05 -23.61
N3 PSU A 121 -14.29 49.28 -23.60
C4 PSU A 121 -13.66 50.50 -23.42
C5 PSU A 121 -14.55 51.62 -23.20
C6 PSU A 121 -15.87 51.40 -23.20
O2 PSU A 121 -16.11 47.94 -23.78
O4 PSU A 121 -12.43 50.57 -23.46
C1' PSU A 121 -13.95 52.98 -23.00
C2' PSU A 121 -13.21 53.52 -24.22
O2' PSU A 121 -12.09 54.28 -23.77
C3' PSU A 121 -14.26 54.42 -24.85
C4' PSU A 121 -14.97 55.00 -23.63
O3' PSU A 121 -13.72 55.43 -25.68
O4' PSU A 121 -14.98 53.90 -22.69
C5' PSU A 121 -16.38 55.48 -23.86
O5' PSU A 121 -17.26 54.42 -24.21
P PSU A 121 -18.84 54.62 -24.22
OP1 PSU A 121 -19.14 55.82 -25.02
OP2 PSU A 121 -19.46 53.34 -24.58
HN1 PSU A 121 -17.42 50.06 -23.40
HN3 PSU A 121 -13.69 48.47 -23.76
H6 PSU A 121 -16.60 52.20 -23.04
H1' PSU A 121 -13.32 52.94 -22.11
H2' PSU A 121 -12.84 52.73 -24.87
HO2' PSU A 121 -11.54 53.58 -23.33
H3' PSU A 121 -14.95 53.81 -25.41
H4' PSU A 121 -14.42 55.81 -23.19
H5' PSU A 121 -16.38 56.19 -24.70
H5'' PSU A 121 -16.79 56.01 -23.00
N1 OMU A 123 -13.39 49.21 -31.83
C2 OMU A 123 -14.45 48.33 -31.64
N3 OMU A 123 -15.54 48.86 -31.00
C4 OMU A 123 -15.68 50.16 -30.56
C5 OMU A 123 -14.56 51.01 -30.80
C6 OMU A 123 -13.47 50.51 -31.41
O2 OMU A 123 -14.43 47.17 -32.03
O4 OMU A 123 -16.74 50.51 -30.01
C1' OMU A 123 -12.18 48.68 -32.51
C2' OMU A 123 -12.27 48.84 -34.03
O2' OMU A 123 -11.52 47.81 -34.64
CM2 OMU A 123 -12.15 46.53 -34.64
C3' OMU A 123 -11.59 50.18 -34.22
C4' OMU A 123 -10.48 50.16 -33.18
O3' OMU A 123 -11.11 50.40 -35.53
O4' OMU A 123 -11.07 49.43 -32.07
C5' OMU A 123 -9.98 51.49 -32.70
O5' OMU A 123 -11.04 52.41 -32.52
P OMU A 123 -10.88 53.70 -31.60
OP1 OMU A 123 -9.89 54.58 -32.21
OP2 OMU A 123 -12.24 54.21 -31.29
HN3 OMU A 123 -16.29 48.23 -30.80
H5 OMU A 123 -14.62 52.04 -30.47
H6 OMU A 123 -12.60 51.12 -31.61
H1' OMU A 123 -11.99 47.66 -32.18
H2' OMU A 123 -13.30 48.83 -34.38
HM21 OMU A 123 -11.63 45.99 -35.43
HM22 OMU A 123 -12.05 46.00 -33.70
HM23 OMU A 123 -13.21 46.60 -34.91
H3' OMU A 123 -12.30 50.97 -33.95
H4' OMU A 123 -9.63 49.58 -33.52
H5' OMU A 123 -9.36 51.92 -33.49
H5'' OMU A 123 -9.38 51.43 -31.79
N1 OMC A 140 -34.35 78.00 -28.92
C2 OMC A 140 -34.44 77.15 -27.82
N3 OMC A 140 -33.30 76.54 -27.36
C4 OMC A 140 -32.12 76.78 -27.95
C5 OMC A 140 -32.01 77.66 -29.08
C6 OMC A 140 -33.14 78.24 -29.51
O2 OMC A 140 -35.54 76.94 -27.30
N4 OMC A 140 -31.05 76.16 -27.47
C1' OMC A 140 -35.59 78.63 -29.42
C2' OMC A 140 -35.98 79.85 -28.59
O2' OMC A 140 -37.40 79.99 -28.62
CM2 OMC A 140 -38.10 79.04 -27.82
C3' OMC A 140 -35.32 80.97 -29.39
C4' OMC A 140 -35.55 80.51 -30.82
O4' OMC A 140 -35.38 79.06 -30.75
O3' OMC A 140 -35.85 82.26 -29.14
C5' OMC A 140 -34.60 81.07 -31.85
O5' OMC A 140 -33.27 81.11 -31.36
P OMC A 140 -32.07 81.52 -32.32
OP1 OMC A 140 -32.53 82.66 -33.15
OP2 OMC A 140 -30.85 81.65 -31.50
H5 OMC A 140 -31.05 77.85 -29.55
H6 OMC A 140 -33.12 78.92 -30.36
HN41 OMC A 140 -30.12 76.29 -27.88
HN42 OMC A 140 -31.12 75.54 -26.68
H1' OMC A 140 -36.39 77.88 -29.50
H2' OMC A 140 -35.63 79.83 -27.57
HM21 OMC A 140 -39.07 79.50 -27.65
HM22 OMC A 140 -37.63 78.89 -26.86
HM23 OMC A 140 -38.25 78.07 -28.28
H3' OMC A 140 -34.26 80.96 -29.18
H4' OMC A 140 -36.56 80.70 -31.16
H5' OMC A 140 -34.86 82.10 -32.06
H5'' OMC A 140 -34.62 80.52 -32.79
P A2M A 162 -31.30 87.65 -3.59
OP1 A2M A 162 -32.63 87.55 -4.22
O5' A2M A 162 -30.66 89.07 -3.89
C5' A2M A 162 -31.32 90.33 -3.66
C4' A2M A 162 -30.41 91.47 -4.04
O4' A2M A 162 -29.16 91.39 -3.32
C3' A2M A 162 -29.95 91.50 -5.50
O3' A2M A 162 -30.95 91.95 -6.40
C2' A2M A 162 -28.77 92.45 -5.41
O2' A2M A 162 -29.20 93.79 -5.27
C1' A2M A 162 -28.12 91.96 -4.11
CM' A2M A 162 -28.16 94.76 -5.37
N9 A2M A 162 -27.09 90.96 -4.32
C8 A2M A 162 -27.16 89.62 -4.01
N7 A2M A 162 -26.09 88.95 -4.34
C5 A2M A 162 -25.26 89.90 -4.91
C6 A2M A 162 -23.96 89.82 -5.47
N6 A2M A 162 -23.26 88.70 -5.56
N1 A2M A 162 -23.42 90.96 -5.95
C2 A2M A 162 -24.13 92.10 -5.87
N3 A2M A 162 -25.35 92.29 -5.36
C4 A2M A 162 -25.86 91.15 -4.90
H5' A2M A 162 -31.63 90.41 -2.62
H5'' A2M A 162 -32.21 90.27 -4.26
H4' A2M A 162 -30.85 92.42 -3.77
H3' A2M A 162 -29.59 90.51 -5.77
H2' A2M A 162 -28.12 92.33 -6.27
H1' A2M A 162 -27.68 92.75 -3.49
HM'1 A2M A 162 -28.67 95.71 -5.30
HM'2 A2M A 162 -27.43 94.69 -4.56
HM'3 A2M A 162 -27.62 94.72 -6.32
H8 A2M A 162 -28.02 89.17 -3.55
OP2 A2M A 162 -30.41 86.59 -4.11
H61 A2M A 162 -22.34 88.67 -5.98
H62 A2M A 162 -23.65 87.83 -5.20
H2 A2M A 162 -23.63 92.97 -6.28
N1 PSU A 208 -47.54 36.77 -31.02
C2 PSU A 208 -46.89 37.45 -32.00
N3 PSU A 208 -47.62 37.70 -33.13
C4 PSU A 208 -48.93 37.33 -33.35
C5 PSU A 208 -49.56 36.61 -32.26
C6 PSU A 208 -48.84 36.37 -31.15
O2 PSU A 208 -45.72 37.81 -31.89
O4 PSU A 208 -49.46 37.59 -34.43
C1' PSU A 208 -50.98 36.16 -32.46
C2' PSU A 208 -51.08 34.84 -33.21
O2' PSU A 208 -52.27 34.83 -33.97
C3' PSU A 208 -51.14 33.86 -32.05
C4' PSU A 208 -52.00 34.61 -31.04
O3' PSU A 208 -51.66 32.58 -32.41
O4' PSU A 208 -51.58 35.99 -31.19
C5' PSU A 208 -51.84 34.19 -29.60
O5' PSU A 208 -50.49 34.26 -29.17
P PSU A 208 -50.09 34.04 -27.65
OP1 PSU A 208 -50.74 32.82 -27.16
OP2 PSU A 208 -48.62 34.18 -27.56
HN1 PSU A 208 -47.05 36.56 -30.17
HN3 PSU A 208 -47.15 38.24 -33.85
H6 PSU A 208 -49.25 35.84 -30.30
H1' PSU A 208 -51.52 36.97 -32.95
H2' PSU A 208 -50.24 34.68 -33.88
HO2' PSU A 208 -52.91 35.27 -33.37
H3' PSU A 208 -50.14 33.74 -31.63
H4' PSU A 208 -53.06 34.54 -31.28
H5' PSU A 208 -52.16 33.15 -29.48
H5'' PSU A 208 -52.45 34.79 -28.92
P OMG A 246 -31.45 28.16 -45.16
OP1 OMG A 246 -30.94 27.97 -46.54
OP2 OMG A 246 -32.10 27.02 -44.47
O5' OMG A 246 -30.24 28.64 -44.25
C5' OMG A 246 -29.32 29.61 -44.71
C4' OMG A 246 -28.74 30.42 -43.58
O4' OMG A 246 -29.75 31.31 -43.03
C3' OMG A 246 -28.25 29.64 -42.37
O3' OMG A 246 -26.96 29.08 -42.56
C2' OMG A 246 -28.31 30.68 -41.27
O2' OMG A 246 -27.21 31.58 -41.33
CM2 OMG A 246 -27.08 32.44 -40.21
C1' OMG A 246 -29.59 31.43 -41.65
N9 OMG A 246 -30.78 30.86 -40.97
C8 OMG A 246 -31.87 30.29 -41.56
N7 OMG A 246 -32.76 29.87 -40.70
C5 OMG A 246 -32.21 30.18 -39.47
C6 OMG A 246 -32.70 29.96 -38.15
O6 OMG A 246 -33.75 29.44 -37.83
N1 OMG A 246 -31.82 30.42 -37.19
C2 OMG A 246 -30.62 31.03 -37.44
N2 OMG A 246 -29.91 31.42 -36.39
N3 OMG A 246 -30.15 31.24 -38.67
C4 OMG A 246 -30.99 30.79 -39.62
H5' OMG A 246 -28.55 29.12 -45.32
H5'' OMG A 246 -29.89 30.26 -45.36
H4' OMG A 246 -27.97 31.06 -44.01
H3' OMG A 246 -28.97 28.85 -42.15
H2' OMG A 246 -28.27 30.29 -40.25
HM21 OMG A 246 -26.86 31.77 -39.39
HM22 OMG A 246 -27.98 33.00 -39.94
HM23 OMG A 246 -26.25 33.14 -40.32
H1' OMG A 246 -29.58 32.49 -41.41
H8 OMG A 246 -31.97 30.21 -42.65
HN1 OMG A 246 -32.11 30.28 -36.23
HN21 OMG A 246 -30.21 31.30 -35.42
HN22 OMG A 246 -29.00 31.87 -36.52
N1 PSU A 255 -35.64 36.42 -34.08
C2 PSU A 255 -36.71 35.61 -34.33
N3 PSU A 255 -36.96 35.37 -35.66
C4 PSU A 255 -36.25 35.88 -36.73
C5 PSU A 255 -35.13 36.72 -36.38
C6 PSU A 255 -34.89 36.95 -35.07
O2 PSU A 255 -37.41 35.14 -33.44
O4 PSU A 255 -36.59 35.60 -37.88
C1' PSU A 255 -34.34 37.33 -37.50
C2' PSU A 255 -35.00 38.56 -38.09
O2' PSU A 255 -34.61 38.68 -39.45
C3' PSU A 255 -34.37 39.65 -37.24
C4' PSU A 255 -32.93 39.17 -37.12
O3' PSU A 255 -34.48 40.95 -37.80
O4' PSU A 255 -33.07 37.73 -37.01
C5' PSU A 255 -32.14 39.70 -35.96
O5' PSU A 255 -32.77 39.41 -34.71
P PSU A 255 -31.93 39.36 -33.36
OP1 PSU A 255 -31.14 40.61 -33.27
OP2 PSU A 255 -32.87 39.01 -32.26
HN1 PSU A 255 -35.41 36.62 -33.12
HN3 PSU A 255 -37.73 34.75 -35.86
H6 PSU A 255 -34.06 37.58 -34.74
H1' PSU A 255 -34.14 36.55 -38.23
H2' PSU A 255 -36.08 38.52 -38.05
HO2' PSU A 255 -35.01 37.86 -39.83
H3' PSU A 255 -34.83 39.63 -36.25
H4' PSU A 255 -32.36 39.37 -38.02
H5' PSU A 255 -32.07 40.79 -36.03
H5'' PSU A 255 -31.13 39.31 -35.92
N1 PSU A 258 -45.60 42.66 -36.40
C2 PSU A 258 -45.64 42.36 -35.07
N3 PSU A 258 -46.81 41.79 -34.65
C4 PSU A 258 -47.92 41.50 -35.42
C5 PSU A 258 -47.80 41.86 -36.81
C6 PSU A 258 -46.65 42.42 -37.24
O2 PSU A 258 -44.70 42.57 -34.30
O4 PSU A 258 -48.92 40.99 -34.91
C1' PSU A 258 -48.96 41.61 -37.72
C2' PSU A 258 -50.11 42.62 -37.55
O2' PSU A 258 -51.33 41.96 -37.82
C3' PSU A 258 -49.78 43.62 -38.65
C4' PSU A 258 -49.26 42.72 -39.76
O3' PSU A 258 -50.87 44.42 -39.05
O4' PSU A 258 -48.54 41.67 -39.07
C5' PSU A 258 -48.37 43.37 -40.78
O5' PSU A 258 -47.21 43.93 -40.19
P PSU A 258 -46.00 44.44 -41.08
OP1 PSU A 258 -46.55 45.34 -42.11
OP2 PSU A 258 -44.93 44.92 -40.19
HN1 PSU A 258 -44.76 43.09 -36.77
HN3 PSU A 258 -46.85 41.55 -33.67
H6 PSU A 258 -46.49 42.71 -38.27
H1' PSU A 258 -49.30 40.59 -37.56
H2' PSU A 258 -50.14 43.04 -36.55
HO2' PSU A 258 -51.37 41.31 -37.07
H3' PSU A 258 -48.96 44.25 -38.32
H4' PSU A 258 -50.08 42.24 -40.30
H5' PSU A 258 -48.04 42.61 -41.50
H5'' PSU A 258 -48.87 44.15 -41.34
N1 PSU A 300 -18.72 43.95 -28.25
C2 PSU A 300 -18.38 45.12 -27.64
N3 PSU A 300 -17.15 45.62 -27.98
C4 PSU A 300 -16.26 45.06 -28.88
C5 PSU A 300 -16.70 43.82 -29.49
C6 PSU A 300 -17.91 43.32 -29.14
O2 PSU A 300 -19.12 45.69 -26.84
O4 PSU A 300 -15.19 45.61 -29.11
C1' PSU A 300 -15.79 43.15 -30.47
C2' PSU A 300 -14.62 42.41 -29.82
O2' PSU A 300 -13.49 42.50 -30.67
C3' PSU A 300 -15.16 40.99 -29.77
C4' PSU A 300 -15.95 40.89 -31.07
O3' PSU A 300 -14.15 40.00 -29.65
O4' PSU A 300 -16.52 42.22 -31.23
C5' PSU A 300 -17.04 39.85 -31.11
O5' PSU A 300 -17.98 40.06 -30.06
P PSU A 300 -19.29 39.16 -29.95
OP1 PSU A 300 -18.89 37.75 -30.04
OP2 PSU A 300 -20.04 39.64 -28.76
HN1 PSU A 300 -19.62 43.53 -28.02
HN3 PSU A 300 -16.88 46.49 -27.53
H6 PSU A 300 -18.30 42.40 -29.56
H1' PSU A 300 -15.45 43.91 -31.18
H2' PSU A 300 -14.35 42.83 -28.85
HO2' PSU A 300 -13.30 43.47 -30.65
H3' PSU A 300 -15.86 40.91 -28.94
H4' PSU A 300 -15.29 40.71 -31.92
H5' PSU A 300 -16.60 38.86 -30.95
H5'' PSU A 300 -17.57 39.84 -32.05
N1 PSU A 306 -19.13 34.23 -10.75
C2 PSU A 306 -18.79 33.61 -11.91
N3 PSU A 306 -19.85 33.09 -12.61
C4 PSU A 306 -21.18 33.15 -12.25
C5 PSU A 306 -21.45 33.82 -11.00
C6 PSU A 306 -20.40 34.34 -10.31
O2 PSU A 306 -17.63 33.50 -12.31
O4 PSU A 306 -22.03 32.61 -12.95
C1' PSU A 306 -22.86 33.86 -10.52
C2' PSU A 306 -23.26 32.59 -9.78
O2' PSU A 306 -24.64 32.34 -9.99
C3' PSU A 306 -22.98 32.98 -8.34
C4' PSU A 306 -23.40 34.44 -8.31
O3' PSU A 306 -23.62 32.17 -7.39
O4' PSU A 306 -23.03 34.94 -9.63
C5' PSU A 306 -22.78 35.29 -7.24
O5' PSU A 306 -21.37 35.30 -7.33
P PSU A 306 -20.52 36.54 -6.82
OP1 PSU A 306 -20.88 36.80 -5.41
OP2 PSU A 306 -19.11 36.30 -7.16
HN1 PSU A 306 -18.37 34.63 -10.19
HN3 PSU A 306 -19.63 32.66 -13.49
H6 PSU A 306 -20.54 34.88 -9.38
H1' PSU A 306 -23.50 34.08 -11.38
H2' PSU A 306 -22.71 31.72 -10.14
HO2' PSU A 306 -25.04 33.23 -9.83
H3' PSU A 306 -21.90 32.93 -8.19
H4' PSU A 306 -24.48 34.54 -8.21
H5' PSU A 306 -23.12 36.33 -7.36
H5'' PSU A 306 -23.06 34.97 -6.23
N1 PSU A 362 -9.48 27.53 14.44
C2 PSU A 362 -9.79 27.35 13.13
N3 PSU A 362 -8.73 27.05 12.32
C4 PSU A 362 -7.42 26.91 12.72
C5 PSU A 362 -7.16 27.13 14.12
C6 PSU A 362 -8.21 27.41 14.92
O2 PSU A 362 -10.94 27.46 12.69
O4 PSU A 362 -6.55 26.62 11.89
C1' PSU A 362 -5.75 27.05 14.61
C2' PSU A 362 -4.97 28.34 14.36
O2' PSU A 362 -3.60 28.02 14.22
C3' PSU A 362 -5.22 29.07 15.67
C4' PSU A 362 -5.14 27.95 16.69
O3' PSU A 362 -4.32 30.14 15.92
O4' PSU A 362 -5.74 26.82 16.00
C5' PSU A 362 -5.85 28.19 17.99
O5' PSU A 362 -7.18 28.64 17.79
P PSU A 362 -8.16 28.89 19.02
OP1 PSU A 362 -7.43 29.67 20.03
OP2 PSU A 362 -9.42 29.42 18.46
HN1 PSU A 362 -10.23 27.74 15.10
HN3 PSU A 362 -8.94 26.93 11.35
H6 PSU A 362 -8.10 27.58 15.98
H1' PSU A 362 -5.28 26.18 14.15
H2' PSU A 362 -5.31 28.87 13.47
HO2' PSU A 362 -3.61 27.49 13.38
H3' PSU A 362 -6.25 29.46 15.66
H4' PSU A 362 -4.11 27.68 16.92
H5' PSU A 362 -5.32 28.97 18.55
H5'' PSU A 362 -5.88 27.30 18.62
N1 PSU A 383 5.74 36.11 3.25
C2 PSU A 383 7.07 35.84 3.10
N3 PSU A 383 7.85 36.92 2.84
C4 PSU A 383 7.43 38.23 2.72
C5 PSU A 383 6.01 38.44 2.89
C6 PSU A 383 5.23 37.36 3.15
O2 PSU A 383 7.52 34.70 3.19
O4 PSU A 383 8.24 39.12 2.47
C1' PSU A 383 5.47 39.83 2.75
C2' PSU A 383 5.41 40.31 1.29
O2' PSU A 383 5.64 41.71 1.27
C3' PSU A 383 3.97 39.98 0.94
C4' PSU A 383 3.24 40.30 2.24
O3' PSU A 383 3.47 40.72 -0.16
O4' PSU A 383 4.16 39.88 3.27
C5' PSU A 383 1.91 39.62 2.42
O5' PSU A 383 2.00 38.22 2.22
P PSU A 383 0.72 37.30 2.44
OP1 PSU A 383 -0.38 37.82 1.62
OP2 PSU A 383 1.12 35.90 2.29
HN1 PSU A 383 5.11 35.34 3.45
HN3 PSU A 383 8.85 36.74 2.72
H6 PSU A 383 4.16 37.45 3.28
H1' PSU A 383 6.07 40.49 3.38
H2' PSU A 383 6.15 39.83 0.67
HO2' PSU A 383 6.57 41.76 1.60
H3' PSU A 383 3.89 38.91 0.76
H4' PSU A 383 3.08 41.37 2.35
H5' PSU A 383 1.56 39.79 3.45
H5'' PSU A 383 1.14 40.01 1.76
P OMG A 392 -10.47 53.13 9.45
OP1 OMG A 392 -11.82 53.64 9.16
OP2 OMG A 392 -9.33 54.06 9.43
O5' OMG A 392 -10.51 52.45 10.88
C5' OMG A 392 -9.49 51.55 11.30
C4' OMG A 392 -9.81 50.98 12.66
O4' OMG A 392 -9.88 52.06 13.63
C3' OMG A 392 -11.16 50.29 12.78
O3' OMG A 392 -11.13 48.94 12.31
C2' OMG A 392 -11.46 50.42 14.26
O2' OMG A 392 -10.71 49.48 15.02
CM2 OMG A 392 -11.15 49.35 16.38
C1' OMG A 392 -10.93 51.82 14.53
N9 OMG A 392 -11.97 52.84 14.31
C8 OMG A 392 -11.94 53.89 13.43
N7 OMG A 392 -13.04 54.61 13.45
C5 OMG A 392 -13.82 54.00 14.41
C6 OMG A 392 -15.14 54.30 14.88
O6 OMG A 392 -15.86 55.23 14.51
N1 OMG A 392 -15.56 53.42 15.86
C2 OMG A 392 -14.83 52.37 16.33
N2 OMG A 392 -15.39 51.62 17.28
N3 OMG A 392 -13.61 52.07 15.90
C4 OMG A 392 -13.18 52.91 14.95
H5' OMG A 392 -8.53 52.04 11.25
H5'' OMG A 392 -9.50 50.75 10.56
H4' OMG A 392 -8.97 50.34 12.93
H3' OMG A 392 -11.89 50.85 12.22
H2' OMG A 392 -12.50 50.22 14.55
HM21 OMG A 392 -12.14 48.93 16.30
HM22 OMG A 392 -10.56 48.68 17.00
HM23 OMG A 392 -11.22 50.32 16.88
H1' OMG A 392 -10.54 51.98 15.54
H8 OMG A 392 -11.09 54.09 12.78
HN1 OMG A 392 -16.49 53.60 16.22
HN21 OMG A 392 -16.32 51.80 17.66
HN22 OMG A 392 -14.89 50.82 17.66
N1 OMC A 418 -11.26 71.87 19.12
C2 OMC A 418 -12.63 72.04 18.91
N3 OMC A 418 -13.49 71.27 19.63
C4 OMC A 418 -13.04 70.38 20.52
C5 OMC A 418 -11.66 70.21 20.76
C6 OMC A 418 -10.80 70.97 20.05
O2 OMC A 418 -13.01 72.86 18.08
N4 OMC A 418 -13.93 69.66 21.20
C1' OMC A 418 -10.31 72.68 18.32
C2' OMC A 418 -10.13 74.09 18.91
O2' OMC A 418 -9.85 74.99 17.84
CM2 OMC A 418 -11.00 75.44 17.14
C3' OMC A 418 -8.89 73.89 19.77
C4' OMC A 418 -8.06 72.94 18.92
O4' OMC A 418 -9.05 72.06 18.32
O3' OMC A 418 -8.21 75.09 20.08
C5' OMC A 418 -7.03 72.12 19.66
O5' OMC A 418 -7.58 71.46 20.79
P OMC A 418 -6.80 70.26 21.49
OP1 OMC A 418 -5.49 70.76 21.93
OP2 OMC A 418 -7.72 69.65 22.48
H5 OMC A 418 -11.28 69.49 21.49
H6 OMC A 418 -9.73 70.89 20.19
HN41 OMC A 418 -13.65 68.98 21.89
HN42 OMC A 418 -14.93 69.77 21.03
H1' OMC A 418 -10.62 72.69 17.28
H2' OMC A 418 -10.98 74.44 19.49
HM21 OMC A 418 -11.55 76.04 17.88
HM22 OMC A 418 -11.64 74.63 16.81
HM23 OMC A 418 -10.79 76.06 16.27
H3' OMC A 418 -9.18 73.37 20.68
H4' OMC A 418 -7.56 73.47 18.11
H5' OMC A 418 -6.65 71.32 19.01
H5'' OMC A 418 -6.17 72.71 19.98
P A2M A 440 13.23 44.30 21.64
OP1 A2M A 440 13.92 45.53 22.03
O5' A2M A 440 13.27 44.13 20.06
C5' A2M A 440 14.43 44.00 19.23
C4' A2M A 440 14.00 43.42 17.90
O4' A2M A 440 13.40 42.13 18.12
C3' A2M A 440 12.92 44.23 17.17
O3' A2M A 440 13.49 45.24 16.35
C2' A2M A 440 12.21 43.17 16.34
O2' A2M A 440 12.87 42.96 15.11
C1' A2M A 440 12.33 41.91 17.21
CM' A2M A 440 12.17 42.15 14.18
N9 A2M A 440 11.13 41.60 17.98
C8 A2M A 440 10.76 42.14 19.20
N7 A2M A 440 9.63 41.68 19.66
C5 A2M A 440 9.21 40.77 18.70
C6 A2M A 440 8.08 39.95 18.59
N6 A2M A 440 7.12 39.89 19.52
N1 A2M A 440 7.97 39.18 17.49
C2 A2M A 440 8.93 39.23 16.57
N3 A2M A 440 10.05 39.97 16.55
C4 A2M A 440 10.13 40.72 17.66
H5' A2M A 440 14.93 44.96 19.09
H5'' A2M A 440 15.11 43.36 19.78
H4' A2M A 440 14.85 43.25 17.25
H3' A2M A 440 12.23 44.65 17.90
H2' A2M A 440 11.17 43.45 16.18
H1' A2M A 440 12.59 41.00 16.68
HM'1 A2M A 440 12.77 42.18 13.27
HM'2 A2M A 440 12.10 41.11 14.50
HM'3 A2M A 440 11.17 42.51 13.96
H8 A2M A 440 11.36 42.89 19.72
OP2 A2M A 440 11.85 44.28 22.13
H61 A2M A 440 6.31 39.27 19.41
H62 A2M A 440 7.19 40.46 20.35
H2 A2M A 440 8.77 38.58 15.71
N1 PSU A 451 8.94 55.48 -15.85
C2 PSU A 451 7.97 55.77 -14.94
N3 PSU A 451 7.39 54.69 -14.34
C4 PSU A 451 7.72 53.36 -14.55
C5 PSU A 451 8.76 53.13 -15.54
C6 PSU A 451 9.31 54.20 -16.15
O2 PSU A 451 7.65 56.92 -14.65
O4 PSU A 451 7.12 52.47 -13.94
C1' PSU A 451 9.18 51.72 -15.78
C2' PSU A 451 8.12 50.88 -16.46
O2' PSU A 451 8.26 49.53 -16.03
C3' PSU A 451 8.51 51.02 -17.92
C4' PSU A 451 10.04 51.05 -17.86
O3' PSU A 451 8.02 50.00 -18.75
O4' PSU A 451 10.33 51.72 -16.60
C5' PSU A 451 10.74 51.75 -18.99
O5' PSU A 451 10.27 53.08 -19.13
P PSU A 451 10.92 54.08 -20.18
OP1 PSU A 451 11.02 53.38 -21.47
OP2 PSU A 451 10.20 55.36 -20.11
HN1 PSU A 451 9.40 56.24 -16.32
HN3 PSU A 451 6.66 54.87 -13.69
H6 PSU A 451 10.07 54.10 -16.92
H1' PSU A 451 9.52 51.31 -14.82
H2' PSU A 451 7.11 51.21 -16.22
HO2' PSU A 451 8.17 49.64 -15.05
H3' PSU A 451 8.18 52.00 -18.27
H4' PSU A 451 10.45 50.04 -17.79
H5' PSU A 451 10.52 51.23 -19.92
H5'' PSU A 451 11.81 51.78 -18.86
P A2M A 468 21.37 55.03 -6.20
OP1 A2M A 468 22.68 54.69 -6.78
O5' A2M A 468 21.58 55.87 -4.89
C5' A2M A 468 22.62 56.84 -4.71
C4' A2M A 468 22.23 57.84 -3.64
O4' A2M A 468 20.82 58.15 -3.75
C3' A2M A 468 22.36 57.37 -2.20
O3' A2M A 468 23.71 57.39 -1.73
C2' A2M A 468 21.48 58.39 -1.48
O2' A2M A 468 22.13 59.64 -1.37
C1' A2M A 468 20.31 58.48 -2.46
CM' A2M A 468 21.45 60.60 -0.58
N9 A2M A 468 19.24 57.55 -2.14
C8 A2M A 468 18.90 56.41 -2.82
N7 A2M A 468 17.91 55.73 -2.27
C5 A2M A 468 17.59 56.49 -1.15
C6 A2M A 468 16.64 56.29 -0.13
N6 A2M A 468 15.81 55.26 -0.06
N1 A2M A 468 16.59 57.23 0.86
C2 A2M A 468 17.43 58.27 0.81
N3 A2M A 468 18.36 58.54 -0.11
C4 A2M A 468 18.39 57.61 -1.06
H5' A2M A 468 23.56 56.35 -4.44
H5'' A2M A 468 22.75 57.29 -5.69
H4' A2M A 468 22.76 58.77 -3.78
H3' A2M A 468 21.93 56.38 -2.10
H2' A2M A 468 21.20 58.01 -0.50
H1' A2M A 468 19.86 59.47 -2.55
HM'1 A2M A 468 20.70 61.03 -1.25
HM'2 A2M A 468 20.94 60.16 0.28
HM'3 A2M A 468 22.10 61.39 -0.21
H8 A2M A 468 19.40 56.08 -3.73
OP2 A2M A 468 20.60 53.80 -5.90
H61 A2M A 468 15.14 55.15 0.69
H62 A2M A 468 15.83 54.55 -0.79
H2 A2M A 468 17.33 58.97 1.62
N1 OMC A 473 18.96 40.47 5.92
C2 OMC A 473 18.29 39.87 4.85
N3 OMC A 473 18.50 40.34 3.60
C4 OMC A 473 19.33 41.36 3.39
C5 OMC A 473 20.02 42.00 4.46
C6 OMC A 473 19.82 41.52 5.70
O2 OMC A 473 17.54 38.92 5.08
N4 OMC A 473 19.51 41.76 2.14
C1' OMC A 473 18.75 39.91 7.27
C2' OMC A 473 19.49 38.57 7.44
O2' OMC A 473 18.75 37.75 8.33
CM2 OMC A 473 17.66 37.07 7.71
C3' OMC A 473 20.79 39.02 8.06
C4' OMC A 473 20.34 40.14 8.99
O4' OMC A 473 19.27 40.79 8.23
O3' OMC A 473 21.50 38.00 8.73
C5' OMC A 473 21.39 41.15 9.34
O5' OMC A 473 21.96 41.73 8.19
P OMC A 473 22.80 43.07 8.26
OP1 OMC A 473 22.91 43.62 6.90
OP2 OMC A 473 22.25 43.91 9.35
H5 OMC A 473 20.69 42.84 4.28
H6 OMC A 473 20.30 41.96 6.57
HN41 OMC A 473 19.03 41.32 1.36
HN42 OMC A 473 20.13 42.53 1.93
H1' OMC A 473 17.69 39.84 7.50
H2' OMC A 473 19.66 38.05 6.49
HM21 OMC A 473 18.12 36.36 7.03
HM22 OMC A 473 17.06 36.52 8.44
HM23 OMC A 473 16.97 37.70 7.15
H3' OMC A 473 21.42 39.45 7.28
H4' OMC A 473 19.90 39.75 9.90
H5' OMC A 473 22.21 40.66 9.87
H5'' OMC A 473 21.01 41.95 10.00
P A2M A 544 57.77 43.84 9.47
OP1 A2M A 544 57.27 42.45 9.45
O5' A2M A 544 56.96 44.72 8.44
C5' A2M A 544 55.52 44.79 8.34
C4' A2M A 544 55.16 46.11 7.71
O4' A2M A 544 55.49 46.10 6.31
C3' A2M A 544 53.68 46.46 7.71
O3' A2M A 544 53.28 46.99 8.98
C2' A2M A 544 53.60 47.51 6.59
O2' A2M A 544 53.84 48.81 7.10
C1' A2M A 544 54.73 47.10 5.65
CM' A2M A 544 52.67 49.51 7.52
N9 A2M A 544 54.27 46.58 4.37
C8 A2M A 544 54.81 46.83 3.14
N7 A2M A 544 54.20 46.25 2.14
C5 A2M A 544 53.18 45.55 2.77
C6 A2M A 544 52.16 44.71 2.25
N6 A2M A 544 51.99 44.45 0.96
N1 A2M A 544 51.30 44.16 3.14
C2 A2M A 544 51.47 44.43 4.44
N3 A2M A 544 52.39 45.20 5.03
C4 A2M A 544 53.21 45.73 4.13
H5' A2M A 544 55.04 44.68 9.32
H5'' A2M A 544 55.24 43.93 7.74
H4' A2M A 544 55.75 46.92 8.14
H3' A2M A 544 53.10 45.59 7.45
H2' A2M A 544 52.62 47.46 6.13
H1' A2M A 544 55.44 47.89 5.43
HM'1 A2M A 544 53.04 50.44 7.94
HM'2 A2M A 544 52.01 49.74 6.69
HM'3 A2M A 544 52.09 48.98 8.28
H8 A2M A 544 55.69 47.48 3.00
OP2 A2M A 544 59.21 43.89 9.15
H61 A2M A 544 51.24 43.85 0.63
H62 A2M A 544 52.62 44.85 0.28
H2 A2M A 544 50.74 43.95 5.10
N1 OMU A 581 46.31 22.48 48.98
C2 OMU A 581 47.18 23.54 48.85
N3 OMU A 581 46.76 24.70 49.45
C4 OMU A 581 45.60 24.89 50.16
C5 OMU A 581 44.75 23.75 50.25
C6 OMU A 581 45.12 22.60 49.66
O2 OMU A 581 48.24 23.46 48.24
O4 OMU A 581 45.36 26.01 50.66
C1' OMU A 581 46.71 21.20 48.34
C2' OMU A 581 46.57 19.97 49.24
O2' OMU A 581 47.68 19.82 50.10
CM2 OMU A 581 47.49 18.87 51.14
C3' OMU A 581 46.41 18.86 48.20
C4' OMU A 581 45.59 19.54 47.12
O3' OMU A 581 47.70 18.52 47.69
O4' OMU A 581 45.85 20.96 47.24
C5' OMU A 581 44.10 19.34 47.21
O5' OMU A 581 43.77 18.04 47.71
P OMU A 581 42.88 17.90 49.02
OP1 OMU A 581 42.35 16.51 49.07
OP2 OMU A 581 43.66 18.44 50.16
HN3 OMU A 581 47.40 25.49 49.37
H5 OMU A 581 43.81 23.84 50.79
H6 OMU A 581 44.49 21.71 49.67
H1' OMU A 581 47.70 21.29 47.92
H2' OMU A 581 45.67 20.01 49.86
HM21 OMU A 581 47.20 17.96 50.64
HM22 OMU A 581 46.72 19.17 51.87
HM23 OMU A 581 48.42 18.67 51.67
H3' OMU A 581 45.91 18.01 48.62
H4' OMU A 581 45.90 19.24 46.12
H5' OMU A 581 43.69 20.05 47.93
H5'' OMU A 581 43.59 19.50 46.26
N1 PSU A 584 42.91 15.38 31.88
C2 PSU A 584 43.16 14.31 31.07
N3 PSU A 584 44.17 14.49 30.17
C4 PSU A 584 44.94 15.64 30.02
C5 PSU A 584 44.61 16.73 30.92
C6 PSU A 584 43.60 16.54 31.81
O2 PSU A 584 42.54 13.26 31.14
O4 PSU A 584 45.82 15.68 29.16
C1' PSU A 584 45.43 17.99 30.82
C2' PSU A 584 44.62 19.28 30.91
O2' PSU A 584 45.18 20.23 30.01
C3' PSU A 584 44.86 19.71 32.35
C4' PSU A 584 46.29 19.23 32.61
O3' PSU A 584 44.70 21.10 32.57
O4' PSU A 584 46.39 18.00 31.86
C5' PSU A 584 46.63 18.97 34.06
O5' PSU A 584 46.01 17.80 34.54
P PSU A 584 45.92 17.49 36.10
OP1 PSU A 584 45.15 16.24 36.28
OP2 PSU A 584 47.29 17.59 36.64
HN1 PSU A 584 42.16 15.29 32.57
HN3 PSU A 584 44.38 13.72 29.56
H6 PSU A 584 43.30 17.31 32.50
H1' PSU A 584 46.01 17.93 29.91
H2' PSU A 584 43.58 19.14 30.65
HO2' PSU A 584 44.59 21.01 30.16
H3' PSU A 584 44.20 19.15 33.00
H4' PSU A 584 47.02 19.92 32.22
H5' PSU A 584 46.28 19.80 34.67
H5'' PSU A 584 47.71 18.87 34.21
P OMG A 598 32.74 37.05 5.26
OP1 OMG A 598 33.18 37.17 3.87
OP2 OMG A 598 31.34 37.34 5.61
O5' OMG A 598 33.11 35.60 5.78
C5' OMG A 598 32.54 35.06 6.96
C4' OMG A 598 33.48 35.14 8.13
O4' OMG A 598 33.59 36.52 8.57
C3' OMG A 598 33.05 34.39 9.38
O3' OMG A 598 33.38 33.01 9.33
C2' OMG A 598 33.77 35.15 10.48
O2' OMG A 598 35.14 34.77 10.56
CM2 OMG A 598 35.81 35.21 11.73
C1' OMG A 598 33.67 36.58 9.98
N9 OMG A 598 32.46 37.25 10.47
C8 OMG A 598 31.32 37.56 9.78
N7 OMG A 598 30.41 38.15 10.52
C5 OMG A 598 30.99 38.23 11.78
C6 OMG A 598 30.49 38.76 13.00
O6 OMG A 598 29.40 39.30 13.20
N1 OMG A 598 31.40 38.64 14.03
C2 OMG A 598 32.65 38.07 13.91
N2 OMG A 598 33.41 38.04 15.01
N3 OMG A 598 33.12 37.57 12.78
C4 OMG A 598 32.25 37.68 11.77
H5' OMG A 598 32.20 34.04 6.76
H5'' OMG A 598 31.67 35.67 7.16
H4' OMG A 598 34.46 34.84 7.77
H3' OMG A 598 31.98 34.52 9.51
H2' OMG A 598 33.39 34.96 11.49
HM21 OMG A 598 35.28 34.72 12.54
HM22 OMG A 598 36.86 34.94 11.80
HM23 OMG A 598 35.72 36.29 11.87
H1' OMG A 598 34.52 37.22 10.23
H8 OMG A 598 31.20 37.33 8.72
HN1 OMG A 598 31.11 39.00 14.91
HN21 OMG A 598 33.12 38.42 15.90
HN22 OMG A 598 34.33 37.62 14.98
C1' UY1 A 603 14.67 29.66 20.28
C2 UY1 A 603 18.07 28.64 17.81
C2' UY1 A 603 13.48 28.73 20.08
C3' UY1 A 603 13.73 27.71 21.18
C4 UY1 A 603 15.86 29.71 18.01
C4' UY1 A 603 14.24 28.59 22.31
C5 UY1 A 603 15.84 29.32 19.42
C5' UY1 A 603 15.03 27.89 23.39
C6 UY1 A 603 16.91 28.65 19.90
CM2 UY1 A 603 11.91 30.37 19.33
N1 UY1 A 603 17.98 28.32 19.13
N3 UY1 A 603 16.99 29.33 17.31
O2 UY1 A 603 19.03 28.35 17.11
O2' UY1 A 603 12.29 29.46 20.35
O3' UY1 A 603 12.59 26.95 21.53
O4 UY1 A 603 14.96 30.33 17.45
O4' UY1 A 603 15.05 29.58 21.64
O5' UY1 A 603 16.17 27.24 22.86
OP1 UY1 A 603 16.98 26.17 24.99
OP2 UY1 A 603 18.51 26.38 22.90
P UY1 A 603 17.45 26.95 23.76
H1' UY1 A 603 14.40 30.69 20.12
H2' UY1 A 603 13.48 28.28 19.10
H3' UY1 A 603 14.50 27.02 20.86
H4' UY1 A 603 13.40 29.12 22.77
H5' UY1 A 603 15.37 28.62 24.13
H5'' UY1 A 603 14.44 27.15 23.91
H6 UY1 A 603 16.95 28.32 20.94
H21 UY1 A 603 10.84 30.36 19.10
H23 UY1 A 603 12.18 31.34 19.74
H22 UY1 A 603 12.47 30.22 18.40
HN3 UY1 A 603 17.03 29.58 16.33
HN1 UY1 A 603 18.75 27.80 19.55
N1 PSU A 606 14.21 23.51 15.57
C2 PSU A 606 15.52 23.43 15.19
N3 PSU A 606 15.73 23.52 13.83
C4 PSU A 606 14.77 23.68 12.86
C5 PSU A 606 13.40 23.76 13.35
C6 PSU A 606 13.19 23.67 14.68
O2 PSU A 606 16.44 23.29 15.98
O4 PSU A 606 15.09 23.76 11.68
C1' PSU A 606 12.31 23.91 12.34
C2' PSU A 606 12.03 22.62 11.56
O2' PSU A 606 11.57 22.97 10.27
C3' PSU A 606 10.93 22.01 12.41
C4' PSU A 606 10.11 23.23 12.80
O3' PSU A 606 10.19 21.00 11.75
O4' PSU A 606 11.10 24.27 12.99
C5' PSU A 606 9.26 23.10 14.03
O5' PSU A 606 10.05 22.80 15.17
P PSU A 606 9.51 23.11 16.64
OP1 PSU A 606 8.16 22.55 16.77
OP2 PSU A 606 10.55 22.71 17.60
HN1 PSU A 606 14.00 23.45 16.56
HN3 PSU A 606 16.69 23.45 13.52
H6 PSU A 606 12.20 23.71 15.12
H1' PSU A 606 12.56 24.75 11.69
H2' PSU A 606 12.92 22.00 11.46
HO2' PSU A 606 11.49 22.07 9.86
H3' PSU A 606 11.38 21.61 13.31
H4' PSU A 606 9.46 23.54 11.98
H5' PSU A 606 8.56 22.28 13.89
H5'' PSU A 606 8.69 24.01 14.24
N1 OMU A 615 4.47 4.66 2.48
C2 OMU A 615 5.42 5.15 1.61
N3 OMU A 615 6.15 6.20 2.08
C4 OMU A 615 6.01 6.82 3.30
C5 OMU A 615 5.03 6.25 4.16
C6 OMU A 615 4.30 5.21 3.73
O2 OMU A 615 5.59 4.69 0.49
O4 OMU A 615 6.72 7.81 3.57
C1' OMU A 615 3.64 3.52 2.02
C2' OMU A 615 4.45 2.26 1.73
O2' OMU A 615 3.82 1.54 0.68
CM2 OMU A 615 4.07 2.05 -0.61
C3' OMU A 615 4.33 1.52 3.05
C4' OMU A 615 2.93 1.88 3.54
O3' OMU A 615 4.49 0.12 2.92
O4' OMU A 615 2.69 3.22 3.02
C5' OMU A 615 2.75 1.89 5.05
O5' OMU A 615 3.62 2.82 5.66
P OMU A 615 3.97 2.75 7.22
OP1 OMU A 615 3.58 4.02 7.82
OP2 OMU A 615 3.44 1.49 7.76
HN3 OMU A 615 6.90 6.52 1.49
H5 OMU A 615 4.88 6.68 5.15
H6 OMU A 615 3.52 4.76 4.36
H1' OMU A 615 3.04 3.85 1.17
H2' OMU A 615 5.48 2.47 1.48
HM21 OMU A 615 3.67 1.28 -1.28
HM22 OMU A 615 3.58 3.00 -0.83
HM23 OMU A 615 5.13 2.14 -0.82
H3' OMU A 615 5.05 1.92 3.75
H4' OMU A 615 2.16 1.24 3.12
H5' OMU A 615 3.02 0.91 5.43
H5'' OMU A 615 1.72 2.10 5.34
P A2M A 623 8.98 -8.40 29.99
OP1 A2M A 623 8.60 -7.97 31.34
O5' A2M A 623 10.08 -7.41 29.50
C5' A2M A 623 10.63 -7.37 28.17
C4' A2M A 623 11.60 -6.24 28.06
O4' A2M A 623 12.57 -6.54 27.05
C3' A2M A 623 11.00 -4.90 27.64
O3' A2M A 623 10.61 -4.15 28.77
C2' A2M A 623 12.15 -4.22 26.87
O2' A2M A 623 12.77 -3.28 27.73
C1' A2M A 623 13.12 -5.35 26.54
CM' A2M A 623 13.70 -2.41 27.09
N9 A2M A 623 13.36 -5.55 25.12
C8 A2M A 623 12.42 -5.53 24.11
N7 A2M A 623 12.91 -5.79 22.92
C5 A2M A 623 14.26 -6.00 23.16
C6 A2M A 623 15.34 -6.33 22.31
N6 A2M A 623 15.21 -6.52 21.00
N1 A2M A 623 16.55 -6.47 22.87
C2 A2M A 623 16.69 -6.28 24.19
N3 A2M A 623 15.75 -5.98 25.09
C4 A2M A 623 14.55 -5.85 24.51
H5' A2M A 623 9.76 -7.27 27.52
H4' A2M A 623 12.17 -6.13 28.99
H3' A2M A 623 10.16 -5.07 26.96
H2' A2M A 623 11.77 -3.72 25.99
H1' A2M A 623 14.11 -5.26 27.01
HM'1 A2M A 623 14.08 -1.77 27.88
HM'2 A2M A 623 14.55 -2.95 26.65
HM'3 A2M A 623 13.25 -1.80 26.31
H8 A2M A 623 11.37 -5.31 24.29
OP2 A2M A 623 7.82 -8.39 29.07
H61 A2M A 623 16.01 -6.76 20.41
H62 A2M A 623 14.30 -6.43 20.55
H2 A2M A 623 17.70 -6.42 24.57
N1 PSU A 636 -14.05 -4.77 3.03
C2 PSU A 636 -14.13 -6.09 3.35
N3 PSU A 636 -12.99 -6.63 3.86
C4 PSU A 636 -11.80 -5.98 4.06
C5 PSU A 636 -11.78 -4.58 3.68
C6 PSU A 636 -12.92 -4.04 3.19
O2 PSU A 636 -15.15 -6.75 3.21
O4 PSU A 636 -10.83 -6.58 4.51
C1' PSU A 636 -10.49 -3.84 3.84
C2' PSU A 636 -9.49 -4.15 2.73
O2' PSU A 636 -8.19 -3.97 3.25
C3' PSU A 636 -9.84 -3.06 1.73
C4' PSU A 636 -10.10 -1.87 2.62
O3' PSU A 636 -8.83 -2.84 0.76
O4' PSU A 636 -10.74 -2.45 3.79
C5' PSU A 636 -10.98 -0.80 2.04
O5' PSU A 636 -12.21 -1.34 1.59
P PSU A 636 -13.46 -0.40 1.28
OP1 PSU A 636 -12.98 0.68 0.41
OP2 PSU A 636 -14.56 -1.27 0.85
HN1 PSU A 636 -14.88 -4.31 2.65
HN3 PSU A 636 -13.04 -7.60 4.12
H6 PSU A 636 -12.99 -3.00 2.89
H1' PSU A 636 -10.10 -4.04 4.84
H2' PSU A 636 -9.58 -5.17 2.37
HO2' PSU A 636 -7.74 -4.76 2.86
H3' PSU A 636 -10.77 -3.34 1.24
H4' PSU A 636 -9.17 -1.39 2.95
H5' PSU A 636 -10.49 -0.36 1.18
H5'' PSU A 636 -11.20 0.00 2.76
N1 PSU A 754 -2.34 6.46 -21.38
C2 PSU A 754 -3.45 6.86 -22.07
N3 PSU A 754 -3.42 6.59 -23.41
C4 PSU A 754 -2.40 5.97 -24.10
C5 PSU A 754 -1.26 5.58 -23.29
C6 PSU A 754 -1.29 5.86 -21.97
O2 PSU A 754 -4.42 7.40 -21.53
O4 PSU A 754 -2.48 5.82 -25.32
C1' PSU A 754 -0.13 4.85 -23.96
C2' PSU A 754 0.90 5.76 -24.63
O2' PSU A 754 1.42 5.09 -25.77
C3' PSU A 754 1.94 5.87 -23.53
C4' PSU A 754 1.94 4.48 -22.94
O3' PSU A 754 3.22 6.29 -23.99
O4' PSU A 754 0.56 4.08 -23.00
C5' PSU A 754 2.45 4.36 -21.52
O5' PSU A 754 1.75 5.23 -20.64
P PSU A 754 1.99 5.19 -19.07
OP1 PSU A 754 3.44 5.28 -18.85
OP2 PSU A 754 1.11 6.18 -18.44
HN1 PSU A 754 -2.31 6.65 -20.38
HN3 PSU A 754 -4.23 6.85 -23.95
H6 PSU A 754 -0.46 5.60 -21.31
H1' PSU A 754 -0.56 4.14 -24.66
H2' PSU A 754 0.47 6.70 -24.96
HO2' PSU A 754 2.01 5.79 -26.14
H3' PSU A 754 1.58 6.57 -22.77
H4' PSU A 754 2.51 3.78 -23.55
H5' PSU A 754 3.50 4.65 -21.49
H5'' PSU A 754 2.37 3.35 -21.13
N1 PSU A 763 10.04 29.57 -12.50
C2 PSU A 763 9.50 28.32 -12.41
N3 PSU A 763 9.48 27.79 -11.15
C4 PSU A 763 9.96 28.38 -10.00
C5 PSU A 763 10.52 29.70 -10.17
C6 PSU A 763 10.53 30.23 -11.41
O2 PSU A 763 9.06 27.71 -13.38
O4 PSU A 763 9.88 27.79 -8.92
C1' PSU A 763 11.10 30.39 -8.97
C2' PSU A 763 12.42 29.75 -8.50
O2' PSU A 763 12.51 29.90 -7.09
C3' PSU A 763 13.43 30.64 -9.20
C4' PSU A 763 12.78 32.01 -9.11
O3' PSU A 763 14.73 30.59 -8.63
O4' PSU A 763 11.36 31.73 -9.27
C5' PSU A 763 13.24 33.04 -10.12
O5' PSU A 763 13.03 32.58 -11.45
P PSU A 763 13.31 33.53 -12.69
OP1 PSU A 763 14.65 34.12 -12.53
OP2 PSU A 763 13.00 32.74 -13.90
HN1 PSU A 763 10.08 30.01 -13.41
HN3 PSU A 763 9.08 26.85 -11.06
H6 PSU A 763 10.94 31.23 -11.62
H1' PSU A 763 10.34 30.40 -8.19
H2' PSU A 763 12.49 28.70 -8.75
HO2' PSU A 763 13.44 29.59 -6.93
H3' PSU A 763 13.48 30.36 -10.25
H4' PSU A 763 12.92 32.45 -8.12
H5' PSU A 763 14.30 33.22 -9.99
H5'' PSU A 763 12.71 33.99 -10.00
P A2M A 801 -6.73 11.43 -10.77
OP1 A2M A 801 -7.36 10.09 -10.71
O5' A2M A 801 -7.85 12.54 -10.84
C5' A2M A 801 -8.90 12.70 -9.86
C4' A2M A 801 -9.70 13.93 -10.22
O4' A2M A 801 -8.91 15.13 -10.09
C3' A2M A 801 -10.18 13.99 -11.67
O3' A2M A 801 -11.31 13.17 -11.92
C2' A2M A 801 -10.49 15.48 -11.82
O2' A2M A 801 -11.72 15.82 -11.20
C1' A2M A 801 -9.33 16.09 -11.04
CM' A2M A 801 -12.13 17.17 -11.40
N9 A2M A 801 -8.18 16.42 -11.90
C8 A2M A 801 -7.08 15.65 -12.14
N7 A2M A 801 -6.22 16.19 -12.96
C5 A2M A 801 -6.80 17.41 -13.29
C6 A2M A 801 -6.38 18.46 -14.12
N6 A2M A 801 -5.25 18.46 -14.83
N1 A2M A 801 -7.20 19.53 -14.23
C2 A2M A 801 -8.34 19.55 -13.54
N3 A2M A 801 -8.83 18.61 -12.72
C4 A2M A 801 -8.01 17.56 -12.64
H5' A2M A 801 -8.49 12.80 -8.86
H5'' A2M A 801 -9.47 11.78 -9.90
H4' A2M A 801 -10.54 14.05 -9.54
H3' A2M A 801 -9.36 13.73 -12.33
H2' A2M A 801 -10.50 15.76 -12.88
H1' A2M A 801 -9.56 16.98 -10.47
HM'1 A2M A 801 -13.15 17.20 -11.02
HM'2 A2M A 801 -11.53 17.88 -10.84
HM'3 A2M A 801 -12.14 17.47 -12.45
H8 A2M A 801 -6.93 14.66 -11.69
OP2 A2M A 801 -5.84 11.53 -11.96
H61 A2M A 801 -4.99 19.23 -15.42
H62 A2M A 801 -4.62 17.66 -14.77
H2 A2M A 801 -8.94 20.43 -13.66
N1 PSU A 810 -7.14 -6.96 -17.27
C2 PSU A 810 -7.45 -5.64 -17.20
N3 PSU A 810 -6.77 -4.93 -16.25
C4 PSU A 810 -5.84 -5.42 -15.37
C5 PSU A 810 -5.55 -6.84 -15.50
C6 PSU A 810 -6.22 -7.54 -16.45
O2 PSU A 810 -8.28 -5.11 -17.94
O4 PSU A 810 -5.30 -4.68 -14.55
C1' PSU A 810 -4.54 -7.44 -14.59
C2' PSU A 810 -5.13 -7.99 -13.29
O2' PSU A 810 -4.17 -7.85 -12.25
C3' PSU A 810 -5.34 -9.45 -13.66
C4' PSU A 810 -4.13 -9.76 -14.53
O3' PSU A 810 -5.46 -10.32 -12.54
O4' PSU A 810 -3.90 -8.51 -15.25
C5' PSU A 810 -4.30 -10.88 -15.51
O5' PSU A 810 -5.50 -10.74 -16.26
P PSU A 810 -5.85 -11.71 -17.46
OP1 PSU A 810 -5.64 -13.09 -16.99
OP2 PSU A 810 -7.17 -11.33 -17.99
HN1 PSU A 810 -7.62 -7.53 -17.95
HN3 PSU A 810 -6.97 -3.93 -16.19
H6 PSU A 810 -6.05 -8.59 -16.60
H1' PSU A 810 -3.76 -6.70 -14.42
H2' PSU A 810 -6.04 -7.46 -13.00
HO2' PSU A 810 -4.11 -6.86 -12.19
H3' PSU A 810 -6.24 -9.53 -14.28
H4' PSU A 810 -3.25 -9.96 -13.93
H5' PSU A 810 -3.46 -10.88 -16.21
H5'' PSU A 810 -4.33 -11.86 -15.02
N1 PSU A 913 -6.59 -25.69 77.37
C2 PSU A 913 -6.24 -26.99 77.18
N3 PSU A 913 -6.92 -27.63 76.18
C4 PSU A 913 -7.90 -27.09 75.37
C5 PSU A 913 -8.22 -25.70 75.64
C6 PSU A 913 -7.55 -25.07 76.63
O2 PSU A 913 -5.38 -27.55 77.85
O4 PSU A 913 -8.46 -27.79 74.52
C1' PSU A 913 -9.27 -25.05 74.79
C2' PSU A 913 -10.68 -25.54 75.08
O2' PSU A 913 -11.43 -25.50 73.86
C3' PSU A 913 -11.17 -24.48 76.05
C4' PSU A 913 -10.54 -23.22 75.50
O3' PSU A 913 -12.59 -24.40 76.16
O4' PSU A 913 -9.25 -23.66 75.02
C5' PSU A 913 -10.36 -22.09 76.49
O5' PSU A 913 -9.55 -22.49 77.59
P PSU A 913 -9.00 -21.41 78.63
OP1 PSU A 913 -10.15 -20.62 79.11
OP2 PSU A 913 -8.16 -22.13 79.61
HN1 PSU A 913 -6.12 -25.16 78.10
HN3 PSU A 913 -6.66 -28.60 76.01
H6 PSU A 913 -7.75 -24.03 76.88
H1' PSU A 913 -8.98 -25.18 73.75
H2' PSU A 913 -10.71 -26.56 75.46
HO2' PSU A 913 -12.31 -25.83 74.17
H3' PSU A 913 -10.74 -24.69 77.03
H4' PSU A 913 -11.10 -22.82 74.66
H5' PSU A 913 -9.86 -21.26 76.00
H5'' PSU A 913 -11.31 -21.73 76.88
N1 PSU A 950 -23.87 -40.28 38.25
C2 PSU A 950 -25.16 -39.87 38.33
N3 PSU A 950 -26.09 -40.89 38.35
C4 PSU A 950 -25.82 -42.24 38.30
C5 PSU A 950 -24.42 -42.59 38.23
C6 PSU A 950 -23.52 -41.59 38.20
O2 PSU A 950 -25.49 -38.70 38.39
O4 PSU A 950 -26.75 -43.05 38.31
C1' PSU A 950 -24.04 -44.04 38.23
C2' PSU A 950 -24.49 -44.81 37.00
O2' PSU A 950 -24.76 -46.15 37.38
C3' PSU A 950 -23.24 -44.74 36.12
C4' PSU A 950 -22.11 -44.83 37.15
O3' PSU A 950 -23.17 -45.78 35.16
O4' PSU A 950 -22.64 -44.15 38.32
C5' PSU A 950 -20.81 -44.19 36.75
O5' PSU A 950 -20.96 -42.78 36.58
P PSU A 950 -19.70 -41.85 36.28
OP1 PSU A 950 -18.93 -42.50 35.21
OP2 PSU A 950 -20.17 -40.47 36.10
HN1 PSU A 950 -23.14 -39.57 38.23
HN3 PSU A 950 -27.05 -40.61 38.39
H6 PSU A 950 -22.44 -41.78 38.15
H1' PSU A 950 -24.42 -44.47 39.16
H2' PSU A 950 -25.38 -44.39 36.55
HO2' PSU A 950 -25.55 -46.03 37.97
H3' PSU A 950 -23.20 -43.77 35.65
H4' PSU A 950 -21.90 -45.86 37.44
H5' PSU A 950 -20.49 -44.60 35.80
H5'' PSU A 950 -20.01 -44.35 37.48
N1 PSU A 951 -25.60 -41.45 34.70
C2 PSU A 951 -26.28 -40.31 35.00
N3 PSU A 951 -27.62 -40.49 35.24
C4 PSU A 951 -28.30 -41.69 35.21
C5 PSU A 951 -27.50 -42.85 34.90
C6 PSU A 951 -26.18 -42.67 34.66
O2 PSU A 951 -25.76 -39.20 35.04
O4 PSU A 951 -29.52 -41.71 35.43
C1' PSU A 951 -28.18 -44.19 34.86
C2' PSU A 951 -28.88 -44.48 33.53
O2' PSU A 951 -30.00 -45.31 33.80
C3' PSU A 951 -27.80 -45.23 32.79
C4' PSU A 951 -27.15 -46.06 33.88
O3' PSU A 951 -28.28 -45.99 31.70
O4' PSU A 951 -27.22 -45.21 35.05
C5' PSU A 951 -25.73 -46.50 33.64
O5' PSU A 951 -24.89 -45.38 33.36
P PSU A 951 -23.32 -45.46 33.59
OP1 PSU A 951 -22.82 -46.63 32.85
OP2 PSU A 951 -22.76 -44.12 33.32
HN1 PSU A 951 -24.60 -41.37 34.51
HN3 PSU A 951 -28.15 -39.67 35.46
H6 PSU A 951 -25.52 -43.50 34.42
H1' PSU A 951 -28.85 -44.25 35.72
H2' PSU A 951 -29.24 -43.58 33.06
HO2' PSU A 951 -30.58 -44.71 34.33
H3' PSU A 951 -27.07 -44.50 32.43
H4' PSU A 951 -27.73 -46.96 34.10
H5' PSU A 951 -25.34 -46.97 34.54
H5'' PSU A 951 -25.64 -47.20 32.81
P A2M A 978 -25.40 -9.13 25.24
OP1 A2M A 978 -26.54 -8.81 26.12
O5' A2M A 978 -25.14 -10.69 25.20
C5' A2M A 978 -26.06 -11.65 24.66
C4' A2M A 978 -25.36 -12.97 24.49
O4' A2M A 978 -24.38 -12.89 23.43
C3' A2M A 978 -24.55 -13.45 25.69
O3' A2M A 978 -25.35 -14.07 26.68
C2' A2M A 978 -23.59 -14.43 25.03
O2' A2M A 978 -24.27 -15.65 24.71
C1' A2M A 978 -23.25 -13.67 23.74
CM' A2M A 978 -23.43 -16.70 24.25
N9 A2M A 978 -22.10 -12.78 23.89
C8 A2M A 978 -22.14 -11.42 24.02
N7 A2M A 978 -20.95 -10.87 24.14
C5 A2M A 978 -20.08 -11.95 24.08
C6 A2M A 978 -18.68 -12.03 24.15
N6 A2M A 978 -17.88 -10.98 24.30
N1 A2M A 978 -18.12 -13.25 24.06
C2 A2M A 978 -18.91 -14.31 23.92
N3 A2M A 978 -20.25 -14.35 23.83
C4 A2M A 978 -20.78 -13.13 23.93
H5' A2M A 978 -26.48 -11.31 23.71
H5'' A2M A 978 -26.88 -11.68 25.38
H4' A2M A 978 -26.07 -13.74 24.17
H3' A2M A 978 -23.97 -12.62 26.11
H2' A2M A 978 -22.72 -14.62 25.65
H1' A2M A 978 -23.06 -14.29 22.87
HM'1 A2M A 978 -24.09 -17.55 24.17
HM'2 A2M A 978 -23.00 -16.49 23.27
HM'3 A2M A 978 -22.61 -16.93 24.93
H8 A2M A 978 -23.05 -10.85 24.04
OP2 A2M A 978 -24.20 -8.41 25.70
H61 A2M A 978 -16.88 -11.05 24.35
H62 A2M A 978 -18.29 -10.04 24.37
H2 A2M A 978 -18.40 -15.27 23.85
N1 PSU A 1003 4.39 -14.04 71.64
C2 PSU A 1003 4.29 -12.90 70.91
N3 PSU A 1003 5.04 -12.86 69.77
C4 PSU A 1003 5.86 -13.87 69.31
C5 PSU A 1003 5.92 -15.06 70.13
C6 PSU A 1003 5.17 -15.08 71.27
O2 PSU A 1003 3.57 -11.96 71.25
O4 PSU A 1003 6.49 -13.73 68.26
C1' PSU A 1003 6.82 -16.17 69.70
C2' PSU A 1003 8.31 -15.85 69.88
O2' PSU A 1003 9.04 -16.45 68.82
C3' PSU A 1003 8.60 -16.51 71.21
C4' PSU A 1003 7.74 -17.76 71.17
O3' PSU A 1003 9.98 -16.80 71.42
O4' PSU A 1003 6.55 -17.33 70.46
C5' PSU A 1003 7.35 -18.35 72.50
O5' PSU A 1003 6.90 -17.33 73.38
P PSU A 1003 6.25 -17.71 74.78
OP1 PSU A 1003 7.19 -18.59 75.50
OP2 PSU A 1003 5.78 -16.46 75.42
HN1 PSU A 1003 3.84 -14.12 72.49
HN3 PSU A 1003 4.99 -12.02 69.23
H6 PSU A 1003 5.17 -15.94 71.93
H1' PSU A 1003 6.57 -16.42 68.67
H2' PSU A 1003 8.50 -14.78 69.86
HO2' PSU A 1003 8.62 -17.34 68.75
H3' PSU A 1003 8.24 -15.86 72.01
H4' PSU A 1003 8.20 -18.55 70.58
H5' PSU A 1003 8.22 -18.81 72.95
H5'' PSU A 1003 6.58 -19.10 72.42
N1 OMU A 1013 -6.97 -21.51 68.54
C2 OMU A 1013 -7.38 -20.21 68.75
N3 OMU A 1013 -7.08 -19.32 67.76
C4 OMU A 1013 -6.41 -19.60 66.58
C5 OMU A 1013 -6.02 -20.96 66.41
C6 OMU A 1013 -6.30 -21.85 67.38
O2 OMU A 1013 -7.99 -19.88 69.76
O4 OMU A 1013 -6.21 -18.69 65.76
C1' OMU A 1013 -7.26 -22.50 69.59
C2' OMU A 1013 -8.67 -23.06 69.47
O2' OMU A 1013 -9.13 -23.42 70.77
CM2 OMU A 1013 -9.53 -22.32 71.57
C3' OMU A 1013 -8.42 -24.31 68.64
C4' OMU A 1013 -7.10 -24.81 69.18
O3' OMU A 1013 -9.47 -25.27 68.70
O4' OMU A 1013 -6.36 -23.59 69.47
C5' OMU A 1013 -6.29 -25.70 68.27
O5' OMU A 1013 -6.18 -25.14 66.97
P OMU A 1013 -5.17 -25.73 65.90
OP1 OMU A 1013 -5.49 -27.17 65.72
OP2 OMU A 1013 -5.18 -24.83 64.73
HN3 OMU A 1013 -7.35 -18.37 67.92
H5 OMU A 1013 -5.50 -21.24 65.51
H6 OMU A 1013 -6.02 -22.90 67.29
H1' OMU A 1013 -7.03 -22.07 70.57
H2' OMU A 1013 -9.35 -22.37 68.99
HM21 OMU A 1013 -10.06 -22.78 72.41
HM22 OMU A 1013 -8.70 -21.72 71.96
HM23 OMU A 1013 -10.23 -21.67 71.06
H3' OMU A 1013 -8.27 -24.00 67.60
H4' OMU A 1013 -7.23 -25.33 70.13
H5' OMU A 1013 -5.27 -25.75 68.66
H5'' OMU A 1013 -6.68 -26.71 68.21
N1 PSU A 1028 -14.41 -10.87 34.45
C2 PSU A 1028 -14.14 -12.06 35.06
N3 PSU A 1028 -13.18 -12.01 36.03
C4 PSU A 1028 -12.49 -10.89 36.44
C5 PSU A 1028 -12.85 -9.66 35.77
C6 PSU A 1028 -13.78 -9.72 34.79
O2 PSU A 1028 -14.74 -13.10 34.79
O4 PSU A 1028 -11.64 -10.99 37.32
C1' PSU A 1028 -12.23 -8.38 36.24
C2' PSU A 1028 -10.69 -8.34 36.19
O2' PSU A 1028 -10.21 -7.98 37.48
C3' PSU A 1028 -10.42 -7.22 35.18
C4' PSU A 1028 -11.66 -6.36 35.26
O3' PSU A 1028 -9.24 -6.49 35.46
O4' PSU A 1028 -12.72 -7.31 35.48
C5' PSU A 1028 -11.97 -5.51 34.06
O5' PSU A 1028 -12.15 -6.29 32.88
P PSU A 1028 -13.51 -6.23 32.07
OP1 PSU A 1028 -13.87 -4.81 31.86
OP2 PSU A 1028 -13.37 -7.11 30.90
HN1 PSU A 1028 -15.09 -10.86 33.70
HN3 PSU A 1028 -12.97 -12.87 36.50
H6 PSU A 1028 -14.07 -8.84 34.23
H1' PSU A 1028 -12.60 -8.21 37.25
H2' PSU A 1028 -10.26 -9.30 35.92
HO2' PSU A 1028 -10.55 -8.73 38.02
H3' PSU A 1028 -10.35 -7.65 34.19
H4' PSU A 1028 -11.63 -5.70 36.12
H5' PSU A 1028 -11.13 -4.83 33.87
H5'' PSU A 1028 -12.86 -4.89 34.19
N1 PSU A 1107 -3.12 -8.76 7.33
C2 PSU A 1107 -2.62 -9.22 8.50
N3 PSU A 1107 -3.57 -9.62 9.41
C4 PSU A 1107 -4.93 -9.56 9.25
C5 PSU A 1107 -5.39 -9.03 7.98
C6 PSU A 1107 -4.45 -8.66 7.08
O2 PSU A 1107 -1.42 -9.25 8.75
O4 PSU A 1107 -5.67 -9.96 10.15
C1' PSU A 1107 -6.86 -8.83 7.80
C2' PSU A 1107 -7.37 -7.58 8.51
O2' PSU A 1107 -8.70 -7.79 8.94
C3' PSU A 1107 -7.27 -6.54 7.41
C4' PSU A 1107 -7.69 -7.34 6.19
O3' PSU A 1107 -8.07 -5.39 7.63
O4' PSU A 1107 -7.14 -8.66 6.43
C5' PSU A 1107 -7.22 -6.82 4.85
O5' PSU A 1107 -5.80 -6.68 4.81
P PSU A 1107 -5.03 -6.46 3.44
OP1 PSU A 1107 -5.58 -5.29 2.76
OP2 PSU A 1107 -3.60 -6.47 3.74
HN1 PSU A 1107 -2.46 -8.47 6.61
HN3 PSU A 1107 -3.21 -9.99 10.30
H6 PSU A 1107 -4.73 -8.27 6.10
H1' PSU A 1107 -7.37 -9.74 8.11
H2' PSU A 1107 -6.77 -7.34 9.39
HO2' PSU A 1107 -9.13 -8.16 8.11
H3' PSU A 1107 -6.23 -6.26 7.29
H4' PSU A 1107 -8.78 -7.45 6.11
H5' PSU A 1107 -7.64 -5.83 4.70
H5'' PSU A 1107 -7.52 -7.45 4.02
N1 PSU A 1121 -10.66 12.10 35.50
C2 PSU A 1121 -10.68 11.48 34.29
N3 PSU A 1121 -10.79 12.32 33.21
C4 PSU A 1121 -10.88 13.70 33.25
C5 PSU A 1121 -10.84 14.29 34.58
C6 PSU A 1121 -10.73 13.46 35.64
O2 PSU A 1121 -10.61 10.27 34.16
O4 PSU A 1121 -10.97 14.34 32.21
C1' PSU A 1121 -10.94 15.78 34.70
C2' PSU A 1121 -12.38 16.31 34.54
O2' PSU A 1121 -12.32 17.60 33.97
C3' PSU A 1121 -12.81 16.36 35.99
C4' PSU A 1121 -11.55 16.84 36.69
O3' PSU A 1121 -13.93 17.21 36.23
O4' PSU A 1121 -10.48 16.18 35.96
C5' PSU A 1121 -11.44 16.52 38.17
O5' PSU A 1121 -11.58 15.12 38.40
P PSU A 1121 -11.16 14.49 39.80
OP1 PSU A 1121 -11.81 15.28 40.87
OP2 PSU A 1121 -11.38 13.03 39.74
HN1 PSU A 1121 -10.57 11.53 36.34
HN3 PSU A 1121 -10.81 11.89 32.30
H6 PSU A 1121 -10.70 13.83 36.66
H1' PSU A 1121 -10.26 16.22 33.97
H2' PSU A 1121 -12.98 15.68 33.90
HO2' PSU A 1121 -13.28 17.82 33.89
H3' PSU A 1121 -13.04 15.36 36.33
H4' PSU A 1121 -11.41 17.91 36.59
H5' PSU A 1121 -10.45 16.82 38.53
H5'' PSU A 1121 -12.19 17.04 38.76
N1 OMC A 1644 20.90 -3.58 49.30
C2 OMC A 1644 19.67 -4.03 49.80
N3 OMC A 1644 19.44 -3.94 51.14
C4 OMC A 1644 20.37 -3.43 51.96
C5 OMC A 1644 21.63 -2.97 51.46
C6 OMC A 1644 21.85 -3.07 50.14
O2 OMC A 1644 18.84 -4.51 49.02
N4 OMC A 1644 20.10 -3.36 53.26
C1' OMC A 1644 21.12 -3.66 47.83
C2' OMC A 1644 20.18 -2.74 47.06
O2' OMC A 1644 19.93 -3.31 45.79
CM2 OMC A 1644 18.94 -4.34 45.79
C3' OMC A 1644 21.03 -1.49 46.93
C4' OMC A 1644 22.43 -2.07 46.73
O4' OMC A 1644 22.44 -3.27 47.55
O3' OMC A 1644 20.62 -0.63 45.89
C5' OMC A 1644 23.58 -1.18 47.11
O5' OMC A 1644 23.59 -0.90 48.50
P OMC A 1644 24.96 -0.79 49.31
OP1 OMC A 1644 24.64 -0.54 50.72
OP2 OMC A 1644 25.85 0.14 48.60
H5 OMC A 1644 22.38 -2.56 52.13
H6 OMC A 1644 22.79 -2.75 49.71
HN41 OMC A 1644 19.21 -3.68 53.64
HN42 OMC A 1644 20.78 -2.97 53.91
H1' OMC A 1644 21.08 -4.71 47.51
H2' OMC A 1644 19.25 -2.53 47.58
HM21 OMC A 1644 18.04 -3.85 46.17
HM22 OMC A 1644 18.73 -4.70 44.79
HM23 OMC A 1644 19.17 -5.20 46.42
H3' OMC A 1644 21.02 -0.95 47.88
H4' OMC A 1644 22.57 -2.38 45.69
H5' OMC A 1644 23.48 -0.21 46.62
H5'' OMC A 1644 24.55 -1.59 46.81
P A2M A 1757 -2.26 12.76 50.30
OP1 A2M A 1757 -2.01 11.44 50.90
O5' A2M A 1757 -1.90 12.79 48.76
C5' A2M A 1757 -2.57 11.98 47.78
C4' A2M A 1757 -2.09 12.34 46.39
O4' A2M A 1757 -2.41 13.71 46.07
C3' A2M A 1757 -0.59 12.28 46.16
O3' A2M A 1757 -0.12 10.94 46.04
C2' A2M A 1757 -0.46 13.09 44.88
O2' A2M A 1757 -0.95 12.33 43.77
C1' A2M A 1757 -1.44 14.23 45.18
CM' A2M A 1757 -0.90 12.99 42.53
N9 A2M A 1757 -0.79 15.37 45.83
C8 A2M A 1757 -0.80 15.68 47.16
N7 A2M A 1757 -0.13 16.76 47.47
C5 A2M A 1757 0.36 17.20 46.25
C6 A2M A 1757 1.16 18.30 45.88
N6 A2M A 1757 1.62 19.20 46.75
N1 A2M A 1757 1.48 18.45 44.58
C2 A2M A 1757 1.02 17.54 43.71
N3 A2M A 1757 0.26 16.47 43.93
C4 A2M A 1757 -0.03 16.35 45.23
H5' A2M A 1757 -3.65 12.11 47.85
H5'' A2M A 1757 -2.34 10.95 48.06
H4' A2M A 1757 -2.62 11.75 45.64
H3' A2M A 1757 -0.09 12.80 46.97
H2' A2M A 1757 0.57 13.42 44.73
H1' A2M A 1757 -1.98 14.62 44.34
HM'1 A2M A 1757 -1.01 12.20 41.79
HM'2 A2M A 1757 -1.71 13.71 42.38
HM'3 A2M A 1757 0.04 13.52 42.35
H8 A2M A 1757 -1.31 15.07 47.90
OP2 A2M A 1757 -1.47 13.81 50.98
H61 A2M A 1757 2.20 19.98 46.46
H62 A2M A 1757 1.38 19.12 47.74
H2 A2M A 1757 1.32 17.71 42.67
C2 6MZ A 1770 15.65 -5.45 48.16
C4 6MZ A 1770 13.82 -6.20 49.14
C5 6MZ A 1770 14.38 -6.09 50.40
O1P 6MZ A 1770 9.46 -11.42 52.12
O2P 6MZ A 1770 11.06 -9.74 53.24
N9 6MZ A 1770 12.56 -6.70 49.34
N3 6MZ A 1770 14.41 -5.91 47.97
N1 6MZ A 1770 16.31 -5.28 49.30
C6 6MZ A 1770 15.70 -5.58 50.46
N6 6MZ A 1770 16.35 -5.38 51.60
C9 6MZ A 1770 15.92 -5.91 52.87
N7 6MZ A 1770 13.49 -6.51 51.37
C8 6MZ A 1770 12.43 -6.87 50.68
O5' 6MZ A 1770 10.33 -9.40 50.92
C5' 6MZ A 1770 9.41 -9.38 49.84
C4' 6MZ A 1770 10.00 -8.70 48.64
O4' 6MZ A 1770 10.33 -7.33 48.95
C1' 6MZ A 1770 11.53 -6.97 48.30
C2' 6MZ A 1770 11.92 -8.13 47.40
O2' 6MZ A 1770 11.30 -7.96 46.13
C3' 6MZ A 1770 11.31 -9.30 48.14
O3' 6MZ A 1770 11.12 -10.45 47.34
P 6MZ A 1770 9.94 -10.00 52.33
H2 6MZ A 1770 16.20 -5.18 47.26
H8 6MZ A 1770 11.52 -7.26 51.14
H1' 6MZ A 1770 11.36 -6.05 47.76
H9C1 6MZ A 1770 16.68 -5.80 53.64
H9C2 6MZ A 1770 15.02 -5.42 53.24
H5'1 6MZ A 1770 8.50 -8.90 50.20
H5'2 6MZ A 1770 9.13 -10.41 49.62
H4' 6MZ A 1770 9.26 -8.62 47.84
H3' 6MZ A 1770 11.94 -9.58 48.98
H2' 6MZ A 1770 13.01 -8.25 47.27
HA 6MZ A 1770 10.99 -8.84 45.83
H6 6MZ A 1770 17.20 -4.82 51.57
H9 6MZ A 1770 15.70 -6.98 52.78
P 4AC A 1780 1.52 -8.24 42.18
OP1 4AC A 1780 1.61 -6.81 41.85
OP2 4AC A 1780 1.16 -8.63 43.55
O5' 4AC A 1780 0.45 -8.92 41.22
C5' 4AC A 1780 0.55 -8.83 39.80
C4' 4AC A 1780 -0.62 -9.50 39.12
O4' 4AC A 1780 -0.55 -10.94 39.32
C3' 4AC A 1780 -2.00 -9.12 39.62
O3' 4AC A 1780 -2.49 -7.92 39.05
C2' 4AC A 1780 -2.84 -10.33 39.28
O2' 4AC A 1780 -3.18 -10.34 37.90
C1' 4AC A 1780 -1.85 -11.47 39.53
N1 4AC A 1780 -1.92 -12.00 40.92
C2 4AC A 1780 -2.98 -12.84 41.26
O2 4AC A 1780 -3.86 -13.05 40.43
N3 4AC A 1780 -3.00 -13.37 42.50
C4 4AC A 1780 -2.03 -13.09 43.37
N4 4AC A 1780 -2.14 -13.76 44.58
C5 4AC A 1780 -0.96 -12.23 43.06
C6 4AC A 1780 -0.94 -11.70 41.83
C7 4AC A 1780 -1.64 -13.36 45.79
O7 4AC A 1780 -0.95 -12.35 45.90
CM7 4AC A 1780 -2.00 -14.22 46.96
H5' 4AC A 1780 0.63 -7.77 39.54
H5'' 4AC A 1780 1.48 -9.31 39.50
H4' 4AC A 1780 -0.51 -9.33 38.05
H3' 4AC A 1780 -1.96 -9.02 40.71
H2' 4AC A 1780 -3.75 -10.44 39.85
HO2' 4AC A 1780 -4.15 -10.13 37.96
H1' 4AC A 1780 -1.94 -12.30 38.85
H4 4AC A 1780 -2.61 -14.65 44.53
H5 4AC A 1780 -0.16 -11.99 43.77
H6 4AC A 1780 -0.14 -11.03 41.55
HM71 4AC A 1780 -1.97 -13.64 47.88
HM72 4AC A 1780 -3.00 -14.65 46.89
HM73 4AC A 1780 -1.30 -15.05 47.08
C2 MA6 A 1788 7.36 -0.63 59.72
C4 MA6 A 1788 5.31 0.16 59.50
C5 MA6 A 1788 4.78 -0.82 60.30
P MA6 A 1788 -0.82 1.47 58.80
OP1 MA6 A 1788 -1.90 1.95 57.85
OP2 MA6 A 1788 -0.90 0.06 59.35
O5' MA6 A 1788 0.58 1.63 58.07
C5' MA6 A 1788 0.92 2.82 57.37
C4' MA6 A 1788 2.40 2.91 57.12
O4' MA6 A 1788 3.11 2.86 58.39
C1' MA6 A 1788 4.31 2.14 58.25
N9 MA6 A 1788 4.26 0.95 59.13
N3 MA6 A 1788 6.60 0.31 59.16
N1 MA6 A 1788 7.00 -1.65 60.51
C6 MA6 A 1788 5.70 -1.76 60.82
N6 MA6 A 1788 5.38 -2.79 61.66
C9 MA6 A 1788 6.39 -3.75 62.08
C10 MA6 A 1788 4.03 -2.96 62.18
N7 MA6 A 1788 3.41 -0.67 60.43
C8 MA6 A 1788 3.15 0.41 59.71
C2' MA6 A 1788 4.45 1.74 56.78
O2' MA6 A 1788 5.25 2.72 56.12
C3' MA6 A 1788 3.02 1.77 56.31
O3' MA6 A 1788 2.89 1.98 54.91
H2 MA6 A 1788 8.42 -0.59 59.48
H5' MA6 A 1788 0.55 3.67 57.94
H5'' MA6 A 1788 0.39 2.84 56.41
H4' MA6 A 1788 2.66 3.89 56.73
H1' MA6 A 1788 5.12 2.78 58.60
H91 MA6 A 1788 5.95 -4.72 62.35
H92 MA6 A 1788 7.12 -3.96 61.29
H93 MA6 A 1788 6.96 -3.39 62.94
H101 MA6 A 1788 3.34 -3.35 61.44
H102 MA6 A 1788 4.01 -3.64 63.02
H103 MA6 A 1788 3.62 -2.02 62.55
H8 MA6 A 1788 2.15 0.81 59.59
H2' MA6 A 1788 4.89 0.76 56.65
HO2' MA6 A 1788 4.62 3.42 55.80
H3' MA6 A 1788 2.52 0.84 56.56
C2 MA6 A 1789 8.55 -3.26 57.57
C4 MA6 A 1789 6.71 -2.43 56.69
C5 MA6 A 1789 5.90 -3.24 57.46
P MA6 A 1789 1.77 1.20 54.05
OP1 MA6 A 1789 0.84 2.24 53.48
OP2 MA6 A 1789 1.19 0.08 54.87
O5' MA6 A 1789 2.59 0.58 52.84
C5' MA6 A 1789 3.24 -0.68 52.94
C4' MA6 A 1789 4.73 -0.52 53.04
O4' MA6 A 1789 5.09 -0.09 54.38
C1' MA6 A 1789 6.24 -0.76 54.82
N9 MA6 A 1789 5.86 -1.69 55.90
N3 MA6 A 1789 8.04 -2.39 56.70
N1 MA6 A 1789 7.91 -4.11 58.37
C6 MA6 A 1789 6.57 -4.12 58.32
N6 MA6 A 1789 5.96 -5.07 59.08
C9 MA6 A 1789 6.72 -6.23 59.55
C10 MA6 A 1789 4.56 -4.97 59.43
N7 MA6 A 1789 4.56 -2.98 57.19
C8 MA6 A 1789 4.59 -2.06 56.27
C2' MA6 A 1789 6.81 -1.52 53.62
O2' MA6 A 1789 7.71 -0.67 52.93
C3' MA6 A 1789 5.55 -1.79 52.82
O3' MA6 A 1789 5.80 -2.04 51.45
H2 MA6 A 1789 9.63 -3.26 57.64
H5' MA6 A 1789 2.95 -1.29 52.08
H5'' MA6 A 1789 2.88 -1.20 53.84
H4' MA6 A 1789 5.07 0.31 52.42
H1' MA6 A 1789 6.93 -0.02 55.22
H91 MA6 A 1789 6.08 -7.08 59.76
H92 MA6 A 1789 7.45 -6.56 58.81
H93 MA6 A 1789 7.28 -6.00 60.45
H101 MA6 A 1789 4.22 -3.94 59.53
H102 MA6 A 1789 3.93 -5.44 58.67
H103 MA6 A 1789 4.34 -5.48 60.37
H8 MA6 A 1789 3.70 -1.62 55.84
H2' MA6 A 1789 7.30 -2.46 53.90
HO2' MA6 A 1789 7.27 0.21 52.86
H3' MA6 A 1789 5.02 -2.65 53.22
N MET B 1 7.44 -0.50 46.69
CA MET B 1 6.17 -1.06 47.24
C MET B 1 5.56 -2.03 46.23
N ARG B 2 5.07 -3.16 46.73
CA ARG B 2 4.45 -4.15 45.85
C ARG B 2 3.31 -3.54 45.06
N ALA B 3 3.29 -3.82 43.75
CA ALA B 3 2.33 -3.17 42.87
C ALA B 3 0.90 -3.40 43.32
N LYS B 4 0.59 -4.60 43.83
CA LYS B 4 -0.76 -4.89 44.28
C LYS B 4 -1.18 -3.95 45.42
N TRP B 5 -0.26 -3.69 46.36
CA TRP B 5 -0.59 -2.83 47.49
C TRP B 5 -0.60 -1.36 47.10
N LYS B 6 0.23 -0.97 46.13
CA LYS B 6 0.14 0.39 45.60
C LYS B 6 -1.20 0.61 44.91
N LYS B 7 -1.68 -0.40 44.19
CA LYS B 7 -3.02 -0.34 43.61
C LYS B 7 -4.07 -0.21 44.69
N LYS B 8 -3.92 -0.95 45.79
CA LYS B 8 -4.86 -0.83 46.91
C LYS B 8 -4.80 0.55 47.54
N ARG B 9 -3.61 1.14 47.66
CA ARG B 9 -3.48 2.46 48.25
C ARG B 9 -4.18 3.51 47.39
N MET B 10 -4.04 3.43 46.07
CA MET B 10 -4.66 4.41 45.19
C MET B 10 -6.18 4.31 45.25
N ARG B 11 -6.72 3.10 45.31
CA ARG B 11 -8.17 2.94 45.36
C ARG B 11 -8.75 3.56 46.63
N ARG B 12 -8.07 3.37 47.77
CA ARG B 12 -8.50 4.05 48.99
C ARG B 12 -8.46 5.56 48.82
N LEU B 13 -7.42 6.06 48.16
CA LEU B 13 -7.28 7.50 47.95
C LEU B 13 -8.37 8.03 47.02
N LYS B 14 -8.83 7.22 46.06
CA LYS B 14 -9.88 7.66 45.17
C LYS B 14 -11.24 7.68 45.86
N ARG B 15 -11.48 6.75 46.79
CA ARG B 15 -12.73 6.76 47.53
C ARG B 15 -12.88 8.05 48.33
N LYS B 16 -11.81 8.50 48.98
CA LYS B 16 -11.88 9.72 49.78
C LYS B 16 -12.19 10.92 48.89
N ARG B 17 -11.52 11.02 47.74
CA ARG B 17 -11.84 12.10 46.80
C ARG B 17 -13.28 12.00 46.34
N ARG B 18 -13.72 10.79 45.98
CA ARG B 18 -15.10 10.58 45.57
C ARG B 18 -16.06 11.02 46.67
N LYS B 19 -15.67 10.86 47.93
CA LYS B 19 -16.48 11.29 49.05
C LYS B 19 -16.20 12.74 49.44
N MET B 20 -14.97 13.21 49.24
CA MET B 20 -14.62 14.59 49.56
C MET B 20 -15.11 15.57 48.52
N ARG B 21 -15.54 15.09 47.35
CA ARG B 21 -16.09 15.93 46.29
C ARG B 21 -17.61 15.91 46.28
N GLN B 22 -18.22 14.75 46.53
CA GLN B 22 -19.67 14.67 46.64
C GLN B 22 -20.19 15.28 47.93
N ARG B 23 -19.31 15.63 48.87
CA ARG B 23 -19.74 16.29 50.10
C ARG B 23 -20.30 17.68 49.80
N SER B 24 -19.70 18.40 48.87
CA SER B 24 -20.21 19.70 48.43
C SER B 24 -21.01 19.62 47.15
N LYS B 25 -20.83 18.55 46.37
CA LYS B 25 -21.60 18.34 45.14
C LYS B 25 -21.26 19.39 44.10
N ARG C 7 27.96 -73.48 -12.24
CA ARG C 7 28.59 -72.67 -13.28
C ARG C 7 29.52 -71.64 -12.65
N THR C 8 30.34 -71.00 -13.49
CA THR C 8 31.26 -69.98 -13.01
C THR C 8 30.48 -68.77 -12.52
N LEU C 9 30.91 -68.20 -11.39
CA LEU C 9 30.28 -67.04 -10.80
C LEU C 9 31.08 -65.79 -11.14
N SER C 10 30.39 -64.75 -11.58
CA SER C 10 31.06 -63.49 -11.89
C SER C 10 31.67 -62.89 -10.63
N THR C 11 32.48 -61.85 -10.82
CA THR C 11 33.12 -61.20 -9.70
C THR C 11 32.09 -60.61 -8.73
N LYS C 12 30.92 -60.23 -9.24
CA LYS C 12 29.90 -59.65 -8.38
C LYS C 12 29.12 -60.72 -7.62
N GLU C 13 28.76 -61.80 -8.29
CA GLU C 13 28.02 -62.87 -7.62
C GLU C 13 28.86 -63.54 -6.54
N ALA C 14 30.17 -63.61 -6.73
CA ALA C 14 31.03 -64.22 -5.71
C ALA C 14 31.13 -63.33 -4.48
N ASP C 15 31.32 -62.03 -4.67
CA ASP C 15 31.39 -61.12 -3.54
C ASP C 15 30.07 -61.08 -2.77
N ILE C 16 28.95 -61.04 -3.49
CA ILE C 16 27.65 -61.04 -2.84
C ILE C 16 27.44 -62.34 -2.08
N GLN C 17 27.91 -63.45 -2.63
CA GLN C 17 27.84 -64.72 -1.89
C GLN C 17 28.69 -64.65 -0.63
N MET C 18 29.87 -64.04 -0.71
CA MET C 18 30.72 -63.89 0.46
C MET C 18 30.10 -62.94 1.48
N MET C 19 29.46 -61.87 1.03
CA MET C 19 28.85 -60.92 1.94
C MET C 19 27.62 -61.49 2.64
N LEU C 20 26.88 -62.38 1.98
CA LEU C 20 25.75 -63.03 2.62
C LEU C 20 26.20 -63.89 3.79
N ALA C 21 27.30 -64.63 3.62
CA ALA C 21 27.80 -65.49 4.68
C ALA C 21 28.22 -64.69 5.91
N ALA C 22 28.69 -63.46 5.69
CA ALA C 22 29.13 -62.59 6.78
C ALA C 22 28.01 -61.74 7.36
N GLU C 23 26.77 -61.92 6.89
CA GLU C 23 25.63 -61.13 7.37
C GLU C 23 25.84 -59.65 7.15
N VAL C 24 26.44 -59.30 6.00
CA VAL C 24 26.62 -57.90 5.65
C VAL C 24 25.29 -57.24 5.30
N HIS C 25 24.29 -58.03 4.93
CA HIS C 25 22.99 -57.51 4.51
C HIS C 25 22.04 -57.25 5.67
N LEU C 26 22.37 -57.72 6.87
CA LEU C 26 21.47 -57.56 8.02
C LEU C 26 21.66 -56.18 8.63
N GLY C 27 20.63 -55.34 8.52
CA GLY C 27 20.68 -53.99 9.04
C GLY C 27 20.05 -53.88 10.42
N THR C 28 19.97 -52.65 10.90
CA THR C 28 19.38 -52.37 12.19
C THR C 28 17.85 -52.33 12.07
N LYS C 29 17.18 -52.32 13.23
CA LYS C 29 15.73 -52.22 13.25
C LYS C 29 15.24 -50.82 12.89
N ASN C 30 16.12 -49.83 12.82
CA ASN C 30 15.78 -48.48 12.42
C ASN C 30 16.57 -48.11 11.17
N CYS C 31 15.94 -47.34 10.28
CA CYS C 31 16.55 -46.91 9.03
C CYS C 31 16.52 -45.39 8.95
N ASP C 32 17.69 -44.79 8.78
CA ASP C 32 17.78 -43.36 8.56
C ASP C 32 17.13 -42.99 7.22
N PHE C 33 16.51 -41.81 7.16
CA PHE C 33 15.79 -41.41 5.97
C PHE C 33 16.70 -41.26 4.76
N GLN C 34 17.99 -41.00 4.97
CA GLN C 34 18.95 -40.91 3.88
C GLN C 34 19.61 -42.25 3.57
N MET C 35 19.21 -43.31 4.26
CA MET C 35 19.64 -44.67 3.95
C MET C 35 18.53 -45.53 3.37
N GLU C 36 17.30 -45.02 3.31
CA GLU C 36 16.20 -45.80 2.75
C GLU C 36 16.46 -46.20 1.31
N ARG C 37 17.19 -45.37 0.57
CA ARG C 37 17.44 -45.67 -0.84
C ARG C 37 18.27 -46.94 -1.02
N TYR C 38 18.99 -47.37 0.01
CA TYR C 38 19.80 -48.57 -0.07
C TYR C 38 19.12 -49.79 0.54
N ALA C 39 18.16 -49.60 1.45
CA ALA C 39 17.44 -50.72 2.02
C ALA C 39 16.52 -51.34 0.97
N PHE C 40 16.41 -52.66 1.00
CA PHE C 40 15.56 -53.36 0.05
C PHE C 40 14.16 -53.59 0.61
N LYS C 41 14.06 -54.21 1.78
CA LYS C 41 12.77 -54.55 2.35
C LYS C 41 12.94 -54.73 3.86
N ARG C 42 11.83 -54.59 4.57
CA ARG C 42 11.78 -54.78 6.01
C ARG C 42 10.97 -56.04 6.31
N ARG C 43 11.53 -56.92 7.13
CA ARG C 43 10.86 -58.16 7.49
C ARG C 43 10.06 -57.99 8.77
N ASN C 44 9.14 -58.93 9.02
CA ASN C 44 8.25 -58.83 10.16
C ASN C 44 9.03 -58.72 11.48
N ASP C 45 10.24 -59.26 11.51
CA ASP C 45 11.08 -59.09 12.69
C ASP C 45 11.37 -57.63 12.98
N GLY C 46 11.23 -56.76 11.98
CA GLY C 46 11.57 -55.36 12.11
C GLY C 46 12.94 -54.99 11.61
N ILE C 47 13.75 -55.98 11.24
CA ILE C 47 15.09 -55.73 10.75
C ILE C 47 15.03 -55.37 9.27
N TYR C 48 15.85 -54.40 8.88
CA TYR C 48 15.96 -54.01 7.48
C TYR C 48 17.03 -54.84 6.80
N ILE C 49 16.80 -55.16 5.53
CA ILE C 49 17.73 -55.95 4.72
C ILE C 49 18.36 -55.03 3.70
N ILE C 50 19.68 -54.87 3.78
CA ILE C 50 20.39 -54.00 2.85
C ILE C 50 20.49 -54.68 1.50
N ASN C 51 20.34 -53.89 0.44
CA ASN C 51 20.44 -54.40 -0.92
C ASN C 51 21.91 -54.62 -1.25
N LEU C 52 22.36 -55.87 -1.19
CA LEU C 52 23.76 -56.17 -1.43
C LEU C 52 24.20 -55.80 -2.85
N GLY C 53 23.27 -55.74 -3.79
CA GLY C 53 23.63 -55.30 -5.13
C GLY C 53 24.14 -53.87 -5.15
N LYS C 54 23.48 -52.99 -4.39
CA LYS C 54 23.95 -51.61 -4.29
C LYS C 54 25.19 -51.49 -3.41
N THR C 55 25.32 -52.35 -2.41
CA THR C 55 26.53 -52.34 -1.59
C THR C 55 27.76 -52.63 -2.43
N TRP C 56 27.67 -53.60 -3.34
CA TRP C 56 28.79 -53.90 -4.21
C TRP C 56 29.09 -52.73 -5.15
N GLU C 57 28.06 -52.06 -5.66
CA GLU C 57 28.29 -50.94 -6.55
C GLU C 57 29.00 -49.79 -5.85
N LYS C 58 28.62 -49.49 -4.61
CA LYS C 58 29.28 -48.41 -3.87
C LYS C 58 30.72 -48.79 -3.53
N LEU C 59 30.99 -50.09 -3.30
CA LEU C 59 32.36 -50.52 -3.10
C LEU C 59 33.21 -50.24 -4.32
N GLN C 60 32.67 -50.50 -5.53
CA GLN C 60 33.39 -50.19 -6.75
C GLN C 60 33.64 -48.69 -6.87
N MET C 61 32.62 -47.88 -6.58
CA MET C 61 32.79 -46.44 -6.66
C MET C 61 33.84 -45.95 -5.67
N ALA C 62 33.82 -46.50 -4.46
CA ALA C 62 34.83 -46.13 -3.46
C ALA C 62 36.22 -46.52 -3.93
N ALA C 63 36.35 -47.71 -4.54
CA ALA C 63 37.66 -48.14 -5.03
C ALA C 63 38.17 -47.21 -6.14
N ARG C 64 37.28 -46.77 -7.02
CA ARG C 64 37.69 -45.83 -8.07
C ARG C 64 38.23 -44.55 -7.47
N VAL C 65 37.64 -44.08 -6.37
CA VAL C 65 38.16 -42.88 -5.71
C VAL C 65 39.51 -43.15 -5.06
N ILE C 66 39.70 -44.34 -4.51
CA ILE C 66 40.95 -44.65 -3.81
C ILE C 66 42.12 -44.75 -4.79
N VAL C 67 41.92 -45.43 -5.92
CA VAL C 67 43.01 -45.60 -6.87
C VAL C 67 43.44 -44.26 -7.47
N ALA C 68 42.52 -43.30 -7.55
CA ALA C 68 42.85 -41.99 -8.10
C ALA C 68 43.79 -41.20 -7.21
N ILE C 69 44.01 -41.65 -5.97
CA ILE C 69 44.95 -40.98 -5.07
C ILE C 69 46.36 -41.39 -5.46
N GLU C 70 47.18 -40.43 -5.88
CA GLU C 70 48.52 -40.75 -6.35
C GLU C 70 49.38 -41.32 -5.23
N ASN C 71 49.32 -40.70 -4.04
CA ASN C 71 50.11 -41.13 -2.90
C ASN C 71 49.19 -41.82 -1.89
N PRO C 72 49.27 -43.15 -1.73
CA PRO C 72 48.36 -43.81 -0.78
C PRO C 72 48.52 -43.34 0.65
N GLN C 73 49.67 -42.76 1.01
CA GLN C 73 49.86 -42.29 2.37
C GLN C 73 48.93 -41.13 2.71
N ASP C 74 48.36 -40.47 1.71
CA ASP C 74 47.40 -39.41 1.97
C ASP C 74 46.04 -39.94 2.41
N ILE C 75 45.80 -41.23 2.27
CA ILE C 75 44.56 -41.86 2.70
C ILE C 75 44.70 -42.28 4.15
N ILE C 76 43.70 -41.96 4.96
CA ILE C 76 43.67 -42.34 6.37
C ILE C 76 42.41 -43.15 6.60
N VAL C 77 42.57 -44.37 7.12
CA VAL C 77 41.46 -45.25 7.45
C VAL C 77 41.52 -45.54 8.94
N GLN C 78 40.40 -45.38 9.63
CA GLN C 78 40.39 -45.56 11.07
C GLN C 78 39.07 -46.14 11.52
N SER C 79 39.09 -46.74 12.70
CA SER C 79 37.91 -47.31 13.32
C SER C 79 37.97 -47.05 14.81
N ALA C 80 36.83 -46.71 15.41
CA ALA C 80 36.77 -46.46 16.84
C ALA C 80 36.43 -47.71 17.63
N ARG C 81 35.56 -48.57 17.12
CA ARG C 81 35.18 -49.78 17.82
C ARG C 81 36.23 -50.86 17.66
N PRO C 82 36.36 -51.75 18.66
CA PRO C 82 37.42 -52.77 18.59
C PRO C 82 37.27 -53.73 17.42
N TYR C 83 36.04 -54.04 17.01
CA TYR C 83 35.85 -55.04 15.95
C TYR C 83 36.47 -54.61 14.63
N GLY C 84 36.63 -53.32 14.39
CA GLY C 84 37.20 -52.85 13.14
C GLY C 84 38.65 -52.44 13.25
N GLN C 85 39.21 -52.46 14.47
CA GLN C 85 40.60 -52.06 14.66
C GLN C 85 41.56 -53.02 13.97
N ARG C 86 41.14 -54.26 13.71
CA ARG C 86 41.99 -55.21 13.01
C ARG C 86 41.90 -55.08 11.50
N ALA C 87 40.69 -54.82 10.98
CA ALA C 87 40.52 -54.72 9.53
C ALA C 87 41.25 -53.50 8.98
N VAL C 88 41.16 -52.36 9.68
CA VAL C 88 41.79 -51.14 9.17
C VAL C 88 43.30 -51.30 9.11
N LEU C 89 43.90 -51.97 10.09
CA LEU C 89 45.35 -52.19 10.05
C LEU C 89 45.74 -53.05 8.85
N LYS C 90 44.98 -54.10 8.58
CA LYS C 90 45.28 -54.95 7.42
C LYS C 90 44.94 -54.24 6.12
N PHE C 91 43.88 -53.44 6.10
CA PHE C 91 43.54 -52.69 4.89
C PHE C 91 44.67 -51.75 4.50
N ALA C 92 45.23 -51.04 5.49
CA ALA C 92 46.33 -50.13 5.23
C ALA C 92 47.62 -50.87 4.89
N GLN C 93 47.75 -52.13 5.31
CA GLN C 93 48.96 -52.89 5.02
C GLN C 93 49.08 -53.21 3.55
N TYR C 94 47.98 -53.65 2.92
CA TYR C 94 48.03 -54.05 1.52
C TYR C 94 47.82 -52.90 0.56
N THR C 95 46.99 -51.92 0.93
CA THR C 95 46.72 -50.79 0.05
C THR C 95 47.69 -49.63 0.25
N GLY C 96 48.54 -49.68 1.26
CA GLY C 96 49.50 -48.63 1.50
C GLY C 96 48.96 -47.42 2.21
N ALA C 97 47.74 -47.47 2.73
CA ALA C 97 47.14 -46.34 3.41
C ALA C 97 47.77 -46.17 4.80
N HIS C 98 47.26 -45.20 5.55
CA HIS C 98 47.73 -44.91 6.90
C HIS C 98 46.61 -45.19 7.88
N ALA C 99 46.75 -46.27 8.65
CA ALA C 99 45.71 -46.69 9.57
C ALA C 99 45.86 -46.01 10.93
N ILE C 100 44.73 -45.65 11.52
CA ILE C 100 44.70 -45.10 12.86
C ILE C 100 43.63 -45.84 13.66
N ALA C 101 44.04 -46.87 14.40
CA ALA C 101 43.11 -47.63 15.21
C ALA C 101 43.04 -47.06 16.62
N GLY C 102 41.84 -47.08 17.19
CA GLY C 102 41.63 -46.59 18.54
C GLY C 102 40.89 -45.27 18.59
N ARG C 103 41.30 -44.38 19.49
CA ARG C 103 40.63 -43.10 19.67
C ARG C 103 41.30 -42.03 18.80
N HIS C 104 40.47 -41.20 18.18
CA HIS C 104 40.95 -40.07 17.38
C HIS C 104 41.23 -38.89 18.30
N THR C 105 42.41 -38.30 18.14
CA THR C 105 42.79 -37.15 18.96
C THR C 105 42.21 -35.89 18.36
N PRO C 106 41.36 -35.15 19.07
CA PRO C 106 40.83 -33.91 18.52
C PRO C 106 41.95 -32.93 18.17
N GLY C 107 41.77 -32.22 17.06
CA GLY C 107 42.78 -31.32 16.55
C GLY C 107 43.76 -31.94 15.59
N THR C 108 43.62 -33.23 15.27
CA THR C 108 44.55 -33.88 14.37
C THR C 108 44.50 -33.26 12.98
N PHE C 109 43.30 -32.95 12.48
CA PHE C 109 43.13 -32.37 11.16
C PHE C 109 43.07 -30.85 11.17
N THR C 110 43.13 -30.21 12.33
CA THR C 110 42.98 -28.76 12.41
C THR C 110 44.12 -28.08 13.13
N ASN C 111 44.70 -28.71 14.15
CA ASN C 111 45.77 -28.08 14.92
C ASN C 111 47.09 -28.36 14.24
N GLN C 112 47.63 -27.35 13.55
CA GLN C 112 48.85 -27.52 12.77
C GLN C 112 50.11 -27.63 13.63
N LEU C 113 50.02 -27.38 14.94
CA LEU C 113 51.19 -27.37 15.80
C LEU C 113 51.34 -28.63 16.65
N GLN C 114 50.35 -29.50 16.70
CA GLN C 114 50.48 -30.73 17.46
C GLN C 114 51.14 -31.81 16.62
N THR C 115 51.84 -32.73 17.29
CA THR C 115 52.68 -33.68 16.60
C THR C 115 51.87 -34.56 15.65
N SER C 116 50.67 -34.93 16.05
CA SER C 116 49.85 -35.84 15.26
C SER C 116 49.16 -35.16 14.07
N TYR C 117 49.49 -33.92 13.78
CA TYR C 117 48.81 -33.19 12.72
C TYR C 117 48.98 -33.90 11.37
N SER C 118 47.90 -33.97 10.61
CA SER C 118 47.91 -34.62 9.31
C SER C 118 46.98 -33.87 8.37
N GLU C 119 47.26 -33.97 7.07
CA GLU C 119 46.46 -33.37 6.01
C GLU C 119 46.12 -34.44 4.99
N PRO C 120 45.22 -35.36 5.32
CA PRO C 120 44.86 -36.41 4.37
C PRO C 120 44.09 -35.84 3.18
N ARG C 121 44.22 -36.53 2.05
CA ARG C 121 43.40 -36.24 0.88
C ARG C 121 42.11 -37.04 0.87
N LEU C 122 42.06 -38.16 1.58
CA LEU C 122 40.86 -38.98 1.69
C LEU C 122 40.80 -39.56 3.09
N LEU C 123 39.58 -39.80 3.56
CA LEU C 123 39.35 -40.32 4.90
C LEU C 123 38.36 -41.48 4.80
N ILE C 124 38.74 -42.63 5.34
CA ILE C 124 37.89 -43.81 5.35
C ILE C 124 37.53 -44.13 6.80
N LEU C 125 36.25 -44.40 7.04
CA LEU C 125 35.76 -44.66 8.39
C LEU C 125 34.88 -45.89 8.38
N THR C 126 34.75 -46.53 9.54
CA THR C 126 33.98 -47.76 9.68
C THR C 126 32.54 -47.52 10.11
N ASP C 127 32.27 -46.46 10.86
CA ASP C 127 30.92 -46.18 11.33
C ASP C 127 30.78 -44.69 11.60
N PRO C 128 29.93 -43.97 10.86
CA PRO C 128 29.78 -42.53 11.11
C PRO C 128 29.33 -42.21 12.52
N ARG C 129 28.53 -43.06 13.14
CA ARG C 129 27.99 -42.77 14.47
C ARG C 129 29.08 -42.82 15.54
N THR C 130 30.01 -43.75 15.44
CA THR C 130 31.08 -43.87 16.43
C THR C 130 32.29 -43.03 16.07
N ASP C 131 32.49 -42.72 14.79
CA ASP C 131 33.58 -41.88 14.32
C ASP C 131 33.11 -40.45 14.04
N HIS C 132 32.17 -39.96 14.84
CA HIS C 132 31.62 -38.62 14.60
C HIS C 132 32.69 -37.54 14.73
N GLN C 133 33.70 -37.77 15.58
CA GLN C 133 34.72 -36.73 15.77
C GLN C 133 35.54 -36.50 14.51
N PRO C 134 36.20 -37.51 13.94
CA PRO C 134 36.95 -37.27 12.69
C PRO C 134 36.06 -36.80 11.55
N ILE C 135 34.83 -37.28 11.46
CA ILE C 135 33.92 -36.81 10.42
C ILE C 135 33.60 -35.34 10.63
N LYS C 136 33.33 -34.94 11.87
CA LYS C 136 33.07 -33.53 12.16
C LYS C 136 34.30 -32.68 11.88
N GLU C 137 35.48 -33.19 12.25
CA GLU C 137 36.71 -32.42 12.08
C GLU C 137 37.18 -32.38 10.64
N ALA C 138 36.84 -33.39 9.84
CA ALA C 138 37.23 -33.38 8.43
C ALA C 138 36.51 -32.29 7.66
N ALA C 139 35.36 -31.84 8.16
CA ALA C 139 34.59 -30.78 7.51
C ALA C 139 35.16 -29.40 7.76
N LEU C 140 36.38 -29.30 8.30
CA LEU C 140 37.08 -28.03 8.47
C LEU C 140 38.35 -27.97 7.63
N GLY C 141 38.60 -28.97 6.79
CA GLY C 141 39.83 -29.01 6.01
C GLY C 141 39.66 -29.54 4.61
N ASN C 142 38.43 -29.50 4.08
CA ASN C 142 38.15 -29.90 2.70
C ASN C 142 38.59 -31.36 2.45
N ILE C 143 38.30 -32.22 3.41
CA ILE C 143 38.71 -33.61 3.37
C ILE C 143 37.49 -34.47 3.04
N PRO C 144 37.39 -35.07 1.87
CA PRO C 144 36.28 -35.99 1.59
C PRO C 144 36.40 -37.26 2.41
N THR C 145 35.26 -37.88 2.69
CA THR C 145 35.20 -39.03 3.59
C THR C 145 34.41 -40.16 2.95
N ILE C 146 34.94 -41.37 3.07
CA ILE C 146 34.22 -42.60 2.74
C ILE C 146 33.92 -43.32 4.05
N ALA C 147 32.71 -43.84 4.19
CA ALA C 147 32.32 -44.49 5.43
C ALA C 147 31.35 -45.62 5.13
N PHE C 148 31.51 -46.71 5.87
CA PHE C 148 30.53 -47.80 5.84
C PHE C 148 29.37 -47.42 6.74
N CYS C 149 28.17 -47.37 6.18
CA CYS C 149 27.00 -46.83 6.86
C CYS C 149 25.94 -47.91 6.99
N ASP C 150 25.45 -48.11 8.22
CA ASP C 150 24.36 -49.03 8.47
C ASP C 150 23.04 -48.33 8.23
N THR C 151 21.93 -49.06 8.41
CA THR C 151 20.62 -48.48 8.13
C THR C 151 20.34 -47.27 9.02
N ASP C 152 20.87 -47.24 10.23
CA ASP C 152 20.60 -46.15 11.16
C ASP C 152 21.81 -45.27 11.35
N SER C 153 22.54 -45.03 10.26
CA SER C 153 23.75 -44.21 10.31
C SER C 153 23.45 -42.79 9.82
N PRO C 154 23.96 -41.76 10.50
CA PRO C 154 23.78 -40.39 10.00
C PRO C 154 24.69 -40.13 8.80
N MET C 155 24.15 -39.50 7.77
CA MET C 155 24.87 -39.28 6.53
C MET C 155 25.51 -37.89 6.45
N ARG C 156 25.53 -37.15 7.55
CA ARG C 156 26.11 -35.81 7.55
C ARG C 156 27.60 -35.89 7.23
N TYR C 157 28.04 -35.10 6.25
CA TYR C 157 29.45 -34.99 5.90
C TYR C 157 30.04 -36.31 5.42
N VAL C 158 29.22 -37.16 4.81
CA VAL C 158 29.67 -38.43 4.23
C VAL C 158 29.46 -38.35 2.73
N ASP C 159 30.56 -38.34 1.97
CA ASP C 159 30.48 -38.20 0.53
C ASP C 159 30.07 -39.50 -0.14
N ILE C 160 30.72 -40.61 0.23
CA ILE C 160 30.41 -41.93 -0.32
C ILE C 160 30.06 -42.81 0.88
N GLY C 161 28.79 -43.22 0.96
CA GLY C 161 28.35 -44.11 2.00
C GLY C 161 28.07 -45.49 1.45
N ILE C 162 28.77 -46.48 1.99
CA ILE C 162 28.65 -47.87 1.54
C ILE C 162 27.61 -48.54 2.43
N PRO C 163 26.44 -48.91 1.91
CA PRO C 163 25.41 -49.51 2.78
C PRO C 163 25.77 -50.93 3.19
N ALA C 164 26.11 -51.13 4.46
CA ALA C 164 26.54 -52.42 4.94
C ALA C 164 26.35 -52.48 6.44
N ASN C 165 26.52 -53.68 7.00
CA ASN C 165 26.44 -53.90 8.43
C ASN C 165 27.83 -53.68 9.01
N ASN C 166 28.03 -52.51 9.63
CA ASN C 166 29.32 -52.15 10.20
C ASN C 166 29.40 -52.47 11.70
N LYS C 167 28.66 -53.48 12.15
CA LYS C 167 28.64 -53.87 13.56
C LYS C 167 29.29 -55.22 13.80
N GLY C 168 28.87 -56.25 13.08
CA GLY C 168 29.43 -57.58 13.29
C GLY C 168 30.90 -57.64 12.92
N LYS C 169 31.62 -58.53 13.62
CA LYS C 169 33.05 -58.67 13.38
C LYS C 169 33.34 -59.25 12.01
N HIS C 170 32.53 -60.20 11.53
CA HIS C 170 32.73 -60.76 10.21
C HIS C 170 32.36 -59.77 9.11
N SER C 171 31.30 -58.98 9.30
CA SER C 171 30.90 -58.01 8.30
C SER C 171 31.99 -56.96 8.07
N ILE C 172 32.56 -56.45 9.16
CA ILE C 172 33.60 -55.43 9.04
C ILE C 172 34.83 -55.98 8.33
N GLY C 173 35.23 -57.20 8.68
CA GLY C 173 36.41 -57.78 8.05
C GLY C 173 36.22 -58.04 6.57
N VAL C 174 35.07 -58.61 6.20
CA VAL C 174 34.82 -58.91 4.79
C VAL C 174 34.79 -57.64 3.97
N LEU C 175 34.14 -56.59 4.47
CA LEU C 175 34.01 -55.36 3.70
C LEU C 175 35.37 -54.76 3.38
N PHE C 176 36.27 -54.72 4.37
CA PHE C 176 37.61 -54.20 4.10
C PHE C 176 38.42 -55.16 3.24
N TRP C 177 38.20 -56.46 3.38
CA TRP C 177 38.89 -57.42 2.52
C TRP C 177 38.50 -57.21 1.06
N ILE C 178 37.21 -57.06 0.79
CA ILE C 178 36.76 -56.84 -0.59
C ILE C 178 37.27 -55.50 -1.10
N LEU C 179 37.19 -54.46 -0.27
CA LEU C 179 37.64 -53.15 -0.71
C LEU C 179 39.13 -53.14 -1.00
N ALA C 180 39.93 -53.79 -0.15
CA ALA C 180 41.37 -53.87 -0.40
C ALA C 180 41.67 -54.61 -1.69
N ARG C 181 40.93 -55.69 -1.97
CA ARG C 181 41.13 -56.42 -3.21
C ARG C 181 40.80 -55.55 -4.41
N MET C 182 39.67 -54.83 -4.34
CA MET C 182 39.26 -53.98 -5.46
C MET C 182 40.30 -52.90 -5.75
N VAL C 183 40.86 -52.29 -4.69
CA VAL C 183 41.85 -51.25 -4.89
C VAL C 183 43.09 -51.81 -5.59
N LEU C 184 43.56 -52.98 -5.16
CA LEU C 184 44.73 -53.60 -5.78
C LEU C 184 44.43 -54.07 -7.19
N GLN C 185 43.26 -54.67 -7.41
CA GLN C 185 42.91 -55.11 -8.76
C GLN C 185 42.83 -53.96 -9.74
N MET C 186 42.38 -52.79 -9.28
CA MET C 186 42.33 -51.61 -10.14
C MET C 186 43.71 -51.01 -10.38
N ARG C 187 44.69 -51.35 -9.55
CA ARG C 187 46.08 -50.93 -9.77
C ARG C 187 46.84 -51.88 -10.68
N GLY C 188 46.28 -53.05 -10.99
CA GLY C 188 47.00 -54.05 -11.74
C GLY C 188 48.00 -54.84 -10.92
N ALA C 189 48.03 -54.63 -9.60
CA ALA C 189 49.01 -55.34 -8.76
C ALA C 189 48.68 -56.82 -8.64
N ILE C 190 47.39 -57.17 -8.65
CA ILE C 190 46.96 -58.56 -8.52
C ILE C 190 46.03 -58.88 -9.69
N ASN C 191 45.79 -60.17 -9.89
CA ASN C 191 44.96 -60.63 -10.99
C ASN C 191 43.49 -60.37 -10.71
N GLN C 192 42.74 -60.15 -11.78
CA GLN C 192 41.30 -59.93 -11.66
C GLN C 192 40.61 -61.18 -11.13
N GLY C 193 39.34 -61.03 -10.81
CA GLY C 193 38.53 -62.13 -10.32
C GLY C 193 38.17 -61.96 -8.87
N PRO C 194 37.28 -62.83 -8.37
CA PRO C 194 36.82 -62.72 -6.98
C PRO C 194 37.75 -63.34 -5.95
N LYS C 195 38.87 -63.90 -6.37
CA LYS C 195 39.79 -64.58 -5.46
C LYS C 195 41.01 -63.72 -5.18
N TRP C 196 41.63 -63.97 -4.02
CA TRP C 196 42.80 -63.23 -3.59
C TRP C 196 43.64 -64.15 -2.71
N ASP C 197 44.96 -64.12 -2.92
CA ASP C 197 45.85 -65.01 -2.18
C ASP C 197 45.77 -64.76 -0.68
N VAL C 198 45.39 -63.55 -0.27
CA VAL C 198 45.26 -63.24 1.15
C VAL C 198 43.97 -63.83 1.68
N MET C 199 44.02 -64.32 2.92
CA MET C 199 42.86 -64.94 3.56
C MET C 199 42.07 -63.88 4.32
N VAL C 200 40.75 -63.99 4.24
CA VAL C 200 39.89 -62.98 4.87
C VAL C 200 40.01 -63.01 6.38
N ASP C 201 40.30 -64.18 6.95
CA ASP C 201 40.35 -64.30 8.40
C ASP C 201 41.41 -63.40 9.03
N LEU C 202 42.39 -62.95 8.25
CA LEU C 202 43.37 -62.00 8.77
C LEU C 202 42.74 -60.66 9.13
N PHE C 203 41.52 -60.39 8.66
CA PHE C 203 40.83 -59.13 8.95
C PHE C 203 39.87 -59.23 10.12
N PHE C 204 39.46 -60.44 10.50
CA PHE C 204 38.50 -60.59 11.58
C PHE C 204 39.13 -60.22 12.92
N TYR C 205 38.27 -59.86 13.87
CA TYR C 205 38.71 -59.44 15.19
C TYR C 205 39.24 -60.65 15.97
N ARG C 206 40.41 -60.49 16.56
CA ARG C 206 41.05 -61.54 17.36
C ARG C 206 40.95 -61.14 18.82
N GLU C 207 39.99 -61.74 19.53
CA GLU C 207 39.80 -61.44 20.94
C GLU C 207 41.00 -61.94 21.74
N PRO C 208 41.29 -61.31 22.90
CA PRO C 208 42.39 -61.77 23.75
C PRO C 208 42.28 -63.23 24.13
N ASP D 22 -11.87 -55.43 88.72
CA ASP D 22 -13.15 -55.40 89.42
C ASP D 22 -14.32 -55.46 88.45
N PRO D 23 -14.43 -54.48 87.53
CA PRO D 23 -15.54 -54.52 86.58
C PRO D 23 -15.55 -55.76 85.72
N TYR D 24 -14.37 -56.30 85.38
CA TYR D 24 -14.28 -57.49 84.54
C TYR D 24 -14.57 -58.77 85.30
N ALA D 25 -14.72 -58.72 86.62
CA ALA D 25 -15.05 -59.89 87.40
C ALA D 25 -16.53 -60.27 87.30
N LYS D 26 -17.37 -59.40 86.73
CA LYS D 26 -18.79 -59.65 86.60
C LYS D 26 -19.21 -59.77 85.13
N LYS D 27 -18.32 -60.28 84.29
CA LYS D 27 -18.57 -60.45 82.86
C LYS D 27 -18.47 -61.92 82.50
N ASP D 28 -19.45 -62.39 81.71
CA ASP D 28 -19.51 -63.78 81.30
C ASP D 28 -19.10 -63.89 79.83
N TRP D 29 -18.23 -64.85 79.54
CA TRP D 29 -17.77 -65.07 78.17
C TRP D 29 -18.77 -65.93 77.41
N TYR D 30 -18.92 -65.63 76.12
CA TYR D 30 -19.81 -66.36 75.24
C TYR D 30 -19.07 -66.72 73.95
N ASP D 31 -19.40 -67.89 73.41
CA ASP D 31 -18.79 -68.36 72.17
C ASP D 31 -19.62 -67.92 70.98
N ILE D 32 -18.93 -67.47 69.93
CA ILE D 32 -19.57 -66.98 68.72
C ILE D 32 -19.64 -68.12 67.71
N LYS D 33 -20.83 -68.35 67.15
CA LYS D 33 -21.06 -69.41 66.19
C LYS D 33 -21.41 -68.82 64.83
N ALA D 34 -20.81 -69.37 63.78
CA ALA D 34 -21.05 -68.94 62.42
C ALA D 34 -22.07 -69.83 61.74
N PRO D 35 -22.74 -69.34 60.70
CA PRO D 35 -23.73 -70.17 60.00
C PRO D 35 -23.08 -71.41 59.40
N SER D 36 -23.94 -72.34 58.99
CA SER D 36 -23.47 -73.60 58.41
C SER D 36 -22.80 -73.41 57.06
N VAL D 37 -22.90 -72.24 56.44
CA VAL D 37 -22.31 -72.03 55.13
C VAL D 37 -20.80 -72.16 55.20
N PHE D 38 -20.19 -71.68 56.28
CA PHE D 38 -18.75 -71.75 56.45
C PHE D 38 -18.35 -73.07 57.12
N GLU D 39 -17.06 -73.36 57.07
CA GLU D 39 -16.55 -74.62 57.62
C GLU D 39 -16.35 -74.53 59.13
N VAL D 40 -15.49 -73.63 59.57
CA VAL D 40 -15.20 -73.49 61.00
C VAL D 40 -16.27 -72.61 61.63
N ARG D 41 -16.92 -73.10 62.67
CA ARG D 41 -17.98 -72.37 63.36
C ARG D 41 -17.52 -71.70 64.64
N ASN D 42 -16.34 -72.05 65.17
CA ASN D 42 -15.82 -71.43 66.38
C ASN D 42 -15.16 -70.12 66.00
N VAL D 43 -16.00 -69.09 65.84
CA VAL D 43 -15.50 -67.79 65.41
C VAL D 43 -14.60 -67.19 66.48
N GLY D 44 -15.03 -67.22 67.74
CA GLY D 44 -14.27 -66.63 68.82
C GLY D 44 -15.09 -66.50 70.08
N LYS D 45 -14.69 -65.57 70.97
CA LYS D 45 -15.36 -65.37 72.24
C LYS D 45 -15.58 -63.88 72.47
N THR D 46 -16.67 -63.57 73.17
CA THR D 46 -17.00 -62.21 73.55
C THR D 46 -17.64 -62.23 74.93
N LEU D 47 -17.39 -61.19 75.72
CA LEU D 47 -17.91 -61.08 77.07
C LEU D 47 -18.94 -59.97 77.16
N VAL D 48 -19.67 -59.96 78.28
CA VAL D 48 -20.70 -58.96 78.54
C VAL D 48 -21.03 -59.00 80.02
N THR D 49 -21.46 -57.86 80.57
CA THR D 49 -21.79 -57.80 81.99
C THR D 49 -22.89 -58.79 82.31
N ARG D 50 -22.78 -59.43 83.47
CA ARG D 50 -23.74 -60.46 83.85
C ARG D 50 -25.13 -59.85 84.01
N THR D 51 -26.14 -60.69 83.79
CA THR D 51 -27.52 -60.23 83.81
C THR D 51 -27.84 -59.57 85.14
N GLN D 52 -28.33 -58.32 85.07
CA GLN D 52 -28.74 -57.58 86.24
C GLN D 52 -30.04 -56.85 85.92
N GLY D 53 -30.76 -56.47 86.97
CA GLY D 53 -32.05 -55.81 86.80
C GLY D 53 -31.98 -54.60 85.89
N THR D 54 -32.86 -54.56 84.89
CA THR D 54 -32.99 -53.52 83.88
C THR D 54 -31.88 -53.59 82.83
N LYS D 55 -30.88 -54.46 82.98
CA LYS D 55 -29.82 -54.67 81.98
C LYS D 55 -29.69 -56.17 81.76
N ILE D 56 -30.48 -56.70 80.82
CA ILE D 56 -30.43 -58.12 80.52
C ILE D 56 -29.20 -58.41 79.66
N ALA D 57 -28.51 -59.51 79.99
CA ALA D 57 -27.29 -59.85 79.27
C ALA D 57 -27.58 -60.14 77.80
N SER D 58 -28.68 -60.83 77.51
CA SER D 58 -28.99 -61.17 76.12
C SER D 58 -29.21 -59.92 75.28
N GLU D 59 -29.77 -58.86 75.88
CA GLU D 59 -29.97 -57.62 75.14
C GLU D 59 -28.65 -56.93 74.81
N GLY D 60 -27.61 -57.11 75.62
CA GLY D 60 -26.33 -56.49 75.34
C GLY D 60 -25.55 -57.17 74.25
N LEU D 61 -25.81 -58.46 74.02
CA LEU D 61 -25.12 -59.21 72.97
C LEU D 61 -25.88 -59.22 71.66
N LYS D 62 -27.18 -58.94 71.67
CA LYS D 62 -27.97 -59.01 70.46
C LYS D 62 -27.56 -57.91 69.49
N HIS D 63 -27.50 -58.26 68.20
CA HIS D 63 -27.13 -57.33 67.14
C HIS D 63 -25.72 -56.79 67.31
N ARG D 64 -24.84 -57.59 67.91
CA ARG D 64 -23.41 -57.26 67.93
C ARG D 64 -22.77 -57.73 66.63
N VAL D 65 -22.04 -56.83 65.99
CA VAL D 65 -21.43 -57.10 64.69
C VAL D 65 -19.99 -57.56 64.91
N PHE D 66 -19.65 -58.72 64.34
CA PHE D 66 -18.31 -59.27 64.41
C PHE D 66 -17.71 -59.32 63.01
N GLU D 67 -16.54 -58.73 62.85
CA GLU D 67 -15.83 -58.72 61.57
C GLU D 67 -14.66 -59.69 61.68
N VAL D 68 -14.75 -60.82 60.98
CA VAL D 68 -13.74 -61.87 61.04
C VAL D 68 -13.34 -62.25 59.62
N SER D 69 -12.06 -62.54 59.44
CA SER D 69 -11.54 -62.87 58.12
C SER D 69 -12.16 -64.15 57.59
N LEU D 70 -12.37 -64.19 56.28
CA LEU D 70 -12.89 -65.40 55.65
C LEU D 70 -11.88 -66.54 55.68
N ALA D 71 -10.59 -66.24 55.87
CA ALA D 71 -9.60 -67.28 56.03
C ALA D 71 -9.78 -68.04 57.34
N ASP D 72 -10.40 -67.43 58.34
CA ASP D 72 -10.68 -68.13 59.59
C ASP D 72 -11.94 -68.97 59.47
N LEU D 73 -13.01 -68.40 58.91
CA LEU D 73 -14.24 -69.15 58.74
C LEU D 73 -14.06 -70.31 57.78
N GLN D 74 -13.27 -70.12 56.73
CA GLN D 74 -13.06 -71.14 55.72
C GLN D 74 -11.76 -71.92 55.93
N ASN D 75 -10.92 -71.50 56.87
CA ASN D 75 -9.65 -72.17 57.14
C ASN D 75 -8.82 -72.31 55.87
N ASP D 76 -8.81 -71.25 55.07
CA ASP D 76 -8.07 -71.21 53.81
C ASP D 76 -7.36 -69.87 53.71
N GLU D 77 -6.04 -69.90 53.62
CA GLU D 77 -5.27 -68.66 53.58
C GLU D 77 -5.43 -67.91 52.27
N ASP D 78 -5.99 -68.55 51.23
CA ASP D 78 -6.25 -67.85 49.98
C ASP D 78 -7.36 -66.82 50.11
N HIS D 79 -8.22 -66.96 51.11
CA HIS D 79 -9.32 -66.04 51.35
C HIS D 79 -9.00 -64.98 52.38
N SER D 80 -7.71 -64.78 52.69
CA SER D 80 -7.34 -63.78 53.69
C SER D 80 -7.75 -62.37 53.28
N PHE D 81 -8.00 -62.13 52.00
CA PHE D 81 -8.32 -60.80 51.51
C PHE D 81 -9.76 -60.39 51.77
N ARG D 82 -10.62 -61.32 52.16
CA ARG D 82 -12.05 -61.05 52.33
C ARG D 82 -12.42 -61.07 53.79
N LYS D 83 -13.24 -60.09 54.20
CA LYS D 83 -13.75 -59.99 55.56
C LYS D 83 -15.26 -60.21 55.55
N ILE D 84 -15.75 -60.89 56.56
CA ILE D 84 -17.18 -61.23 56.68
C ILE D 84 -17.75 -60.52 57.89
N ARG D 85 -18.92 -59.92 57.71
CA ARG D 85 -19.64 -59.24 58.78
C ARG D 85 -20.69 -60.19 59.32
N LEU D 86 -20.55 -60.57 60.59
CA LEU D 86 -21.49 -61.44 61.27
C LEU D 86 -22.14 -60.66 62.41
N ARG D 87 -23.47 -60.67 62.46
CA ARG D 87 -24.20 -60.02 63.54
C ARG D 87 -24.95 -61.08 64.35
N ALA D 88 -24.97 -60.90 65.66
CA ALA D 88 -25.62 -61.86 66.55
C ALA D 88 -27.13 -61.75 66.42
N GLU D 89 -27.78 -62.89 66.16
CA GLU D 89 -29.24 -62.94 66.09
C GLU D 89 -29.83 -63.37 67.42
N ASP D 90 -29.42 -64.53 67.93
CA ASP D 90 -29.90 -65.07 69.19
C ASP D 90 -28.77 -65.54 70.10
N VAL D 91 -29.12 -65.77 71.37
CA VAL D 91 -28.18 -66.25 72.38
C VAL D 91 -28.83 -67.45 73.06
N GLN D 92 -28.46 -68.65 72.61
CA GLN D 92 -28.97 -69.90 73.18
C GLN D 92 -27.94 -70.40 74.19
N GLY D 93 -28.24 -70.22 75.48
CA GLY D 93 -27.32 -70.62 76.52
C GLY D 93 -26.07 -69.77 76.55
N ARG D 94 -24.93 -70.37 76.21
CA ARG D 94 -23.66 -69.66 76.17
C ARG D 94 -23.19 -69.35 74.75
N ASN D 95 -23.84 -69.89 73.73
CA ASN D 95 -23.45 -69.66 72.35
C ASN D 95 -24.24 -68.49 71.77
N VAL D 96 -23.55 -67.68 70.97
CA VAL D 96 -24.15 -66.55 70.27
C VAL D 96 -24.29 -66.94 68.81
N LEU D 97 -25.52 -67.08 68.34
CA LEU D 97 -25.78 -67.47 66.96
C LEU D 97 -25.78 -66.24 66.07
N THR D 98 -24.87 -66.20 65.10
CA THR D 98 -24.71 -65.08 64.20
C THR D 98 -25.24 -65.44 62.81
N ASN D 99 -25.24 -64.45 61.93
CA ASN D 99 -25.67 -64.65 60.55
C ASN D 99 -24.93 -63.68 59.66
N PHE D 100 -24.87 -64.01 58.37
CA PHE D 100 -24.16 -63.18 57.41
C PHE D 100 -24.75 -61.77 57.39
N HIS D 101 -23.89 -60.76 57.49
CA HIS D 101 -24.32 -59.36 57.53
C HIS D 101 -23.47 -58.51 56.60
N GLY D 102 -22.94 -59.10 55.54
CA GLY D 102 -22.15 -58.38 54.57
C GLY D 102 -20.69 -58.81 54.58
N MET D 103 -19.98 -58.36 53.54
CA MET D 103 -18.56 -58.66 53.39
C MET D 103 -17.89 -57.49 52.70
N ASP D 104 -16.57 -57.44 52.81
CA ASP D 104 -15.79 -56.37 52.21
C ASP D 104 -14.35 -56.84 52.06
N PHE D 105 -13.60 -56.15 51.21
CA PHE D 105 -12.18 -56.40 51.07
C PHE D 105 -11.39 -55.77 52.21
N THR D 106 -10.20 -56.29 52.44
CA THR D 106 -9.24 -55.61 53.29
C THR D 106 -8.65 -54.41 52.56
N THR D 107 -8.15 -53.45 53.34
CA THR D 107 -7.59 -52.25 52.73
C THR D 107 -6.38 -52.57 51.85
N ASP D 108 -5.55 -53.51 52.29
CA ASP D 108 -4.36 -53.86 51.50
C ASP D 108 -4.74 -54.52 50.18
N LYS D 109 -5.78 -55.35 50.19
CA LYS D 109 -6.19 -56.05 48.97
C LYS D 109 -6.57 -55.06 47.87
N LEU D 110 -7.47 -54.13 48.19
CA LEU D 110 -7.94 -53.19 47.19
C LEU D 110 -6.81 -52.32 46.68
N ARG D 111 -5.95 -51.84 47.58
CA ARG D 111 -4.85 -50.98 47.17
C ARG D 111 -3.83 -51.70 46.31
N SER D 112 -3.77 -53.03 46.38
CA SER D 112 -2.86 -53.77 45.52
C SER D 112 -3.41 -53.97 44.11
N LEU D 113 -4.74 -53.92 43.94
CA LEU D 113 -5.35 -54.12 42.64
C LEU D 113 -5.40 -52.83 41.82
N VAL D 114 -5.46 -51.67 42.46
CA VAL D 114 -5.59 -50.39 41.75
C VAL D 114 -4.20 -49.97 41.32
N LYS D 115 -3.94 -50.05 40.02
CA LYS D 115 -2.63 -49.73 39.46
C LYS D 115 -2.78 -48.73 38.32
N LYS D 116 -1.69 -48.01 38.06
CA LYS D 116 -1.65 -47.08 36.96
C LYS D 116 -1.64 -47.82 35.62
N TRP D 117 -1.94 -47.08 34.56
CA TRP D 117 -1.88 -47.55 33.18
C TRP D 117 -2.92 -48.63 32.87
N GLN D 118 -3.99 -48.68 33.65
CA GLN D 118 -5.10 -49.58 33.38
C GLN D 118 -6.39 -48.90 33.80
N SER D 119 -7.50 -49.38 33.24
CA SER D 119 -8.81 -48.83 33.53
C SER D 119 -9.45 -49.57 34.69
N LEU D 120 -10.10 -48.80 35.58
CA LEU D 120 -10.85 -49.35 36.70
C LEU D 120 -12.33 -49.22 36.40
N ILE D 121 -13.08 -50.32 36.57
CA ILE D 121 -14.50 -50.36 36.29
C ILE D 121 -15.21 -50.81 37.55
N GLU D 122 -16.16 -50.01 38.02
CA GLU D 122 -16.93 -50.30 39.23
C GLU D 122 -18.41 -50.23 38.93
N ALA D 123 -19.18 -51.06 39.63
CA ALA D 123 -20.62 -51.09 39.46
C ALA D 123 -21.26 -51.48 40.79
N HIS D 124 -22.47 -50.97 41.01
CA HIS D 124 -23.26 -51.32 42.18
C HIS D 124 -24.69 -51.59 41.74
N VAL D 125 -25.42 -52.34 42.55
CA VAL D 125 -26.80 -52.66 42.24
C VAL D 125 -27.54 -53.05 43.51
N ASP D 126 -28.78 -52.59 43.65
CA ASP D 126 -29.64 -52.98 44.75
C ASP D 126 -30.57 -54.10 44.29
N VAL D 127 -30.58 -55.21 45.03
CA VAL D 127 -31.34 -56.39 44.65
C VAL D 127 -31.97 -56.99 45.91
N LYS D 128 -33.06 -57.72 45.71
CA LYS D 128 -33.77 -58.40 46.79
C LYS D 128 -33.74 -59.90 46.53
N THR D 129 -33.30 -60.67 47.53
CA THR D 129 -33.26 -62.12 47.41
C THR D 129 -34.66 -62.69 47.65
N THR D 130 -34.75 -64.01 47.58
CA THR D 130 -36.02 -64.68 47.85
C THR D 130 -36.39 -64.67 49.34
N ASP D 131 -35.45 -64.31 50.21
CA ASP D 131 -35.70 -64.23 51.64
C ASP D 131 -36.01 -62.80 52.09
N SER D 132 -36.35 -61.92 51.16
CA SER D 132 -36.66 -60.52 51.45
C SER D 132 -35.46 -59.75 51.97
N TYR D 133 -34.24 -60.24 51.75
CA TYR D 133 -33.03 -59.50 52.08
C TYR D 133 -32.72 -58.52 50.97
N THR D 134 -32.62 -57.23 51.32
CA THR D 134 -32.27 -56.19 50.38
C THR D 134 -30.77 -55.96 50.45
N LEU D 135 -30.06 -56.30 49.38
CA LEU D 135 -28.60 -56.18 49.31
C LEU D 135 -28.21 -55.03 48.41
N ARG D 136 -26.94 -54.63 48.52
CA ARG D 136 -26.32 -53.67 47.61
C ARG D 136 -24.93 -54.21 47.31
N MET D 137 -24.80 -54.93 46.19
CA MET D 137 -23.55 -55.54 45.80
C MET D 137 -22.70 -54.55 45.01
N PHE D 138 -21.41 -54.50 45.32
CA PHE D 138 -20.45 -53.65 44.62
C PHE D 138 -19.48 -54.54 43.88
N CYS D 139 -19.37 -54.35 42.57
CA CYS D 139 -18.45 -55.09 41.72
C CYS D 139 -17.27 -54.21 41.34
N ILE D 140 -16.15 -54.87 41.01
CA ILE D 140 -14.95 -54.17 40.57
C ILE D 140 -14.23 -55.05 39.56
N ALA D 141 -13.59 -54.41 38.59
CA ALA D 141 -12.82 -55.12 37.58
C ALA D 141 -11.79 -54.18 36.99
N PHE D 142 -10.79 -54.78 36.32
CA PHE D 142 -9.72 -54.02 35.71
C PHE D 142 -9.44 -54.58 34.33
N THR D 143 -9.01 -53.71 33.43
CA THR D 143 -8.65 -54.15 32.08
C THR D 143 -7.38 -54.97 32.11
N LYS D 144 -7.30 -55.93 31.20
CA LYS D 144 -6.21 -56.91 31.16
C LYS D 144 -5.45 -56.80 29.85
N LYS D 145 -4.12 -56.86 29.93
CA LYS D 145 -3.30 -56.88 28.74
C LYS D 145 -3.31 -58.26 28.09
N ARG D 146 -3.08 -58.28 26.78
CA ARG D 146 -2.88 -59.52 26.07
C ARG D 146 -1.42 -59.95 26.16
N PRO D 147 -1.14 -61.24 26.00
CA PRO D 147 0.27 -61.70 26.13
C PRO D 147 1.22 -61.02 25.17
N ASN D 148 0.78 -60.70 23.95
CA ASN D 148 1.64 -60.12 22.94
C ASN D 148 1.51 -58.59 22.87
N GLN D 149 0.76 -57.98 23.77
CA GLN D 149 0.54 -56.55 23.71
C GLN D 149 1.86 -55.80 23.88
N GLN D 150 2.05 -54.76 23.06
CA GLN D 150 3.26 -53.96 23.09
C GLN D 150 3.06 -52.60 23.74
N LYS D 151 1.92 -51.95 23.52
CA LYS D 151 1.66 -50.66 24.15
C LYS D 151 1.51 -50.83 25.66
N ARG D 152 1.94 -49.80 26.39
CA ARG D 152 2.09 -49.93 27.83
C ARG D 152 0.74 -49.87 28.57
N THR D 153 -0.25 -49.21 28.01
CA THR D 153 -1.54 -49.06 28.68
C THR D 153 -2.57 -50.03 28.11
N CYS D 154 -3.59 -50.32 28.91
CA CYS D 154 -4.71 -51.17 28.51
C CYS D 154 -6.03 -50.46 28.84
N TYR D 155 -6.10 -49.18 28.47
CA TYR D 155 -7.30 -48.39 28.71
C TYR D 155 -8.45 -48.85 27.82
N ALA D 156 -9.66 -48.77 28.35
CA ALA D 156 -10.87 -49.02 27.58
C ALA D 156 -11.59 -47.71 27.33
N GLN D 157 -12.26 -47.62 26.19
CA GLN D 157 -13.04 -46.44 25.85
C GLN D 157 -14.25 -46.32 26.77
N SER D 158 -14.67 -45.09 27.02
CA SER D 158 -15.77 -44.84 27.94
C SER D 158 -17.04 -45.57 27.50
N SER D 159 -17.26 -45.67 26.20
CA SER D 159 -18.39 -46.43 25.69
C SER D 159 -18.25 -47.91 26.04
N GLN D 160 -17.04 -48.46 25.93
CA GLN D 160 -16.80 -49.84 26.32
C GLN D 160 -16.99 -50.02 27.82
N ILE D 161 -16.57 -49.03 28.62
CA ILE D 161 -16.74 -49.12 30.07
C ILE D 161 -18.23 -49.19 30.42
N ARG D 162 -19.05 -48.38 29.75
CA ARG D 162 -20.48 -48.41 30.03
C ARG D 162 -21.11 -49.74 29.61
N GLN D 163 -20.64 -50.33 28.51
CA GLN D 163 -21.13 -51.65 28.13
C GLN D 163 -20.75 -52.70 29.16
N ILE D 164 -19.51 -52.67 29.65
CA ILE D 164 -19.08 -53.61 30.67
C ILE D 164 -19.87 -53.40 31.96
N ARG D 165 -20.00 -52.14 32.38
CA ARG D 165 -20.74 -51.86 33.61
C ARG D 165 -22.18 -52.31 33.50
N ARG D 166 -22.75 -52.25 32.30
CA ARG D 166 -24.13 -52.69 32.11
C ARG D 166 -24.25 -54.19 32.31
N LYS D 167 -23.27 -54.97 31.84
CA LYS D 167 -23.31 -56.41 32.01
C LYS D 167 -23.02 -56.82 33.45
N MET D 168 -22.17 -56.08 34.16
CA MET D 168 -21.97 -56.34 35.58
C MET D 168 -23.30 -56.25 36.34
N VAL D 169 -24.05 -55.17 36.10
CA VAL D 169 -25.31 -54.97 36.81
C VAL D 169 -26.30 -56.07 36.45
N GLU D 170 -26.39 -56.42 35.16
CA GLU D 170 -27.35 -57.42 34.74
C GLU D 170 -27.06 -58.77 35.37
N ILE D 171 -25.79 -59.18 35.39
CA ILE D 171 -25.44 -60.48 35.95
C ILE D 171 -25.65 -60.49 37.45
N MET D 172 -25.31 -59.40 38.14
CA MET D 172 -25.47 -59.36 39.58
C MET D 172 -26.94 -59.47 39.97
N ARG D 173 -27.83 -58.82 39.22
CA ARG D 173 -29.26 -58.94 39.50
C ARG D 173 -29.72 -60.39 39.39
N ASN D 174 -29.32 -61.06 38.29
CA ASN D 174 -29.81 -62.41 38.04
C ASN D 174 -29.36 -63.40 39.10
N GLN D 175 -28.12 -63.25 39.59
CA GLN D 175 -27.60 -64.21 40.56
C GLN D 175 -28.19 -64.01 41.95
N ALA D 176 -28.63 -62.80 42.27
CA ALA D 176 -29.17 -62.51 43.60
C ALA D 176 -30.70 -62.53 43.63
N GLN D 177 -31.35 -62.15 42.54
CA GLN D 177 -32.81 -62.09 42.53
C GLN D 177 -33.45 -63.47 42.57
N SER D 178 -32.69 -64.52 42.24
CA SER D 178 -33.22 -65.89 42.20
C SER D 178 -32.90 -66.68 43.45
N CYS D 179 -31.66 -66.60 43.93
CA CYS D 179 -31.22 -67.39 45.08
C CYS D 179 -31.52 -66.66 46.38
N ASP D 180 -31.55 -67.44 47.46
CA ASP D 180 -31.74 -66.89 48.80
C ASP D 180 -30.40 -66.45 49.38
N LEU D 181 -30.43 -65.87 50.57
CA LEU D 181 -29.21 -65.35 51.17
C LEU D 181 -28.19 -66.46 51.42
N LYS D 182 -28.66 -67.61 51.91
CA LYS D 182 -27.74 -68.72 52.17
C LYS D 182 -27.07 -69.17 50.88
N ASP D 183 -27.87 -69.42 49.84
CA ASP D 183 -27.31 -69.86 48.56
C ASP D 183 -26.49 -68.76 47.90
N LEU D 184 -26.83 -67.49 48.13
CA LEU D 184 -26.06 -66.40 47.55
C LEU D 184 -24.67 -66.30 48.19
N VAL D 185 -24.59 -66.45 49.51
CA VAL D 185 -23.30 -66.40 50.19
C VAL D 185 -22.42 -67.54 49.72
N LEU D 186 -23.00 -68.70 49.45
CA LEU D 186 -22.21 -69.83 48.96
C LEU D 186 -21.53 -69.52 47.63
N LYS D 187 -22.03 -68.54 46.88
CA LYS D 187 -21.40 -68.13 45.64
C LYS D 187 -20.26 -67.14 45.85
N PHE D 188 -20.26 -66.41 46.97
CA PHE D 188 -19.20 -65.45 47.22
C PHE D 188 -17.89 -66.10 47.62
N ILE D 189 -17.94 -67.29 48.23
CA ILE D 189 -16.73 -67.97 48.69
C ILE D 189 -15.90 -68.41 47.49
N PRO D 190 -16.46 -69.13 46.52
CA PRO D 190 -15.68 -69.47 45.31
C PRO D 190 -15.63 -68.36 44.28
N GLU D 191 -16.33 -67.24 44.49
CA GLU D 191 -16.40 -66.14 43.54
C GLU D 191 -16.91 -66.63 42.18
N SER D 192 -18.05 -67.33 42.24
CA SER D 192 -18.70 -67.76 41.00
C SER D 192 -19.21 -66.57 40.20
N ILE D 193 -19.76 -65.57 40.89
CA ILE D 193 -20.29 -64.40 40.19
C ILE D 193 -19.18 -63.65 39.46
N GLY D 194 -17.99 -63.57 40.06
CA GLY D 194 -16.89 -62.89 39.41
C GLY D 194 -16.46 -63.58 38.12
N ARG D 195 -16.50 -64.91 38.08
CA ARG D 195 -16.13 -65.62 36.86
C ARG D 195 -17.15 -65.43 35.76
N GLU D 196 -18.44 -65.44 36.11
CA GLU D 196 -19.48 -65.24 35.10
C GLU D 196 -19.39 -63.85 34.49
N ILE D 197 -19.12 -62.83 35.30
CA ILE D 197 -18.95 -61.49 34.77
C ILE D 197 -17.75 -61.44 33.84
N GLU D 198 -16.64 -62.06 34.23
CA GLU D 198 -15.45 -62.07 33.38
C GLU D 198 -15.66 -62.85 32.09
N LYS D 199 -16.58 -63.81 32.09
CA LYS D 199 -16.84 -64.59 30.89
C LYS D 199 -17.79 -63.88 29.93
N ALA D 200 -18.70 -63.06 30.45
CA ALA D 200 -19.66 -62.36 29.60
C ALA D 200 -19.09 -61.07 29.02
N THR D 201 -18.15 -60.43 29.70
CA THR D 201 -17.58 -59.16 29.25
C THR D 201 -16.34 -59.35 28.40
N SER D 202 -15.86 -60.59 28.22
CA SER D 202 -14.65 -60.80 27.45
C SER D 202 -14.83 -60.39 25.99
N SER D 203 -16.04 -60.51 25.46
CA SER D 203 -16.31 -60.07 24.10
C SER D 203 -16.23 -58.55 23.96
N ILE D 204 -16.34 -57.81 25.05
CA ILE D 204 -16.21 -56.37 25.02
C ILE D 204 -14.77 -55.94 25.27
N PHE D 205 -14.17 -56.43 26.34
CA PHE D 205 -12.80 -56.11 26.69
C PHE D 205 -12.31 -57.14 27.71
N PRO D 206 -11.12 -57.72 27.53
CA PRO D 206 -10.63 -58.67 28.54
C PRO D 206 -10.44 -58.00 29.89
N LEU D 207 -10.87 -58.69 30.95
CA LEU D 207 -10.83 -58.15 32.30
C LEU D 207 -10.04 -59.08 33.21
N GLN D 208 -9.51 -58.51 34.28
CA GLN D 208 -8.79 -59.26 35.30
C GLN D 208 -9.23 -58.79 36.67
N ASN D 209 -9.11 -59.67 37.66
CA ASN D 209 -9.43 -59.34 39.05
C ASN D 209 -10.87 -58.86 39.18
N VAL D 210 -11.80 -59.65 38.65
CA VAL D 210 -13.23 -59.35 38.74
C VAL D 210 -13.74 -59.93 40.05
N PHE D 211 -14.12 -59.05 40.98
CA PHE D 211 -14.56 -59.45 42.30
C PHE D 211 -15.84 -58.72 42.67
N ILE D 212 -16.57 -59.30 43.62
CA ILE D 212 -17.64 -58.60 44.33
C ILE D 212 -16.97 -57.92 45.51
N ARG D 213 -16.64 -56.64 45.35
CA ARG D 213 -15.81 -55.95 46.34
C ARG D 213 -16.50 -55.88 47.70
N LYS D 214 -17.80 -55.59 47.72
CA LYS D 214 -18.49 -55.32 48.97
C LYS D 214 -19.96 -55.68 48.82
N VAL D 215 -20.56 -56.11 49.93
CA VAL D 215 -21.98 -56.42 50.00
C VAL D 215 -22.55 -55.78 51.25
N LYS D 216 -23.58 -54.97 51.09
CA LYS D 216 -24.28 -54.35 52.21
C LYS D 216 -25.66 -54.97 52.37
N ILE D 217 -26.10 -55.07 53.62
CA ILE D 217 -27.47 -55.49 53.94
C ILE D 217 -28.25 -54.22 54.25
N LEU D 218 -29.17 -53.86 53.35
CA LEU D 218 -29.94 -52.64 53.54
C LEU D 218 -31.16 -52.88 54.43
N LYS D 219 -31.92 -53.93 54.13
CA LYS D 219 -33.13 -54.26 54.89
C LYS D 219 -33.18 -55.76 55.08
N ALA D 220 -33.10 -56.21 56.34
CA ALA D 220 -33.23 -57.62 56.65
C ALA D 220 -34.62 -57.91 57.19
N PRO D 221 -35.19 -59.08 56.89
CA PRO D 221 -36.51 -59.39 57.44
C PRO D 221 -36.46 -59.52 58.96
N LYS D 222 -37.59 -59.22 59.60
CA LYS D 222 -37.65 -59.30 61.05
C LYS D 222 -37.28 -60.70 61.52
N PHE D 223 -36.72 -60.76 62.73
CA PHE D 223 -36.14 -62.00 63.22
C PHE D 223 -37.17 -63.13 63.23
N ASP D 224 -36.70 -64.33 62.89
CA ASP D 224 -37.53 -65.53 62.92
C ASP D 224 -36.63 -66.69 63.35
N LEU D 225 -36.80 -67.15 64.59
CA LEU D 225 -35.92 -68.18 65.13
C LEU D 225 -35.94 -69.44 64.28
N GLY D 226 -37.08 -69.74 63.66
CA GLY D 226 -37.17 -70.96 62.87
C GLY D 226 -36.16 -70.99 61.72
N ARG D 227 -36.00 -69.86 61.02
CA ARG D 227 -35.07 -69.83 59.91
C ARG D 227 -33.63 -69.74 60.38
N LEU D 228 -33.39 -69.13 61.54
CA LEU D 228 -32.04 -69.02 62.07
C LEU D 228 -31.44 -70.40 62.34
N MET D 229 -32.23 -71.30 62.92
CA MET D 229 -31.72 -72.62 63.27
C MET D 229 -31.54 -73.53 62.06
N GLU D 230 -32.01 -73.12 60.87
CA GLU D 230 -31.80 -73.93 59.67
C GLU D 230 -30.32 -74.00 59.33
N VAL D 231 -29.57 -72.92 59.58
CA VAL D 231 -28.15 -72.86 59.26
C VAL D 231 -27.29 -73.04 60.50
N HIS D 232 -27.89 -73.43 61.63
CA HIS D 232 -27.16 -73.67 62.87
C HIS D 232 -27.57 -75.01 63.45
N GLY D 233 -26.60 -75.73 63.99
CA GLY D 233 -26.85 -77.02 64.61
C GLY D 233 -27.05 -76.94 66.10
N ASP D 234 -27.19 -78.11 66.72
CA ASP D 234 -27.38 -78.21 68.17
C ASP D 234 -26.02 -78.16 68.83
N TYR D 235 -25.57 -76.95 69.15
CA TYR D 235 -24.26 -76.78 69.76
C TYR D 235 -24.25 -77.29 71.20
N SER D 236 -25.42 -77.64 71.74
CA SER D 236 -25.55 -78.19 73.08
C SER D 236 -24.37 -79.07 73.47
N ALA E 2 -11.44 43.56 -6.54
CA ALA E 2 -11.40 44.96 -7.05
C ALA E 2 -12.81 45.52 -7.20
N ARG E 3 -12.93 46.85 -7.16
CA ARG E 3 -14.19 47.53 -7.34
C ARG E 3 -14.46 47.92 -8.78
N GLY E 4 -13.59 47.54 -9.70
CA GLY E 4 -13.79 47.83 -11.10
C GLY E 4 -12.71 47.28 -12.01
N LEU E 5 -12.24 48.10 -12.96
CA LEU E 5 -11.32 47.66 -13.99
C LEU E 5 -9.88 47.96 -13.59
N LYS E 6 -9.00 46.99 -13.82
CA LYS E 6 -7.58 47.15 -13.55
C LYS E 6 -6.91 47.89 -14.72
N LYS E 7 -6.13 48.92 -14.39
CA LYS E 7 -5.48 49.76 -15.38
C LYS E 7 -3.99 49.51 -15.50
N HIS E 8 -3.43 48.64 -14.66
CA HIS E 8 -2.00 48.40 -14.62
C HIS E 8 -1.72 46.94 -14.96
N LEU E 9 -0.54 46.71 -15.54
CA LEU E 9 -0.06 45.36 -15.82
C LEU E 9 1.34 45.23 -15.22
N LYS E 10 1.47 44.40 -14.20
CA LYS E 10 2.77 44.15 -13.62
C LYS E 10 3.67 43.42 -14.62
N ARG E 11 4.95 43.77 -14.61
CA ARG E 11 5.84 43.32 -15.66
C ARG E 11 5.95 41.80 -15.71
N LEU E 12 5.99 41.15 -14.54
CA LEU E 12 6.05 39.70 -14.50
C LEU E 12 4.76 39.03 -14.92
N ASN E 13 3.64 39.76 -14.96
CA ASN E 13 2.37 39.21 -15.40
C ASN E 13 2.12 39.44 -16.89
N ALA E 14 3.01 40.15 -17.58
CA ALA E 14 2.85 40.38 -19.00
C ALA E 14 3.10 39.10 -19.78
N PRO E 15 2.54 38.98 -20.98
CA PRO E 15 2.74 37.76 -21.77
C PRO E 15 4.22 37.51 -22.03
N LYS E 16 4.61 36.23 -21.97
CA LYS E 16 6.02 35.89 -22.08
C LYS E 16 6.57 36.18 -23.48
N HIS E 17 5.72 36.06 -24.52
CA HIS E 17 6.22 36.26 -25.88
C HIS E 17 6.61 37.70 -26.16
N TRP E 18 6.28 38.64 -25.27
CA TRP E 18 6.81 40.00 -25.40
C TRP E 18 8.29 40.07 -25.12
N MET E 19 8.84 39.11 -24.36
CA MET E 19 10.26 39.05 -24.07
C MET E 19 10.74 40.32 -23.37
N LEU E 20 10.02 40.73 -22.33
CA LEU E 20 10.41 41.86 -21.52
C LEU E 20 11.35 41.41 -20.40
N ASP E 21 12.42 42.17 -20.20
CA ASP E 21 13.37 41.87 -19.13
C ASP E 21 12.72 42.10 -17.77
N LYS E 22 12.95 41.18 -16.83
CA LYS E 22 12.23 41.22 -15.56
C LYS E 22 12.70 42.38 -14.68
N LEU E 23 13.93 42.84 -14.84
CA LEU E 23 14.44 43.94 -14.05
C LEU E 23 14.33 45.29 -14.77
N GLY E 24 13.61 45.35 -15.89
CA GLY E 24 13.45 46.61 -16.61
C GLY E 24 12.52 47.58 -15.93
N GLY E 25 11.72 47.12 -14.98
CA GLY E 25 10.79 47.99 -14.28
C GLY E 25 9.70 47.17 -13.62
N ALA E 26 8.89 47.87 -12.84
CA ALA E 26 7.80 47.21 -12.13
C ALA E 26 6.59 46.94 -13.00
N PHE E 27 6.44 47.65 -14.11
CA PHE E 27 5.24 47.61 -14.93
C PHE E 27 5.57 47.30 -16.37
N ALA E 28 4.58 46.79 -17.08
CA ALA E 28 4.60 46.57 -18.51
C ALA E 28 3.44 47.34 -19.14
N PRO E 29 3.50 47.62 -20.44
CA PRO E 29 2.40 48.36 -21.08
C PRO E 29 1.11 47.56 -21.02
N LYS E 30 0.07 48.19 -20.46
CA LYS E 30 -1.23 47.55 -20.37
C LYS E 30 -1.94 47.70 -21.71
N PRO E 31 -2.19 46.61 -22.44
CA PRO E 31 -2.79 46.76 -23.77
C PRO E 31 -4.17 47.40 -23.69
N SER E 32 -4.40 48.37 -24.56
CA SER E 32 -5.70 49.00 -24.64
C SER E 32 -6.72 48.03 -25.23
N SER E 33 -8.00 48.32 -25.01
CA SER E 33 -9.05 47.60 -25.70
C SER E 33 -8.92 47.83 -27.20
N GLY E 34 -9.24 46.81 -27.98
CA GLY E 34 -9.12 46.90 -29.41
C GLY E 34 -9.46 45.61 -30.11
N PRO E 35 -9.09 45.51 -31.39
CA PRO E 35 -9.52 44.34 -32.19
C PRO E 35 -9.03 43.01 -31.65
N HIS E 36 -7.85 42.98 -31.02
CA HIS E 36 -7.26 41.74 -30.54
C HIS E 36 -7.26 41.69 -29.02
N LYS E 37 -7.21 40.47 -28.50
CA LYS E 37 -7.16 40.28 -27.05
C LYS E 37 -5.81 40.72 -26.51
N SER E 38 -5.80 41.13 -25.24
CA SER E 38 -4.60 41.66 -24.63
C SER E 38 -3.48 40.63 -24.52
N ARG E 39 -3.82 39.34 -24.43
CA ARG E 39 -2.82 38.29 -24.35
C ARG E 39 -2.34 37.79 -25.70
N GLU E 40 -2.95 38.24 -26.79
CA GLU E 40 -2.62 37.79 -28.14
C GLU E 40 -2.38 38.99 -29.05
N CYS E 41 -1.62 39.96 -28.56
CA CYS E 41 -1.39 41.19 -29.30
C CYS E 41 0.05 41.64 -29.07
N LEU E 42 0.42 42.74 -29.72
CA LEU E 42 1.72 43.37 -29.54
C LEU E 42 1.50 44.87 -29.55
N PRO E 43 1.50 45.52 -28.38
CA PRO E 43 1.27 46.96 -28.34
C PRO E 43 2.30 47.73 -29.16
N LEU E 44 1.86 48.85 -29.73
CA LEU E 44 2.72 49.62 -30.60
C LEU E 44 3.99 50.08 -29.88
N VAL E 45 3.91 50.29 -28.57
CA VAL E 45 5.10 50.72 -27.83
C VAL E 45 6.17 49.65 -27.87
N ILE E 46 5.78 48.38 -27.73
CA ILE E 46 6.74 47.30 -27.84
C ILE E 46 7.33 47.25 -29.25
N ILE E 47 6.49 47.42 -30.27
CA ILE E 47 6.96 47.34 -31.65
C ILE E 47 7.96 48.44 -31.95
N LEU E 48 7.65 49.67 -31.56
CA LEU E 48 8.49 50.81 -31.94
C LEU E 48 9.75 50.91 -31.12
N ARG E 49 9.73 50.46 -29.86
CA ARG E 49 10.86 50.63 -28.95
C ARG E 49 11.66 49.35 -28.78
N ASN E 50 11.00 48.22 -28.59
CA ASN E 50 11.69 46.97 -28.27
C ASN E 50 12.03 46.15 -29.50
N ARG E 51 11.23 46.23 -30.55
CA ARG E 51 11.45 45.44 -31.76
C ARG E 51 12.19 46.20 -32.85
N LEU E 52 11.79 47.45 -33.12
CA LEU E 52 12.38 48.22 -34.20
C LEU E 52 13.44 49.21 -33.75
N LYS E 53 13.50 49.54 -32.46
CA LYS E 53 14.50 50.41 -31.87
C LYS E 53 14.38 51.86 -32.33
N TYR E 54 13.29 52.23 -33.03
CA TYR E 54 13.12 53.61 -33.44
C TYR E 54 13.02 54.53 -32.24
N ALA E 55 12.32 54.10 -31.18
CA ALA E 55 12.22 54.84 -29.95
C ALA E 55 13.13 54.21 -28.90
N LEU E 56 13.75 55.05 -28.08
CA LEU E 56 14.59 54.59 -26.99
C LEU E 56 13.87 54.54 -25.65
N THR E 57 12.76 55.27 -25.51
CA THR E 57 12.05 55.36 -24.24
C THR E 57 10.56 55.38 -24.50
N TYR E 58 9.80 55.20 -23.42
CA TYR E 58 8.35 55.32 -23.47
C TYR E 58 7.92 56.67 -24.04
N ARG E 59 8.63 57.73 -23.66
CA ARG E 59 8.29 59.07 -24.11
C ARG E 59 8.44 59.21 -25.62
N GLU E 60 9.52 58.65 -26.19
CA GLU E 60 9.78 58.83 -27.62
C GLU E 60 8.75 58.12 -28.48
N VAL E 61 8.17 57.02 -28.00
CA VAL E 61 7.10 56.36 -28.75
C VAL E 61 5.91 57.30 -28.91
N ILE E 62 5.59 58.05 -27.86
CA ILE E 62 4.49 59.00 -27.94
C ILE E 62 4.77 60.06 -28.99
N SER E 63 6.00 60.55 -29.05
CA SER E 63 6.35 61.55 -30.05
C SER E 63 6.15 61.01 -31.45
N ILE E 64 6.58 59.77 -31.70
CA ILE E 64 6.44 59.19 -33.04
C ILE E 64 4.97 59.06 -33.41
N LEU E 65 4.15 58.54 -32.49
CA LEU E 65 2.74 58.31 -32.79
C LEU E 65 1.97 59.62 -32.90
N MET E 66 2.32 60.61 -32.08
CA MET E 66 1.59 61.87 -32.12
C MET E 66 1.91 62.71 -33.35
N GLN E 67 2.95 62.36 -34.10
CA GLN E 67 3.19 62.95 -35.40
C GLN E 67 2.41 62.26 -36.51
N ARG E 68 1.65 61.22 -36.18
CA ARG E 68 0.80 60.52 -37.15
C ARG E 68 1.64 59.78 -38.19
N GLN E 69 2.74 59.17 -37.74
CA GLN E 69 3.68 58.52 -38.62
C GLN E 69 3.48 57.00 -38.71
N VAL E 70 2.59 56.42 -37.92
CA VAL E 70 2.39 54.99 -37.88
C VAL E 70 0.92 54.68 -38.19
N MET E 71 0.71 53.67 -39.03
CA MET E 71 -0.63 53.26 -39.43
C MET E 71 -0.77 51.76 -39.20
N VAL E 72 -1.96 51.34 -38.76
CA VAL E 72 -2.28 49.94 -38.56
C VAL E 72 -3.53 49.62 -39.38
N ASP E 73 -3.42 48.64 -40.27
CA ASP E 73 -4.51 48.27 -41.16
C ASP E 73 -4.96 49.47 -41.99
N GLY E 74 -4.00 50.33 -42.36
CA GLY E 74 -4.25 51.45 -43.24
C GLY E 74 -4.69 52.72 -42.55
N LYS E 75 -4.94 52.70 -41.24
CA LYS E 75 -5.41 53.87 -40.50
C LYS E 75 -4.35 54.30 -39.50
N VAL E 76 -4.18 55.62 -39.38
CA VAL E 76 -3.26 56.17 -38.39
C VAL E 76 -3.74 55.83 -36.98
N ARG E 77 -2.81 55.40 -36.13
CA ARG E 77 -3.09 55.10 -34.74
C ARG E 77 -2.16 55.92 -33.86
N THR E 78 -2.73 56.58 -32.85
CA THR E 78 -1.96 57.39 -31.92
C THR E 78 -1.91 56.81 -30.51
N ASP E 79 -2.57 55.67 -30.28
CA ASP E 79 -2.59 55.06 -28.96
C ASP E 79 -1.33 54.21 -28.77
N LYS E 80 -0.56 54.50 -27.73
CA LYS E 80 0.70 53.80 -27.52
C LYS E 80 0.48 52.30 -27.28
N THR E 81 -0.58 51.95 -26.54
CA THR E 81 -0.86 50.56 -26.20
C THR E 81 -1.91 49.95 -27.13
N TYR E 82 -2.02 50.44 -28.36
CA TYR E 82 -2.98 49.87 -29.30
C TYR E 82 -2.66 48.40 -29.55
N PRO E 83 -3.63 47.49 -29.44
CA PRO E 83 -3.32 46.06 -29.55
C PRO E 83 -3.22 45.57 -31.00
N ALA E 84 -2.06 45.75 -31.62
CA ALA E 84 -1.81 45.18 -32.94
C ALA E 84 -1.58 43.68 -32.81
N GLY E 85 -2.24 42.90 -33.66
CA GLY E 85 -2.21 41.45 -33.54
C GLY E 85 -1.94 40.70 -34.83
N PHE E 86 -2.28 39.41 -34.83
CA PHE E 86 -1.95 38.54 -35.94
C PHE E 86 -2.58 39.03 -37.24
N MET E 87 -1.78 39.06 -38.30
CA MET E 87 -2.11 39.47 -39.66
C MET E 87 -2.25 40.97 -39.82
N ASP E 88 -2.13 41.76 -38.74
CA ASP E 88 -2.20 43.21 -38.89
C ASP E 88 -1.05 43.72 -39.73
N VAL E 89 -1.31 44.77 -40.51
CA VAL E 89 -0.32 45.40 -41.37
C VAL E 89 0.06 46.72 -40.73
N VAL E 90 1.33 46.86 -40.38
CA VAL E 90 1.86 48.10 -39.80
C VAL E 90 2.68 48.80 -40.88
N THR E 91 2.39 50.08 -41.11
CA THR E 91 3.03 50.86 -42.15
C THR E 91 3.60 52.13 -41.57
N ILE E 92 4.82 52.47 -41.98
CA ILE E 92 5.48 53.69 -41.55
C ILE E 92 5.93 54.44 -42.80
N PRO E 93 5.12 55.37 -43.32
CA PRO E 93 5.45 55.96 -44.64
C PRO E 93 6.81 56.62 -44.70
N LYS E 94 7.26 57.29 -43.64
CA LYS E 94 8.53 58.00 -43.71
C LYS E 94 9.68 57.05 -43.99
N THR E 95 9.69 55.90 -43.32
CA THR E 95 10.74 54.90 -43.55
C THR E 95 10.41 53.97 -44.71
N ASN E 96 9.27 54.16 -45.36
CA ASN E 96 8.86 53.32 -46.49
C ASN E 96 8.75 51.86 -46.12
N GLU E 97 8.61 51.56 -44.83
CA GLU E 97 8.54 50.20 -44.33
C GLU E 97 7.09 49.77 -44.16
N SER E 98 6.88 48.46 -44.21
CA SER E 98 5.55 47.88 -44.04
C SER E 98 5.73 46.45 -43.59
N PHE E 99 5.14 46.10 -42.44
CA PHE E 99 5.31 44.80 -41.82
C PHE E 99 3.96 44.13 -41.63
N ARG E 100 4.00 42.81 -41.56
CA ARG E 100 2.85 42.01 -41.18
C ARG E 100 3.21 41.24 -39.90
N LEU E 101 2.32 41.27 -38.92
CA LEU E 101 2.57 40.59 -37.65
C LEU E 101 2.26 39.10 -37.82
N LEU E 102 3.32 38.30 -37.87
CA LEU E 102 3.20 36.85 -37.96
C LEU E 102 4.03 36.22 -36.86
N TYR E 103 3.60 35.04 -36.42
CA TYR E 103 4.35 34.30 -35.41
C TYR E 103 5.53 33.58 -36.04
N ASP E 104 6.69 33.67 -35.40
CA ASP E 104 7.77 32.77 -35.75
C ASP E 104 7.51 31.39 -35.15
N THR E 105 8.31 30.42 -35.56
CA THR E 105 8.07 29.04 -35.16
C THR E 105 8.24 28.81 -33.66
N LYS E 106 8.83 29.76 -32.94
CA LYS E 106 8.94 29.68 -31.49
C LYS E 106 7.81 30.38 -30.76
N GLY E 107 6.77 30.81 -31.49
CA GLY E 107 5.57 31.34 -30.88
C GLY E 107 5.57 32.82 -30.59
N ARG E 108 6.54 33.57 -31.10
CA ARG E 108 6.63 35.00 -30.84
C ARG E 108 6.32 35.80 -32.09
N PHE E 109 5.74 36.98 -31.90
CA PHE E 109 5.42 37.84 -33.02
C PHE E 109 6.68 38.29 -33.74
N ARG E 110 6.66 38.20 -35.06
CA ARG E 110 7.77 38.62 -35.90
C ARG E 110 7.27 39.69 -36.86
N LEU E 111 8.03 40.77 -36.99
CA LEU E 111 7.67 41.86 -37.92
C LEU E 111 8.20 41.49 -39.30
N HIS E 112 7.34 40.84 -40.09
CA HIS E 112 7.72 40.35 -41.41
C HIS E 112 7.60 41.49 -42.43
N SER E 113 8.75 41.95 -42.93
CA SER E 113 8.74 43.02 -43.91
C SER E 113 7.96 42.60 -45.16
N LEU E 114 7.15 43.53 -45.67
CA LEU E 114 6.30 43.28 -46.82
C LEU E 114 6.69 44.17 -47.98
N ARG E 115 6.29 43.77 -49.17
CA ARG E 115 6.37 44.62 -50.36
C ARG E 115 5.16 45.54 -50.42
N ASP E 116 5.33 46.67 -51.12
CA ASP E 116 4.27 47.65 -51.20
C ASP E 116 2.99 47.05 -51.76
N GLU E 117 3.10 46.08 -52.66
CA GLU E 117 1.92 45.48 -53.26
C GLU E 117 1.19 44.59 -52.26
N GLU E 118 1.93 43.82 -51.46
CA GLU E 118 1.31 42.88 -50.53
C GLU E 118 0.75 43.56 -49.28
N ALA E 119 1.10 44.82 -49.04
CA ALA E 119 0.64 45.54 -47.86
C ALA E 119 -0.74 46.17 -48.04
N LYS E 120 -1.49 45.77 -49.06
CA LYS E 120 -2.79 46.34 -49.35
C LYS E 120 -3.95 45.43 -48.94
N PHE E 121 -3.66 44.35 -48.23
CA PHE E 121 -4.71 43.44 -47.80
C PHE E 121 -4.27 42.71 -46.55
N LYS E 122 -5.19 41.94 -45.98
CA LYS E 122 -4.89 41.10 -44.82
C LYS E 122 -5.87 39.94 -44.81
N LEU E 123 -5.55 38.94 -44.00
CA LEU E 123 -6.42 37.79 -43.80
C LEU E 123 -7.11 37.88 -42.45
N CYS E 124 -8.38 37.51 -42.42
CA CYS E 124 -9.17 37.50 -41.20
C CYS E 124 -9.90 36.19 -41.08
N LYS E 125 -10.06 35.71 -39.85
CA LYS E 125 -10.80 34.48 -39.60
C LYS E 125 -12.23 34.83 -39.21
N VAL E 126 -13.19 34.16 -39.84
CA VAL E 126 -14.60 34.44 -39.59
C VAL E 126 -15.00 33.80 -38.27
N ARG E 127 -15.61 34.60 -37.38
CA ARG E 127 -16.09 34.11 -36.10
C ARG E 127 -17.48 33.50 -36.23
N SER E 128 -18.41 34.22 -36.83
CA SER E 128 -19.79 33.74 -36.96
C SER E 128 -20.47 34.52 -38.08
N VAL E 129 -21.59 33.96 -38.54
CA VAL E 129 -22.46 34.60 -39.52
C VAL E 129 -23.88 34.49 -39.01
N GLN E 130 -24.59 35.62 -38.94
CA GLN E 130 -25.96 35.63 -38.42
C GLN E 130 -26.69 36.83 -38.98
N PHE E 131 -28.01 36.82 -38.83
CA PHE E 131 -28.85 37.93 -39.26
C PHE E 131 -28.81 39.06 -38.25
N GLY E 132 -28.67 40.28 -38.75
CA GLY E 132 -28.74 41.47 -37.94
C GLY E 132 -30.10 42.12 -38.01
N GLN E 133 -30.16 43.38 -37.58
CA GLN E 133 -31.41 44.12 -37.63
C GLN E 133 -31.90 44.21 -39.06
N LYS E 134 -33.22 44.12 -39.24
CA LYS E 134 -33.87 44.13 -40.54
C LYS E 134 -33.58 42.88 -41.35
N GLY E 135 -33.17 41.80 -40.69
CA GLY E 135 -32.88 40.56 -41.38
C GLY E 135 -31.67 40.62 -42.28
N ILE E 136 -30.81 41.61 -42.12
CA ILE E 136 -29.63 41.74 -42.97
C ILE E 136 -28.53 40.84 -42.41
N PRO E 137 -28.02 39.88 -43.19
CA PRO E 137 -26.94 39.03 -42.69
C PRO E 137 -25.63 39.79 -42.57
N TYR E 138 -24.83 39.38 -41.59
CA TYR E 138 -23.51 39.95 -41.38
C TYR E 138 -22.62 38.89 -40.78
N LEU E 139 -21.31 39.09 -40.92
CA LEU E 139 -20.32 38.23 -40.30
C LEU E 139 -19.34 39.10 -39.52
N ASN E 140 -18.86 38.57 -38.41
CA ASN E 140 -17.82 39.21 -37.63
C ASN E 140 -16.60 38.28 -37.56
N THR E 141 -15.43 38.88 -37.44
CA THR E 141 -14.16 38.17 -37.48
C THR E 141 -13.56 38.11 -36.07
N TYR E 142 -12.36 37.54 -36.00
CA TYR E 142 -11.61 37.47 -34.76
C TYR E 142 -10.68 38.67 -34.57
N ASP E 143 -10.73 39.64 -35.49
CA ASP E 143 -10.02 40.90 -35.33
C ASP E 143 -10.99 42.06 -35.13
N GLY E 144 -12.22 41.75 -34.68
CA GLY E 144 -13.17 42.75 -34.28
C GLY E 144 -13.93 43.42 -35.40
N ARG E 145 -13.77 42.97 -36.65
CA ARG E 145 -14.42 43.61 -37.78
C ARG E 145 -15.79 42.99 -38.05
N THR E 146 -16.70 43.82 -38.53
CA THR E 146 -18.04 43.41 -38.91
C THR E 146 -18.27 43.76 -40.37
N ILE E 147 -18.68 42.78 -41.17
CA ILE E 147 -18.92 42.95 -42.59
C ILE E 147 -20.36 42.57 -42.87
N ARG E 148 -21.13 43.51 -43.43
CA ARG E 148 -22.50 43.24 -43.80
C ARG E 148 -22.58 42.72 -45.24
N TYR E 149 -23.66 42.01 -45.53
CA TYR E 149 -23.88 41.42 -46.84
C TYR E 149 -22.69 40.58 -47.29
N PRO E 150 -22.27 39.61 -46.49
CA PRO E 150 -21.19 38.71 -46.92
C PRO E 150 -21.70 37.69 -47.93
N ASP E 151 -20.76 37.07 -48.63
CA ASP E 151 -21.11 36.03 -49.57
C ASP E 151 -21.86 34.91 -48.82
N PRO E 152 -22.98 34.42 -49.34
CA PRO E 152 -23.72 33.39 -48.61
C PRO E 152 -22.93 32.11 -48.37
N LEU E 153 -21.87 31.87 -49.15
CA LEU E 153 -21.08 30.66 -48.97
C LEU E 153 -20.14 30.73 -47.76
N ILE E 154 -19.86 31.94 -47.25
CA ILE E 154 -18.96 32.06 -46.12
C ILE E 154 -19.63 31.56 -44.85
N LYS E 155 -18.90 30.78 -44.06
CA LYS E 155 -19.40 30.20 -42.82
C LYS E 155 -18.35 30.42 -41.73
N ALA E 156 -18.70 29.99 -40.52
CA ALA E 156 -17.80 30.16 -39.39
C ALA E 156 -16.50 29.38 -39.60
N ASN E 157 -15.41 29.97 -39.14
CA ASN E 157 -14.04 29.44 -39.18
C ASN E 157 -13.40 29.60 -40.55
N ASP E 158 -14.11 30.13 -41.54
CA ASP E 158 -13.48 30.40 -42.83
C ASP E 158 -12.55 31.61 -42.71
N THR E 159 -11.70 31.77 -43.73
CA THR E 159 -10.79 32.90 -43.82
C THR E 159 -11.18 33.77 -44.99
N ILE E 160 -11.16 35.09 -44.79
CA ILE E 160 -11.52 36.05 -45.82
C ILE E 160 -10.32 36.94 -46.09
N LYS E 161 -10.11 37.26 -47.37
CA LYS E 161 -9.10 38.21 -47.78
C LYS E 161 -9.73 39.59 -47.81
N LEU E 162 -9.21 40.51 -47.00
CA LEU E 162 -9.80 41.83 -46.83
C LEU E 162 -8.88 42.87 -47.45
N ASP E 163 -9.42 43.66 -48.37
CA ASP E 163 -8.66 44.75 -48.98
C ASP E 163 -8.72 45.97 -48.08
N LEU E 164 -7.56 46.48 -47.67
CA LEU E 164 -7.52 47.58 -46.72
C LEU E 164 -7.92 48.92 -47.34
N ASP E 165 -8.04 48.98 -48.67
CA ASP E 165 -8.46 50.23 -49.34
C ASP E 165 -9.98 50.22 -49.54
N SER E 166 -10.49 49.23 -50.25
CA SER E 166 -11.93 49.12 -50.47
C SER E 166 -12.67 48.63 -49.24
N ASN E 167 -11.96 48.04 -48.27
CA ASN E 167 -12.58 47.52 -47.05
C ASN E 167 -13.70 46.54 -47.38
N LYS E 168 -13.42 45.65 -48.33
CA LYS E 168 -14.39 44.68 -48.79
C LYS E 168 -13.73 43.31 -48.89
N ILE E 169 -14.56 42.27 -48.86
CA ILE E 169 -14.07 40.89 -48.95
C ILE E 169 -13.72 40.62 -50.42
N VAL E 170 -12.44 40.39 -50.68
CA VAL E 170 -12.00 40.10 -52.05
C VAL E 170 -12.17 38.62 -52.36
N ASP E 171 -11.73 37.75 -51.46
CA ASP E 171 -11.86 36.31 -51.64
C ASP E 171 -11.84 35.65 -50.28
N PHE E 172 -12.30 34.40 -50.23
CA PHE E 172 -12.38 33.66 -48.98
C PHE E 172 -11.99 32.22 -49.22
N ILE E 173 -11.57 31.56 -48.14
CA ILE E 173 -11.20 30.15 -48.15
C ILE E 173 -12.11 29.42 -47.17
N LYS E 174 -12.76 28.37 -47.63
CA LYS E 174 -13.55 27.52 -46.74
C LYS E 174 -12.63 26.68 -45.87
N PHE E 175 -13.07 26.45 -44.62
CA PHE E 175 -12.30 25.64 -43.69
C PHE E 175 -12.57 24.17 -43.99
N ASP E 176 -11.55 23.47 -44.47
CA ASP E 176 -11.71 22.08 -44.87
C ASP E 176 -10.36 21.39 -44.83
N VAL E 177 -10.40 20.06 -44.78
CA VAL E 177 -9.18 19.27 -44.75
C VAL E 177 -8.46 19.39 -46.08
N GLY E 178 -7.14 19.59 -46.02
CA GLY E 178 -6.31 19.72 -47.20
C GLY E 178 -5.72 21.10 -47.40
N ASN E 179 -6.18 22.11 -46.66
CA ASN E 179 -5.66 23.46 -46.78
C ASN E 179 -4.47 23.65 -45.85
N VAL E 180 -3.65 24.64 -46.17
CA VAL E 180 -2.50 25.00 -45.35
C VAL E 180 -2.96 25.99 -44.28
N VAL E 181 -2.61 25.70 -43.03
CA VAL E 181 -3.06 26.50 -41.89
C VAL E 181 -1.86 26.82 -41.01
N MET E 182 -2.02 27.86 -40.19
CA MET E 182 -1.06 28.22 -39.17
C MET E 182 -1.73 28.15 -37.81
N VAL E 183 -0.95 27.76 -36.80
CA VAL E 183 -1.43 27.68 -35.43
C VAL E 183 -1.19 29.02 -34.75
N THR E 184 -2.24 29.59 -34.17
CA THR E 184 -2.20 30.93 -33.60
C THR E 184 -2.26 30.93 -32.08
N GLY E 185 -2.24 29.76 -31.45
CA GLY E 185 -2.28 29.71 -30.00
C GLY E 185 -1.80 28.38 -29.47
N GLY E 186 -1.29 28.40 -28.24
CA GLY E 186 -0.91 27.18 -27.56
C GLY E 186 0.55 26.82 -27.75
N ARG E 187 0.83 25.54 -27.52
CA ARG E 187 2.19 25.04 -27.62
C ARG E 187 2.73 25.13 -29.04
N ASN E 188 1.88 24.83 -30.03
CA ASN E 188 2.30 24.77 -31.43
C ASN E 188 2.13 26.10 -32.15
N ARG E 189 2.03 27.20 -31.42
CA ARG E 189 1.83 28.50 -32.04
C ARG E 189 2.96 28.81 -33.02
N GLY E 190 2.59 29.26 -34.22
CA GLY E 190 3.55 29.62 -35.24
C GLY E 190 3.89 28.51 -36.22
N ARG E 191 3.37 27.31 -36.02
CA ARG E 191 3.66 26.18 -36.89
C ARG E 191 2.68 26.12 -38.05
N VAL E 192 3.18 25.80 -39.23
CA VAL E 192 2.40 25.76 -40.46
C VAL E 192 2.37 24.33 -40.96
N GLY E 193 1.20 23.89 -41.41
CA GLY E 193 1.04 22.55 -41.93
C GLY E 193 -0.25 22.43 -42.71
N ILE E 194 -0.54 21.21 -43.14
CA ILE E 194 -1.74 20.90 -43.90
C ILE E 194 -2.76 20.27 -42.97
N LEU E 195 -3.96 20.83 -42.94
CA LEU E 195 -5.03 20.26 -42.13
C LEU E 195 -5.39 18.88 -42.64
N LYS E 196 -5.13 17.86 -41.83
CA LYS E 196 -5.34 16.47 -42.25
C LYS E 196 -6.64 15.88 -41.74
N ASN E 197 -7.14 16.32 -40.59
CA ASN E 197 -8.31 15.68 -39.99
C ASN E 197 -9.00 16.67 -39.05
N ARG E 198 -10.29 16.43 -38.85
CA ARG E 198 -11.12 17.21 -37.93
C ARG E 198 -11.90 16.24 -37.07
N GLU E 199 -11.61 16.21 -35.77
CA GLU E 199 -12.30 15.33 -34.83
C GLU E 199 -13.28 16.16 -34.01
N LYS E 200 -14.57 15.96 -34.27
CA LYS E 200 -15.62 16.66 -33.57
C LYS E 200 -16.07 15.86 -32.36
N HIS E 201 -16.34 16.56 -31.26
CA HIS E 201 -16.86 15.96 -30.04
C HIS E 201 -18.04 16.81 -29.58
N LYS E 202 -19.25 16.24 -29.67
CA LYS E 202 -20.45 16.99 -29.34
C LYS E 202 -20.35 17.56 -27.93
N GLY E 203 -20.61 18.87 -27.82
CA GLY E 203 -20.55 19.56 -26.55
C GLY E 203 -19.15 19.96 -26.11
N SER E 204 -18.11 19.50 -26.78
CA SER E 204 -16.73 19.73 -26.39
C SER E 204 -15.98 20.42 -27.52
N PHE E 205 -14.71 20.70 -27.28
CA PHE E 205 -13.86 21.33 -28.28
C PHE E 205 -13.56 20.37 -29.42
N GLU E 206 -13.41 20.94 -30.61
CA GLU E 206 -13.06 20.16 -31.80
C GLU E 206 -11.55 20.17 -31.99
N THR E 207 -10.98 18.98 -32.20
CA THR E 207 -9.55 18.82 -32.40
C THR E 207 -9.25 18.69 -33.87
N VAL E 208 -8.13 19.28 -34.29
CA VAL E 208 -7.69 19.27 -35.68
C VAL E 208 -6.26 18.75 -35.73
N HIS E 209 -6.03 17.76 -36.58
CA HIS E 209 -4.71 17.16 -36.74
C HIS E 209 -4.02 17.79 -37.95
N ILE E 210 -2.87 18.39 -37.72
CA ILE E 210 -2.12 19.10 -38.74
C ILE E 210 -0.81 18.36 -38.96
N GLN E 211 -0.42 18.23 -40.23
CA GLN E 211 0.81 17.55 -40.60
C GLN E 211 1.76 18.56 -41.23
N ASP E 212 2.97 18.65 -40.68
CA ASP E 212 3.98 19.55 -41.20
C ASP E 212 4.48 19.06 -42.56
N SER E 213 5.16 19.95 -43.28
CA SER E 213 5.70 19.59 -44.58
C SER E 213 6.74 18.48 -44.48
N GLN E 214 7.36 18.30 -43.32
CA GLN E 214 8.34 17.26 -43.10
C GLN E 214 7.74 16.01 -42.45
N GLY E 215 6.42 15.90 -42.44
CA GLY E 215 5.75 14.74 -41.90
C GLY E 215 5.43 14.81 -40.41
N HIS E 216 5.94 15.80 -39.70
CA HIS E 216 5.63 15.93 -38.28
C HIS E 216 4.16 16.30 -38.10
N GLU E 217 3.45 15.51 -37.31
CA GLU E 217 2.03 15.71 -37.08
C GLU E 217 1.79 16.21 -35.67
N PHE E 218 0.96 17.25 -35.55
CA PHE E 218 0.61 17.80 -34.26
C PHE E 218 -0.88 18.16 -34.26
N ALA E 219 -1.47 18.11 -33.08
CA ALA E 219 -2.88 18.42 -32.89
C ALA E 219 -3.03 19.74 -32.16
N THR E 220 -4.26 20.26 -32.18
CA THR E 220 -4.57 21.52 -31.52
C THR E 220 -6.08 21.70 -31.58
N ARG E 221 -6.56 22.78 -30.95
CA ARG E 221 -7.98 23.09 -30.94
C ARG E 221 -8.35 23.93 -32.15
N LEU E 222 -9.62 23.79 -32.58
CA LEU E 222 -10.10 24.53 -33.73
C LEU E 222 -9.88 26.03 -33.56
N GLY E 223 -10.05 26.54 -32.34
CA GLY E 223 -9.90 27.96 -32.08
C GLY E 223 -8.51 28.49 -32.31
N ASN E 224 -7.50 27.62 -32.40
CA ASN E 224 -6.12 28.03 -32.60
C ASN E 224 -5.65 27.88 -34.05
N VAL E 225 -6.55 27.54 -34.96
CA VAL E 225 -6.21 27.32 -36.36
C VAL E 225 -6.60 28.54 -37.18
N PHE E 226 -5.78 28.84 -38.19
CA PHE E 226 -6.01 29.98 -39.07
C PHE E 226 -5.60 29.57 -40.47
N THR E 227 -6.58 29.38 -41.36
CA THR E 227 -6.28 28.97 -42.72
C THR E 227 -5.53 30.07 -43.46
N LEU E 228 -4.44 29.70 -44.13
CA LEU E 228 -3.61 30.66 -44.84
C LEU E 228 -3.78 30.60 -46.35
N GLY E 229 -4.26 29.49 -46.89
CA GLY E 229 -4.42 29.36 -48.32
C GLY E 229 -5.20 28.12 -48.66
N LYS E 230 -5.66 28.07 -49.90
CA LYS E 230 -6.37 26.91 -50.42
C LYS E 230 -5.37 25.93 -51.02
N GLY E 231 -5.51 24.66 -50.66
CA GLY E 231 -4.58 23.65 -51.11
C GLY E 231 -3.34 23.59 -50.24
N SER E 232 -2.19 23.99 -50.79
CA SER E 232 -0.93 23.93 -50.07
C SER E 232 -0.13 25.22 -50.12
N LYS E 233 -0.58 26.23 -50.88
CA LYS E 233 0.14 27.48 -51.01
C LYS E 233 -0.56 28.57 -50.21
N PRO E 234 0.09 29.18 -49.23
CA PRO E 234 -0.54 30.27 -48.49
C PRO E 234 -0.70 31.52 -49.33
N TRP E 235 -1.73 32.30 -49.00
CA TRP E 235 -1.99 33.56 -49.70
C TRP E 235 -1.14 34.70 -49.17
N VAL E 236 -0.33 34.48 -48.13
CA VAL E 236 0.51 35.52 -47.55
C VAL E 236 1.94 35.00 -47.49
N SER E 237 2.88 35.94 -47.49
CA SER E 237 4.29 35.61 -47.38
C SER E 237 4.61 35.21 -45.94
N LEU E 238 5.31 34.09 -45.79
CA LEU E 238 5.71 33.57 -44.49
C LEU E 238 7.16 33.93 -44.19
N PRO E 239 7.55 33.93 -42.92
CA PRO E 239 8.97 34.19 -42.59
C PRO E 239 9.88 33.05 -43.04
N LYS E 240 11.18 33.17 -42.74
CA LYS E 240 12.16 32.23 -43.29
C LYS E 240 11.84 30.80 -42.88
N GLY E 241 11.51 30.59 -41.61
CA GLY E 241 11.26 29.23 -41.14
C GLY E 241 10.09 28.58 -41.86
N LYS E 242 9.15 29.37 -42.36
CA LYS E 242 7.97 28.85 -43.04
C LYS E 242 7.17 27.91 -42.14
N GLY E 243 7.17 28.18 -40.84
CA GLY E 243 6.39 27.38 -39.91
C GLY E 243 6.95 26.01 -39.65
N ILE E 244 8.22 25.77 -39.97
CA ILE E 244 8.86 24.49 -39.73
C ILE E 244 9.56 24.57 -38.37
N LYS E 245 9.10 23.78 -37.42
CA LYS E 245 9.66 23.78 -36.07
C LYS E 245 10.77 22.73 -36.01
N LEU E 246 11.98 23.18 -35.72
CA LEU E 246 13.13 22.30 -35.62
C LEU E 246 13.34 21.85 -34.17
N SER E 247 13.82 20.62 -34.02
CA SER E 247 14.19 20.13 -32.71
C SER E 247 15.37 20.91 -32.16
N ILE E 248 15.53 20.88 -30.84
CA ILE E 248 16.66 21.55 -30.22
C ILE E 248 17.96 20.94 -30.70
N ILE E 249 17.99 19.63 -30.92
CA ILE E 249 19.19 18.99 -31.46
C ILE E 249 19.49 19.52 -32.86
N GLU E 250 18.46 19.62 -33.71
CA GLU E 250 18.66 20.16 -35.04
C GLU E 250 19.09 21.62 -34.99
N GLU E 251 18.46 22.40 -34.11
CA GLU E 251 18.82 23.82 -33.99
C GLU E 251 20.26 23.98 -33.51
N ALA E 252 20.68 23.15 -32.55
CA ALA E 252 22.06 23.19 -32.10
C ALA E 252 23.03 22.81 -33.21
N ARG E 253 22.60 21.89 -34.09
CA ARG E 253 23.45 21.50 -35.22
C ARG E 253 23.71 22.68 -36.13
N LYS E 254 22.67 23.47 -36.43
CA LYS E 254 22.84 24.64 -37.27
C LYS E 254 23.75 25.67 -36.61
N ARG E 255 23.56 25.90 -35.30
CA ARG E 255 24.39 26.88 -34.62
C ARG E 255 25.86 26.48 -34.66
N MET E 256 26.15 25.19 -34.45
CA MET E 256 27.53 24.72 -34.51
C MET E 256 28.13 24.97 -35.90
N ALA E 257 27.36 24.65 -36.95
CA ALA E 257 27.85 24.86 -38.30
C ALA E 257 28.08 26.34 -38.61
N ALA E 258 27.21 27.20 -38.08
CA ALA E 258 27.35 28.64 -38.34
C ALA E 258 28.68 29.17 -37.83
N GLN E 259 29.09 28.75 -36.63
CA GLN E 259 30.36 29.21 -36.09
C GLN E 259 31.53 28.74 -36.94
N SER E 260 31.46 27.52 -37.48
CA SER E 260 32.52 27.04 -38.36
C SER E 260 32.62 27.88 -39.61
N ALA E 261 31.49 28.27 -40.20
CA ALA E 261 31.50 29.09 -41.40
C ALA E 261 31.65 30.56 -41.06
N THR E 262 30.81 31.06 -40.14
CA THR E 262 30.88 32.45 -39.74
C THR E 262 31.99 32.67 -38.71
N THR F 3 -28.92 -40.00 -55.66
CA THR F 3 -29.25 -40.10 -54.24
C THR F 3 -27.99 -40.14 -53.38
N SER F 4 -26.85 -40.47 -54.00
CA SER F 4 -25.59 -40.48 -53.27
C SER F 4 -25.22 -39.09 -52.77
N LYS F 5 -25.77 -38.04 -53.37
CA LYS F 5 -25.56 -36.69 -52.90
C LYS F 5 -26.50 -36.31 -51.75
N GLN F 6 -27.42 -37.19 -51.39
CA GLN F 6 -28.25 -36.99 -50.21
C GLN F 6 -27.56 -37.44 -48.93
N LYS F 7 -26.38 -38.04 -49.03
CA LYS F 7 -25.57 -38.38 -47.86
C LYS F 7 -24.58 -37.28 -47.50
N ILE F 8 -24.57 -36.18 -48.23
CA ILE F 8 -23.70 -35.04 -47.94
C ILE F 8 -24.55 -33.79 -47.86
N HIS F 9 -24.36 -33.02 -46.78
CA HIS F 9 -25.02 -31.72 -46.62
C HIS F 9 -23.95 -30.69 -46.27
N LYS F 10 -23.29 -30.16 -47.29
CA LYS F 10 -22.24 -29.18 -47.05
C LYS F 10 -22.87 -27.85 -46.66
N ASP F 11 -22.22 -27.16 -45.72
CA ASP F 11 -22.77 -25.91 -45.21
C ASP F 11 -22.88 -24.88 -46.33
N LYS F 12 -23.95 -24.10 -46.28
CA LYS F 12 -24.31 -23.11 -47.29
C LYS F 12 -24.72 -23.76 -48.61
N ALA F 13 -25.07 -25.05 -48.60
CA ALA F 13 -25.48 -25.75 -49.81
C ALA F 13 -24.42 -25.65 -50.89
N ALA F 14 -23.15 -25.74 -50.47
CA ALA F 14 -22.05 -25.67 -51.41
C ALA F 14 -21.93 -26.98 -52.19
N GLU F 15 -21.25 -26.90 -53.33
CA GLU F 15 -21.08 -28.06 -54.19
C GLU F 15 -19.98 -28.97 -53.64
N PRO F 16 -20.25 -30.24 -53.37
CA PRO F 16 -19.18 -31.14 -52.90
C PRO F 16 -18.05 -31.22 -53.91
N SER F 17 -16.83 -31.34 -53.40
CA SER F 17 -15.66 -31.44 -54.24
C SER F 17 -15.54 -32.86 -54.81
N GLU F 18 -14.49 -33.07 -55.61
CA GLU F 18 -14.30 -34.38 -56.24
C GLU F 18 -14.02 -35.48 -55.22
N HIS F 19 -13.59 -35.12 -54.01
CA HIS F 19 -13.29 -36.11 -52.99
C HIS F 19 -14.51 -36.42 -52.12
N GLU F 20 -15.34 -35.42 -51.83
CA GLU F 20 -16.52 -35.65 -51.01
C GLU F 20 -17.48 -36.62 -51.70
N VAL F 21 -17.65 -36.49 -53.02
CA VAL F 21 -18.53 -37.38 -53.75
C VAL F 21 -18.05 -38.82 -53.61
N SER F 22 -16.73 -39.03 -53.65
CA SER F 22 -16.19 -40.37 -53.45
C SER F 22 -16.53 -40.89 -52.06
N VAL F 23 -16.37 -40.05 -51.04
CA VAL F 23 -16.73 -40.46 -49.69
C VAL F 23 -18.24 -40.69 -49.59
N GLY F 24 -19.03 -39.77 -50.14
CA GLY F 24 -20.47 -39.96 -50.11
C GLY F 24 -20.91 -41.18 -50.91
N GLN F 25 -20.32 -41.36 -52.10
CA GLN F 25 -20.66 -42.53 -52.90
C GLN F 25 -20.29 -43.82 -52.17
N ALA F 26 -19.10 -43.85 -51.56
CA ALA F 26 -18.71 -45.00 -50.76
C ALA F 26 -19.65 -45.21 -49.57
N PHE F 27 -20.18 -44.12 -49.01
CA PHE F 27 -21.11 -44.24 -47.89
C PHE F 27 -22.44 -44.85 -48.33
N PHE F 28 -22.92 -44.48 -49.51
CA PHE F 28 -24.19 -45.01 -50.01
C PHE F 28 -24.09 -46.52 -50.23
N ASP F 29 -22.95 -46.99 -50.74
CA ASP F 29 -22.81 -48.42 -51.04
C ASP F 29 -22.95 -49.26 -49.78
N LEU F 30 -22.32 -48.84 -48.69
CA LEU F 30 -22.42 -49.59 -47.44
C LEU F 30 -23.85 -49.62 -46.92
N GLU F 31 -24.64 -48.60 -47.25
CA GLU F 31 -26.01 -48.53 -46.76
C GLU F 31 -26.83 -49.72 -47.24
N ASN F 32 -26.66 -50.10 -48.50
CA ASN F 32 -27.42 -51.21 -49.08
C ASN F 32 -26.64 -52.52 -49.11
N THR F 33 -25.34 -52.48 -49.41
CA THR F 33 -24.57 -53.71 -49.54
C THR F 33 -24.46 -54.45 -48.22
N ASN F 34 -24.16 -53.73 -47.13
CA ASN F 34 -23.92 -54.35 -45.83
C ASN F 34 -25.25 -54.42 -45.07
N GLN F 35 -25.74 -55.64 -44.86
CA GLN F 35 -27.01 -55.82 -44.15
C GLN F 35 -26.90 -55.36 -42.70
N GLU F 36 -25.75 -55.58 -42.07
CA GLU F 36 -25.58 -55.18 -40.69
C GLU F 36 -25.75 -53.67 -40.52
N LEU F 37 -25.19 -52.90 -41.44
CA LEU F 37 -25.27 -51.44 -41.39
C LEU F 37 -26.45 -50.88 -42.15
N LYS F 38 -27.34 -51.73 -42.68
CA LYS F 38 -28.48 -51.22 -43.45
C LYS F 38 -29.34 -50.30 -42.60
N SER F 39 -29.74 -50.75 -41.40
CA SER F 39 -30.70 -49.99 -40.61
C SER F 39 -30.10 -48.69 -40.09
N GLU F 40 -28.89 -48.75 -39.53
CA GLU F 40 -28.33 -47.58 -38.87
C GLU F 40 -27.99 -46.48 -39.85
N LEU F 41 -27.38 -46.83 -40.99
CA LEU F 41 -26.83 -45.81 -41.88
C LEU F 41 -27.92 -44.98 -42.57
N LYS F 42 -29.18 -45.39 -42.46
CA LYS F 42 -30.25 -44.68 -43.16
C LYS F 42 -30.28 -43.21 -42.77
N ASP F 43 -30.30 -42.93 -41.46
CA ASP F 43 -30.43 -41.56 -41.00
C ASP F 43 -29.13 -40.78 -41.14
N LEU F 44 -27.99 -41.46 -41.00
CA LEU F 44 -26.71 -40.79 -40.94
C LEU F 44 -26.38 -40.09 -42.26
N TYR F 45 -25.74 -38.93 -42.15
CA TYR F 45 -25.19 -38.22 -43.30
C TYR F 45 -24.08 -37.31 -42.81
N ILE F 46 -23.21 -36.91 -43.74
CA ILE F 46 -22.02 -36.14 -43.39
C ILE F 46 -22.15 -34.74 -44.00
N ASN F 47 -21.18 -33.87 -43.72
CA ASN F 47 -21.20 -32.54 -44.31
C ASN F 47 -19.82 -32.08 -44.79
N SER F 48 -18.80 -32.93 -44.79
CA SER F 48 -17.49 -32.56 -45.32
C SER F 48 -16.60 -33.80 -45.24
N ALA F 49 -15.45 -33.70 -45.91
CA ALA F 49 -14.44 -34.75 -45.91
C ALA F 49 -13.18 -34.21 -46.55
N THR F 50 -12.02 -34.61 -46.03
CA THR F 50 -10.75 -34.10 -46.51
C THR F 50 -9.66 -35.12 -46.25
N GLN F 51 -8.57 -35.02 -47.02
CA GLN F 51 -7.41 -35.86 -46.84
C GLN F 51 -6.30 -35.07 -46.15
N ILE F 52 -5.55 -35.77 -45.28
CA ILE F 52 -4.43 -35.18 -44.57
C ILE F 52 -3.24 -36.13 -44.69
N ASP F 53 -2.10 -35.61 -45.13
CA ASP F 53 -0.90 -36.41 -45.22
C ASP F 53 -0.33 -36.63 -43.81
N VAL F 54 0.00 -37.88 -43.51
CA VAL F 54 0.50 -38.24 -42.19
C VAL F 54 2.01 -38.44 -42.24
N SER F 55 2.45 -39.44 -43.00
CA SER F 55 3.87 -39.75 -43.17
C SER F 55 3.99 -40.93 -44.12
N GLY F 56 5.14 -41.00 -44.79
CA GLY F 56 5.42 -42.12 -45.67
C GLY F 56 4.35 -42.32 -46.71
N ASN F 57 3.92 -41.24 -47.34
CA ASN F 57 2.87 -41.27 -48.36
C ASN F 57 1.62 -41.98 -47.83
N ARG F 58 1.23 -41.61 -46.61
CA ARG F 58 0.01 -42.10 -45.99
C ARG F 58 -0.99 -40.97 -45.85
N LYS F 59 -2.27 -41.30 -46.02
CA LYS F 59 -3.34 -40.33 -45.98
C LYS F 59 -4.34 -40.71 -44.88
N ALA F 60 -5.05 -39.70 -44.39
CA ALA F 60 -6.09 -39.88 -43.39
C ALA F 60 -7.34 -39.14 -43.85
N VAL F 61 -8.48 -39.83 -43.81
CA VAL F 61 -9.75 -39.27 -44.25
C VAL F 61 -10.46 -38.74 -43.00
N VAL F 62 -10.50 -37.41 -42.88
CA VAL F 62 -11.16 -36.75 -41.76
C VAL F 62 -12.55 -36.33 -42.23
N ILE F 63 -13.56 -37.05 -41.77
CA ILE F 63 -14.95 -36.80 -42.16
C ILE F 63 -15.63 -36.04 -41.03
N HIS F 64 -16.16 -34.86 -41.35
CA HIS F 64 -16.94 -34.09 -40.39
C HIS F 64 -18.39 -34.53 -40.41
N VAL F 65 -19.03 -34.47 -39.25
CA VAL F 65 -20.37 -35.01 -39.08
C VAL F 65 -21.25 -33.92 -38.45
N PRO F 66 -22.56 -33.89 -38.74
CA PRO F 66 -23.44 -32.95 -38.03
C PRO F 66 -23.42 -33.23 -36.53
N TYR F 67 -23.49 -32.15 -35.75
CA TYR F 67 -23.45 -32.31 -34.30
C TYR F 67 -24.61 -33.14 -33.80
N ARG F 68 -25.81 -32.94 -34.36
CA ARG F 68 -26.98 -33.69 -33.92
C ARG F 68 -26.80 -35.19 -34.12
N LEU F 69 -25.98 -35.61 -35.09
CA LEU F 69 -25.77 -37.02 -35.37
C LEU F 69 -24.50 -37.56 -34.75
N ARG F 70 -23.74 -36.73 -34.02
CA ARG F 70 -22.47 -37.20 -33.47
C ARG F 70 -22.66 -38.39 -32.54
N LYS F 71 -23.82 -38.46 -31.87
CA LYS F 71 -24.08 -39.57 -30.95
C LYS F 71 -24.49 -40.84 -31.66
N ALA F 72 -25.09 -40.73 -32.86
CA ALA F 72 -25.50 -41.92 -33.60
C ALA F 72 -24.31 -42.61 -34.26
N PHE F 73 -23.31 -41.84 -34.71
CA PHE F 73 -22.14 -42.45 -35.32
C PHE F 73 -21.35 -43.28 -34.32
N ARG F 74 -21.32 -42.87 -33.04
CA ARG F 74 -20.55 -43.61 -32.06
C ARG F 74 -21.05 -45.04 -31.93
N LYS F 75 -22.37 -45.24 -31.95
CA LYS F 75 -22.93 -46.58 -31.82
C LYS F 75 -22.52 -47.48 -32.99
N VAL F 76 -22.14 -46.90 -34.12
CA VAL F 76 -21.71 -47.68 -35.28
C VAL F 76 -20.35 -47.18 -35.75
N HIS F 77 -19.58 -46.59 -34.85
CA HIS F 77 -18.27 -46.06 -35.24
C HIS F 77 -17.27 -47.17 -35.49
N VAL F 78 -17.22 -48.16 -34.61
CA VAL F 78 -16.21 -49.21 -34.72
C VAL F 78 -16.42 -50.02 -36.00
N ARG F 79 -17.68 -50.37 -36.29
CA ARG F 79 -17.96 -51.19 -37.47
C ARG F 79 -17.85 -50.38 -38.75
N LEU F 80 -18.34 -49.14 -38.74
CA LEU F 80 -18.34 -48.33 -39.96
C LEU F 80 -16.92 -48.05 -40.43
N VAL F 81 -16.01 -47.74 -39.50
CA VAL F 81 -14.64 -47.43 -39.89
C VAL F 81 -13.98 -48.62 -40.56
N ARG F 82 -14.27 -49.83 -40.08
CA ARG F 82 -13.71 -51.03 -40.70
C ARG F 82 -14.17 -51.17 -42.14
N GLU F 83 -15.43 -50.86 -42.42
CA GLU F 83 -15.95 -50.99 -43.77
C GLU F 83 -15.44 -49.89 -44.69
N LEU F 84 -15.24 -48.68 -44.17
CA LEU F 84 -14.75 -47.59 -45.00
C LEU F 84 -13.25 -47.68 -45.23
N GLU F 85 -12.49 -48.21 -44.27
CA GLU F 85 -11.04 -48.32 -44.46
C GLU F 85 -10.69 -49.31 -45.56
N LYS F 86 -11.43 -50.42 -45.64
CA LYS F 86 -11.17 -51.37 -46.72
C LYS F 86 -11.47 -50.76 -48.08
N LYS F 87 -12.56 -49.99 -48.18
CA LYS F 87 -12.85 -49.29 -49.43
C LYS F 87 -11.79 -48.24 -49.73
N PHE F 88 -11.39 -47.47 -48.71
CA PHE F 88 -10.30 -46.50 -48.84
C PHE F 88 -9.01 -47.16 -48.34
N SER F 89 -8.48 -48.04 -49.17
CA SER F 89 -7.31 -48.82 -48.78
C SER F 89 -6.14 -47.91 -48.45
N GLY F 90 -5.40 -48.28 -47.40
CA GLY F 90 -4.26 -47.48 -46.97
C GLY F 90 -4.62 -46.13 -46.42
N LYS F 91 -5.76 -46.01 -45.75
CA LYS F 91 -6.20 -44.74 -45.18
C LYS F 91 -6.95 -45.01 -43.90
N ASP F 92 -6.94 -44.02 -43.01
CA ASP F 92 -7.63 -44.09 -41.72
C ASP F 92 -8.80 -43.12 -41.72
N VAL F 93 -9.95 -43.58 -41.25
CA VAL F 93 -11.17 -42.79 -41.21
C VAL F 93 -11.36 -42.23 -39.81
N ILE F 94 -11.63 -40.93 -39.73
CA ILE F 94 -11.83 -40.24 -38.46
C ILE F 94 -13.08 -39.38 -38.57
N PHE F 95 -13.98 -39.52 -37.60
CA PHE F 95 -15.21 -38.75 -37.56
C PHE F 95 -15.12 -37.69 -36.46
N ILE F 96 -15.39 -36.44 -36.83
CA ILE F 96 -15.35 -35.32 -35.90
C ILE F 96 -16.60 -34.48 -36.11
N ALA F 97 -17.41 -34.34 -35.07
CA ALA F 97 -18.62 -33.53 -35.18
C ALA F 97 -18.26 -32.07 -35.40
N THR F 98 -19.04 -31.40 -36.24
CA THR F 98 -18.82 -29.99 -36.53
C THR F 98 -19.21 -29.14 -35.33
N ARG F 99 -18.39 -28.12 -35.06
CA ARG F 99 -18.62 -27.21 -33.95
C ARG F 99 -18.17 -25.81 -34.34
N ARG F 100 -18.92 -24.82 -33.89
CA ARG F 100 -18.58 -23.42 -34.14
C ARG F 100 -17.71 -22.87 -33.01
N ILE F 101 -16.80 -21.98 -33.37
CA ILE F 101 -15.90 -21.34 -32.42
C ILE F 101 -16.19 -19.85 -32.49
N VAL F 102 -17.05 -19.38 -31.60
CA VAL F 102 -17.37 -17.95 -31.54
C VAL F 102 -16.21 -17.20 -30.88
N ARG F 103 -15.80 -16.10 -31.49
CA ARG F 103 -14.73 -15.30 -30.94
C ARG F 103 -15.20 -14.62 -29.66
N PRO F 104 -14.28 -14.33 -28.73
CA PRO F 104 -14.66 -13.66 -27.49
C PRO F 104 -15.24 -12.28 -27.78
N PRO F 105 -16.24 -11.84 -27.02
CA PRO F 105 -16.79 -10.50 -27.24
C PRO F 105 -15.76 -9.41 -26.97
N LYS F 106 -15.95 -8.28 -27.65
CA LYS F 106 -15.07 -7.13 -27.48
C LYS F 106 -15.21 -6.55 -26.08
N ARG F 107 -14.32 -5.63 -25.74
CA ARG F 107 -14.36 -4.98 -24.43
C ARG F 107 -15.69 -4.29 -24.22
N GLY F 108 -16.27 -4.50 -23.04
CA GLY F 108 -17.52 -3.84 -22.67
C GLY F 108 -18.67 -4.17 -23.60
N SER F 109 -18.84 -5.45 -23.92
CA SER F 109 -19.92 -5.92 -24.77
C SER F 109 -20.88 -6.76 -23.95
N ALA F 110 -22.17 -6.47 -24.05
CA ALA F 110 -23.18 -7.23 -23.32
C ALA F 110 -23.44 -8.60 -23.93
N ALA F 111 -23.05 -8.81 -25.18
CA ALA F 111 -23.29 -10.09 -25.82
C ALA F 111 -22.57 -11.21 -25.07
N GLN F 112 -23.29 -12.30 -24.83
CA GLN F 112 -22.74 -13.47 -24.16
C GLN F 112 -22.34 -14.53 -25.18
N ARG F 113 -21.52 -15.47 -24.71
CA ARG F 113 -21.03 -16.55 -25.56
C ARG F 113 -21.06 -17.85 -24.76
N PRO F 114 -21.77 -18.88 -25.22
CA PRO F 114 -21.77 -20.16 -24.49
C PRO F 114 -20.36 -20.72 -24.38
N ARG F 115 -20.09 -21.37 -23.24
CA ARG F 115 -18.75 -21.89 -23.00
C ARG F 115 -18.38 -22.97 -24.01
N THR F 116 -19.36 -23.70 -24.54
CA THR F 116 -19.08 -24.72 -25.53
C THR F 116 -18.56 -24.13 -26.84
N ARG F 117 -18.85 -22.87 -27.12
CA ARG F 117 -18.37 -22.22 -28.33
C ARG F 117 -16.98 -21.63 -28.17
N THR F 118 -16.37 -21.73 -26.99
CA THR F 118 -15.03 -21.22 -26.80
C THR F 118 -14.03 -22.09 -27.56
N LEU F 119 -12.91 -21.46 -27.94
CA LEU F 119 -11.87 -22.18 -28.68
C LEU F 119 -11.32 -23.34 -27.86
N THR F 120 -11.03 -23.11 -26.58
CA THR F 120 -10.49 -24.17 -25.74
C THR F 120 -11.48 -25.32 -25.60
N SER F 121 -12.77 -25.01 -25.45
CA SER F 121 -13.75 -26.07 -25.28
C SER F 121 -13.92 -26.89 -26.56
N VAL F 122 -13.76 -26.26 -27.73
CA VAL F 122 -13.90 -26.99 -28.98
C VAL F 122 -12.68 -27.85 -29.24
N HIS F 123 -11.48 -27.31 -29.01
CA HIS F 123 -10.27 -28.11 -29.22
C HIS F 123 -10.23 -29.33 -28.32
N ASP F 124 -10.67 -29.20 -27.07
CA ASP F 124 -10.76 -30.36 -26.19
C ASP F 124 -11.80 -31.35 -26.69
N ALA F 125 -12.93 -30.87 -27.19
CA ALA F 125 -13.96 -31.77 -27.70
C ALA F 125 -13.51 -32.48 -28.97
N ILE F 126 -12.76 -31.79 -29.84
CA ILE F 126 -12.22 -32.44 -31.03
C ILE F 126 -11.26 -33.56 -30.63
N LEU F 127 -10.42 -33.31 -29.63
CA LEU F 127 -9.48 -34.33 -29.19
C LEU F 127 -10.19 -35.58 -28.68
N GLU F 128 -11.35 -35.43 -28.06
CA GLU F 128 -12.08 -36.58 -27.55
C GLU F 128 -12.71 -37.38 -28.69
N ASP F 129 -13.26 -36.70 -29.70
CA ASP F 129 -13.81 -37.38 -30.86
C ASP F 129 -12.72 -37.98 -31.75
N LEU F 130 -11.48 -37.53 -31.61
CA LEU F 130 -10.41 -38.01 -32.47
C LEU F 130 -9.90 -39.39 -32.06
N VAL F 131 -9.98 -39.73 -30.78
CA VAL F 131 -9.41 -40.96 -30.26
C VAL F 131 -10.47 -42.03 -30.02
N VAL F 132 -11.64 -41.89 -30.64
CA VAL F 132 -12.66 -42.92 -30.47
C VAL F 132 -12.13 -44.25 -31.00
N PRO F 133 -12.38 -45.38 -30.33
CA PRO F 133 -13.17 -45.56 -29.11
C PRO F 133 -12.37 -45.34 -27.83
N ALA F 134 -11.07 -45.06 -27.95
CA ALA F 134 -10.25 -44.87 -26.76
C ALA F 134 -10.73 -43.68 -25.96
N GLU F 135 -10.72 -43.82 -24.64
CA GLU F 135 -11.10 -42.75 -23.73
C GLU F 135 -9.86 -42.13 -23.10
N ILE F 136 -9.84 -40.80 -23.04
CA ILE F 136 -8.71 -40.10 -22.44
C ILE F 136 -8.79 -40.24 -20.93
N VAL F 137 -7.66 -40.57 -20.30
CA VAL F 137 -7.57 -40.73 -18.87
C VAL F 137 -6.62 -39.73 -18.22
N GLY F 138 -5.90 -38.94 -19.01
CA GLY F 138 -5.01 -37.95 -18.45
C GLY F 138 -4.44 -37.07 -19.54
N LYS F 139 -4.00 -35.88 -19.13
CA LYS F 139 -3.40 -34.93 -20.05
C LYS F 139 -2.21 -34.26 -19.36
N ARG F 140 -1.12 -34.11 -20.10
CA ARG F 140 0.05 -33.37 -19.66
C ARG F 140 0.45 -32.39 -20.76
N THR F 141 0.91 -31.22 -20.35
CA THR F 141 1.41 -30.21 -21.29
C THR F 141 2.80 -29.81 -20.84
N ARG F 142 3.80 -30.08 -21.67
CA ARG F 142 5.19 -29.82 -21.36
C ARG F 142 5.63 -28.55 -22.07
N TYR F 143 6.16 -27.60 -21.32
CA TYR F 143 6.62 -26.33 -21.86
C TYR F 143 8.13 -26.40 -22.00
N ARG F 144 8.60 -26.62 -23.23
CA ARG F 144 10.03 -26.77 -23.48
C ARG F 144 10.73 -25.41 -23.35
N VAL F 145 12.03 -25.48 -23.09
CA VAL F 145 12.81 -24.26 -22.86
C VAL F 145 12.86 -23.41 -24.12
N ASP F 146 12.92 -24.04 -25.29
CA ASP F 146 13.03 -23.28 -26.54
C ASP F 146 11.83 -22.35 -26.73
N GLY F 147 10.65 -22.76 -26.27
CA GLY F 147 9.47 -21.94 -26.38
C GLY F 147 8.24 -22.72 -26.80
N SER F 148 8.45 -23.86 -27.44
CA SER F 148 7.35 -24.69 -27.89
C SER F 148 6.77 -25.49 -26.72
N LYS F 149 5.53 -25.92 -26.88
CA LYS F 149 4.86 -26.76 -25.91
C LYS F 149 4.23 -27.96 -26.61
N ILE F 150 4.21 -29.09 -25.92
CA ILE F 150 3.70 -30.34 -26.47
C ILE F 150 2.79 -30.98 -25.42
N MET F 151 1.64 -31.46 -25.87
CA MET F 151 0.67 -32.09 -24.98
C MET F 151 0.77 -33.60 -25.10
N LYS F 152 0.69 -34.28 -23.96
CA LYS F 152 0.71 -35.75 -23.91
C LYS F 152 -0.64 -36.22 -23.41
N VAL F 153 -1.27 -37.11 -24.17
CA VAL F 153 -2.60 -37.60 -23.87
C VAL F 153 -2.50 -39.08 -23.52
N TYR F 154 -3.08 -39.45 -22.38
CA TYR F 154 -3.09 -40.83 -21.92
C TYR F 154 -4.41 -41.48 -22.30
N LEU F 155 -4.34 -42.64 -22.94
CA LEU F 155 -5.52 -43.36 -23.41
C LEU F 155 -5.71 -44.62 -22.59
N ASP F 156 -6.97 -44.97 -22.36
CA ASP F 156 -7.30 -46.18 -21.63
C ASP F 156 -6.73 -47.39 -22.38
N PRO F 157 -5.91 -48.22 -21.74
CA PRO F 157 -5.33 -49.37 -22.46
C PRO F 157 -6.34 -50.42 -22.86
N LYS F 158 -7.58 -50.33 -22.40
CA LYS F 158 -8.59 -51.32 -22.76
C LYS F 158 -8.83 -51.32 -24.27
N GLU F 159 -8.97 -50.13 -24.87
CA GLU F 159 -9.14 -50.00 -26.32
C GLU F 159 -7.80 -49.74 -26.99
N ARG F 160 -6.81 -50.60 -26.76
CA ARG F 160 -5.49 -50.41 -27.32
C ARG F 160 -5.33 -51.05 -28.69
N ASN F 161 -6.06 -52.12 -28.97
CA ASN F 161 -5.94 -52.78 -30.27
C ASN F 161 -6.57 -51.97 -31.39
N ASN F 162 -7.52 -51.09 -31.08
CA ASN F 162 -8.21 -50.30 -32.09
C ASN F 162 -7.61 -48.92 -32.28
N THR F 163 -6.58 -48.57 -31.51
CA THR F 163 -5.97 -47.24 -31.63
C THR F 163 -4.46 -47.24 -31.64
N GLU F 164 -3.80 -48.36 -31.30
CA GLU F 164 -2.34 -48.34 -31.21
C GLU F 164 -1.69 -47.99 -32.55
N TYR F 165 -2.30 -48.40 -33.65
CA TYR F 165 -1.75 -48.16 -34.98
C TYR F 165 -2.18 -46.81 -35.57
N LYS F 166 -3.05 -46.08 -34.89
CA LYS F 166 -3.52 -44.79 -35.37
C LYS F 166 -2.87 -43.61 -34.66
N LEU F 167 -1.98 -43.87 -33.70
CA LEU F 167 -1.42 -42.76 -32.92
C LEU F 167 -0.71 -41.75 -33.79
N GLU F 168 -0.14 -42.18 -34.92
CA GLU F 168 0.49 -41.24 -35.84
C GLU F 168 -0.56 -40.41 -36.59
N THR F 169 -1.69 -41.02 -36.95
CA THR F 169 -2.74 -40.27 -37.61
C THR F 169 -3.41 -39.28 -36.67
N PHE F 170 -3.62 -39.67 -35.41
CA PHE F 170 -4.21 -38.75 -34.44
C PHE F 170 -3.33 -37.52 -34.28
N SER F 171 -2.03 -37.71 -34.12
CA SER F 171 -1.13 -36.58 -33.94
C SER F 171 -1.12 -35.67 -35.16
N ALA F 172 -1.12 -36.25 -36.36
CA ALA F 172 -1.10 -35.44 -37.58
C ALA F 172 -2.44 -34.76 -37.83
N VAL F 173 -3.55 -35.49 -37.62
CA VAL F 173 -4.87 -34.90 -37.83
C VAL F 173 -5.13 -33.78 -36.84
N TYR F 174 -4.75 -33.95 -35.58
CA TYR F 174 -5.02 -32.94 -34.57
C TYR F 174 -4.25 -31.67 -34.82
N ARG F 175 -3.00 -31.76 -35.31
CA ARG F 175 -2.22 -30.55 -35.54
C ARG F 175 -2.84 -29.70 -36.64
N LYS F 176 -3.43 -30.32 -37.65
CA LYS F 176 -4.03 -29.54 -38.73
C LYS F 176 -5.32 -28.87 -38.28
N LEU F 177 -6.08 -29.50 -37.41
CA LEU F 177 -7.35 -28.95 -36.91
C LEU F 177 -7.17 -28.03 -35.73
N SER F 178 -6.03 -28.09 -35.04
CA SER F 178 -5.82 -27.29 -33.83
C SER F 178 -4.51 -26.51 -33.89
N GLY F 179 -3.51 -27.06 -34.59
CA GLY F 179 -2.21 -26.43 -34.63
C GLY F 179 -1.39 -26.64 -33.37
N LYS F 180 -1.57 -27.79 -32.71
CA LYS F 180 -0.87 -28.07 -31.46
C LYS F 180 -0.26 -29.47 -31.53
N ASP F 181 0.97 -29.58 -31.03
CA ASP F 181 1.64 -30.87 -30.98
C ASP F 181 1.02 -31.76 -29.92
N VAL F 182 0.79 -33.02 -30.26
CA VAL F 182 0.19 -33.98 -29.33
C VAL F 182 0.79 -35.35 -29.58
N VAL F 183 1.13 -36.04 -28.49
CA VAL F 183 1.63 -37.41 -28.54
C VAL F 183 0.80 -38.25 -27.59
N PHE F 184 0.41 -39.44 -28.03
CA PHE F 184 -0.47 -40.31 -27.28
C PHE F 184 0.31 -41.45 -26.65
N GLU F 185 -0.11 -41.86 -25.46
CA GLU F 185 0.58 -42.88 -24.70
C GLU F 185 -0.43 -43.67 -23.89
N TYR F 186 -0.05 -44.90 -23.53
CA TYR F 186 -0.89 -45.77 -22.71
C TYR F 186 -0.25 -45.96 -21.35
N PRO F 187 -0.90 -45.55 -20.25
CA PRO F 187 -0.30 -45.76 -18.93
C PRO F 187 -0.20 -47.24 -18.59
N ILE F 188 0.84 -47.59 -17.83
CA ILE F 188 1.06 -48.97 -17.44
C ILE F 188 -0.08 -49.43 -16.55
N THR F 189 -0.49 -50.68 -16.73
CA THR F 189 -1.57 -51.26 -15.93
C THR F 189 -1.30 -52.74 -15.66
N GLY G 2 -28.96 47.00 2.67
CA GLY G 2 -30.41 46.86 2.35
C GLY G 2 -30.80 45.44 2.02
N ILE G 3 -31.89 45.29 1.26
CA ILE G 3 -32.28 43.97 0.81
C ILE G 3 -31.16 43.36 -0.02
N SER G 4 -30.86 42.09 0.25
CA SER G 4 -29.74 41.41 -0.39
C SER G 4 -30.20 40.06 -0.93
N ARG G 5 -29.62 39.67 -2.06
CA ARG G 5 -29.90 38.39 -2.71
C ARG G 5 -28.76 37.39 -2.53
N ASP G 6 -27.82 37.67 -1.64
CA ASP G 6 -26.69 36.79 -1.43
C ASP G 6 -27.13 35.52 -0.71
N SER G 7 -26.27 34.51 -0.78
CA SER G 7 -26.48 33.23 -0.11
C SER G 7 -25.72 33.12 1.20
N MET G 8 -24.98 34.16 1.60
CA MET G 8 -24.13 34.06 2.78
C MET G 8 -24.94 33.87 4.06
N HIS G 9 -26.13 34.46 4.14
CA HIS G 9 -26.96 34.34 5.33
C HIS G 9 -27.70 33.02 5.41
N LYS G 10 -27.70 32.23 4.35
CA LYS G 10 -28.42 30.96 4.34
C LYS G 10 -27.61 29.87 5.04
N ARG G 11 -28.30 28.82 5.44
CA ARG G 11 -27.64 27.62 5.93
C ARG G 11 -27.12 26.79 4.76
N ARG G 12 -26.06 26.04 5.01
CA ARG G 12 -25.55 25.12 4.00
C ARG G 12 -26.56 24.00 3.77
N ALA G 13 -26.40 23.33 2.62
CA ALA G 13 -27.27 22.20 2.31
C ALA G 13 -27.19 21.11 3.37
N THR G 14 -26.07 20.99 4.08
CA THR G 14 -25.97 20.05 5.18
C THR G 14 -26.72 20.52 6.42
N GLY G 15 -26.94 21.83 6.55
CA GLY G 15 -27.58 22.41 7.71
C GLY G 15 -26.67 23.30 8.54
N GLY G 16 -25.36 23.18 8.38
CA GLY G 16 -24.45 24.02 9.15
C GLY G 16 -24.54 25.48 8.76
N LYS G 17 -24.12 26.33 9.69
CA LYS G 17 -24.12 27.77 9.46
C LYS G 17 -22.92 28.18 8.62
N LYS G 18 -23.03 29.35 8.00
CA LYS G 18 -21.96 29.96 7.23
C LYS G 18 -21.47 31.19 7.99
N LYS G 19 -20.23 31.14 8.46
CA LYS G 19 -19.63 32.32 9.07
C LYS G 19 -19.40 33.39 8.02
N SER G 20 -19.71 34.64 8.39
CA SER G 20 -19.56 35.74 7.45
C SER G 20 -18.08 36.01 7.17
N TRP G 21 -17.73 36.13 5.90
CA TRP G 21 -16.36 36.44 5.49
C TRP G 21 -16.26 37.71 4.66
N ARG G 22 -17.36 38.40 4.40
CA ARG G 22 -17.31 39.70 3.73
C ARG G 22 -18.62 40.42 3.93
N LYS G 23 -18.59 41.74 3.69
CA LYS G 23 -19.76 42.59 3.79
C LYS G 23 -20.65 42.43 2.57
N LYS G 24 -21.87 42.96 2.68
CA LYS G 24 -22.81 42.92 1.56
C LYS G 24 -22.27 43.71 0.37
N ARG G 25 -22.57 43.24 -0.83
CA ARG G 25 -22.15 43.90 -2.05
C ARG G 25 -23.32 44.61 -2.70
N LYS G 26 -23.02 45.74 -3.34
CA LYS G 26 -24.05 46.48 -4.07
C LYS G 26 -24.55 45.71 -5.27
N TYR G 27 -23.73 44.84 -5.86
CA TYR G 27 -24.12 44.10 -7.04
C TYR G 27 -25.01 42.89 -6.73
N GLU G 28 -25.42 42.72 -5.47
CA GLU G 28 -26.31 41.64 -5.09
C GLU G 28 -27.51 42.17 -4.31
N LEU G 29 -27.90 43.42 -4.56
CA LEU G 29 -28.95 44.06 -3.79
C LEU G 29 -30.33 43.68 -4.32
N GLY G 30 -31.34 43.87 -3.46
CA GLY G 30 -32.73 43.88 -3.87
C GLY G 30 -33.35 45.23 -3.56
N ARG G 31 -34.62 45.36 -3.92
CA ARG G 31 -35.35 46.61 -3.72
C ARG G 31 -36.76 46.32 -3.24
N GLN G 32 -37.40 47.36 -2.73
CA GLN G 32 -38.75 47.22 -2.19
C GLN G 32 -39.73 46.86 -3.30
N PRO G 33 -40.71 46.00 -3.03
CA PRO G 33 -41.71 45.67 -4.05
C PRO G 33 -42.55 46.88 -4.43
N ALA G 34 -43.03 46.87 -5.67
CA ALA G 34 -43.87 47.95 -6.17
C ALA G 34 -45.24 47.96 -5.49
N ASN G 35 -45.86 46.79 -5.35
CA ASN G 35 -47.21 46.67 -4.83
C ASN G 35 -48.17 47.55 -5.63
N THR G 36 -48.17 47.31 -6.94
CA THR G 36 -49.01 48.10 -7.85
C THR G 36 -50.49 47.86 -7.53
N LYS G 37 -51.25 48.94 -7.47
CA LYS G 37 -52.68 48.90 -7.17
C LYS G 37 -53.48 49.45 -8.36
N ILE G 38 -54.73 49.05 -8.43
CA ILE G 38 -55.65 49.59 -9.44
C ILE G 38 -56.18 50.92 -8.92
N SER G 39 -55.92 51.98 -9.66
CA SER G 39 -56.36 53.32 -9.27
C SER G 39 -56.25 54.24 -10.46
N SER G 40 -57.21 55.18 -10.58
CA SER G 40 -57.21 56.12 -11.69
C SER G 40 -56.09 57.15 -11.59
N ASN G 41 -55.43 57.26 -10.45
CA ASN G 41 -54.31 58.19 -10.28
C ASN G 41 -53.02 57.47 -10.68
N LYS G 42 -52.80 57.40 -11.98
CA LYS G 42 -51.64 56.68 -12.50
C LYS G 42 -50.35 57.27 -11.96
N THR G 43 -49.42 56.39 -11.57
CA THR G 43 -48.14 56.82 -11.03
C THR G 43 -47.11 55.74 -11.35
N VAL G 44 -46.09 56.10 -12.13
CA VAL G 44 -44.98 55.22 -12.45
C VAL G 44 -43.70 55.99 -12.22
N ARG G 45 -42.85 55.49 -11.32
CA ARG G 45 -41.60 56.17 -11.01
C ARG G 45 -40.43 55.47 -11.69
N ARG G 46 -39.48 56.28 -12.15
CA ARG G 46 -38.34 55.82 -12.93
C ARG G 46 -37.20 55.45 -11.99
N ILE G 47 -36.68 54.23 -12.14
CA ILE G 47 -35.62 53.71 -11.29
C ILE G 47 -34.36 53.49 -12.12
N ARG G 48 -33.26 54.05 -11.66
CA ARG G 48 -31.96 53.85 -12.29
C ARG G 48 -31.36 52.56 -11.74
N VAL G 49 -31.04 51.62 -12.64
CA VAL G 49 -30.55 50.31 -12.24
C VAL G 49 -29.14 50.10 -12.76
N ARG G 50 -28.58 48.92 -12.49
CA ARG G 50 -27.20 48.63 -12.85
C ARG G 50 -26.95 48.88 -14.34
N GLY G 51 -25.79 49.43 -14.65
CA GLY G 51 -25.44 49.77 -16.01
C GLY G 51 -26.00 51.08 -16.51
N GLY G 52 -26.63 51.87 -15.64
CA GLY G 52 -27.28 53.08 -16.07
C GLY G 52 -28.58 52.87 -16.80
N ASN G 53 -29.12 51.65 -16.77
CA ASN G 53 -30.37 51.34 -17.45
C ASN G 53 -31.55 51.78 -16.58
N VAL G 54 -32.76 51.58 -17.10
CA VAL G 54 -33.97 52.11 -16.48
C VAL G 54 -34.96 50.98 -16.24
N LYS G 55 -35.61 51.01 -15.08
CA LYS G 55 -36.79 50.21 -14.81
C LYS G 55 -37.94 51.15 -14.46
N TRP G 56 -39.15 50.74 -14.78
CA TRP G 56 -40.35 51.53 -14.52
C TRP G 56 -41.17 50.82 -13.47
N ARG G 57 -41.32 51.45 -12.31
CA ARG G 57 -42.04 50.86 -11.17
C ARG G 57 -43.41 51.53 -11.09
N ALA G 58 -44.45 50.78 -11.43
CA ALA G 58 -45.81 51.31 -11.43
C ALA G 58 -46.39 51.18 -10.02
N LEU G 59 -46.77 52.31 -9.42
CA LEU G 59 -47.43 52.29 -8.13
C LEU G 59 -48.94 52.16 -8.29
N ARG G 60 -49.49 52.81 -9.31
CA ARG G 60 -50.93 52.75 -9.58
C ARG G 60 -51.15 52.74 -11.09
N LEU G 61 -52.08 51.88 -11.51
CA LEU G 61 -52.44 51.76 -12.92
C LEU G 61 -53.95 51.59 -13.02
N ASP G 62 -54.51 51.99 -14.16
CA ASP G 62 -55.94 51.85 -14.42
C ASP G 62 -56.27 51.27 -15.78
N THR G 63 -55.38 51.33 -16.76
CA THR G 63 -55.63 50.80 -18.09
C THR G 63 -54.50 49.86 -18.47
N GLY G 64 -54.78 48.98 -19.44
CA GLY G 64 -53.80 48.04 -19.91
C GLY G 64 -54.03 47.70 -21.37
N ASN G 65 -53.01 47.09 -21.96
CA ASN G 65 -53.05 46.65 -23.34
C ASN G 65 -53.31 45.14 -23.35
N PHE G 66 -54.51 44.74 -23.75
CA PHE G 66 -54.95 43.37 -23.64
C PHE G 66 -55.28 42.80 -25.02
N SER G 67 -54.92 41.54 -25.22
CA SER G 67 -54.99 40.89 -26.53
C SER G 67 -56.03 39.77 -26.49
N TRP G 68 -56.88 39.74 -27.51
CA TRP G 68 -57.83 38.64 -27.70
C TRP G 68 -57.17 37.64 -28.64
N GLY G 69 -56.65 36.56 -28.08
CA GLY G 69 -55.76 35.69 -28.84
C GLY G 69 -56.43 35.05 -30.03
N SER G 70 -57.62 34.49 -29.83
CA SER G 70 -58.30 33.79 -30.92
C SER G 70 -58.63 34.74 -32.06
N GLU G 71 -58.99 35.98 -31.74
CA GLU G 71 -59.29 36.98 -32.76
C GLU G 71 -58.06 37.73 -33.25
N ALA G 72 -56.93 37.59 -32.57
CA ALA G 72 -55.68 38.25 -32.96
C ALA G 72 -55.84 39.77 -32.98
N VAL G 73 -56.57 40.31 -31.99
CA VAL G 73 -56.79 41.74 -31.87
C VAL G 73 -56.37 42.18 -30.48
N THR G 74 -55.66 43.29 -30.41
CA THR G 74 -55.18 43.86 -29.16
C THR G 74 -55.72 45.28 -29.02
N ARG G 75 -56.29 45.58 -27.86
CA ARG G 75 -56.86 46.89 -27.61
C ARG G 75 -56.47 47.37 -26.22
N LYS G 76 -56.31 48.68 -26.08
CA LYS G 76 -56.16 49.31 -24.78
C LYS G 76 -57.52 49.38 -24.11
N THR G 77 -57.59 48.94 -22.86
CA THR G 77 -58.85 48.86 -22.14
C THR G 77 -58.61 49.16 -20.67
N ARG G 78 -59.69 49.48 -19.97
CA ARG G 78 -59.63 49.84 -18.56
C ARG G 78 -59.67 48.59 -17.70
N ILE G 79 -58.81 48.57 -16.68
CA ILE G 79 -58.80 47.47 -15.71
C ILE G 79 -59.84 47.77 -14.63
N LEU G 80 -60.74 46.82 -14.41
CA LEU G 80 -61.87 47.04 -13.51
C LEU G 80 -61.68 46.44 -12.14
N ASP G 81 -61.14 45.22 -12.03
CA ASP G 81 -61.12 44.54 -10.75
C ASP G 81 -60.18 43.35 -10.83
N VAL G 82 -59.49 43.08 -9.71
CA VAL G 82 -58.74 41.83 -9.54
C VAL G 82 -59.66 40.83 -8.87
N VAL G 83 -59.76 39.63 -9.45
CA VAL G 83 -60.74 38.65 -9.00
C VAL G 83 -60.07 37.40 -8.43
N TYR G 84 -58.87 37.08 -8.91
CA TYR G 84 -58.21 35.85 -8.48
C TYR G 84 -56.71 36.04 -8.55
N ASN G 85 -56.00 35.43 -7.59
CA ASN G 85 -54.55 35.45 -7.55
C ASN G 85 -54.08 34.12 -7.01
N ALA G 86 -53.25 33.41 -7.80
CA ALA G 86 -52.85 32.06 -7.43
C ALA G 86 -51.83 32.04 -6.29
N SER G 87 -51.11 33.14 -6.06
CA SER G 87 -50.06 33.16 -5.06
C SER G 87 -50.61 33.46 -3.66
N ASN G 88 -51.45 34.49 -3.55
CA ASN G 88 -51.88 34.98 -2.25
C ASN G 88 -53.24 35.64 -2.41
N ASN G 89 -54.25 35.10 -1.73
CA ASN G 89 -55.59 35.68 -1.83
C ASN G 89 -55.65 37.07 -1.22
N GLU G 90 -54.70 37.44 -0.37
CA GLU G 90 -54.67 38.78 0.18
C GLU G 90 -54.33 39.82 -0.88
N LEU G 91 -53.69 39.42 -1.97
CA LEU G 91 -53.45 40.32 -3.08
C LEU G 91 -54.70 40.61 -3.89
N VAL G 92 -55.77 39.84 -3.69
CA VAL G 92 -57.02 40.09 -4.41
C VAL G 92 -57.80 41.21 -3.75
N ARG G 93 -57.97 41.16 -2.43
CA ARG G 93 -58.75 42.18 -1.74
C ARG G 93 -58.01 43.50 -1.62
N THR G 94 -56.69 43.48 -1.73
CA THR G 94 -55.90 44.71 -1.83
C THR G 94 -55.81 45.23 -3.26
N GLN G 95 -56.35 44.47 -4.23
CA GLN G 95 -56.36 44.90 -5.64
C GLN G 95 -54.95 45.18 -6.13
N THR G 96 -54.06 44.21 -5.93
CA THR G 96 -52.67 44.35 -6.35
C THR G 96 -52.50 43.78 -7.76
N LEU G 97 -51.79 44.51 -8.60
CA LEU G 97 -51.54 44.11 -9.98
C LEU G 97 -50.18 43.44 -10.06
N VAL G 98 -50.17 42.13 -10.28
CA VAL G 98 -48.95 41.36 -10.45
C VAL G 98 -49.14 40.43 -11.64
N LYS G 99 -48.03 39.96 -12.19
CA LYS G 99 -48.07 39.03 -13.30
C LYS G 99 -48.88 37.80 -12.93
N SER G 100 -49.70 37.34 -13.88
CA SER G 100 -50.53 36.14 -13.78
C SER G 100 -51.74 36.32 -12.89
N ALA G 101 -52.04 37.55 -12.44
CA ALA G 101 -53.27 37.81 -11.72
C ALA G 101 -54.45 37.84 -12.69
N ILE G 102 -55.57 37.30 -12.26
CA ILE G 102 -56.79 37.28 -13.06
C ILE G 102 -57.57 38.54 -12.75
N VAL G 103 -57.87 39.33 -13.79
CA VAL G 103 -58.56 40.61 -13.64
C VAL G 103 -59.72 40.66 -14.62
N GLN G 104 -60.62 41.60 -14.37
CA GLN G 104 -61.73 41.90 -15.27
C GLN G 104 -61.44 43.22 -15.98
N VAL G 105 -61.57 43.21 -17.30
CA VAL G 105 -61.31 44.39 -18.12
C VAL G 105 -62.60 44.79 -18.83
N ASP G 106 -62.66 46.06 -19.23
CA ASP G 106 -63.82 46.55 -19.95
C ASP G 106 -63.91 45.89 -21.32
N ALA G 107 -65.10 45.41 -21.66
CA ALA G 107 -65.34 44.72 -22.92
C ALA G 107 -65.69 45.67 -24.06
N ALA G 108 -65.86 46.96 -23.78
CA ALA G 108 -66.32 47.88 -24.81
C ALA G 108 -65.37 47.98 -25.99
N PRO G 109 -64.06 48.13 -25.81
CA PRO G 109 -63.18 48.24 -26.99
C PRO G 109 -63.24 47.02 -27.90
N PHE G 110 -63.44 45.83 -27.34
CA PHE G 110 -63.52 44.62 -28.16
C PHE G 110 -64.86 44.48 -28.86
N LYS G 111 -65.94 44.97 -28.23
CA LYS G 111 -67.24 44.95 -28.89
C LYS G 111 -67.22 45.81 -30.14
N GLN G 112 -66.59 46.98 -30.08
CA GLN G 112 -66.53 47.85 -31.25
C GLN G 112 -65.80 47.17 -32.41
N TRP G 113 -64.68 46.51 -32.12
CA TRP G 113 -63.97 45.78 -33.17
C TRP G 113 -64.81 44.64 -33.71
N TYR G 114 -65.50 43.91 -32.83
CA TYR G 114 -66.32 42.80 -33.28
C TYR G 114 -67.44 43.26 -34.20
N LEU G 115 -68.06 44.40 -33.89
CA LEU G 115 -69.10 44.94 -34.75
C LEU G 115 -68.51 45.48 -36.05
N GLN G 116 -67.34 46.10 -35.99
CA GLN G 116 -66.70 46.61 -37.19
C GLN G 116 -66.13 45.50 -38.06
N HIS G 117 -65.83 44.34 -37.49
CA HIS G 117 -65.18 43.25 -38.21
C HIS G 117 -66.19 42.22 -38.72
N TYR G 118 -67.13 41.79 -37.87
CA TYR G 118 -68.13 40.81 -38.25
C TYR G 118 -69.49 41.43 -38.51
N GLY G 119 -69.68 42.72 -38.22
CA GLY G 119 -70.99 43.32 -38.38
C GLY G 119 -72.04 42.72 -37.46
N ILE G 120 -71.65 42.31 -36.27
CA ILE G 120 -72.55 41.65 -35.32
C ILE G 120 -72.39 42.32 -33.96
N ASP G 121 -73.49 42.32 -33.20
CA ASP G 121 -73.53 42.91 -31.88
C ASP G 121 -73.56 41.83 -30.83
N ILE G 122 -72.69 41.93 -29.82
CA ILE G 122 -72.62 40.95 -28.75
C ILE G 122 -72.56 41.66 -27.40
N SER G 148 -72.18 51.41 -48.93
CA SER G 148 -71.38 50.30 -48.40
C SER G 148 -71.73 49.01 -49.12
N ASN G 149 -71.32 48.90 -50.38
CA ASN G 149 -71.56 47.70 -51.17
C ASN G 149 -70.38 46.75 -51.12
N HIS G 150 -69.16 47.27 -51.27
CA HIS G 150 -67.98 46.43 -51.16
C HIS G 150 -67.67 46.06 -49.72
N VAL G 151 -68.17 46.83 -48.75
CA VAL G 151 -67.94 46.51 -47.34
C VAL G 151 -68.78 45.30 -46.93
N VAL G 152 -70.07 45.31 -47.27
CA VAL G 152 -70.94 44.18 -46.95
C VAL G 152 -70.48 42.93 -47.68
N ARG G 153 -69.75 43.08 -48.78
CA ARG G 153 -69.25 41.92 -49.52
C ARG G 153 -68.28 41.12 -48.68
N LYS G 154 -67.40 41.80 -47.93
CA LYS G 154 -66.38 41.11 -47.14
C LYS G 154 -66.87 40.74 -45.74
N ILE G 155 -67.76 41.54 -45.15
CA ILE G 155 -68.23 41.23 -43.81
C ILE G 155 -68.95 39.89 -43.79
N GLU G 156 -69.83 39.67 -44.77
CA GLU G 156 -70.50 38.38 -44.86
C GLU G 156 -69.52 37.27 -45.20
N ASN G 157 -68.47 37.58 -45.96
CA ASN G 157 -67.45 36.59 -46.25
C ASN G 157 -66.73 36.16 -44.98
N ARG G 158 -66.43 37.10 -44.09
CA ARG G 158 -65.79 36.77 -42.82
C ARG G 158 -66.75 36.10 -41.85
N GLN G 159 -68.06 36.25 -42.05
CA GLN G 159 -69.04 35.67 -41.15
C GLN G 159 -69.19 34.16 -41.34
N ALA G 160 -68.68 33.61 -42.44
CA ALA G 160 -68.79 32.17 -42.68
C ALA G 160 -67.99 31.39 -41.64
N ASP G 161 -66.79 31.86 -41.33
CA ASP G 161 -65.88 31.18 -40.40
C ASP G 161 -65.88 31.84 -39.02
N ARG G 162 -67.03 32.36 -38.59
CA ARG G 162 -67.14 33.04 -37.30
C ARG G 162 -67.63 32.06 -36.25
N LYS G 163 -66.85 31.91 -35.18
CA LYS G 163 -67.22 31.08 -34.05
C LYS G 163 -66.86 31.81 -32.77
N LEU G 164 -67.80 31.86 -31.83
CA LEU G 164 -67.61 32.56 -30.57
C LEU G 164 -67.93 31.59 -29.43
N ASP G 165 -67.00 31.42 -28.52
CA ASP G 165 -67.21 30.53 -27.39
C ASP G 165 -68.40 31.00 -26.57
N SER G 166 -69.26 30.06 -26.17
CA SER G 166 -70.43 30.40 -25.38
C SER G 166 -70.03 31.05 -24.06
N HIS G 167 -69.03 30.48 -23.38
CA HIS G 167 -68.57 31.06 -22.14
C HIS G 167 -68.00 32.46 -22.35
N LEU G 168 -67.32 32.68 -23.47
CA LEU G 168 -66.76 34.00 -23.75
C LEU G 168 -67.84 35.00 -24.12
N GLU G 169 -68.90 34.55 -24.80
CA GLU G 169 -69.98 35.45 -25.18
C GLU G 169 -70.86 35.80 -23.99
N GLU G 170 -71.04 34.87 -23.04
CA GLU G 170 -71.90 35.13 -21.90
C GLU G 170 -71.45 36.33 -21.08
N GLN G 171 -70.14 36.61 -21.05
CA GLN G 171 -69.62 37.70 -20.24
C GLN G 171 -69.49 39.00 -21.03
N PHE G 172 -69.82 39.01 -22.32
CA PHE G 172 -69.91 40.27 -23.04
C PHE G 172 -71.17 41.04 -22.65
N ALA G 173 -72.22 40.33 -22.22
CA ALA G 173 -73.44 41.01 -21.80
C ALA G 173 -73.18 41.90 -20.59
N SER G 174 -72.38 41.42 -19.64
CA SER G 174 -72.06 42.20 -18.44
C SER G 174 -71.01 43.27 -18.72
N GLY G 175 -70.39 43.26 -19.89
CA GLY G 175 -69.40 44.28 -20.22
C GLY G 175 -68.04 44.08 -19.61
N ARG G 176 -67.76 42.90 -19.06
CA ARG G 176 -66.48 42.60 -18.45
C ARG G 176 -65.94 41.30 -19.00
N LEU G 177 -64.63 41.27 -19.26
CA LEU G 177 -63.94 40.08 -19.73
C LEU G 177 -62.88 39.69 -18.71
N LEU G 178 -62.84 38.41 -18.36
CA LEU G 178 -61.77 37.91 -17.52
C LEU G 178 -60.46 37.89 -18.31
N ALA G 179 -59.40 38.43 -17.71
CA ALA G 179 -58.11 38.54 -18.37
C ALA G 179 -57.00 38.19 -17.39
N CYS G 180 -55.86 37.80 -17.94
CA CYS G 180 -54.69 37.44 -17.17
C CYS G 180 -53.56 38.41 -17.49
N ILE G 181 -52.94 38.96 -16.45
CA ILE G 181 -51.83 39.89 -16.63
C ILE G 181 -50.59 39.09 -17.02
N SER G 182 -50.00 39.43 -18.16
CA SER G 182 -48.82 38.76 -18.65
C SER G 182 -47.54 39.58 -18.49
N SER G 183 -47.65 40.86 -18.14
CA SER G 183 -46.49 41.70 -17.91
C SER G 183 -46.19 41.78 -16.42
N ARG G 184 -45.09 42.45 -16.09
CA ARG G 184 -44.65 42.64 -14.70
C ARG G 184 -44.72 44.13 -14.38
N PRO G 185 -45.81 44.60 -13.77
CA PRO G 185 -45.96 46.06 -13.56
C PRO G 185 -44.84 46.66 -12.73
N GLY G 186 -44.28 45.93 -11.77
CA GLY G 186 -43.18 46.45 -10.99
C GLY G 186 -41.87 46.53 -11.73
N GLN G 187 -41.76 45.89 -12.89
CA GLN G 187 -40.54 45.90 -13.69
C GLN G 187 -40.66 46.81 -14.91
N CYS G 188 -41.74 46.67 -15.68
CA CYS G 188 -41.92 47.45 -16.91
C CYS G 188 -42.88 48.62 -16.73
N GLY G 189 -43.58 48.70 -15.60
CA GLY G 189 -44.49 49.81 -15.38
C GLY G 189 -45.82 49.70 -16.08
N ARG G 190 -46.12 48.57 -16.70
CA ARG G 190 -47.35 48.40 -17.46
C ARG G 190 -48.07 47.15 -16.99
N ALA G 191 -49.37 47.09 -17.28
CA ALA G 191 -50.21 45.95 -16.95
C ALA G 191 -50.89 45.47 -18.24
N ASP G 192 -50.19 44.63 -18.98
CA ASP G 192 -50.71 44.03 -20.19
C ASP G 192 -51.08 42.58 -19.96
N GLY G 193 -51.92 42.06 -20.82
CA GLY G 193 -52.38 40.70 -20.64
C GLY G 193 -53.14 40.21 -21.86
N TYR G 194 -53.87 39.11 -21.65
CA TYR G 194 -54.65 38.48 -22.71
C TYR G 194 -55.99 38.04 -22.13
N ILE G 195 -56.97 37.93 -23.01
CA ILE G 195 -58.31 37.50 -22.62
C ILE G 195 -58.29 36.00 -22.39
N LEU G 196 -58.84 35.57 -21.25
CA LEU G 196 -58.95 34.15 -20.97
C LEU G 196 -59.94 33.50 -21.92
N GLU G 197 -59.63 32.27 -22.33
CA GLU G 197 -60.52 31.49 -23.18
C GLU G 197 -60.03 30.06 -23.20
N GLY G 198 -60.87 29.17 -23.73
CA GLY G 198 -60.54 27.75 -23.75
C GLY G 198 -60.64 27.13 -22.37
N LYS G 199 -59.82 26.10 -22.14
CA LYS G 199 -59.82 25.42 -20.86
C LYS G 199 -59.21 26.28 -19.75
N GLU G 200 -58.40 27.27 -20.10
CA GLU G 200 -57.90 28.20 -19.08
C GLU G 200 -59.03 29.02 -18.49
N LEU G 201 -59.95 29.48 -19.33
CA LEU G 201 -61.12 30.19 -18.83
C LEU G 201 -61.98 29.29 -17.95
N GLU G 202 -62.18 28.03 -18.38
CA GLU G 202 -62.96 27.10 -17.58
C GLU G 202 -62.32 26.86 -16.23
N PHE G 203 -60.99 26.74 -16.20
CA PHE G 203 -60.29 26.48 -14.95
C PHE G 203 -60.53 27.59 -13.94
N TYR G 204 -60.37 28.84 -14.37
CA TYR G 204 -60.45 29.96 -13.44
C TYR G 204 -61.89 30.29 -13.05
N MET G 205 -62.82 30.19 -13.99
CA MET G 205 -64.22 30.45 -13.66
C MET G 205 -64.76 29.42 -12.67
N LYS G 206 -64.19 28.22 -12.65
CA LYS G 206 -64.56 27.24 -11.64
C LYS G 206 -63.97 27.61 -10.28
N LYS G 207 -62.81 28.26 -10.26
CA LYS G 207 -62.25 28.76 -9.01
C LYS G 207 -63.08 29.90 -8.44
N LEU G 208 -63.76 30.67 -9.29
CA LEU G 208 -64.59 31.78 -8.85
C LEU G 208 -66.02 31.38 -8.56
N GLN G 209 -66.40 30.14 -8.86
CA GLN G 209 -67.78 29.68 -8.68
C GLN G 209 -67.96 29.25 -7.23
N LYS G 210 -68.38 30.18 -6.39
CA LYS G 210 -68.61 29.91 -4.97
C LYS G 210 -69.86 30.62 -4.48
N ALA H 2 -56.67 15.51 -13.99
CA ALA H 2 -55.67 15.98 -14.99
C ALA H 2 -54.43 16.53 -14.30
N GLU H 3 -53.50 17.08 -15.10
CA GLU H 3 -52.28 17.65 -14.55
C GLU H 3 -52.50 18.97 -13.83
N GLN H 4 -53.70 19.56 -13.93
CA GLN H 4 -53.99 20.83 -13.28
C GLN H 4 -54.29 20.55 -11.81
N THR H 5 -53.24 20.59 -10.98
CA THR H 5 -53.36 20.35 -9.55
C THR H 5 -52.94 21.53 -8.71
N GLU H 6 -52.37 22.57 -9.29
CA GLU H 6 -51.93 23.74 -8.54
C GLU H 6 -53.05 24.78 -8.48
N LYS H 7 -52.78 25.89 -7.80
CA LYS H 7 -53.76 26.97 -7.74
C LYS H 7 -53.82 27.73 -9.06
N ALA H 8 -52.71 27.81 -9.78
CA ALA H 8 -52.68 28.43 -11.09
C ALA H 8 -52.90 27.38 -12.18
N PHE H 9 -53.24 27.86 -13.37
CA PHE H 9 -53.41 27.00 -14.53
C PHE H 9 -52.07 26.79 -15.19
N LEU H 10 -51.65 25.53 -15.32
CA LEU H 10 -50.34 25.20 -15.84
C LEU H 10 -50.41 24.94 -17.34
N LYS H 11 -49.49 25.54 -18.07
CA LYS H 11 -49.45 25.37 -19.53
C LYS H 11 -48.04 25.69 -20.01
N GLN H 12 -47.76 25.26 -21.23
CA GLN H 12 -46.46 25.57 -21.82
C GLN H 12 -46.46 27.01 -22.35
N PRO H 13 -45.37 27.76 -22.17
CA PRO H 13 -45.31 29.12 -22.70
C PRO H 13 -45.17 29.12 -24.22
N GLY H 14 -45.99 29.93 -24.89
CA GLY H 14 -45.93 30.07 -26.32
C GLY H 14 -46.81 29.11 -27.10
N VAL H 15 -47.49 28.19 -26.44
CA VAL H 15 -48.37 27.23 -27.10
C VAL H 15 -49.79 27.74 -26.92
N PHE H 16 -50.36 28.32 -27.97
CA PHE H 16 -51.70 28.89 -27.91
C PHE H 16 -52.73 27.79 -28.12
N LEU H 17 -53.60 27.60 -27.13
CA LEU H 17 -54.54 26.50 -27.11
C LEU H 17 -55.93 26.86 -27.63
N SER H 18 -56.19 28.14 -27.94
CA SER H 18 -57.52 28.56 -28.33
C SER H 18 -57.54 29.11 -29.75
N SER H 19 -56.83 28.45 -30.66
CA SER H 19 -56.76 28.90 -32.05
C SER H 19 -57.90 28.31 -32.86
N LYS H 20 -58.47 29.12 -33.74
CA LYS H 20 -59.56 28.64 -34.59
C LYS H 20 -59.06 27.57 -35.56
N LYS H 21 -57.86 27.74 -36.10
CA LYS H 21 -57.28 26.74 -36.97
C LYS H 21 -56.84 25.52 -36.16
N THR H 22 -56.61 24.42 -36.88
CA THR H 22 -56.19 23.17 -36.26
C THR H 22 -54.67 23.03 -36.33
N GLY H 23 -54.13 22.24 -35.40
CA GLY H 23 -52.71 21.99 -35.34
C GLY H 23 -52.24 20.80 -36.14
N LYS H 24 -53.14 20.14 -36.87
CA LYS H 24 -52.76 18.98 -37.66
C LYS H 24 -51.80 19.40 -38.76
N GLY H 25 -50.61 18.79 -38.78
CA GLY H 25 -49.61 19.07 -39.77
C GLY H 25 -48.64 20.17 -39.42
N LYS H 26 -48.47 20.50 -38.14
CA LYS H 26 -47.56 21.53 -37.71
C LYS H 26 -46.57 20.98 -36.69
N ARG H 27 -45.43 21.66 -36.57
CA ARG H 27 -44.36 21.22 -35.71
C ARG H 27 -44.75 21.34 -34.25
N PRO H 28 -44.05 20.67 -33.35
CA PRO H 28 -44.37 20.78 -31.93
C PRO H 28 -44.32 22.23 -31.45
N GLY H 29 -45.26 22.58 -30.58
CA GLY H 29 -45.35 23.92 -30.06
C GLY H 29 -46.06 24.90 -30.97
N LYS H 30 -46.59 24.45 -32.11
CA LYS H 30 -47.32 25.29 -33.03
C LYS H 30 -48.67 24.66 -33.34
N GLY H 31 -49.66 25.51 -33.58
CA GLY H 31 -51.01 25.03 -33.80
C GLY H 31 -51.65 24.42 -32.58
N GLY H 32 -51.14 24.74 -31.39
CA GLY H 32 -51.62 24.15 -30.16
C GLY H 32 -51.03 22.80 -29.85
N ASN H 33 -50.10 22.30 -30.66
CA ASN H 33 -49.48 21.01 -30.42
C ASN H 33 -48.51 21.08 -29.25
N ARG H 34 -48.43 19.98 -28.50
CA ARG H 34 -47.51 19.92 -27.38
C ARG H 34 -46.08 20.17 -27.86
N TYR H 35 -45.34 20.96 -27.09
CA TYR H 35 -43.98 21.31 -27.45
C TYR H 35 -42.98 20.35 -26.79
N PHE H 36 -42.01 19.93 -27.59
CA PHE H 36 -40.91 19.10 -27.10
C PHE H 36 -39.72 19.33 -28.02
N LYS H 37 -38.55 18.92 -27.55
CA LYS H 37 -37.31 19.16 -28.29
C LYS H 37 -36.30 18.07 -27.97
N SER H 38 -35.26 18.00 -28.79
CA SER H 38 -34.13 17.13 -28.58
C SER H 38 -33.01 17.90 -27.90
N ILE H 39 -32.41 17.30 -26.87
CA ILE H 39 -31.36 17.95 -26.11
C ILE H 39 -29.98 17.76 -26.72
N GLY H 40 -29.87 16.94 -27.77
CA GLY H 40 -28.57 16.71 -28.38
C GLY H 40 -27.73 15.74 -27.57
N LEU H 41 -26.44 15.71 -27.90
CA LEU H 41 -25.45 14.87 -27.23
C LEU H 41 -25.79 13.38 -27.34
N GLY H 42 -26.63 13.00 -28.29
CA GLY H 42 -26.96 11.61 -28.51
C GLY H 42 -28.03 11.05 -27.61
N PHE H 43 -28.68 11.88 -26.79
CA PHE H 43 -29.74 11.40 -25.90
C PHE H 43 -31.08 11.41 -26.63
N LYS H 44 -31.89 10.39 -26.36
CA LYS H 44 -33.18 10.24 -26.99
C LYS H 44 -34.28 10.90 -26.16
N THR H 45 -35.28 11.43 -26.84
CA THR H 45 -36.44 11.99 -26.16
C THR H 45 -37.41 10.87 -25.80
N PRO H 46 -37.69 10.65 -24.52
CA PRO H 46 -38.59 9.56 -24.14
C PRO H 46 -39.98 9.75 -24.75
N ARG H 47 -40.63 8.62 -25.06
CA ARG H 47 -41.99 8.68 -25.57
C ARG H 47 -42.94 9.30 -24.56
N GLU H 48 -42.64 9.18 -23.26
CA GLU H 48 -43.52 9.72 -22.24
C GLU H 48 -43.50 11.24 -22.21
N ALA H 49 -42.48 11.87 -22.77
CA ALA H 49 -42.41 13.33 -22.82
C ALA H 49 -43.02 13.90 -24.08
N THR H 50 -42.92 13.16 -25.20
CA THR H 50 -43.51 13.63 -26.45
C THR H 50 -45.02 13.45 -26.47
N GLU H 51 -45.53 12.41 -25.81
CA GLU H 51 -46.96 12.10 -25.81
C GLU H 51 -47.59 12.30 -24.45
N GLY H 52 -46.88 12.88 -23.49
CA GLY H 52 -47.44 13.10 -22.18
C GLY H 52 -48.28 14.35 -22.10
N THR H 53 -48.92 14.52 -20.94
CA THR H 53 -49.74 15.68 -20.66
C THR H 53 -49.23 16.50 -19.48
N TYR H 54 -48.14 16.08 -18.85
CA TYR H 54 -47.60 16.81 -17.71
C TYR H 54 -47.03 18.15 -18.15
N ILE H 55 -46.99 19.09 -17.22
CA ILE H 55 -46.39 20.41 -17.42
C ILE H 55 -45.22 20.53 -16.45
N ASP H 56 -44.01 20.71 -17.00
CA ASP H 56 -42.82 20.85 -16.18
C ASP H 56 -41.87 21.80 -16.90
N LYS H 57 -41.78 23.04 -16.43
CA LYS H 57 -40.89 24.01 -17.05
C LYS H 57 -39.42 23.71 -16.81
N LYS H 58 -39.12 22.78 -15.89
CA LYS H 58 -37.74 22.34 -15.65
C LYS H 58 -37.42 21.04 -16.38
N CYS H 59 -38.37 20.49 -17.13
CA CYS H 59 -38.09 19.28 -17.90
C CYS H 59 -37.09 19.59 -19.01
N PRO H 60 -36.09 18.72 -19.23
CA PRO H 60 -35.13 19.00 -20.31
C PRO H 60 -35.69 18.81 -21.71
N PHE H 61 -36.79 18.08 -21.86
CA PHE H 61 -37.35 17.80 -23.17
C PHE H 61 -38.55 18.65 -23.51
N THR H 62 -39.35 19.05 -22.53
CA THR H 62 -40.54 19.86 -22.76
C THR H 62 -40.54 21.16 -21.97
N GLY H 63 -39.49 21.45 -21.22
CA GLY H 63 -39.41 22.64 -20.39
C GLY H 63 -38.62 23.75 -21.06
N ASN H 64 -38.05 24.60 -20.21
CA ASN H 64 -37.32 25.78 -20.67
C ASN H 64 -35.91 25.78 -20.09
N VAL H 65 -35.24 24.63 -20.12
CA VAL H 65 -33.89 24.49 -19.60
C VAL H 65 -33.05 23.77 -20.63
N SER H 66 -31.83 24.26 -20.84
CA SER H 66 -30.88 23.64 -21.75
C SER H 66 -29.85 22.83 -20.96
N ILE H 67 -29.29 21.82 -21.61
CA ILE H 67 -28.26 20.98 -21.03
C ILE H 67 -26.92 21.42 -21.61
N ARG H 68 -26.02 21.88 -20.74
CA ARG H 68 -24.69 22.28 -21.18
C ARG H 68 -23.76 22.22 -19.97
N GLY H 69 -22.53 21.79 -20.20
CA GLY H 69 -21.59 21.60 -19.12
C GLY H 69 -21.18 20.15 -18.96
N ARG H 70 -21.25 19.63 -17.73
CA ARG H 70 -20.74 18.30 -17.42
C ARG H 70 -21.87 17.29 -17.42
N ILE H 71 -21.63 16.15 -18.06
CA ILE H 71 -22.53 15.00 -18.02
C ILE H 71 -21.94 13.99 -17.04
N LEU H 72 -22.72 13.64 -16.02
CA LEU H 72 -22.27 12.75 -14.96
C LEU H 72 -23.20 11.54 -14.87
N ALA H 73 -22.73 10.51 -14.18
CA ALA H 73 -23.50 9.31 -13.95
C ALA H 73 -23.43 8.91 -12.48
N GLY H 74 -24.45 8.20 -12.02
CA GLY H 74 -24.49 7.80 -10.63
C GLY H 74 -25.69 6.91 -10.39
N THR H 75 -25.92 6.62 -9.11
CA THR H 75 -27.02 5.77 -8.68
C THR H 75 -28.01 6.58 -7.87
N CYS H 76 -29.30 6.33 -8.11
CA CYS H 76 -30.34 7.01 -7.36
C CYS H 76 -30.23 6.66 -5.88
N HIS H 77 -30.03 7.68 -5.05
CA HIS H 77 -29.89 7.51 -3.61
C HIS H 77 -31.16 7.87 -2.85
N SER H 78 -31.86 8.91 -3.28
CA SER H 78 -33.10 9.34 -2.64
C SER H 78 -34.06 9.80 -3.71
N ALA H 79 -35.29 9.29 -3.66
CA ALA H 79 -36.36 9.68 -4.57
C ALA H 79 -37.61 10.05 -3.80
N LYS H 80 -37.44 10.87 -2.76
CA LYS H 80 -38.52 11.25 -1.87
C LYS H 80 -39.03 12.67 -2.09
N MET H 81 -38.25 13.53 -2.74
CA MET H 81 -38.69 14.88 -3.05
C MET H 81 -39.66 14.84 -4.25
N ASN H 82 -40.29 15.98 -4.50
CA ASN H 82 -41.20 16.14 -5.63
C ASN H 82 -40.38 16.54 -6.85
N ARG H 83 -40.26 15.61 -7.80
CA ARG H 83 -39.55 15.83 -9.06
C ARG H 83 -38.06 16.09 -8.86
N THR H 84 -37.52 15.72 -7.69
CA THR H 84 -36.09 15.85 -7.42
C THR H 84 -35.60 14.56 -6.78
N ILE H 85 -34.39 14.14 -7.15
CA ILE H 85 -33.75 12.98 -6.55
C ILE H 85 -32.33 13.37 -6.14
N ILE H 86 -31.76 12.55 -5.26
CA ILE H 86 -30.36 12.66 -4.86
C ILE H 86 -29.60 11.56 -5.60
N VAL H 87 -28.57 11.95 -6.35
CA VAL H 87 -27.74 11.01 -7.09
C VAL H 87 -26.43 10.84 -6.34
N ARG H 88 -26.09 9.59 -6.01
CA ARG H 88 -24.82 9.28 -5.36
C ARG H 88 -23.79 8.91 -6.41
N ARG H 89 -22.66 9.60 -6.40
CA ARG H 89 -21.56 9.35 -7.32
C ARG H 89 -20.40 8.76 -6.52
N ASN H 90 -19.97 7.57 -6.89
CA ASN H 90 -18.88 6.86 -6.19
C ASN H 90 -17.60 6.97 -7.00
N TYR H 91 -16.51 7.32 -6.32
CA TYR H 91 -15.22 7.49 -6.97
C TYR H 91 -14.13 7.18 -5.96
N LEU H 92 -12.91 7.01 -6.47
CA LEU H 92 -11.74 6.72 -5.66
C LEU H 92 -10.86 7.96 -5.57
N HIS H 93 -10.44 8.30 -4.35
CA HIS H 93 -9.51 9.38 -4.11
C HIS H 93 -8.12 8.80 -3.87
N TYR H 94 -7.14 9.32 -4.59
CA TYR H 94 -5.78 8.82 -4.50
C TYR H 94 -5.06 9.46 -3.32
N VAL H 95 -4.56 8.64 -2.40
CA VAL H 95 -3.76 9.10 -1.28
C VAL H 95 -2.31 8.96 -1.69
N LYS H 96 -1.62 10.08 -1.87
CA LYS H 96 -0.31 10.07 -2.51
C LYS H 96 0.74 9.37 -1.65
N LYS H 97 0.81 9.73 -0.37
CA LYS H 97 1.89 9.22 0.48
C LYS H 97 1.89 7.70 0.55
N TYR H 98 0.72 7.08 0.60
CA TYR H 98 0.60 5.64 0.72
C TYR H 98 0.41 4.95 -0.63
N GLN H 99 0.34 5.71 -1.71
CA GLN H 99 0.23 5.16 -3.07
C GLN H 99 -0.97 4.22 -3.19
N ARG H 100 -2.05 4.55 -2.48
CA ARG H 100 -3.24 3.72 -2.45
C ARG H 100 -4.47 4.62 -2.62
N TYR H 101 -5.65 4.00 -2.65
CA TYR H 101 -6.89 4.71 -2.87
C TYR H 101 -7.81 4.57 -1.66
N GLU H 102 -8.77 5.48 -1.57
CA GLU H 102 -9.84 5.43 -0.59
C GLU H 102 -11.14 5.75 -1.29
N LYS H 103 -12.21 5.06 -0.90
CA LYS H 103 -13.52 5.28 -1.50
C LYS H 103 -14.13 6.58 -0.96
N ARG H 104 -14.60 7.42 -1.88
CA ARG H 104 -15.32 8.65 -1.54
C ARG H 104 -16.61 8.70 -2.35
N HIS H 105 -17.46 9.66 -2.00
CA HIS H 105 -18.74 9.80 -2.68
C HIS H 105 -19.16 11.26 -2.61
N SER H 106 -20.14 11.61 -3.45
CA SER H 106 -20.73 12.94 -3.44
C SER H 106 -22.19 12.83 -3.83
N ASN H 107 -23.06 13.50 -3.08
CA ASN H 107 -24.49 13.51 -3.35
C ASN H 107 -24.83 14.73 -4.20
N ILE H 108 -25.35 14.50 -5.40
CA ILE H 108 -25.67 15.56 -6.34
C ILE H 108 -27.19 15.61 -6.49
N PRO H 109 -27.85 16.67 -6.00
CA PRO H 109 -29.29 16.82 -6.29
C PRO H 109 -29.53 17.02 -7.77
N ALA H 110 -30.62 16.44 -8.27
CA ALA H 110 -30.94 16.51 -9.69
C ALA H 110 -32.45 16.53 -9.87
N HIS H 111 -32.91 17.33 -10.84
CA HIS H 111 -34.31 17.34 -11.19
C HIS H 111 -34.64 16.17 -12.11
N ILE H 112 -35.79 15.55 -11.86
CA ILE H 112 -36.26 14.43 -12.68
C ILE H 112 -37.65 14.78 -13.18
N SER H 113 -37.83 14.75 -14.50
CA SER H 113 -39.12 15.07 -15.09
C SER H 113 -40.08 13.89 -14.95
N PRO H 114 -41.39 14.15 -15.03
CA PRO H 114 -42.36 13.05 -14.89
C PRO H 114 -42.22 11.97 -15.94
N CYS H 115 -41.56 12.26 -17.06
CA CYS H 115 -41.37 11.25 -18.10
C CYS H 115 -40.45 10.11 -17.66
N PHE H 116 -39.75 10.25 -16.55
CA PHE H 116 -38.83 9.24 -16.06
C PHE H 116 -39.41 8.54 -14.83
N ARG H 117 -39.21 7.23 -14.76
CA ARG H 117 -39.51 6.45 -13.58
C ARG H 117 -38.20 6.02 -12.93
N VAL H 118 -38.09 6.22 -11.62
CA VAL H 118 -36.83 5.96 -10.93
C VAL H 118 -37.13 5.40 -9.54
N LYS H 119 -36.24 4.55 -9.06
CA LYS H 119 -36.30 4.01 -7.71
C LYS H 119 -34.89 3.98 -7.14
N GLU H 120 -34.79 3.95 -5.82
CA GLU H 120 -33.49 3.89 -5.17
C GLU H 120 -32.72 2.68 -5.69
N GLY H 121 -31.49 2.92 -6.14
CA GLY H 121 -30.64 1.89 -6.69
C GLY H 121 -30.53 1.89 -8.20
N ASP H 122 -31.44 2.57 -8.89
CA ASP H 122 -31.36 2.66 -10.35
C ASP H 122 -30.19 3.54 -10.77
N HIS H 123 -29.65 3.24 -11.94
CA HIS H 123 -28.56 4.02 -12.51
C HIS H 123 -29.13 5.16 -13.34
N VAL H 124 -28.60 6.36 -13.13
CA VAL H 124 -29.11 7.56 -13.80
C VAL H 124 -27.94 8.34 -14.39
N THR H 125 -28.20 9.00 -15.51
CA THR H 125 -27.29 9.94 -16.12
C THR H 125 -27.88 11.35 -15.98
N ILE H 126 -27.06 12.30 -15.55
CA ILE H 126 -27.50 13.66 -15.29
C ILE H 126 -26.68 14.63 -16.12
N GLY H 127 -27.35 15.62 -16.68
CA GLY H 127 -26.68 16.68 -17.44
C GLY H 127 -26.81 18.00 -16.70
N GLN H 128 -25.76 18.81 -16.79
CA GLN H 128 -25.75 20.08 -16.09
C GLN H 128 -26.69 21.07 -16.76
N CYS H 129 -27.36 21.88 -15.94
CA CYS H 129 -28.23 22.95 -16.40
C CYS H 129 -28.05 24.14 -15.47
N ARG H 130 -28.76 25.23 -15.78
CA ARG H 130 -28.68 26.40 -14.93
C ARG H 130 -29.28 26.09 -13.56
N PRO H 131 -28.91 26.85 -12.53
CA PRO H 131 -29.49 26.62 -11.20
C PRO H 131 -31.00 26.54 -11.24
N LEU H 132 -31.56 25.41 -10.79
CA LEU H 132 -33.01 25.24 -10.70
C LEU H 132 -33.53 25.48 -9.29
N SER H 133 -32.68 25.36 -8.28
CA SER H 133 -33.05 25.63 -6.90
C SER H 133 -31.77 25.95 -6.14
N LYS H 134 -31.85 25.94 -4.80
CA LYS H 134 -30.70 26.27 -3.99
C LYS H 134 -29.54 25.30 -4.22
N THR H 135 -29.84 24.03 -4.49
CA THR H 135 -28.81 23.00 -4.63
C THR H 135 -28.83 22.28 -5.97
N VAL H 136 -29.92 22.35 -6.72
CA VAL H 136 -30.07 21.56 -7.95
C VAL H 136 -29.42 22.31 -9.10
N ARG H 137 -28.48 21.64 -9.79
CA ARG H 137 -27.85 22.17 -10.99
C ARG H 137 -27.83 21.12 -12.10
N PHE H 138 -28.57 20.03 -11.95
CA PHE H 138 -28.50 18.92 -12.89
C PHE H 138 -29.90 18.42 -13.19
N ASN H 139 -30.05 17.80 -14.36
CA ASN H 139 -31.31 17.26 -14.83
C ASN H 139 -31.09 15.82 -15.26
N VAL H 140 -31.97 14.92 -14.83
CA VAL H 140 -31.88 13.53 -15.23
C VAL H 140 -32.12 13.42 -16.73
N LEU H 141 -31.24 12.70 -17.42
CA LEU H 141 -31.37 12.48 -18.86
C LEU H 141 -31.70 11.04 -19.23
N LYS H 142 -31.41 10.08 -18.35
CA LYS H 142 -31.65 8.67 -18.66
C LYS H 142 -31.67 7.88 -17.37
N VAL H 143 -32.54 6.88 -17.30
CA VAL H 143 -32.68 6.01 -16.14
C VAL H 143 -32.57 4.56 -16.60
N ILE H 144 -31.71 3.80 -15.95
CA ILE H 144 -31.57 2.37 -16.18
C ILE H 144 -32.01 1.64 -14.92
N PRO H 145 -33.07 0.83 -14.97
CA PRO H 145 -33.52 0.14 -13.76
C PRO H 145 -32.44 -0.77 -13.19
N ALA H 146 -32.40 -0.86 -11.87
CA ALA H 146 -31.44 -1.72 -11.19
C ALA H 146 -31.66 -3.17 -11.62
N GLY H 147 -30.57 -3.86 -11.91
CA GLY H 147 -30.66 -5.24 -12.36
C GLY H 147 -31.03 -5.39 -13.83
N SER H 148 -30.60 -4.45 -14.66
CA SER H 148 -30.87 -4.50 -16.09
C SER H 148 -29.61 -4.24 -16.89
N GLU I 77 54.13 -58.06 19.54
CA GLU I 77 53.75 -59.45 19.36
C GLU I 77 52.78 -59.60 18.19
N ARG I 78 53.32 -59.66 16.98
CA ARG I 78 52.52 -59.78 15.77
C ARG I 78 52.02 -61.20 15.55
N GLU I 79 52.82 -62.20 15.89
CA GLU I 79 52.44 -63.58 15.64
C GLU I 79 51.14 -63.97 16.33
N ARG I 80 50.79 -63.28 17.43
CA ARG I 80 49.56 -63.60 18.14
C ARG I 80 48.33 -63.46 17.24
N ARG I 81 48.38 -62.57 16.26
CA ARG I 81 47.25 -62.33 15.36
C ARG I 81 47.56 -62.69 13.92
N MET I 82 48.66 -62.18 13.37
CA MET I 82 48.98 -62.38 11.96
C MET I 82 49.09 -63.86 11.61
N ASP I 83 50.08 -64.53 12.21
CA ASP I 83 50.32 -65.93 11.85
C ASP I 83 49.16 -66.84 12.23
N PHE I 84 48.30 -66.41 13.15
CA PHE I 84 47.17 -67.23 13.58
C PHE I 84 46.11 -67.23 12.49
N VAL I 85 46.07 -68.31 11.71
CA VAL I 85 45.06 -68.47 10.68
C VAL I 85 44.67 -69.95 10.63
N PRO I 86 43.43 -70.31 10.99
CA PRO I 86 43.07 -71.73 11.02
C PRO I 86 43.04 -72.33 9.62
N GLU I 87 42.98 -73.67 9.59
CA GLU I 87 42.94 -74.39 8.32
C GLU I 87 41.63 -74.19 7.58
N GLU I 88 40.55 -73.86 8.29
CA GLU I 88 39.25 -73.63 7.69
C GLU I 88 38.80 -72.21 7.99
N SER I 89 38.42 -71.49 6.95
CA SER I 89 37.93 -70.12 7.12
C SER I 89 36.61 -70.11 7.87
N ALA I 90 36.42 -69.07 8.68
CA ALA I 90 35.18 -68.93 9.44
C ALA I 90 33.98 -68.59 8.56
N ILE I 91 34.21 -68.18 7.31
CA ILE I 91 33.14 -67.84 6.39
C ILE I 91 32.91 -69.06 5.49
N LYS I 92 31.79 -69.74 5.70
CA LYS I 92 31.45 -70.93 4.92
C LYS I 92 30.64 -70.51 3.70
N THR I 93 31.25 -70.64 2.52
CA THR I 93 30.55 -70.28 1.29
C THR I 93 29.34 -71.17 1.04
N ASP I 94 29.36 -72.40 1.54
CA ASP I 94 28.27 -73.34 1.36
C ASP I 94 27.35 -73.32 2.57
N LEU I 95 26.10 -73.73 2.37
CA LEU I 95 25.12 -73.76 3.43
C LEU I 95 24.94 -72.39 4.05
N ILE I 96 24.46 -71.43 3.26
CA ILE I 96 24.20 -70.07 3.71
C ILE I 96 22.73 -69.98 4.07
N GLU I 97 22.44 -69.74 5.34
CA GLU I 97 21.06 -69.61 5.81
C GLU I 97 20.56 -68.20 5.54
N VAL I 98 19.42 -68.09 4.85
CA VAL I 98 18.83 -66.80 4.51
C VAL I 98 17.33 -66.85 4.79
N ASP I 99 16.75 -65.67 4.89
CA ASP I 99 15.32 -65.52 5.17
C ASP I 99 14.54 -65.37 3.88
N LYS I 100 13.21 -65.40 4.01
CA LYS I 100 12.35 -65.22 2.85
C LYS I 100 12.60 -63.88 2.18
N GLU I 101 12.73 -62.82 2.98
CA GLU I 101 12.97 -61.49 2.41
C GLU I 101 14.33 -61.42 1.73
N THR I 102 15.32 -62.13 2.26
CA THR I 102 16.65 -62.14 1.64
C THR I 102 16.62 -62.84 0.30
N LEU I 103 15.90 -63.95 0.20
CA LEU I 103 15.81 -64.66 -1.08
C LEU I 103 15.15 -63.78 -2.14
N ASP I 104 14.07 -63.09 -1.78
CA ASP I 104 13.44 -62.17 -2.71
C ASP I 104 14.36 -61.00 -3.06
N MET I 105 15.28 -60.63 -2.17
CA MET I 105 16.23 -59.57 -2.47
C MET I 105 17.23 -60.01 -3.52
N LEU I 106 17.65 -61.28 -3.49
CA LEU I 106 18.56 -61.80 -4.50
C LEU I 106 17.85 -62.02 -5.84
N SER I 107 16.57 -62.35 -5.81
CA SER I 107 15.83 -62.53 -7.06
C SER I 107 15.80 -61.24 -7.86
N ALA I 108 15.61 -60.10 -7.19
CA ALA I 108 15.63 -58.83 -7.89
C ALA I 108 16.96 -58.60 -8.60
N LEU I 109 18.05 -59.11 -8.03
CA LEU I 109 19.37 -59.02 -8.66
C LEU I 109 19.60 -60.10 -9.70
N GLY I 110 18.67 -61.05 -9.85
CA GLY I 110 18.88 -62.15 -10.76
C GLY I 110 19.88 -63.18 -10.28
N MET I 111 20.12 -63.25 -8.97
CA MET I 111 21.09 -64.14 -8.37
C MET I 111 20.42 -65.15 -7.45
N SER I 112 19.29 -65.71 -7.90
CA SER I 112 18.59 -66.73 -7.15
C SER I 112 19.16 -68.12 -7.36
N ASP I 113 20.24 -68.25 -8.13
CA ASP I 113 20.86 -69.53 -8.43
C ASP I 113 22.17 -69.73 -7.69
N LEU I 114 22.44 -68.95 -6.66
CA LEU I 114 23.68 -69.12 -5.92
C LEU I 114 23.69 -70.48 -5.25
N PRO I 115 24.86 -71.15 -5.17
CA PRO I 115 24.89 -72.49 -4.59
C PRO I 115 24.56 -72.51 -3.10
N GLY I 116 25.24 -71.67 -2.33
CA GLY I 116 25.13 -71.73 -0.88
C GLY I 116 23.76 -71.33 -0.36
N VAL I 117 23.12 -70.35 -0.99
CA VAL I 117 21.89 -69.78 -0.44
C VAL I 117 20.83 -70.86 -0.33
N VAL I 118 20.25 -71.01 0.86
CA VAL I 118 19.16 -71.94 1.10
C VAL I 118 18.27 -71.37 2.18
N LYS I 119 16.97 -71.57 2.04
CA LYS I 119 16.01 -71.07 3.02
C LYS I 119 16.17 -71.80 4.34
N GLN I 120 15.85 -71.10 5.43
CA GLN I 120 15.91 -71.69 6.77
C GLN I 120 14.78 -72.67 6.97
N MET J 1 32.72 -8.66 -14.74
CA MET J 1 33.62 -9.77 -15.20
C MET J 1 34.52 -9.31 -16.33
N GLN J 2 33.92 -9.04 -17.48
CA GLN J 2 34.64 -8.60 -18.68
C GLN J 2 34.40 -7.12 -18.91
N ASN J 3 35.49 -6.37 -19.07
CA ASN J 3 35.39 -4.96 -19.40
C ASN J 3 34.77 -4.80 -20.78
N ASP J 4 34.38 -3.56 -21.11
CA ASP J 4 33.79 -3.29 -22.41
C ASP J 4 34.72 -3.70 -23.56
N GLU J 5 36.03 -3.71 -23.32
CA GLU J 5 36.97 -4.16 -24.34
C GLU J 5 36.96 -5.69 -24.44
N GLY J 6 36.96 -6.37 -23.30
CA GLY J 6 36.98 -7.83 -23.29
C GLY J 6 37.85 -8.41 -22.20
N GLN J 7 38.76 -7.60 -21.65
CA GLN J 7 39.65 -8.08 -20.61
C GLN J 7 38.86 -8.56 -19.40
N ASN J 8 39.32 -9.66 -18.80
CA ASN J 8 38.70 -10.18 -17.59
C ASN J 8 39.03 -9.29 -16.41
N MET J 9 38.04 -9.09 -15.53
CA MET J 9 38.18 -8.22 -14.38
C MET J 9 37.88 -8.94 -13.07
N ASP J 10 37.95 -10.26 -13.06
CA ASP J 10 37.73 -11.06 -11.87
C ASP J 10 39.05 -11.65 -11.40
N LEU J 11 39.24 -11.71 -10.07
CA LEU J 11 40.41 -12.37 -9.53
C LEU J 11 40.44 -13.84 -9.92
N TYR J 12 39.29 -14.51 -9.84
CA TYR J 12 39.19 -15.91 -10.21
C TYR J 12 37.73 -16.25 -10.42
N ILE J 13 37.48 -17.43 -10.98
CA ILE J 13 36.12 -17.91 -11.19
C ILE J 13 35.84 -19.04 -10.20
N PRO J 14 35.05 -18.82 -9.16
CA PRO J 14 34.81 -19.88 -8.18
C PRO J 14 34.12 -21.08 -8.81
N ARG J 15 34.40 -22.25 -8.25
CA ARG J 15 33.73 -23.47 -8.69
C ARG J 15 32.26 -23.44 -8.28
N LYS J 16 31.46 -24.19 -9.01
CA LYS J 16 30.05 -24.37 -8.71
C LYS J 16 29.79 -25.81 -8.28
N CYS J 17 28.99 -25.97 -7.22
CA CYS J 17 28.67 -27.31 -6.74
C CYS J 17 28.03 -28.12 -7.86
N SER J 18 28.50 -29.36 -8.03
CA SER J 18 28.00 -30.21 -9.09
C SER J 18 26.56 -30.64 -8.86
N ALA J 19 26.05 -30.53 -7.64
CA ALA J 19 24.70 -30.97 -7.31
C ALA J 19 23.71 -29.81 -7.23
N THR J 20 24.08 -28.73 -6.54
CA THR J 20 23.17 -27.61 -6.34
C THR J 20 23.48 -26.42 -7.23
N ASN J 21 24.65 -26.38 -7.87
CA ASN J 21 25.08 -25.29 -8.73
C ASN J 21 25.45 -24.03 -7.95
N ARG J 22 25.64 -24.16 -6.64
CA ARG J 22 26.04 -23.02 -5.82
C ARG J 22 27.53 -22.73 -5.98
N LEU J 23 27.90 -21.46 -5.90
CA LEU J 23 29.29 -21.07 -5.89
C LEU J 23 29.97 -21.54 -4.60
N ILE J 24 31.23 -21.90 -4.70
CA ILE J 24 32.03 -22.34 -3.57
C ILE J 24 33.01 -21.23 -3.24
N THR J 25 32.85 -20.61 -2.07
CA THR J 25 33.66 -19.47 -1.69
C THR J 25 35.00 -19.93 -1.09
N SER J 26 35.90 -18.97 -0.93
CA SER J 26 37.26 -19.27 -0.50
C SER J 26 37.34 -19.79 0.93
N LYS J 27 36.31 -19.58 1.75
CA LYS J 27 36.32 -20.02 3.13
C LYS J 27 35.38 -21.20 3.38
N ASP J 28 34.82 -21.80 2.33
CA ASP J 28 33.94 -22.95 2.47
C ASP J 28 34.82 -24.19 2.64
N HIS J 29 35.28 -24.40 3.86
CA HIS J 29 36.20 -25.49 4.17
C HIS J 29 35.49 -26.82 4.32
N ALA J 30 34.17 -26.86 4.28
CA ALA J 30 33.43 -28.11 4.25
C ALA J 30 33.22 -28.63 2.83
N SER J 31 33.61 -27.87 1.82
CA SER J 31 33.48 -28.31 0.44
C SER J 31 34.64 -29.22 0.07
N VAL J 32 34.34 -30.23 -0.74
CA VAL J 32 35.32 -31.22 -1.15
C VAL J 32 35.24 -31.41 -2.66
N GLN J 33 36.40 -31.63 -3.28
CA GLN J 33 36.51 -31.93 -4.70
C GLN J 33 36.95 -33.39 -4.83
N LEU J 34 36.15 -34.20 -5.51
CA LEU J 34 36.34 -35.63 -5.57
C LEU J 34 36.68 -36.06 -6.99
N ASN J 35 37.47 -37.12 -7.10
CA ASN J 35 37.88 -37.68 -8.38
C ASN J 35 37.49 -39.16 -8.43
N VAL J 36 36.83 -39.56 -9.50
CA VAL J 36 36.44 -40.95 -9.71
C VAL J 36 37.26 -41.48 -10.87
N GLY J 37 38.08 -42.49 -10.62
CA GLY J 37 38.98 -42.98 -11.64
C GLY J 37 38.27 -43.74 -12.73
N HIS J 38 38.88 -43.72 -13.91
CA HIS J 38 38.37 -44.45 -15.08
C HIS J 38 39.13 -45.75 -15.24
N LEU J 39 38.42 -46.80 -15.62
CA LEU J 39 39.00 -48.12 -15.83
C LEU J 39 38.97 -48.47 -17.31
N ASP J 40 39.72 -49.51 -17.66
CA ASP J 40 39.81 -50.02 -19.02
C ASP J 40 39.03 -51.33 -19.14
N GLU J 41 39.15 -51.97 -20.30
CA GLU J 41 38.44 -53.23 -20.52
C GLU J 41 38.80 -54.25 -19.44
N SER J 42 40.09 -54.35 -19.10
CA SER J 42 40.51 -55.27 -18.06
C SER J 42 40.03 -54.82 -16.68
N GLY J 43 39.96 -53.51 -16.45
CA GLY J 43 39.51 -52.99 -15.17
C GLY J 43 40.65 -52.40 -14.36
N VAL J 44 41.57 -51.71 -15.01
CA VAL J 44 42.73 -51.13 -14.38
C VAL J 44 42.69 -49.62 -14.58
N TYR J 45 43.07 -48.87 -13.55
CA TYR J 45 43.08 -47.42 -13.60
C TYR J 45 43.93 -46.95 -14.79
N THR J 46 43.38 -46.02 -15.56
CA THR J 46 44.01 -45.55 -16.79
C THR J 46 44.54 -44.12 -16.68
N GLY J 47 44.56 -43.55 -15.48
CA GLY J 47 44.99 -42.18 -15.30
C GLY J 47 43.95 -41.13 -15.58
N GLN J 48 42.74 -41.52 -15.99
CA GLN J 48 41.66 -40.60 -16.27
C GLN J 48 40.61 -40.67 -15.17
N PHE J 49 39.95 -39.54 -14.92
CA PHE J 49 38.95 -39.47 -13.86
C PHE J 49 37.99 -38.35 -14.16
N THR J 50 36.85 -38.38 -13.49
CA THR J 50 35.86 -37.32 -13.53
C THR J 50 35.83 -36.62 -12.17
N THR J 51 35.80 -35.28 -12.21
CA THR J 51 35.86 -34.47 -11.00
C THR J 51 34.47 -34.02 -10.60
N TYR J 52 34.21 -34.06 -9.29
CA TYR J 52 32.96 -33.55 -8.72
C TYR J 52 33.30 -32.64 -7.55
N ALA J 53 32.65 -31.48 -7.50
CA ALA J 53 32.81 -30.53 -6.41
C ALA J 53 31.49 -30.42 -5.66
N LEU J 54 31.55 -30.49 -4.33
CA LEU J 54 30.39 -30.39 -3.47
C LEU J 54 30.58 -29.23 -2.50
N CYS J 55 29.53 -28.42 -2.35
CA CYS J 55 29.59 -27.31 -1.41
C CYS J 55 29.32 -27.81 0.01
N GLY J 56 29.76 -27.00 0.99
CA GLY J 56 29.52 -27.36 2.37
C GLY J 56 28.06 -27.44 2.71
N PHE J 57 27.21 -26.67 2.03
CA PHE J 57 25.79 -26.68 2.31
C PHE J 57 25.19 -28.07 2.09
N ILE J 58 25.44 -28.67 0.93
CA ILE J 58 24.83 -29.96 0.63
C ILE J 58 25.43 -31.07 1.49
N ARG J 59 26.75 -31.03 1.75
CA ARG J 59 27.36 -32.04 2.59
C ARG J 59 26.84 -31.96 4.03
N ALA J 60 26.62 -30.75 4.53
CA ALA J 60 26.07 -30.60 5.88
C ALA J 60 24.66 -31.15 5.98
N GLN J 61 23.89 -31.06 4.89
CA GLN J 61 22.53 -31.60 4.87
C GLN J 61 22.50 -33.12 4.83
N GLY J 62 23.65 -33.77 4.57
CA GLY J 62 23.67 -35.21 4.43
C GLY J 62 23.26 -35.72 3.08
N ASP J 63 23.06 -34.83 2.11
CA ASP J 63 22.60 -35.21 0.77
C ASP J 63 23.76 -35.43 -0.21
N ALA J 64 25.01 -35.36 0.26
CA ALA J 64 26.14 -35.57 -0.64
C ALA J 64 26.16 -37.00 -1.17
N ASP J 65 25.85 -37.98 -0.32
CA ASP J 65 25.93 -39.37 -0.74
C ASP J 65 24.96 -39.66 -1.89
N SER J 66 23.70 -39.24 -1.75
CA SER J 66 22.74 -39.47 -2.81
C SER J 66 23.04 -38.60 -4.03
N ALA J 67 23.52 -37.39 -3.82
CA ALA J 67 23.88 -36.53 -4.95
C ALA J 67 25.03 -37.13 -5.75
N MET J 68 26.05 -37.64 -5.06
CA MET J 68 27.17 -38.27 -5.77
C MET J 68 26.71 -39.52 -6.51
N ASP J 69 25.81 -40.30 -5.90
CA ASP J 69 25.35 -41.52 -6.55
C ASP J 69 24.63 -41.21 -7.85
N ARG J 70 23.76 -40.20 -7.85
CA ARG J 70 23.05 -39.84 -9.07
C ARG J 70 23.98 -39.25 -10.12
N LEU J 71 24.90 -38.38 -9.71
CA LEU J 71 25.81 -37.76 -10.66
C LEU J 71 26.71 -38.79 -11.32
N TRP J 72 27.06 -39.87 -10.61
CA TRP J 72 27.89 -40.91 -11.18
C TRP J 72 27.09 -41.88 -12.04
N GLN J 73 25.84 -42.16 -11.66
CA GLN J 73 25.00 -43.06 -12.45
C GLN J 73 24.77 -42.51 -13.85
N LYS J 74 24.85 -41.18 -14.01
CA LYS J 74 24.67 -40.56 -15.32
C LYS J 74 25.99 -40.41 -16.06
N LYS J 75 27.03 -39.95 -15.38
CA LYS J 75 28.30 -39.67 -16.03
C LYS J 75 28.92 -40.94 -16.60
N LYS J 76 28.89 -42.04 -15.83
CA LYS J 76 29.53 -43.26 -16.28
C LYS J 76 28.90 -43.78 -17.57
N ALA J 77 27.61 -43.55 -17.76
CA ALA J 77 26.95 -43.98 -18.99
C ALA J 77 27.35 -43.12 -20.19
N GLU J 78 27.97 -41.97 -19.95
CA GLU J 78 28.36 -41.08 -21.04
C GLU J 78 29.81 -41.30 -21.48
N VAL J 79 30.70 -41.65 -20.56
CA VAL J 79 32.10 -41.84 -20.87
C VAL J 79 32.44 -43.32 -21.06
N GLY J 80 31.43 -44.19 -21.16
CA GLY J 80 31.64 -45.59 -21.39
C GLY J 80 31.95 -46.41 -20.16
N GLN J 81 32.17 -45.77 -19.01
CA GLN J 81 32.46 -46.51 -17.79
C GLN J 81 31.24 -47.29 -17.34
N GLN J 82 31.50 -48.43 -16.69
CA GLN J 82 30.43 -49.29 -16.19
C GLN J 82 31.01 -50.45 -15.39
N GLY K 2 -0.27 -7.84 11.16
CA GLY K 2 0.70 -7.01 10.40
C GLY K 2 0.08 -5.78 9.76
N LYS K 3 0.84 -5.12 8.88
CA LYS K 3 0.35 -3.92 8.21
C LYS K 3 -0.81 -4.24 7.29
N THR K 4 -1.72 -3.28 7.17
CA THR K 4 -2.74 -3.34 6.12
C THR K 4 -2.09 -3.02 4.78
N ARG K 5 -2.35 -3.86 3.78
CA ARG K 5 -1.66 -3.79 2.50
C ARG K 5 -2.56 -3.48 1.31
N GLY K 6 -3.88 -3.51 1.48
CA GLY K 6 -4.76 -3.44 0.33
C GLY K 6 -4.58 -2.17 -0.47
N MET K 7 -4.76 -2.30 -1.78
CA MET K 7 -4.69 -1.13 -2.67
C MET K 7 -5.77 -0.12 -2.33
N GLY K 8 -6.91 -0.56 -1.79
CA GLY K 8 -7.98 0.33 -1.41
C GLY K 8 -7.96 0.72 0.05
N ALA K 9 -6.85 0.48 0.74
CA ALA K 9 -6.73 0.76 2.16
C ALA K 9 -6.05 2.09 2.45
N GLY K 10 -6.19 3.06 1.55
CA GLY K 10 -5.51 4.33 1.73
C GLY K 10 -5.99 5.09 2.95
N ARG K 11 -7.30 5.07 3.20
CA ARG K 11 -7.84 5.81 4.34
C ARG K 11 -7.32 5.25 5.66
N LYS K 12 -7.35 3.93 5.82
CA LYS K 12 -6.95 3.34 7.10
C LYS K 12 -5.49 3.63 7.41
N LEU K 13 -4.61 3.51 6.42
CA LEU K 13 -3.19 3.77 6.65
C LEU K 13 -2.96 5.22 7.06
N LYS K 14 -3.63 6.16 6.37
CA LYS K 14 -3.45 7.56 6.69
C LYS K 14 -3.99 7.90 8.08
N SER K 15 -5.16 7.37 8.42
CA SER K 15 -5.74 7.67 9.73
C SER K 15 -5.00 6.97 10.86
N HIS K 16 -4.46 5.78 10.61
CA HIS K 16 -3.68 5.09 11.63
C HIS K 16 -2.45 5.90 12.00
N ARG K 17 -1.72 6.40 11.00
CA ARG K 17 -0.53 7.22 11.29
C ARG K 17 -0.92 8.49 12.01
N ARG K 18 -2.07 9.09 11.65
CA ARG K 18 -2.51 10.31 12.31
C ARG K 18 -2.66 10.09 13.81
N ARG K 19 -3.29 8.99 14.22
CA ARG K 19 -3.45 8.70 15.63
C ARG K 19 -2.11 8.40 16.30
N GLN K 20 -1.24 7.65 15.63
CA GLN K 20 -0.01 7.17 16.26
C GLN K 20 1.06 8.25 16.39
N ARG K 21 1.00 9.32 15.60
CA ARG K 21 1.98 10.38 15.75
C ARG K 21 1.89 11.04 17.12
N TRP K 22 0.71 11.00 17.74
CA TRP K 22 0.56 11.59 19.07
C TRP K 22 1.39 10.84 20.12
N ALA K 23 1.66 9.56 19.89
CA ALA K 23 2.48 8.80 20.82
C ALA K 23 3.93 9.28 20.84
N ASP K 24 4.35 10.05 19.84
CA ASP K 24 5.69 10.59 19.79
C ASP K 24 5.77 11.87 20.63
N LYS K 25 6.71 11.88 21.58
CA LYS K 25 6.80 13.02 22.51
C LYS K 25 7.17 14.31 21.79
N SER K 26 8.07 14.23 20.81
CA SER K 26 8.46 15.44 20.09
C SER K 26 7.27 16.00 19.29
N TYR K 27 6.51 15.12 18.64
CA TYR K 27 5.35 15.58 17.88
C TYR K 27 4.32 16.22 18.80
N LYS K 28 4.03 15.58 19.94
CA LYS K 28 2.99 16.07 20.82
C LYS K 28 3.38 17.37 21.50
N LYS K 29 4.67 17.62 21.69
CA LYS K 29 5.09 18.86 22.36
C LYS K 29 4.86 20.08 21.48
N SER K 30 4.88 19.92 20.16
CA SER K 30 4.70 21.04 19.27
C SER K 30 3.25 21.26 18.86
N HIS K 31 2.44 20.20 18.82
CA HIS K 31 1.07 20.28 18.35
C HIS K 31 0.05 20.31 19.49
N LEU K 32 0.48 20.22 20.74
CA LEU K 32 -0.45 20.32 21.87
C LEU K 32 -0.91 21.75 22.09
N GLY K 33 -0.03 22.71 21.83
CA GLY K 33 -0.33 24.11 22.12
C GLY K 33 0.07 24.57 23.49
N ASN K 34 0.66 23.71 24.32
CA ASN K 34 1.09 24.08 25.66
C ASN K 34 2.36 24.93 25.66
N GLU K 35 3.03 25.09 24.51
CA GLU K 35 4.22 25.93 24.47
C GLU K 35 3.89 27.39 24.74
N TRP K 36 2.70 27.83 24.35
CA TRP K 36 2.31 29.23 24.57
C TRP K 36 2.12 29.55 26.05
N LYS K 37 1.94 28.54 26.89
CA LYS K 37 1.79 28.74 28.32
C LYS K 37 3.12 28.78 29.06
N LYS K 38 4.23 28.52 28.37
CA LYS K 38 5.54 28.65 28.98
C LYS K 38 5.86 30.12 29.24
N PRO K 39 6.79 30.41 30.16
CA PRO K 39 7.09 31.81 30.46
C PRO K 39 7.51 32.63 29.25
N PHE K 40 8.29 32.06 28.34
CA PHE K 40 8.66 32.77 27.11
C PHE K 40 7.53 32.78 26.09
N ALA K 41 6.57 31.86 26.20
CA ALA K 41 5.43 31.81 25.29
C ALA K 41 5.89 31.73 23.83
N GLY K 42 6.84 30.84 23.57
CA GLY K 42 7.32 30.60 22.22
C GLY K 42 8.39 31.54 21.73
N SER K 43 8.87 32.44 22.57
CA SER K 43 9.91 33.38 22.19
C SER K 43 11.29 32.83 22.53
N SER K 44 12.30 33.31 21.81
CA SER K 44 13.69 32.92 22.06
C SER K 44 14.30 33.60 23.27
N HIS K 45 13.98 34.88 23.49
CA HIS K 45 14.51 35.66 24.59
C HIS K 45 13.34 36.35 25.29
N ALA K 46 13.66 37.07 26.37
CA ALA K 46 12.66 37.84 27.10
C ALA K 46 13.36 38.76 28.08
N LYS K 47 12.80 39.95 28.25
CA LYS K 47 13.29 40.89 29.25
C LYS K 47 12.50 40.73 30.53
N GLY K 48 13.16 41.05 31.65
CA GLY K 48 12.53 40.93 32.95
C GLY K 48 13.20 41.83 33.96
N ILE K 49 12.63 41.85 35.16
CA ILE K 49 13.12 42.65 36.26
C ILE K 49 13.67 41.71 37.32
N VAL K 50 14.89 41.98 37.79
CA VAL K 50 15.51 41.14 38.80
C VAL K 50 14.83 41.40 40.14
N LEU K 51 14.18 40.36 40.68
CA LEU K 51 13.51 40.50 41.97
C LEU K 51 14.50 40.36 43.11
N GLU K 52 15.33 39.32 43.10
CA GLU K 52 16.32 39.13 44.13
C GLU K 52 17.46 38.27 43.59
N LYS K 53 18.62 38.39 44.24
CA LYS K 53 19.78 37.58 43.92
C LYS K 53 19.82 36.39 44.86
N ILE K 54 19.81 35.17 44.30
CA ILE K 54 19.68 33.96 45.09
C ILE K 54 20.79 32.99 44.71
N GLY K 55 21.01 32.02 45.59
CA GLY K 55 21.94 30.94 45.32
C GLY K 55 21.23 29.60 45.42
N ILE K 56 21.59 28.70 44.53
CA ILE K 56 20.99 27.38 44.45
C ILE K 56 22.06 26.33 44.69
N GLU K 57 21.78 25.37 45.56
CA GLU K 57 22.73 24.31 45.85
C GLU K 57 22.87 23.41 44.63
N ALA K 58 24.12 23.20 44.20
CA ALA K 58 24.36 22.31 43.06
C ALA K 58 23.92 20.89 43.39
N LYS K 59 23.39 20.21 42.39
CA LYS K 59 22.93 18.84 42.56
C LYS K 59 24.12 17.89 42.71
N GLN K 60 23.87 16.77 43.37
CA GLN K 60 24.92 15.80 43.63
C GLN K 60 25.33 15.09 42.34
N PRO K 61 26.56 14.55 42.29
CA PRO K 61 27.56 14.55 43.36
C PRO K 61 28.41 15.82 43.45
N ASN K 62 28.04 16.86 42.70
CA ASN K 62 28.76 18.12 42.79
C ASN K 62 28.38 18.86 44.07
N SER K 63 29.19 19.83 44.44
CA SER K 63 28.95 20.62 45.64
C SER K 63 29.36 22.06 45.36
N ALA K 64 28.38 22.94 45.22
CA ALA K 64 28.64 24.34 44.97
C ALA K 64 27.35 25.12 45.18
N ILE K 65 27.45 26.45 45.10
CA ILE K 65 26.30 27.34 45.19
C ILE K 65 26.23 28.07 43.86
N ARG K 66 25.28 27.65 43.02
CA ARG K 66 25.10 28.26 41.70
C ARG K 66 24.37 29.59 41.85
N LYS K 67 25.01 30.67 41.41
CA LYS K 67 24.46 32.01 41.55
C LYS K 67 23.40 32.25 40.49
N CYS K 68 22.16 32.43 40.91
CA CYS K 68 21.05 32.69 40.02
C CYS K 68 20.36 34.00 40.41
N ALA K 69 19.24 34.29 39.75
CA ALA K 69 18.51 35.52 40.02
C ALA K 69 17.04 35.28 39.64
N ARG K 70 16.14 35.53 40.59
CA ARG K 70 14.72 35.46 40.29
C ARG K 70 14.31 36.66 39.46
N VAL K 71 13.66 36.42 38.33
CA VAL K 71 13.32 37.45 37.36
C VAL K 71 11.82 37.35 37.06
N GLN K 72 11.17 38.50 37.02
CA GLN K 72 9.78 38.60 36.61
C GLN K 72 9.73 39.13 35.19
N LEU K 73 9.11 38.38 34.29
CA LEU K 73 9.09 38.77 32.88
C LEU K 73 8.15 39.95 32.67
N ILE K 74 8.62 40.93 31.91
CA ILE K 74 7.88 42.16 31.72
C ILE K 74 6.62 41.94 30.89
N LYS K 75 6.65 41.03 29.91
CA LYS K 75 5.54 40.91 28.98
C LYS K 75 4.37 40.12 29.53
N ASN K 76 4.59 39.23 30.51
CA ASN K 76 3.51 38.44 31.07
C ASN K 76 3.55 38.34 32.60
N GLY K 77 4.57 38.90 33.25
CA GLY K 77 4.59 38.93 34.70
C GLY K 77 4.87 37.61 35.38
N LYS K 78 5.46 36.66 34.67
CA LYS K 78 5.81 35.37 35.26
C LYS K 78 7.21 35.42 35.84
N LYS K 79 7.40 34.71 36.95
CA LYS K 79 8.65 34.72 37.70
C LYS K 79 9.45 33.46 37.38
N ILE K 80 10.73 33.64 37.04
CA ILE K 80 11.60 32.54 36.66
C ILE K 80 12.94 32.69 37.39
N ALA K 81 13.72 31.62 37.37
CA ALA K 81 15.07 31.60 37.91
C ALA K 81 16.05 31.55 36.75
N ALA K 82 16.90 32.57 36.64
CA ALA K 82 17.87 32.68 35.57
C ALA K 82 19.27 32.55 36.14
N PHE K 83 20.02 31.55 35.65
CA PHE K 83 21.40 31.36 36.07
C PHE K 83 22.27 32.49 35.52
N VAL K 84 23.21 32.95 36.35
CA VAL K 84 24.16 33.99 35.96
C VAL K 84 25.51 33.32 35.73
N PRO K 85 25.99 33.21 34.49
CA PRO K 85 27.21 32.44 34.23
C PRO K 85 28.48 33.23 34.53
N ASN K 86 29.60 32.52 34.48
CA ASN K 86 30.94 33.07 34.64
C ASN K 86 31.22 33.48 36.08
N ASP K 87 32.50 33.79 36.36
CA ASP K 87 32.99 33.98 37.72
C ASP K 87 32.76 35.43 38.14
N GLY K 88 32.04 35.61 39.25
CA GLY K 88 31.84 36.94 39.79
C GLY K 88 30.96 37.85 38.97
N CYS K 89 30.12 37.28 38.10
CA CYS K 89 29.21 38.11 37.32
C CYS K 89 27.96 38.51 38.10
N LEU K 90 27.68 37.83 39.22
CA LEU K 90 26.56 38.24 40.05
C LEU K 90 26.77 39.64 40.61
N ASN K 91 28.03 40.06 40.78
CA ASN K 91 28.31 41.40 41.26
C ASN K 91 27.89 42.47 40.26
N TYR K 92 27.69 42.12 39.00
CA TYR K 92 27.24 43.06 37.99
C TYR K 92 25.72 43.21 37.95
N ILE K 93 24.99 42.46 38.76
CA ILE K 93 23.54 42.44 38.74
C ILE K 93 23.02 43.03 40.04
N GLU K 94 22.09 43.97 39.93
CA GLU K 94 21.43 44.57 41.08
C GLU K 94 19.94 44.30 41.00
N GLU K 95 19.29 44.29 42.15
CA GLU K 95 17.86 44.02 42.20
C GLU K 95 17.08 45.16 41.53
N ASN K 96 15.93 44.81 40.97
CA ASN K 96 15.11 45.77 40.22
C ASN K 96 15.88 46.34 39.03
N ASP K 97 16.48 45.44 38.25
CA ASP K 97 17.27 45.80 37.09
C ASP K 97 16.77 45.04 35.88
N GLU K 98 16.90 45.66 34.71
CA GLU K 98 16.40 45.08 33.47
C GLU K 98 17.44 44.12 32.90
N VAL K 99 17.05 42.86 32.72
CA VAL K 99 17.94 41.81 32.24
C VAL K 99 17.27 41.08 31.09
N LEU K 100 18.05 40.80 30.05
CA LEU K 100 17.60 39.96 28.94
C LEU K 100 17.90 38.51 29.27
N ILE K 101 16.88 37.66 29.15
CA ILE K 101 16.98 36.25 29.49
C ILE K 101 16.93 35.43 28.22
N ALA K 102 17.59 34.27 28.25
CA ALA K 102 17.56 33.32 27.14
C ALA K 102 17.40 31.92 27.71
N GLY K 103 17.15 30.97 26.83
CA GLY K 103 17.11 29.58 27.22
C GLY K 103 18.47 29.07 27.64
N PHE K 104 18.47 27.93 28.32
CA PHE K 104 19.72 27.35 28.82
C PHE K 104 20.35 26.38 27.83
N GLY K 105 19.70 26.10 26.71
CA GLY K 105 20.29 25.30 25.65
C GLY K 105 19.63 23.95 25.43
N ARG K 106 18.73 23.51 26.30
CA ARG K 106 18.07 22.22 26.16
C ARG K 106 16.57 22.35 25.97
N LYS K 107 16.14 23.49 25.41
CA LYS K 107 14.75 23.69 25.00
C LYS K 107 13.78 23.43 26.15
N GLY K 108 13.96 24.18 27.23
CA GLY K 108 13.08 24.08 28.38
C GLY K 108 13.42 22.99 29.37
N HIS K 109 14.52 22.29 29.18
CA HIS K 109 14.97 21.27 30.11
C HIS K 109 16.09 21.83 30.99
N ALA K 110 16.19 21.28 32.20
CA ALA K 110 17.27 21.69 33.11
C ALA K 110 18.62 21.24 32.56
N VAL K 111 19.66 22.00 32.90
CA VAL K 111 20.99 21.79 32.35
C VAL K 111 21.99 21.62 33.49
N GLY K 112 22.87 20.62 33.36
CA GLY K 112 23.96 20.47 34.30
C GLY K 112 23.48 20.01 35.67
N ASP K 113 24.17 20.49 36.70
CA ASP K 113 23.85 20.15 38.08
C ASP K 113 22.99 21.21 38.74
N ILE K 114 22.53 22.22 38.00
CA ILE K 114 21.69 23.27 38.56
C ILE K 114 20.26 22.74 38.61
N PRO K 115 19.66 22.59 39.79
CA PRO K 115 18.32 21.96 39.86
C PRO K 115 17.23 22.92 39.42
N GLY K 116 16.40 22.44 38.50
CA GLY K 116 15.21 23.19 38.10
C GLY K 116 15.50 24.57 37.57
N VAL K 117 16.55 24.72 36.77
CA VAL K 117 16.90 25.99 36.16
C VAL K 117 17.03 25.77 34.66
N ARG K 118 16.29 26.56 33.88
CA ARG K 118 16.25 26.42 32.43
C ARG K 118 16.46 27.74 31.71
N PHE K 119 16.93 28.77 32.41
CA PHE K 119 17.17 30.08 31.81
C PHE K 119 18.51 30.61 32.29
N LYS K 120 19.10 31.50 31.50
CA LYS K 120 20.33 32.18 31.86
C LYS K 120 20.21 33.65 31.48
N VAL K 121 21.07 34.46 32.09
CA VAL K 121 21.07 35.91 31.88
C VAL K 121 22.08 36.24 30.79
N VAL K 122 21.63 37.01 29.80
CA VAL K 122 22.47 37.42 28.68
C VAL K 122 22.92 38.87 28.81
N LYS K 123 21.99 39.77 29.09
CA LYS K 123 22.28 41.18 29.25
C LYS K 123 21.84 41.67 30.62
N VAL K 124 22.44 42.77 31.05
CA VAL K 124 22.01 43.48 32.25
C VAL K 124 22.11 44.97 31.98
N SER K 125 21.01 45.68 32.17
CA SER K 125 20.95 47.12 31.91
C SER K 125 21.35 47.44 30.47
N GLY K 126 20.98 46.56 29.54
CA GLY K 126 21.27 46.77 28.14
C GLY K 126 22.70 46.45 27.72
N VAL K 127 23.47 45.80 28.59
CA VAL K 127 24.86 45.45 28.30
C VAL K 127 25.02 43.95 28.52
N SER K 128 25.75 43.30 27.62
CA SER K 128 25.98 41.86 27.72
C SER K 128 26.92 41.54 28.88
N LEU K 129 26.62 40.45 29.57
CA LEU K 129 27.49 40.00 30.65
C LEU K 129 28.88 39.66 30.13
N LEU K 130 28.97 39.21 28.88
CA LEU K 130 30.27 38.89 28.31
C LEU K 130 31.15 40.13 28.22
N ALA K 131 30.58 41.26 27.79
CA ALA K 131 31.35 42.50 27.72
C ALA K 131 31.78 42.97 29.09
N LEU K 132 30.90 42.86 30.10
CA LEU K 132 31.29 43.23 31.45
C LEU K 132 32.35 42.28 32.01
N PHE K 133 32.21 40.98 31.74
CA PHE K 133 33.16 40.01 32.25
C PHE K 133 34.56 40.27 31.70
N LYS K 134 34.66 40.60 30.43
CA LYS K 134 35.93 40.87 29.78
C LYS K 134 36.35 42.34 29.90
N GLU K 135 35.62 43.13 30.68
CA GLU K 135 35.92 44.55 30.87
C GLU K 135 35.88 45.32 29.55
N LYS K 136 35.09 44.84 28.59
CA LYS K 136 34.88 45.60 27.36
C LYS K 136 34.05 46.84 27.61
N LYS K 137 32.95 46.69 28.35
CA LYS K 137 32.04 47.78 28.67
C LYS K 137 31.76 47.81 30.17
N GLU K 138 31.05 48.84 30.60
CA GLU K 138 30.66 49.01 31.99
C GLU K 138 29.18 49.35 32.06
N LYS K 139 28.55 48.96 33.17
CA LYS K 139 27.12 49.20 33.32
C LYS K 139 26.83 50.70 33.32
N PRO K 140 25.71 51.13 32.73
CA PRO K 140 25.44 52.57 32.64
C PRO K 140 24.85 53.15 33.92
N ARG K 141 25.70 53.48 34.89
CA ARG K 141 25.26 54.15 36.11
C ARG K 141 26.44 54.58 36.95
N SER K 142 26.18 55.26 38.06
CA SER K 142 27.23 55.73 38.96
C SER K 142 28.15 56.73 38.27
N THR L 2 13.26 -14.49 32.04
CA THR L 2 13.86 -15.75 31.53
C THR L 2 12.96 -16.93 31.82
N PHE L 3 12.65 -17.72 30.79
CA PHE L 3 11.78 -18.88 30.94
C PHE L 3 12.63 -20.08 31.30
N LYS L 4 12.35 -20.69 32.45
CA LYS L 4 13.24 -21.70 33.00
C LYS L 4 12.96 -23.08 32.41
N ARG L 5 11.69 -23.40 32.14
CA ARG L 5 11.30 -24.73 31.69
C ARG L 5 10.32 -24.63 30.53
N ARG L 6 10.45 -25.55 29.57
CA ARG L 6 9.52 -25.59 28.45
C ARG L 6 8.11 -25.91 28.90
N ASN L 7 7.97 -26.76 29.92
CA ASN L 7 6.66 -27.11 30.45
C ASN L 7 6.14 -26.12 31.48
N GLY L 8 6.90 -25.06 31.76
CA GLY L 8 6.49 -24.08 32.74
C GLY L 8 6.43 -24.59 34.17
N GLY L 9 7.03 -25.72 34.46
CA GLY L 9 7.02 -26.31 35.78
C GLY L 9 5.86 -27.22 36.07
N ARG L 10 4.99 -27.48 35.09
CA ARG L 10 3.84 -28.34 35.28
C ARG L 10 3.69 -29.21 34.04
N ASN L 11 2.62 -29.99 33.99
CA ASN L 11 2.34 -30.89 32.87
C ASN L 11 0.90 -30.65 32.42
N LYS L 12 0.70 -29.65 31.57
CA LYS L 12 -0.63 -29.26 31.10
C LYS L 12 -0.56 -28.88 29.64
N HIS L 13 -1.27 -29.61 28.79
CA HIS L 13 -1.35 -29.32 27.37
C HIS L 13 -2.78 -29.54 26.91
N GLY L 14 -3.30 -28.59 26.13
CA GLY L 14 -4.63 -28.74 25.56
C GLY L 14 -5.74 -28.75 26.58
N ARG L 15 -5.60 -28.03 27.68
CA ARG L 15 -6.68 -27.86 28.64
C ARG L 15 -6.44 -26.58 29.40
N GLY L 16 -7.53 -25.99 29.90
CA GLY L 16 -7.44 -24.73 30.61
C GLY L 16 -7.11 -24.88 32.08
N HIS L 17 -7.96 -25.59 32.82
CA HIS L 17 -7.88 -25.63 34.27
C HIS L 17 -7.67 -27.06 34.76
N VAL L 18 -6.83 -27.21 35.78
CA VAL L 18 -6.63 -28.47 36.49
C VAL L 18 -6.93 -28.23 37.96
N LYS L 19 -7.79 -29.07 38.54
CA LYS L 19 -8.09 -28.94 39.96
C LYS L 19 -6.86 -29.25 40.80
N PHE L 20 -6.74 -28.53 41.91
CA PHE L 20 -5.57 -28.67 42.77
C PHE L 20 -5.73 -29.84 43.73
N ILE L 21 -4.60 -30.26 44.29
CA ILE L 21 -4.56 -31.16 45.43
C ILE L 21 -3.89 -30.42 46.58
N ARG L 22 -3.93 -31.03 47.76
CA ARG L 22 -3.38 -30.43 48.96
C ARG L 22 -2.13 -31.18 49.37
N CYS L 23 -1.05 -30.43 49.61
CA CYS L 23 0.24 -31.04 49.90
C CYS L 23 0.13 -31.95 51.12
N SER L 24 0.65 -33.17 50.99
CA SER L 24 0.60 -34.12 52.09
C SER L 24 1.36 -33.63 53.32
N ASN L 25 2.30 -32.71 53.15
CA ASN L 25 3.11 -32.22 54.26
C ASN L 25 2.48 -30.99 54.92
N CYS L 26 2.28 -29.92 54.15
CA CYS L 26 1.82 -28.65 54.69
C CYS L 26 0.38 -28.32 54.33
N GLY L 27 -0.23 -29.04 53.40
CA GLY L 27 -1.59 -28.75 52.99
C GLY L 27 -1.73 -27.66 51.96
N LYS L 28 -0.63 -27.15 51.40
CA LYS L 28 -0.69 -26.13 50.38
C LYS L 28 -1.45 -26.63 49.16
N CYS L 29 -2.26 -25.75 48.56
CA CYS L 29 -2.97 -26.09 47.33
C CYS L 29 -1.98 -26.06 46.16
N CYS L 30 -2.02 -27.12 45.35
CA CYS L 30 -1.14 -27.21 44.19
C CYS L 30 -1.86 -27.95 43.08
N PRO L 31 -1.77 -27.48 41.83
CA PRO L 31 -2.39 -28.22 40.72
C PRO L 31 -1.86 -29.65 40.67
N LYS L 32 -2.76 -30.60 40.40
CA LYS L 32 -2.36 -31.99 40.41
C LYS L 32 -1.25 -32.28 39.42
N ASP L 33 -1.23 -31.58 38.28
CA ASP L 33 -0.22 -31.82 37.26
C ASP L 33 1.12 -31.19 37.60
N LYS L 34 1.19 -30.33 38.63
CA LYS L 34 2.45 -29.75 39.06
C LYS L 34 3.02 -30.41 40.31
N ALA L 35 2.18 -31.03 41.13
CA ALA L 35 2.63 -31.63 42.37
C ALA L 35 3.59 -32.80 42.11
N ILE L 36 4.57 -32.94 42.99
CA ILE L 36 5.48 -34.08 42.93
C ILE L 36 4.81 -35.25 43.62
N LYS L 37 4.59 -36.33 42.87
CA LYS L 37 3.85 -37.49 43.35
C LYS L 37 4.80 -38.68 43.51
N ARG L 38 4.68 -39.36 44.64
CA ARG L 38 5.46 -40.55 44.93
C ARG L 38 4.55 -41.59 45.56
N PHE L 39 4.58 -42.80 45.04
CA PHE L 39 3.72 -43.89 45.51
C PHE L 39 4.59 -44.84 46.32
N LEU L 40 4.44 -44.80 47.64
CA LEU L 40 5.27 -45.56 48.55
C LEU L 40 4.58 -46.87 48.92
N VAL L 41 5.27 -47.99 48.70
CA VAL L 41 4.79 -49.31 49.08
C VAL L 41 5.85 -49.93 49.97
N ARG L 42 5.48 -50.23 51.21
CA ARG L 42 6.39 -50.85 52.15
C ARG L 42 5.59 -51.75 53.10
N ASN L 43 6.29 -52.69 53.70
CA ASN L 43 5.65 -53.59 54.66
C ASN L 43 5.08 -52.81 55.82
N ILE L 44 3.90 -53.22 56.28
CA ILE L 44 3.28 -52.57 57.43
C ILE L 44 4.12 -52.76 58.68
N VAL L 45 5.00 -53.76 58.69
CA VAL L 45 5.92 -54.00 59.79
C VAL L 45 7.33 -53.73 59.28
N GLU L 46 8.05 -52.86 59.99
CA GLU L 46 9.41 -52.52 59.59
C GLU L 46 10.32 -53.74 59.66
N GLN L 47 11.38 -53.71 58.84
CA GLN L 47 12.31 -54.84 58.80
C GLN L 47 12.94 -55.09 60.16
N ALA L 48 13.00 -54.06 61.01
CA ALA L 48 13.58 -54.22 62.35
C ALA L 48 12.66 -54.98 63.29
N ALA L 49 11.43 -55.28 62.88
CA ALA L 49 10.48 -55.99 63.74
C ALA L 49 9.85 -57.20 63.06
N VAL L 50 10.26 -57.54 61.83
CA VAL L 50 9.66 -58.67 61.14
C VAL L 50 9.96 -59.97 61.89
N ARG L 51 11.20 -60.13 62.36
CA ARG L 51 11.58 -61.37 63.04
C ARG L 51 10.73 -61.59 64.29
N ASP L 52 10.59 -60.55 65.10
CA ASP L 52 9.81 -60.69 66.33
C ASP L 52 8.34 -60.97 66.03
N VAL L 53 7.77 -60.25 65.06
CA VAL L 53 6.36 -60.45 64.73
C VAL L 53 6.14 -61.81 64.09
N GLN L 54 7.08 -62.26 63.26
CA GLN L 54 6.95 -63.57 62.63
C GLN L 54 7.05 -64.70 63.65
N GLU L 55 7.88 -64.54 64.69
CA GLU L 55 7.98 -65.56 65.72
C GLU L 55 6.72 -65.65 66.56
N ALA L 56 6.03 -64.52 66.75
CA ALA L 56 4.81 -64.48 67.54
C ALA L 56 3.56 -64.74 66.72
N CYS L 57 3.70 -65.05 65.44
CA CYS L 57 2.53 -65.28 64.60
C CYS L 57 1.68 -66.40 65.15
N ALA L 58 0.36 -66.23 65.09
CA ALA L 58 -0.59 -67.20 65.56
C ALA L 58 -1.08 -68.13 64.45
N PHE L 59 -0.51 -68.04 63.26
CA PHE L 59 -0.89 -68.86 62.13
C PHE L 59 0.34 -69.53 61.55
N GLU L 60 0.18 -70.79 61.13
CA GLU L 60 1.29 -71.49 60.49
C GLU L 60 1.79 -70.75 59.26
N LEU L 61 0.89 -70.14 58.49
CA LEU L 61 1.25 -69.35 57.34
C LEU L 61 0.50 -68.03 57.38
N TYR L 62 1.20 -66.94 57.13
CA TYR L 62 0.59 -65.62 57.06
C TYR L 62 1.53 -64.62 56.40
N THR L 63 1.06 -63.94 55.37
CA THR L 63 1.85 -62.93 54.67
C THR L 63 1.54 -61.57 55.28
N LEU L 64 2.58 -60.89 55.76
CA LEU L 64 2.39 -59.58 56.36
C LEU L 64 1.92 -58.59 55.30
N PRO L 65 0.80 -57.90 55.50
CA PRO L 65 0.33 -56.96 54.49
C PRO L 65 1.31 -55.81 54.30
N LYS L 66 1.09 -55.07 53.21
CA LYS L 66 1.91 -53.93 52.86
C LYS L 66 1.14 -52.63 53.06
N LEU L 67 1.88 -51.53 53.15
CA LEU L 67 1.32 -50.21 53.39
C LEU L 67 1.46 -49.39 52.11
N TYR L 68 0.33 -49.08 51.48
CA TYR L 68 0.31 -48.28 50.26
C TYR L 68 -0.06 -46.85 50.61
N LEU L 69 0.80 -45.90 50.26
CA LEU L 69 0.57 -44.49 50.53
C LEU L 69 1.03 -43.68 49.33
N LYS L 70 0.14 -42.86 48.80
CA LYS L 70 0.47 -41.95 47.70
C LYS L 70 0.71 -40.57 48.29
N MET L 71 1.93 -40.06 48.11
CA MET L 71 2.34 -38.78 48.66
C MET L 71 2.39 -37.73 47.57
N GLN L 72 1.73 -36.60 47.80
CA GLN L 72 1.68 -35.50 46.85
C GLN L 72 2.23 -34.26 47.54
N TYR L 73 3.37 -33.79 47.07
CA TYR L 73 4.07 -32.68 47.69
C TYR L 73 3.95 -31.43 46.84
N CYS L 74 3.91 -30.28 47.50
CA CYS L 74 4.16 -29.02 46.84
C CYS L 74 5.65 -28.90 46.53
N VAL L 75 6.01 -27.89 45.74
CA VAL L 75 7.41 -27.75 45.35
C VAL L 75 8.29 -27.47 46.57
N SER L 76 7.84 -26.57 47.46
CA SER L 76 8.67 -26.20 48.60
C SER L 76 8.95 -27.41 49.50
N CYS L 77 7.95 -28.25 49.74
CA CYS L 77 8.15 -29.40 50.61
C CYS L 77 8.98 -30.49 49.93
N ALA L 78 8.82 -30.69 48.63
CA ALA L 78 9.61 -31.69 47.92
C ALA L 78 11.10 -31.34 47.98
N ILE L 79 11.43 -30.06 47.81
CA ILE L 79 12.83 -29.65 47.88
C ILE L 79 13.34 -29.73 49.32
N HIS L 80 12.55 -29.26 50.27
CA HIS L 80 12.98 -29.26 51.67
C HIS L 80 13.14 -30.68 52.19
N SER L 81 12.23 -31.58 51.85
CA SER L 81 12.29 -32.96 52.28
C SER L 81 13.25 -33.80 51.46
N LYS L 82 13.89 -33.21 50.44
CA LYS L 82 14.87 -33.88 49.61
C LYS L 82 14.25 -34.96 48.73
N VAL L 83 12.93 -34.93 48.53
CA VAL L 83 12.30 -35.82 47.57
C VAL L 83 12.85 -35.55 46.17
N VAL L 84 13.06 -34.27 45.86
CA VAL L 84 13.74 -33.87 44.63
C VAL L 84 14.82 -32.86 45.01
N ARG L 85 15.81 -32.73 44.14
CA ARG L 85 16.92 -31.83 44.35
C ARG L 85 17.05 -30.88 43.17
N VAL L 86 17.67 -29.72 43.44
CA VAL L 86 18.02 -28.80 42.37
C VAL L 86 19.04 -29.46 41.47
N ARG L 87 18.79 -29.46 40.17
CA ARG L 87 19.67 -30.06 39.18
C ARG L 87 20.27 -29.00 38.29
N SER L 88 21.37 -29.35 37.64
CA SER L 88 22.03 -28.42 36.73
C SER L 88 21.17 -28.19 35.49
N ARG L 89 21.48 -27.13 34.76
CA ARG L 89 20.66 -26.74 33.61
C ARG L 89 20.53 -27.89 32.62
N THR L 90 21.58 -28.67 32.42
CA THR L 90 21.52 -29.79 31.50
C THR L 90 20.72 -30.94 32.08
N ASP L 91 20.89 -31.22 33.37
CA ASP L 91 20.23 -32.36 34.01
C ASP L 91 18.75 -32.11 34.26
N ARG L 92 18.27 -30.87 34.17
CA ARG L 92 16.85 -30.61 34.38
C ARG L 92 16.00 -31.31 33.33
N ARG L 93 16.52 -31.50 32.13
CA ARG L 93 15.73 -32.08 31.06
C ARG L 93 15.56 -33.59 31.19
N VAL L 94 16.41 -34.26 31.97
CA VAL L 94 16.30 -35.70 32.13
C VAL L 94 15.00 -36.00 32.89
N ARG L 95 14.07 -36.67 32.22
CA ARG L 95 12.79 -37.01 32.82
C ARG L 95 12.73 -38.44 33.34
N GLU L 96 13.65 -39.31 32.90
CA GLU L 96 13.62 -40.68 33.37
C GLU L 96 13.94 -40.74 34.87
N PRO L 97 13.25 -41.59 35.63
CA PRO L 97 13.53 -41.69 37.06
C PRO L 97 14.94 -42.20 37.30
N PRO L 98 15.55 -41.85 38.44
CA PRO L 98 16.93 -42.27 38.69
C PRO L 98 17.04 -43.75 39.04
N GLN L 99 18.25 -44.21 39.35
CA GLN L 99 18.48 -45.60 39.68
C GLN L 99 18.42 -45.82 41.19
N LYS M 44 63.99 -18.55 11.19
CA LYS M 44 63.38 -18.44 9.87
C LYS M 44 62.05 -19.18 9.86
N TRP M 45 61.50 -19.41 8.66
CA TRP M 45 60.22 -20.07 8.50
C TRP M 45 60.42 -21.53 8.15
N VAL M 46 59.82 -22.41 8.95
CA VAL M 46 59.82 -23.85 8.66
C VAL M 46 58.37 -24.29 8.50
N PRO M 47 57.85 -24.36 7.27
CA PRO M 47 56.42 -24.64 7.11
C PRO M 47 56.02 -25.98 7.71
N VAL M 48 54.83 -26.00 8.31
CA VAL M 48 54.29 -27.21 8.90
C VAL M 48 53.08 -27.75 8.14
N THR M 49 52.62 -27.04 7.12
CA THR M 49 51.47 -27.45 6.33
C THR M 49 51.89 -27.66 4.88
N LYS M 50 51.07 -28.40 4.14
CA LYS M 50 51.35 -28.65 2.73
C LYS M 50 51.39 -27.35 1.94
N LEU M 51 50.43 -26.46 2.21
CA LEU M 51 50.43 -25.17 1.53
C LEU M 51 51.69 -24.37 1.86
N GLY M 52 52.12 -24.43 3.11
CA GLY M 52 53.34 -23.73 3.49
C GLY M 52 54.56 -24.22 2.72
N ARG M 53 54.62 -25.52 2.44
CA ARG M 53 55.75 -26.06 1.69
C ARG M 53 55.69 -25.63 0.23
N LEU M 54 54.52 -25.74 -0.40
CA LEU M 54 54.40 -25.34 -1.79
C LEU M 54 54.69 -23.85 -1.97
N VAL M 55 54.17 -23.02 -1.09
CA VAL M 55 54.48 -21.59 -1.16
C VAL M 55 55.95 -21.35 -0.85
N LYS M 56 56.52 -22.12 0.07
CA LYS M 56 57.96 -22.02 0.34
C LYS M 56 58.77 -22.45 -0.88
N ASP M 57 58.36 -23.56 -1.51
CA ASP M 57 59.05 -24.02 -2.71
C ASP M 57 58.88 -23.04 -3.86
N GLY M 58 57.68 -22.48 -4.00
CA GLY M 58 57.36 -21.60 -5.10
C GLY M 58 56.39 -22.15 -6.12
N LYS M 59 55.84 -23.35 -5.88
CA LYS M 59 54.87 -23.91 -6.81
C LYS M 59 53.62 -23.04 -6.88
N ILE M 60 53.11 -22.61 -5.73
CA ILE M 60 51.98 -21.70 -5.67
C ILE M 60 52.52 -20.28 -5.60
N ARG M 61 52.03 -19.41 -6.49
CA ARG M 61 52.52 -18.04 -6.60
C ARG M 61 51.40 -17.01 -6.56
N SER M 62 50.16 -17.42 -6.28
CA SER M 62 49.05 -16.49 -6.22
C SER M 62 48.03 -17.00 -5.21
N LEU M 63 47.41 -16.06 -4.49
CA LEU M 63 46.35 -16.45 -3.56
C LEU M 63 45.12 -16.98 -4.28
N GLU M 64 44.88 -16.53 -5.51
CA GLU M 64 43.71 -17.00 -6.25
C GLU M 64 43.77 -18.50 -6.49
N GLN M 65 44.98 -19.06 -6.61
CA GLN M 65 45.11 -20.50 -6.76
C GLN M 65 44.69 -21.23 -5.50
N ILE M 66 44.87 -20.62 -4.34
CA ILE M 66 44.39 -21.21 -3.09
C ILE M 66 42.89 -20.97 -2.93
N TYR M 67 42.43 -19.76 -3.23
CA TYR M 67 41.00 -19.45 -3.10
C TYR M 67 40.16 -20.37 -3.98
N LEU M 68 40.68 -20.72 -5.16
CA LEU M 68 39.89 -21.52 -6.09
C LEU M 68 39.48 -22.86 -5.47
N HIS M 69 40.30 -23.42 -4.60
CA HIS M 69 40.02 -24.71 -3.98
C HIS M 69 39.58 -24.58 -2.51
N SER M 70 39.40 -23.36 -2.02
CA SER M 70 38.87 -23.14 -0.67
C SER M 70 39.70 -23.86 0.38
N LEU M 71 41.02 -23.65 0.32
CA LEU M 71 41.92 -24.30 1.24
C LEU M 71 42.21 -23.40 2.43
N PRO M 72 42.17 -23.92 3.67
CA PRO M 72 42.49 -23.08 4.82
C PRO M 72 43.97 -22.68 4.81
N ILE M 73 44.23 -21.45 5.23
CA ILE M 73 45.58 -20.91 5.33
C ILE M 73 45.89 -20.76 6.81
N LYS M 74 46.83 -21.56 7.31
CA LYS M 74 47.13 -21.62 8.73
C LYS M 74 48.49 -21.04 9.09
N GLU M 75 49.25 -20.56 8.12
CA GLU M 75 50.56 -19.95 8.37
C GLU M 75 50.56 -18.57 7.75
N PHE M 76 50.80 -17.54 8.58
CA PHE M 76 50.76 -16.18 8.07
C PHE M 76 51.91 -15.88 7.11
N GLN M 77 52.98 -16.68 7.14
CA GLN M 77 54.08 -16.47 6.21
C GLN M 77 53.66 -16.73 4.77
N ILE M 78 52.61 -17.52 4.55
CA ILE M 78 52.10 -17.71 3.20
C ILE M 78 51.58 -16.39 2.65
N ILE M 79 50.83 -15.64 3.45
CA ILE M 79 50.29 -14.38 2.99
C ILE M 79 51.40 -13.36 2.75
N ASP M 80 52.44 -13.38 3.57
CA ASP M 80 53.57 -12.48 3.38
C ASP M 80 54.40 -12.84 2.16
N THR M 81 54.27 -14.06 1.64
CA THR M 81 55.04 -14.48 0.48
C THR M 81 54.33 -14.21 -0.83
N LEU M 82 53.00 -14.08 -0.82
CA LEU M 82 52.22 -13.89 -2.03
C LEU M 82 51.80 -12.45 -2.25
N ILE M 83 51.31 -11.77 -1.23
CA ILE M 83 50.91 -10.37 -1.35
C ILE M 83 51.56 -9.54 -0.24
N GLY M 84 52.67 -10.04 0.28
CA GLY M 84 53.34 -9.39 1.39
C GLY M 84 53.64 -7.92 1.17
N PRO M 85 54.43 -7.61 0.15
CA PRO M 85 54.87 -6.21 -0.02
C PRO M 85 53.73 -5.23 -0.27
N SER M 86 52.60 -5.69 -0.82
CA SER M 86 51.49 -4.80 -1.13
C SER M 86 50.52 -4.62 0.02
N LEU M 87 50.67 -5.39 1.10
CA LEU M 87 49.73 -5.28 2.22
C LEU M 87 49.99 -4.01 3.02
N LYS M 88 49.00 -3.66 3.85
CA LYS M 88 49.09 -2.47 4.69
C LYS M 88 48.14 -2.68 5.86
N ASP M 89 48.69 -2.81 7.06
CA ASP M 89 47.88 -3.03 8.25
C ASP M 89 47.45 -1.69 8.87
N GLU M 90 46.44 -1.76 9.73
CA GLU M 90 45.93 -0.59 10.42
C GLU M 90 45.11 -1.00 11.62
N VAL M 91 45.48 -0.52 12.81
CA VAL M 91 44.76 -0.87 14.03
C VAL M 91 43.49 -0.03 14.11
N MET M 92 42.35 -0.70 14.19
CA MET M 92 41.08 0.01 14.22
C MET M 92 40.75 0.56 15.60
N LYS M 93 40.98 -0.24 16.64
CA LYS M 93 40.63 0.17 17.99
C LYS M 93 41.29 -0.76 18.99
N ILE M 94 41.54 -0.23 20.18
CA ILE M 94 41.99 -1.02 21.32
C ILE M 94 40.85 -1.04 22.33
N MET M 95 40.38 -2.24 22.66
CA MET M 95 39.19 -2.41 23.50
C MET M 95 39.56 -3.17 24.76
N PRO M 96 39.59 -2.53 25.92
CA PRO M 96 39.85 -3.27 27.17
C PRO M 96 38.60 -4.03 27.62
N VAL M 97 38.79 -5.29 28.00
CA VAL M 97 37.73 -6.12 28.56
C VAL M 97 38.19 -6.61 29.91
N GLN M 98 37.24 -6.77 30.84
CA GLN M 98 37.55 -7.06 32.23
C GLN M 98 36.80 -8.29 32.69
N LYS M 99 37.46 -9.09 33.53
CA LYS M 99 36.87 -10.27 34.16
C LYS M 99 36.97 -10.09 35.67
N GLN M 100 35.82 -10.14 36.34
CA GLN M 100 35.80 -9.98 37.79
C GLN M 100 36.48 -11.15 38.47
N THR M 101 37.27 -10.84 39.50
CA THR M 101 37.98 -11.86 40.26
C THR M 101 37.92 -11.50 41.74
N ARG M 102 38.32 -12.45 42.58
CA ARG M 102 38.30 -12.25 44.02
C ARG M 102 39.19 -11.08 44.43
N ALA M 103 40.39 -11.01 43.86
CA ALA M 103 41.32 -9.95 44.22
C ALA M 103 40.95 -8.62 43.57
N GLY M 104 40.46 -8.66 42.34
CA GLY M 104 40.13 -7.45 41.61
C GLY M 104 39.49 -7.74 40.28
N GLN M 105 39.89 -7.00 39.25
CA GLN M 105 39.37 -7.20 37.90
C GLN M 105 40.54 -7.37 36.95
N ARG M 106 40.60 -8.52 36.28
CA ARG M 106 41.65 -8.79 35.31
C ARG M 106 41.34 -8.05 34.01
N THR M 107 42.22 -7.15 33.61
CA THR M 107 42.03 -6.35 32.40
C THR M 107 42.86 -6.96 31.27
N ARG M 108 42.19 -7.29 30.16
CA ARG M 108 42.83 -7.71 28.94
C ARG M 108 42.50 -6.71 27.84
N PHE M 109 43.39 -6.61 26.86
CA PHE M 109 43.25 -5.67 25.77
C PHE M 109 42.93 -6.42 24.48
N LYS M 110 41.96 -5.89 23.74
CA LYS M 110 41.43 -6.52 22.54
C LYS M 110 41.68 -5.58 21.37
N ALA M 111 42.47 -6.03 20.40
CA ALA M 111 42.89 -5.20 19.28
C ALA M 111 42.21 -5.65 18.00
N PHE M 112 41.62 -4.70 17.27
CA PHE M 112 41.00 -4.95 15.99
C PHE M 112 41.92 -4.43 14.89
N VAL M 113 42.36 -5.32 14.00
CA VAL M 113 43.33 -5.00 12.97
C VAL M 113 42.74 -5.35 11.61
N VAL M 114 42.90 -4.43 10.66
CA VAL M 114 42.45 -4.61 9.29
C VAL M 114 43.67 -4.52 8.37
N VAL M 115 43.81 -5.47 7.47
CA VAL M 115 44.87 -5.48 6.48
C VAL M 115 44.24 -5.54 5.09
N GLY M 116 44.97 -5.02 4.11
CA GLY M 116 44.50 -5.07 2.74
C GLY M 116 45.44 -4.35 1.80
N ASP M 117 45.53 -4.83 0.56
CA ASP M 117 46.39 -4.23 -0.46
C ASP M 117 45.70 -3.14 -1.25
N GLY M 118 44.40 -2.91 -1.01
CA GLY M 118 43.67 -1.93 -1.78
C GLY M 118 43.40 -2.35 -3.21
N ASN M 119 43.54 -3.64 -3.52
CA ASN M 119 43.31 -4.13 -4.87
C ASN M 119 42.54 -5.45 -4.84
N GLY M 120 41.52 -5.52 -3.99
CA GLY M 120 40.64 -6.67 -3.95
C GLY M 120 40.93 -7.69 -2.88
N HIS M 121 41.85 -7.42 -1.97
CA HIS M 121 42.16 -8.33 -0.86
C HIS M 121 42.11 -7.54 0.44
N VAL M 122 41.37 -8.07 1.42
CA VAL M 122 41.24 -7.44 2.72
C VAL M 122 41.14 -8.53 3.78
N GLY M 123 41.64 -8.23 4.97
CA GLY M 123 41.59 -9.17 6.07
C GLY M 123 41.31 -8.45 7.38
N LEU M 124 40.65 -9.16 8.29
CA LEU M 124 40.28 -8.63 9.59
C LEU M 124 40.70 -9.62 10.67
N GLY M 125 41.40 -9.14 11.67
CA GLY M 125 41.84 -9.97 12.77
C GLY M 125 41.63 -9.30 14.10
N VAL M 126 41.16 -10.07 15.08
CA VAL M 126 40.92 -9.60 16.43
C VAL M 126 41.62 -10.55 17.39
N LYS M 127 42.43 -10.00 18.29
CA LYS M 127 43.10 -10.80 19.30
C LYS M 127 43.03 -10.10 20.65
N CYS M 128 42.83 -10.90 21.69
CA CYS M 128 42.84 -10.43 23.07
C CYS M 128 44.14 -10.86 23.74
N SER M 129 44.79 -9.93 24.43
CA SER M 129 46.05 -10.23 25.08
C SER M 129 46.21 -9.32 26.29
N LYS M 130 47.11 -9.72 27.18
CA LYS M 130 47.38 -8.96 28.40
C LYS M 130 48.17 -7.68 28.14
N GLU M 131 48.87 -7.60 27.02
CA GLU M 131 49.62 -6.40 26.65
C GLU M 131 49.06 -5.83 25.36
N VAL M 132 49.08 -4.51 25.24
CA VAL M 132 48.58 -3.86 24.04
C VAL M 132 49.43 -4.23 22.84
N ALA M 133 50.75 -4.20 23.00
CA ALA M 133 51.64 -4.53 21.89
C ALA M 133 51.48 -5.98 21.45
N THR M 134 51.33 -6.90 22.41
CA THR M 134 51.15 -8.31 22.05
C THR M 134 49.84 -8.53 21.31
N ALA M 135 48.77 -7.84 21.70
CA ALA M 135 47.50 -7.99 21.00
C ALA M 135 47.59 -7.48 19.57
N ILE M 136 48.25 -6.34 19.37
CA ILE M 136 48.37 -5.79 18.02
C ILE M 136 49.15 -6.73 17.12
N ARG M 137 50.28 -7.24 17.60
CA ARG M 137 51.10 -8.13 16.79
C ARG M 137 50.33 -9.39 16.41
N GLY M 138 49.59 -9.97 17.36
CA GLY M 138 48.79 -11.13 17.05
C GLY M 138 47.58 -10.82 16.18
N GLY M 139 47.00 -9.62 16.35
CA GLY M 139 45.89 -9.24 15.49
C GLY M 139 46.31 -9.07 14.05
N ILE M 140 47.51 -8.55 13.81
CA ILE M 140 48.04 -8.44 12.45
C ILE M 140 48.17 -9.83 11.83
N ILE M 141 48.63 -10.81 12.62
CA ILE M 141 48.77 -12.16 12.13
C ILE M 141 47.39 -12.75 11.78
N LEU M 142 46.42 -12.56 12.68
CA LEU M 142 45.08 -13.07 12.42
C LEU M 142 44.44 -12.41 11.21
N ALA M 143 44.67 -11.10 11.03
CA ALA M 143 44.11 -10.42 9.87
C ALA M 143 44.63 -11.00 8.57
N LYS M 144 45.93 -11.30 8.51
CA LYS M 144 46.50 -11.90 7.32
C LYS M 144 45.90 -13.26 7.03
N LEU M 145 45.70 -14.08 8.08
CA LEU M 145 45.18 -15.42 7.88
C LEU M 145 43.75 -15.45 7.38
N SER M 146 43.00 -14.36 7.52
CA SER M 146 41.61 -14.30 7.12
C SER M 146 41.39 -13.54 5.82
N VAL M 147 42.47 -13.18 5.11
CA VAL M 147 42.33 -12.36 3.91
C VAL M 147 41.42 -13.08 2.91
N ILE M 148 40.52 -12.32 2.30
CA ILE M 148 39.54 -12.86 1.37
C ILE M 148 39.68 -12.12 0.05
N PRO M 149 39.23 -12.71 -1.06
CA PRO M 149 39.08 -11.95 -2.30
C PRO M 149 37.77 -11.18 -2.33
N VAL M 150 37.85 -9.93 -2.77
CA VAL M 150 36.69 -9.05 -2.86
C VAL M 150 36.39 -8.80 -4.33
N ARG M 151 35.23 -9.23 -4.77
CA ARG M 151 34.80 -9.02 -6.15
C ARG M 151 34.33 -7.58 -6.33
N ARG M 152 34.73 -6.97 -7.44
CA ARG M 152 34.36 -5.60 -7.76
C ARG M 152 33.71 -5.55 -9.13
N GLY M 153 32.78 -4.62 -9.29
CA GLY M 153 32.03 -4.50 -10.54
C GLY M 153 31.88 -3.08 -11.01
N TYR M 154 30.93 -2.85 -11.92
CA TYR M 154 30.69 -1.54 -12.50
C TYR M 154 29.25 -1.12 -12.23
N TRP M 155 29.07 0.17 -11.91
CA TRP M 155 27.72 0.69 -11.71
C TRP M 155 26.93 0.65 -13.01
N GLY M 156 27.44 1.31 -14.05
CA GLY M 156 26.81 1.32 -15.35
C GLY M 156 27.67 0.68 -16.43
N ASN M 157 28.21 1.51 -17.31
CA ASN M 157 29.07 1.03 -18.38
C ASN M 157 30.40 0.56 -17.81
N LYS M 158 30.94 -0.51 -18.40
CA LYS M 158 32.19 -1.10 -17.95
C LYS M 158 33.36 -0.35 -18.59
N ILE M 159 33.66 0.82 -18.03
CA ILE M 159 34.71 1.70 -18.51
C ILE M 159 35.70 1.89 -17.38
N GLY M 160 36.97 1.60 -17.64
CA GLY M 160 38.00 1.68 -16.63
C GLY M 160 38.04 0.41 -15.79
N LYS M 161 38.67 0.54 -14.63
CA LYS M 161 38.77 -0.59 -13.73
C LYS M 161 37.55 -0.65 -12.81
N PRO M 162 37.20 -1.84 -12.31
CA PRO M 162 36.05 -1.93 -11.40
C PRO M 162 36.25 -1.04 -10.19
N HIS M 163 35.15 -0.41 -9.75
CA HIS M 163 35.21 0.62 -8.72
C HIS M 163 34.18 0.43 -7.61
N THR M 164 33.17 -0.41 -7.79
CA THR M 164 32.12 -0.58 -6.81
C THR M 164 31.79 -2.06 -6.69
N VAL M 165 30.92 -2.39 -5.74
CA VAL M 165 30.48 -3.77 -5.54
C VAL M 165 29.64 -4.19 -6.75
N PRO M 166 29.67 -5.46 -7.15
CA PRO M 166 28.92 -5.86 -8.35
C PRO M 166 27.42 -5.96 -8.15
N CYS M 167 26.95 -6.10 -6.92
CA CYS M 167 25.53 -6.25 -6.64
C CYS M 167 25.25 -5.69 -5.26
N LYS M 168 23.96 -5.68 -4.90
CA LYS M 168 23.57 -5.35 -3.54
C LYS M 168 23.95 -6.51 -2.62
N VAL M 169 24.69 -6.20 -1.56
CA VAL M 169 25.18 -7.21 -0.63
C VAL M 169 25.00 -6.69 0.79
N THR M 170 24.61 -7.58 1.69
CA THR M 170 24.38 -7.24 3.08
C THR M 170 25.09 -8.22 3.98
N GLY M 171 25.58 -7.74 5.11
CA GLY M 171 26.24 -8.58 6.09
C GLY M 171 25.74 -8.30 7.48
N LYS M 172 25.68 -9.35 8.30
CA LYS M 172 25.11 -9.26 9.63
C LYS M 172 26.10 -9.82 10.65
N CYS M 173 26.18 -9.15 11.80
CA CYS M 173 26.94 -9.65 12.93
C CYS M 173 26.33 -9.04 14.19
N GLY M 174 25.89 -9.90 15.11
CA GLY M 174 25.13 -9.40 16.24
C GLY M 174 23.84 -8.75 15.74
N SER M 175 23.59 -7.53 16.20
CA SER M 175 22.45 -6.75 15.74
C SER M 175 22.80 -5.85 14.56
N VAL M 176 24.07 -5.76 14.18
CA VAL M 176 24.50 -4.82 13.16
C VAL M 176 24.29 -5.44 11.79
N THR M 177 23.65 -4.69 10.89
CA THR M 177 23.53 -5.07 9.49
C THR M 177 24.08 -3.93 8.65
N VAL M 178 25.00 -4.25 7.75
CA VAL M 178 25.60 -3.29 6.83
C VAL M 178 25.18 -3.66 5.41
N ARG M 179 24.65 -2.69 4.68
CA ARG M 179 24.24 -2.88 3.30
C ARG M 179 25.14 -2.07 2.38
N MET M 180 25.44 -2.65 1.23
CA MET M 180 26.25 -1.98 0.21
C MET M 180 25.51 -2.02 -1.11
N VAL M 181 25.30 -0.86 -1.71
CA VAL M 181 24.60 -0.75 -2.98
C VAL M 181 25.59 -0.19 -4.01
N PRO M 182 25.63 -0.70 -5.24
CA PRO M 182 26.55 -0.15 -6.24
C PRO M 182 26.30 1.34 -6.46
N ALA M 183 27.39 2.10 -6.54
CA ALA M 183 27.32 3.54 -6.71
C ALA M 183 28.06 3.97 -7.98
N PRO M 184 27.64 5.06 -8.60
CA PRO M 184 28.34 5.52 -9.81
C PRO M 184 29.73 6.07 -9.49
N ARG M 185 30.57 6.08 -10.52
CA ARG M 185 31.94 6.53 -10.35
C ARG M 185 31.98 7.97 -9.83
N GLY M 186 32.91 8.23 -8.91
CA GLY M 186 33.05 9.54 -8.31
C GLY M 186 32.15 9.79 -7.11
N ALA M 187 31.16 8.93 -6.86
CA ALA M 187 30.30 9.11 -5.71
C ALA M 187 31.08 8.98 -4.40
N GLY M 188 32.18 8.25 -4.42
CA GLY M 188 32.97 8.03 -3.22
C GLY M 188 32.35 6.97 -2.33
N ILE M 189 33.02 6.73 -1.21
CA ILE M 189 32.53 5.77 -0.22
C ILE M 189 31.63 6.53 0.74
N VAL M 190 30.32 6.31 0.61
CA VAL M 190 29.33 6.96 1.48
C VAL M 190 29.11 5.98 2.63
N ALA M 191 29.95 6.08 3.66
CA ALA M 191 29.89 5.16 4.79
C ALA M 191 30.53 5.82 6.00
N ALA M 192 30.26 5.24 7.16
CA ALA M 192 30.88 5.69 8.39
C ALA M 192 32.37 5.33 8.40
N ARG M 193 33.08 5.81 9.42
CA ARG M 193 34.54 5.65 9.44
C ARG M 193 34.93 4.18 9.42
N VAL M 194 34.28 3.35 10.25
CA VAL M 194 34.68 1.95 10.35
C VAL M 194 34.50 1.21 9.04
N PRO M 195 33.33 1.22 8.40
CA PRO M 195 33.24 0.57 7.08
C PRO M 195 34.11 1.23 6.04
N LYS M 196 34.27 2.55 6.10
CA LYS M 196 35.03 3.26 5.08
C LYS M 196 36.49 2.80 5.06
N LYS M 197 37.08 2.60 6.23
CA LYS M 197 38.46 2.14 6.30
C LYS M 197 38.60 0.76 5.68
N VAL M 198 37.67 -0.15 5.96
CA VAL M 198 37.73 -1.49 5.41
C VAL M 198 37.57 -1.45 3.89
N LEU M 199 36.60 -0.66 3.42
CA LEU M 199 36.34 -0.59 1.98
C LEU M 199 37.52 -0.02 1.22
N GLN M 200 38.23 0.95 1.81
CA GLN M 200 39.41 1.51 1.17
C GLN M 200 40.49 0.45 1.01
N PHE M 201 40.74 -0.34 2.05
CA PHE M 201 41.74 -1.39 1.97
C PHE M 201 41.35 -2.49 1.01
N ALA M 202 40.05 -2.67 0.75
CA ALA M 202 39.59 -3.67 -0.19
C ALA M 202 39.68 -3.19 -1.64
N GLY M 203 39.94 -1.91 -1.86
CA GLY M 203 40.01 -1.37 -3.21
C GLY M 203 38.70 -0.84 -3.75
N ILE M 204 37.66 -0.73 -2.93
CA ILE M 204 36.40 -0.17 -3.37
C ILE M 204 36.52 1.34 -3.38
N GLU M 205 36.09 1.96 -4.47
CA GLU M 205 36.19 3.40 -4.66
C GLU M 205 34.88 4.14 -4.45
N ASP M 206 33.76 3.54 -4.86
CA ASP M 206 32.46 4.22 -4.82
C ASP M 206 31.40 3.22 -4.44
N VAL M 207 30.69 3.49 -3.34
CA VAL M 207 29.62 2.61 -2.88
C VAL M 207 28.70 3.41 -1.96
N PHE M 208 27.42 3.08 -1.98
CA PHE M 208 26.45 3.59 -1.02
C PHE M 208 26.24 2.55 0.07
N THR M 209 26.18 3.01 1.32
CA THR M 209 26.00 2.12 2.45
C THR M 209 24.90 2.63 3.37
N SER M 210 24.26 1.69 4.05
CA SER M 210 23.33 1.99 5.13
C SER M 210 23.50 0.95 6.22
N SER M 211 23.18 1.34 7.45
CA SER M 211 23.37 0.48 8.61
C SER M 211 22.11 0.47 9.46
N ARG M 212 21.90 -0.66 10.14
CA ARG M 212 20.86 -0.77 11.15
C ARG M 212 21.41 -1.59 12.30
N GLY M 213 21.05 -1.21 13.52
CA GLY M 213 21.53 -1.86 14.72
C GLY M 213 22.53 -0.99 15.45
N SER M 214 23.18 -1.61 16.43
CA SER M 214 24.14 -0.92 17.31
C SER M 214 25.49 -0.85 16.62
N THR M 215 25.67 0.17 15.79
CA THR M 215 26.95 0.37 15.12
C THR M 215 28.05 0.83 16.07
N LYS M 216 27.68 1.37 17.23
CA LYS M 216 28.69 1.76 18.22
C LYS M 216 29.42 0.55 18.78
N THR M 217 28.88 -0.65 18.61
CA THR M 217 29.64 -1.87 18.90
C THR M 217 30.63 -2.11 17.76
N LEU M 218 31.84 -1.57 17.88
CA LEU M 218 32.77 -1.57 16.77
C LEU M 218 33.08 -2.98 16.29
N GLY M 219 33.18 -3.93 17.22
CA GLY M 219 33.50 -5.29 16.82
C GLY M 219 32.51 -5.86 15.83
N ASN M 220 31.21 -5.67 16.09
CA ASN M 220 30.19 -6.18 15.18
C ASN M 220 30.06 -5.31 13.93
N PHE M 221 30.36 -4.01 14.04
CA PHE M 221 30.29 -3.13 12.88
C PHE M 221 31.34 -3.51 11.84
N VAL M 222 32.59 -3.68 12.28
CA VAL M 222 33.67 -4.03 11.34
C VAL M 222 33.48 -5.45 10.82
N LYS M 223 33.02 -6.36 11.68
CA LYS M 223 32.82 -7.74 11.24
C LYS M 223 31.65 -7.84 10.25
N ALA M 224 30.59 -7.07 10.48
CA ALA M 224 29.48 -7.07 9.52
C ALA M 224 29.92 -6.49 8.18
N THR M 225 30.74 -5.44 8.21
CA THR M 225 31.30 -4.91 6.96
C THR M 225 32.12 -5.98 6.26
N PHE M 226 33.01 -6.65 7.00
CA PHE M 226 33.80 -7.74 6.43
C PHE M 226 32.93 -8.90 6.00
N ASP M 227 31.75 -9.06 6.60
CA ASP M 227 30.87 -10.17 6.25
C ASP M 227 30.27 -9.99 4.85
N CYS M 228 29.85 -8.77 4.51
CA CYS M 228 29.29 -8.54 3.19
C CYS M 228 30.34 -8.49 2.10
N LEU M 229 31.59 -8.17 2.44
CA LEU M 229 32.65 -8.16 1.42
C LEU M 229 32.97 -9.57 0.94
N MET M 230 32.88 -10.58 1.81
CA MET M 230 33.13 -11.95 1.38
C MET M 230 31.95 -12.55 0.62
N LYS M 231 30.77 -11.96 0.74
CA LYS M 231 29.61 -12.41 -0.01
C LYS M 231 29.58 -11.89 -1.44
N THR M 232 30.53 -11.04 -1.83
CA THR M 232 30.57 -10.54 -3.20
C THR M 232 30.86 -11.66 -4.19
N TYR M 233 31.52 -12.74 -3.75
CA TYR M 233 31.80 -13.87 -4.61
C TYR M 233 30.83 -15.02 -4.43
N GLY M 234 29.81 -14.86 -3.58
CA GLY M 234 28.85 -15.92 -3.34
C GLY M 234 27.59 -15.78 -4.17
N PHE M 235 27.32 -14.59 -4.70
CA PHE M 235 26.09 -14.33 -5.42
C PHE M 235 26.26 -14.76 -6.88
N LEU M 236 25.41 -15.67 -7.32
CA LEU M 236 25.52 -16.27 -8.66
C LEU M 236 24.87 -15.34 -9.68
N THR M 237 25.68 -14.54 -10.34
CA THR M 237 25.21 -13.69 -11.42
C THR M 237 25.14 -14.48 -12.72
N PRO M 238 24.45 -13.96 -13.74
CA PRO M 238 24.37 -14.70 -15.02
C PRO M 238 25.72 -14.95 -15.66
N ASP M 239 26.71 -14.10 -15.43
CA ASP M 239 28.03 -14.30 -16.02
C ASP M 239 28.79 -15.47 -15.41
N PHE M 240 28.30 -16.02 -14.30
CA PHE M 240 28.87 -17.24 -13.71
C PHE M 240 28.10 -18.48 -14.10
N TRP M 241 27.13 -18.38 -15.01
CA TRP M 241 26.35 -19.54 -15.40
C TRP M 241 27.15 -20.55 -16.20
N LYS M 242 28.28 -20.13 -16.77
CA LYS M 242 29.11 -21.05 -17.55
C LYS M 242 29.53 -22.24 -16.69
N GLU M 243 29.48 -23.43 -17.29
CA GLU M 243 29.76 -24.64 -16.53
C GLU M 243 31.20 -24.65 -16.04
N THR M 244 31.42 -25.29 -14.91
CA THR M 244 32.72 -25.27 -14.24
C THR M 244 33.69 -26.21 -14.95
N ARG M 245 34.92 -25.74 -15.13
CA ARG M 245 36.01 -26.53 -15.67
C ARG M 245 36.99 -26.78 -14.53
N PHE M 246 36.95 -27.99 -13.97
CA PHE M 246 37.74 -28.31 -12.79
C PHE M 246 39.22 -28.45 -13.15
N THR M 247 40.07 -28.12 -12.19
CA THR M 247 41.51 -28.28 -12.32
C THR M 247 42.04 -28.98 -11.07
N LYS M 248 43.15 -29.70 -11.24
CA LYS M 248 43.72 -30.44 -10.12
C LYS M 248 44.10 -29.50 -8.99
N SER M 249 43.81 -29.93 -7.76
CA SER M 249 44.18 -29.16 -6.59
C SER M 249 45.70 -29.15 -6.41
N PRO M 250 46.25 -28.15 -5.72
CA PRO M 250 47.70 -28.15 -5.49
C PRO M 250 48.21 -29.41 -4.80
N PHE M 251 47.40 -30.01 -3.94
CA PHE M 251 47.83 -31.24 -3.27
C PHE M 251 47.89 -32.42 -4.22
N GLN M 252 47.04 -32.44 -5.24
CA GLN M 252 47.07 -33.50 -6.25
C GLN M 252 48.09 -33.23 -7.34
N GLU M 253 48.29 -31.96 -7.70
CA GLU M 253 49.22 -31.65 -8.79
C GLU M 253 50.66 -31.90 -8.37
N TYR M 254 50.99 -31.62 -7.11
CA TYR M 254 52.35 -31.73 -6.60
C TYR M 254 52.46 -32.81 -5.52
N PHE M 255 51.84 -33.96 -5.76
CA PHE M 255 51.87 -35.03 -4.77
C PHE M 255 53.29 -35.52 -4.52
N ASP M 256 54.08 -35.66 -5.59
CA ASP M 256 55.44 -36.17 -5.43
C ASP M 256 56.30 -35.23 -4.60
N ILE M 257 56.17 -33.92 -4.82
CA ILE M 257 56.94 -32.97 -4.01
C ILE M 257 56.50 -33.02 -2.56
N LEU M 258 55.20 -33.22 -2.31
CA LEU M 258 54.70 -33.32 -0.94
C LEU M 258 54.99 -34.67 -0.31
N ALA M 259 55.05 -35.73 -1.10
CA ALA M 259 55.36 -37.04 -0.55
C ALA M 259 56.75 -37.07 0.06
N LYS M 260 57.72 -36.47 -0.62
CA LYS M 260 59.09 -36.45 -0.13
C LYS M 260 59.19 -35.60 1.14
N PRO M 261 59.71 -36.13 2.23
CA PRO M 261 59.90 -35.29 3.42
C PRO M 261 60.92 -34.18 3.16
N ALA M 262 60.72 -33.06 3.84
CA ALA M 262 61.56 -31.88 3.67
C ALA M 262 62.58 -31.82 4.79
N ASN M 263 63.86 -31.72 4.40
CA ASN M 263 64.95 -31.64 5.37
C ASN M 263 65.96 -30.58 4.96
N MET N 1 -29.51 94.41 16.07
CA MET N 1 -29.48 93.56 14.84
C MET N 1 -29.15 94.41 13.62
N LYS N 2 -28.29 93.87 12.76
CA LYS N 2 -27.91 94.57 11.53
C LYS N 2 -28.90 94.25 10.41
N PHE N 3 -28.88 95.10 9.39
CA PHE N 3 -29.74 94.93 8.22
C PHE N 3 -28.92 95.18 6.96
N ASN N 4 -28.97 94.23 6.03
CA ASN N 4 -28.37 94.38 4.71
C ASN N 4 -29.50 94.76 3.76
N ILE N 5 -29.56 96.03 3.39
CA ILE N 5 -30.60 96.56 2.51
C ILE N 5 -30.04 96.65 1.11
N ALA N 6 -30.75 96.06 0.15
CA ALA N 6 -30.35 96.08 -1.25
C ALA N 6 -31.49 96.64 -2.09
N ASN N 7 -31.13 97.39 -3.14
CA ASN N 7 -32.09 97.97 -4.05
C ASN N 7 -31.91 97.34 -5.42
N PRO N 8 -32.68 96.31 -5.78
CA PRO N 8 -32.43 95.64 -7.07
C PRO N 8 -32.53 96.56 -8.27
N THR N 9 -33.48 97.50 -8.26
CA THR N 9 -33.65 98.38 -9.41
C THR N 9 -32.45 99.30 -9.61
N THR N 10 -31.81 99.70 -8.51
CA THR N 10 -30.68 100.62 -8.58
C THR N 10 -29.33 99.91 -8.53
N GLY N 11 -29.28 98.70 -7.99
CA GLY N 11 -28.03 97.97 -7.87
C GLY N 11 -27.19 98.34 -6.68
N CYS N 12 -27.65 99.26 -5.83
CA CYS N 12 -26.91 99.70 -4.66
C CYS N 12 -27.38 98.94 -3.41
N GLN N 13 -26.49 98.85 -2.43
CA GLN N 13 -26.79 98.16 -1.19
C GLN N 13 -26.01 98.82 -0.06
N LYS N 14 -26.54 98.68 1.15
CA LYS N 14 -25.98 99.36 2.31
C LYS N 14 -26.38 98.58 3.57
N LYS N 15 -25.53 98.65 4.58
CA LYS N 15 -25.78 97.98 5.84
C LYS N 15 -26.30 98.97 6.86
N LEU N 16 -27.39 98.60 7.54
CA LEU N 16 -28.03 99.43 8.54
C LEU N 16 -28.07 98.67 9.85
N GLU N 17 -27.59 99.30 10.92
CA GLU N 17 -27.55 98.69 12.25
C GLU N 17 -28.57 99.38 13.15
N ILE N 18 -29.48 98.60 13.70
CA ILE N 18 -30.56 99.10 14.55
C ILE N 18 -30.53 98.35 15.87
N ASP N 19 -30.67 99.07 16.98
CA ASP N 19 -30.65 98.48 18.31
C ASP N 19 -31.93 98.72 19.10
N ASP N 20 -32.86 99.53 18.61
CA ASP N 20 -34.10 99.80 19.32
C ASP N 20 -35.05 98.62 19.16
N ASP N 21 -35.33 97.92 20.26
CA ASP N 21 -36.19 96.74 20.19
C ASP N 21 -37.59 97.10 19.70
N GLN N 22 -38.12 98.24 20.14
CA GLN N 22 -39.45 98.65 19.72
C GLN N 22 -39.52 98.81 18.20
N LYS N 23 -38.44 99.24 17.56
CA LYS N 23 -38.43 99.37 16.11
C LYS N 23 -38.34 98.02 15.42
N LEU N 24 -37.70 97.03 16.06
CA LEU N 24 -37.55 95.71 15.47
C LEU N 24 -38.79 94.84 15.62
N ARG N 25 -39.78 95.28 16.39
CA ARG N 25 -40.99 94.49 16.57
C ARG N 25 -41.74 94.29 15.25
N ALA N 26 -41.48 95.13 14.25
CA ALA N 26 -42.14 94.96 12.96
C ALA N 26 -41.63 93.72 12.24
N PHE N 27 -40.37 93.34 12.45
CA PHE N 27 -39.78 92.20 11.75
C PHE N 27 -39.98 90.89 12.50
N PHE N 28 -40.01 90.92 13.83
CA PHE N 28 -40.16 89.69 14.59
C PHE N 28 -41.45 88.98 14.23
N ASP N 29 -41.40 87.65 14.19
CA ASP N 29 -42.47 86.74 13.83
C ASP N 29 -42.69 86.69 12.32
N LYS N 30 -41.98 87.48 11.53
CA LYS N 30 -42.10 87.41 10.09
C LYS N 30 -41.27 86.25 9.54
N ARG N 31 -41.63 85.80 8.34
CA ARG N 31 -40.97 84.70 7.67
C ARG N 31 -40.25 85.22 6.42
N ILE N 32 -39.48 84.32 5.80
CA ILE N 32 -38.78 84.68 4.57
C ILE N 32 -39.79 84.93 3.47
N SER N 33 -39.47 85.87 2.59
CA SER N 33 -40.24 86.28 1.43
C SER N 33 -41.43 87.16 1.81
N GLN N 34 -41.69 87.39 3.09
CA GLN N 34 -42.77 88.27 3.49
C GLN N 34 -42.30 89.73 3.51
N GLU N 35 -43.22 90.63 3.22
CA GLU N 35 -42.92 92.04 3.12
C GLU N 35 -43.18 92.76 4.44
N VAL N 36 -42.33 93.73 4.74
CA VAL N 36 -42.42 94.52 5.97
C VAL N 36 -42.31 95.99 5.62
N SER N 37 -43.19 96.81 6.21
CA SER N 37 -43.18 98.24 5.98
C SER N 37 -42.10 98.89 6.83
N GLY N 38 -41.38 99.84 6.23
CA GLY N 38 -40.30 100.54 6.90
C GLY N 38 -40.72 101.75 7.69
N ASP N 39 -42.02 102.00 7.84
CA ASP N 39 -42.48 103.18 8.57
C ASP N 39 -41.95 103.18 10.00
N SER N 40 -42.15 102.07 10.72
CA SER N 40 -41.68 101.99 12.09
C SER N 40 -40.17 101.81 12.19
N LEU N 41 -39.52 101.39 11.09
CA LEU N 41 -38.07 101.21 11.12
C LEU N 41 -37.34 102.53 11.22
N GLY N 42 -38.00 103.65 10.93
CA GLY N 42 -37.36 104.94 11.00
C GLY N 42 -38.19 105.99 10.29
N GLU N 43 -37.69 107.23 10.37
CA GLU N 43 -38.39 108.34 9.73
C GLU N 43 -38.04 108.43 8.25
N GLU N 44 -36.76 108.28 7.91
CA GLU N 44 -36.33 108.37 6.52
C GLU N 44 -36.83 107.20 5.68
N PHE N 45 -37.37 106.16 6.29
CA PHE N 45 -37.89 104.99 5.57
C PHE N 45 -39.40 105.05 5.39
N LYS N 46 -40.00 106.23 5.52
CA LYS N 46 -41.44 106.36 5.30
C LYS N 46 -41.80 105.98 3.88
N GLY N 47 -42.84 105.18 3.72
CA GLY N 47 -43.30 104.76 2.42
C GLY N 47 -42.52 103.63 1.80
N TYR N 48 -41.52 103.09 2.49
CA TYR N 48 -40.72 102.00 1.96
C TYR N 48 -41.27 100.66 2.40
N VAL N 49 -41.21 99.68 1.49
CA VAL N 49 -41.62 98.31 1.76
C VAL N 49 -40.42 97.41 1.53
N PHE N 50 -40.09 96.58 2.52
CA PHE N 50 -38.95 95.68 2.45
C PHE N 50 -39.43 94.24 2.42
N LYS N 51 -38.74 93.43 1.62
CA LYS N 51 -38.99 91.99 1.54
C LYS N 51 -37.85 91.26 2.25
N ILE N 52 -38.20 90.32 3.12
CA ILE N 52 -37.21 89.58 3.89
C ILE N 52 -36.69 88.44 3.02
N MET N 53 -35.38 88.45 2.76
CA MET N 53 -34.76 87.44 1.92
C MET N 53 -34.00 86.38 2.70
N GLY N 54 -33.56 86.71 3.90
CA GLY N 54 -32.80 85.76 4.71
C GLY N 54 -31.87 86.49 5.65
N GLY N 55 -31.23 85.71 6.51
CA GLY N 55 -30.30 86.26 7.46
C GLY N 55 -29.48 85.17 8.12
N CYS N 56 -28.66 85.58 9.08
CA CYS N 56 -27.78 84.67 9.81
C CYS N 56 -27.95 84.90 11.29
N ASP N 57 -27.89 83.82 12.07
CA ASP N 57 -28.04 83.94 13.51
C ASP N 57 -26.73 84.40 14.14
N LYS N 58 -26.70 84.44 15.47
CA LYS N 58 -25.52 84.93 16.17
C LYS N 58 -24.33 83.97 16.09
N GLN N 59 -24.55 82.73 15.69
CA GLN N 59 -23.48 81.79 15.43
C GLN N 59 -23.08 81.73 13.96
N GLY N 60 -23.68 82.58 13.13
CA GLY N 60 -23.36 82.63 11.71
C GLY N 60 -24.13 81.66 10.86
N PHE N 61 -25.02 80.86 11.43
CA PHE N 61 -25.77 79.89 10.64
C PHE N 61 -26.88 80.58 9.85
N PRO N 62 -27.08 80.22 8.60
CA PRO N 62 -28.10 80.91 7.78
C PRO N 62 -29.50 80.41 8.06
N MET N 63 -30.47 81.24 7.67
CA MET N 63 -31.87 80.86 7.71
C MET N 63 -32.24 80.12 6.42
N LYS N 64 -33.09 79.11 6.55
CA LYS N 64 -33.51 78.29 5.43
C LYS N 64 -35.02 78.38 5.26
N GLN N 65 -35.45 78.71 4.04
CA GLN N 65 -36.87 78.75 3.74
C GLN N 65 -37.51 77.38 3.95
N GLY N 66 -38.70 77.38 4.55
CA GLY N 66 -39.47 76.18 4.75
C GLY N 66 -39.32 75.56 6.13
N VAL N 67 -38.28 75.92 6.87
CA VAL N 67 -38.09 75.41 8.23
C VAL N 67 -38.94 76.26 9.16
N LEU N 68 -40.15 75.80 9.45
CA LEU N 68 -41.14 76.60 10.17
C LEU N 68 -40.91 76.54 11.69
N THR N 69 -39.75 77.03 12.09
CA THR N 69 -39.37 77.11 13.49
C THR N 69 -38.51 78.35 13.68
N PRO N 70 -38.40 78.86 14.91
CA PRO N 70 -37.45 79.94 15.18
C PRO N 70 -36.07 79.49 15.60
N GLY N 71 -35.88 78.20 15.90
CA GLY N 71 -34.62 77.69 16.39
C GLY N 71 -33.76 77.10 15.28
N ARG N 72 -32.72 76.38 15.72
CA ARG N 72 -31.78 75.72 14.81
C ARG N 72 -32.10 74.24 14.72
N VAL N 73 -31.96 73.70 13.51
CA VAL N 73 -32.13 72.28 13.25
C VAL N 73 -30.96 71.81 12.40
N ARG N 74 -30.86 70.49 12.24
CA ARG N 74 -29.82 69.87 11.42
C ARG N 74 -30.49 69.12 10.28
N LEU N 75 -30.17 69.52 9.05
CA LEU N 75 -30.75 68.96 7.85
C LEU N 75 -29.67 68.31 6.99
N LEU N 76 -30.06 67.26 6.27
CA LEU N 76 -29.20 66.61 5.30
C LEU N 76 -29.41 67.30 3.95
N LEU N 77 -28.44 68.12 3.55
CA LEU N 77 -28.59 69.02 2.41
C LEU N 77 -27.82 68.49 1.20
N TYR N 78 -28.28 68.90 0.01
CA TYR N 78 -27.60 68.61 -1.23
C TYR N 78 -26.69 69.77 -1.63
N ARG N 79 -25.66 69.46 -2.40
CA ARG N 79 -24.70 70.47 -2.82
C ARG N 79 -25.37 71.48 -3.75
N GLY N 80 -25.02 72.75 -3.58
CA GLY N 80 -25.52 73.81 -4.41
C GLY N 80 -26.81 74.45 -3.94
N THR N 81 -27.55 73.80 -3.06
CA THR N 81 -28.74 74.38 -2.49
C THR N 81 -28.36 75.41 -1.43
N PRO N 82 -29.27 76.33 -1.10
CA PRO N 82 -28.95 77.31 -0.05
C PRO N 82 -28.58 76.61 1.25
N CYS N 83 -27.57 77.17 1.92
CA CYS N 83 -27.00 76.70 3.19
C CYS N 83 -26.04 75.53 3.00
N PHE N 84 -25.73 75.13 1.77
CA PHE N 84 -24.71 74.11 1.54
C PHE N 84 -24.09 74.38 0.16
N ARG N 85 -22.96 75.08 0.16
CA ARG N 85 -22.27 75.35 -1.10
C ARG N 85 -21.56 74.11 -1.62
N GLY N 86 -20.88 73.38 -0.74
CA GLY N 86 -20.25 72.14 -1.12
C GLY N 86 -19.14 72.27 -2.14
N TYR N 87 -18.36 73.35 -2.08
CA TYR N 87 -17.25 73.51 -3.02
C TYR N 87 -16.18 72.46 -2.75
N GLY N 88 -15.65 71.89 -3.82
CA GLY N 88 -14.60 70.88 -3.70
C GLY N 88 -15.06 69.59 -3.07
N ARG N 89 -16.32 69.21 -3.27
CA ARG N 89 -16.86 67.97 -2.72
C ARG N 89 -17.42 67.12 -3.85
N ARG N 90 -17.55 65.82 -3.56
CA ARG N 90 -17.93 64.86 -4.58
C ARG N 90 -19.36 65.13 -5.06
N ASN N 91 -19.61 64.81 -6.33
CA ASN N 91 -20.96 64.86 -6.86
C ASN N 91 -21.80 63.78 -6.19
N GLY N 92 -23.02 64.15 -5.81
CA GLY N 92 -23.88 63.26 -5.06
C GLY N 92 -23.59 63.22 -3.58
N GLU N 93 -22.60 63.97 -3.10
CA GLU N 93 -22.27 64.02 -1.69
C GLU N 93 -23.27 64.90 -0.95
N ARG N 94 -23.81 64.39 0.16
CA ARG N 94 -24.69 65.14 1.03
C ARG N 94 -24.02 65.37 2.38
N ARG N 95 -24.39 66.46 3.02
CA ARG N 95 -23.82 66.83 4.31
C ARG N 95 -24.94 67.25 5.24
N ARG N 96 -24.79 66.92 6.51
CA ARG N 96 -25.70 67.39 7.54
C ARG N 96 -25.14 68.67 8.13
N LYS N 97 -25.88 69.76 8.01
CA LYS N 97 -25.45 71.07 8.47
C LYS N 97 -26.53 71.70 9.32
N SER N 98 -26.12 72.66 10.15
CA SER N 98 -27.04 73.39 11.02
C SER N 98 -27.59 74.60 10.27
N VAL N 99 -28.90 74.75 10.30
CA VAL N 99 -29.57 75.88 9.67
C VAL N 99 -30.57 76.48 10.65
N ARG N 100 -30.62 77.80 10.70
CA ARG N 100 -31.66 78.49 11.45
C ARG N 100 -32.97 78.42 10.68
N GLY N 101 -34.08 78.47 11.41
CA GLY N 101 -35.38 78.42 10.81
C GLY N 101 -35.69 79.68 10.02
N CYS N 102 -36.84 79.69 9.33
CA CYS N 102 -37.20 80.81 8.47
C CYS N 102 -37.95 81.91 9.19
N ILE N 103 -38.32 81.72 10.45
CA ILE N 103 -39.07 82.71 11.22
C ILE N 103 -38.10 83.68 11.87
N VAL N 104 -38.33 84.98 11.65
CA VAL N 104 -37.46 86.00 12.22
C VAL N 104 -37.64 86.04 13.73
N SER N 105 -36.55 86.27 14.44
CA SER N 105 -36.55 86.28 15.90
C SER N 105 -35.38 87.12 16.38
N PRO N 106 -35.40 87.57 17.64
CA PRO N 106 -34.25 88.33 18.15
C PRO N 106 -32.95 87.55 18.17
N ASP N 107 -32.99 86.23 17.95
CA ASP N 107 -31.77 85.43 17.91
C ASP N 107 -30.94 85.70 16.66
N LEU N 108 -31.47 86.42 15.68
CA LEU N 108 -30.73 86.70 14.47
C LEU N 108 -29.68 87.78 14.70
N SER N 109 -28.62 87.72 13.91
CA SER N 109 -27.55 88.72 13.95
C SER N 109 -27.59 89.68 12.77
N VAL N 110 -28.29 89.34 11.70
CA VAL N 110 -28.39 90.21 10.53
C VAL N 110 -29.57 89.75 9.68
N LEU N 111 -30.20 90.69 8.99
CA LEU N 111 -31.29 90.39 8.07
C LEU N 111 -30.98 91.01 6.71
N ASN N 112 -31.25 90.25 5.66
CA ASN N 112 -31.09 90.73 4.29
C ASN N 112 -32.44 91.19 3.79
N LEU N 113 -32.53 92.46 3.40
CA LEU N 113 -33.76 93.07 2.95
C LEU N 113 -33.63 93.54 1.51
N VAL N 114 -34.74 93.50 0.78
CA VAL N 114 -34.81 93.97 -0.60
C VAL N 114 -35.92 95.01 -0.68
N ILE N 115 -35.60 96.17 -1.26
CA ILE N 115 -36.58 97.25 -1.40
C ILE N 115 -37.50 96.89 -2.56
N VAL N 116 -38.73 96.49 -2.25
CA VAL N 116 -39.71 96.18 -3.28
C VAL N 116 -40.53 97.39 -3.69
N LYS N 117 -40.50 98.47 -2.91
CA LYS N 117 -41.23 99.68 -3.25
C LYS N 117 -40.70 100.86 -2.45
N LYS N 118 -40.24 101.91 -3.13
CA LYS N 118 -39.66 103.05 -2.45
C LYS N 118 -40.76 104.02 -2.00
N GLY N 119 -40.42 104.85 -1.01
CA GLY N 119 -41.37 105.76 -0.43
C GLY N 119 -41.24 107.18 -0.92
N GLU N 120 -41.33 108.15 0.00
CA GLU N 120 -41.33 109.57 -0.37
C GLU N 120 -39.91 110.08 -0.60
N ASN N 121 -39.08 110.03 0.43
CA ASN N 121 -37.74 110.58 0.33
C ASN N 121 -36.75 109.48 -0.05
N ASP N 122 -35.99 109.71 -1.11
CA ASP N 122 -35.02 108.73 -1.56
C ASP N 122 -33.90 108.59 -0.54
N LEU N 123 -33.61 107.35 -0.16
CA LEU N 123 -32.57 107.11 0.83
C LEU N 123 -31.20 107.44 0.24
N PRO N 124 -30.27 107.98 1.04
CA PRO N 124 -28.95 108.27 0.51
C PRO N 124 -28.16 106.99 0.25
N GLY N 125 -27.57 106.91 -0.95
CA GLY N 125 -26.76 105.78 -1.30
C GLY N 125 -27.52 104.51 -1.63
N LEU N 126 -28.84 104.60 -1.77
CA LEU N 126 -29.64 103.44 -2.13
C LEU N 126 -30.50 103.72 -3.35
N THR N 127 -31.01 104.94 -3.48
CA THR N 127 -31.93 105.30 -4.55
C THR N 127 -31.50 106.58 -5.27
N ASP N 128 -30.27 107.04 -5.04
CA ASP N 128 -29.78 108.29 -5.61
C ASP N 128 -29.03 108.09 -6.93
N THR N 129 -28.11 107.13 -6.96
CA THR N 129 -27.29 106.87 -8.14
C THR N 129 -27.44 105.41 -8.56
N GLU N 130 -27.52 105.19 -9.87
CA GLU N 130 -27.72 103.85 -10.43
C GLU N 130 -26.38 103.31 -10.90
N LYS N 131 -26.01 102.13 -10.41
CA LYS N 131 -24.76 101.48 -10.81
C LYS N 131 -25.00 100.70 -12.09
N PRO N 132 -24.27 100.98 -13.17
CA PRO N 132 -24.52 100.28 -14.44
C PRO N 132 -24.12 98.82 -14.36
N ARG N 133 -24.69 98.03 -15.26
CA ARG N 133 -24.35 96.62 -15.36
C ARG N 133 -22.95 96.45 -15.92
N MET N 134 -22.21 95.47 -15.39
CA MET N 134 -20.83 95.28 -15.79
C MET N 134 -20.72 94.73 -17.21
N ARG N 135 -21.66 93.90 -17.63
CA ARG N 135 -21.57 93.21 -18.92
C ARG N 135 -22.89 93.32 -19.66
N GLY N 136 -22.80 93.43 -20.98
CA GLY N 136 -23.97 93.45 -21.83
C GLY N 136 -24.31 92.08 -22.35
N PRO N 137 -25.41 91.97 -23.09
CA PRO N 137 -25.82 90.65 -23.58
C PRO N 137 -24.79 90.05 -24.51
N LYS N 138 -24.71 88.72 -24.48
CA LYS N 138 -23.76 87.96 -25.28
C LYS N 138 -24.42 87.03 -26.28
N ARG N 139 -25.63 86.55 -26.00
CA ARG N 139 -26.36 85.72 -26.93
C ARG N 139 -27.01 86.57 -28.01
N ALA N 140 -27.02 86.06 -29.24
CA ALA N 140 -27.51 86.85 -30.37
C ALA N 140 -28.98 87.25 -30.18
N SER N 141 -29.81 86.30 -29.72
CA SER N 141 -31.22 86.60 -29.57
C SER N 141 -31.47 87.68 -28.52
N LYS N 142 -30.63 87.74 -27.48
CA LYS N 142 -30.78 88.77 -26.46
C LYS N 142 -30.33 90.14 -26.93
N ILE N 143 -29.38 90.21 -27.85
CA ILE N 143 -28.95 91.50 -28.37
C ILE N 143 -30.05 92.10 -29.26
N ARG N 144 -30.66 91.27 -30.10
CA ARG N 144 -31.77 91.77 -30.93
C ARG N 144 -32.93 92.23 -30.06
N LYS N 145 -33.25 91.48 -29.01
CA LYS N 145 -34.33 91.88 -28.11
C LYS N 145 -34.01 93.19 -27.41
N LEU N 146 -32.76 93.38 -27.00
CA LEU N 146 -32.39 94.60 -26.28
C LEU N 146 -32.61 95.83 -27.15
N PHE N 147 -32.22 95.77 -28.42
CA PHE N 147 -32.31 96.91 -29.33
C PHE N 147 -33.51 96.81 -30.26
N ASN N 148 -34.43 95.87 -30.02
CA ASN N 148 -35.64 95.72 -30.83
C ASN N 148 -35.27 95.53 -32.30
N LEU N 149 -34.23 94.74 -32.56
CA LEU N 149 -33.82 94.47 -33.93
C LEU N 149 -34.75 93.46 -34.59
N SER N 150 -34.67 93.39 -35.91
CA SER N 150 -35.51 92.51 -36.71
C SER N 150 -34.67 91.36 -37.26
N LYS N 151 -35.33 90.48 -38.02
CA LYS N 151 -34.64 89.34 -38.61
C LYS N 151 -33.55 89.79 -39.57
N GLU N 152 -33.86 90.78 -40.42
CA GLU N 152 -32.90 91.22 -41.42
C GLU N 152 -31.80 92.09 -40.83
N ASP N 153 -32.08 92.80 -39.74
CA ASP N 153 -31.12 93.74 -39.19
C ASP N 153 -29.92 93.00 -38.60
N ASP N 154 -28.72 93.45 -38.98
CA ASP N 154 -27.50 92.84 -38.46
C ASP N 154 -27.37 93.14 -36.97
N VAL N 155 -26.81 92.17 -36.24
CA VAL N 155 -26.72 92.27 -34.78
C VAL N 155 -25.31 92.65 -34.36
N ARG N 156 -24.32 92.27 -35.16
CA ARG N 156 -22.93 92.54 -34.78
C ARG N 156 -22.56 94.01 -34.90
N LYS N 157 -23.41 94.83 -35.49
CA LYS N 157 -23.16 96.27 -35.58
C LYS N 157 -23.61 97.03 -34.34
N TYR N 158 -24.36 96.40 -33.44
CA TYR N 158 -24.85 97.05 -32.24
C TYR N 158 -24.06 96.69 -31.00
N VAL N 159 -23.30 95.59 -31.02
CA VAL N 159 -22.48 95.25 -29.87
C VAL N 159 -21.43 96.33 -29.62
N ASN N 160 -21.06 97.07 -30.67
CA ASN N 160 -20.15 98.19 -30.50
C ASN N 160 -20.74 99.30 -29.64
N THR N 161 -22.06 99.30 -29.42
CA THR N 161 -22.67 100.32 -28.57
C THR N 161 -22.13 100.25 -27.15
N TYR N 162 -22.17 99.07 -26.55
CA TYR N 162 -21.67 98.87 -25.19
C TYR N 162 -20.24 98.33 -25.16
N ARG N 163 -19.47 98.57 -26.20
CA ARG N 163 -18.05 98.23 -26.19
C ARG N 163 -17.35 98.99 -25.07
N ARG N 164 -16.47 98.29 -24.35
CA ARG N 164 -15.80 98.85 -23.18
C ARG N 164 -14.39 99.30 -23.57
N ASN N 165 -14.12 100.58 -23.40
CA ASN N 165 -12.80 101.16 -23.66
C ASN N 165 -12.15 101.56 -22.34
N PHE N 166 -10.84 101.43 -22.28
CA PHE N 166 -10.07 101.75 -21.08
C PHE N 166 -8.60 101.82 -21.46
N THR N 167 -7.77 102.19 -20.48
CA THR N 167 -6.33 102.29 -20.65
C THR N 167 -5.64 101.41 -19.62
N THR N 168 -4.63 100.69 -20.07
CA THR N 168 -3.87 99.80 -19.19
C THR N 168 -2.72 100.54 -18.53
N LYS N 169 -2.33 100.06 -17.36
CA LYS N 169 -1.25 100.71 -16.61
C LYS N 169 0.07 100.65 -17.37
N THR N 170 0.29 99.59 -18.14
CA THR N 170 1.51 99.44 -18.94
C THR N 170 1.29 99.77 -20.41
N GLY N 171 0.04 99.96 -20.84
CA GLY N 171 -0.24 100.37 -22.20
C GLY N 171 -0.97 101.70 -22.24
N LYS N 172 -1.65 101.99 -23.34
CA LYS N 172 -2.36 103.27 -23.46
C LYS N 172 -3.81 103.07 -23.86
N ASN N 173 -4.09 102.10 -24.72
CA ASN N 173 -5.43 101.91 -25.27
C ASN N 173 -5.76 100.43 -25.37
N ALA N 174 -7.03 100.11 -25.11
CA ALA N 174 -7.51 98.74 -25.22
C ALA N 174 -9.04 98.72 -25.19
N SER N 175 -9.65 98.03 -26.14
CA SER N 175 -11.10 97.89 -26.20
C SER N 175 -11.47 96.42 -26.23
N LYS N 176 -12.58 96.09 -25.57
CA LYS N 176 -13.04 94.70 -25.48
C LYS N 176 -14.54 94.64 -25.74
N ALA N 177 -14.94 93.71 -26.59
CA ALA N 177 -16.33 93.43 -26.88
C ALA N 177 -16.59 91.94 -26.78
N PRO N 178 -17.80 91.53 -26.43
CA PRO N 178 -18.09 90.10 -26.29
C PRO N 178 -18.16 89.40 -27.63
N LYS N 179 -17.98 88.08 -27.58
CA LYS N 179 -18.18 87.22 -28.73
C LYS N 179 -19.65 86.80 -28.75
N ILE N 180 -20.31 87.04 -29.90
CA ILE N 180 -21.72 86.74 -30.00
C ILE N 180 -21.91 85.23 -30.17
N GLN N 181 -22.75 84.65 -29.33
CA GLN N 181 -23.07 83.23 -29.39
C GLN N 181 -24.41 83.04 -30.10
N ARG N 182 -24.58 81.84 -30.65
CA ARG N 182 -25.78 81.49 -31.41
C ARG N 182 -25.98 82.42 -32.59
N LEU N 183 -24.88 82.90 -33.17
CA LEU N 183 -24.93 83.78 -34.33
C LEU N 183 -24.85 82.93 -35.59
N VAL N 184 -25.85 83.07 -36.46
CA VAL N 184 -25.86 82.31 -37.71
C VAL N 184 -24.88 82.95 -38.67
N THR N 185 -23.86 82.19 -39.06
CA THR N 185 -22.80 82.67 -39.94
C THR N 185 -22.69 81.73 -41.14
N PRO N 186 -21.88 82.07 -42.14
CA PRO N 186 -21.71 81.14 -43.27
C PRO N 186 -21.18 79.78 -42.85
N LEU N 187 -20.35 79.72 -41.80
CA LEU N 187 -19.82 78.43 -41.36
C LEU N 187 -20.92 77.56 -40.74
N THR N 188 -21.83 78.16 -39.96
CA THR N 188 -22.90 77.37 -39.36
C THR N 188 -23.77 76.74 -40.42
N LEU N 189 -24.09 77.48 -41.48
CA LEU N 189 -24.87 76.91 -42.57
C LEU N 189 -24.10 75.83 -43.31
N GLN N 190 -22.78 75.99 -43.45
CA GLN N 190 -21.97 74.95 -44.07
C GLN N 190 -22.01 73.66 -43.26
N ARG N 191 -21.92 73.77 -41.93
CA ARG N 191 -22.00 72.59 -41.09
C ARG N 191 -23.35 71.89 -41.26
N LYS N 192 -24.43 72.67 -41.32
CA LYS N 192 -25.75 72.06 -41.49
C LYS N 192 -25.86 71.33 -42.82
N ARG N 193 -25.32 71.92 -43.90
CA ARG N 193 -25.36 71.25 -45.19
C ARG N 193 -24.57 69.94 -45.16
N ALA N 194 -23.38 69.96 -44.54
CA ALA N 194 -22.56 68.75 -44.50
C ALA N 194 -23.25 67.65 -43.71
N ARG N 195 -23.88 68.00 -42.58
CA ARG N 195 -24.58 67.00 -41.79
C ARG N 195 -25.72 66.37 -42.57
N ILE N 196 -26.47 67.17 -43.34
CA ILE N 196 -27.51 66.61 -44.19
C ILE N 196 -26.91 65.79 -45.33
N ALA N 197 -25.78 66.24 -45.88
CA ALA N 197 -25.14 65.49 -46.96
C ALA N 197 -24.71 64.10 -46.49
N ASP N 198 -24.20 64.01 -45.26
CA ASP N 198 -23.81 62.71 -44.73
C ASP N 198 -24.99 61.74 -44.71
N LYS N 199 -26.17 62.21 -44.31
CA LYS N 199 -27.33 61.34 -44.26
C LYS N 199 -27.67 60.76 -45.62
N LYS N 200 -27.53 61.56 -46.68
CA LYS N 200 -27.82 61.06 -48.02
C LYS N 200 -26.76 60.09 -48.52
N LYS N 201 -25.50 60.30 -48.16
CA LYS N 201 -24.44 59.39 -48.58
C LYS N 201 -24.67 57.99 -48.01
N ARG N 202 -25.01 57.90 -46.72
CA ARG N 202 -25.18 56.59 -46.10
C ARG N 202 -26.49 55.93 -46.50
N ILE N 203 -27.53 56.72 -46.78
CA ILE N 203 -28.77 56.13 -47.29
C ILE N 203 -28.54 55.57 -48.69
N ALA N 204 -27.77 56.27 -49.52
CA ALA N 204 -27.45 55.74 -50.84
C ALA N 204 -26.58 54.48 -50.72
N LYS N 205 -25.59 54.50 -49.82
CA LYS N 205 -24.72 53.34 -49.66
C LYS N 205 -25.52 52.12 -49.21
N ALA N 206 -26.41 52.30 -48.24
CA ALA N 206 -27.23 51.18 -47.79
C ALA N 206 -28.13 50.67 -48.90
N LYS N 207 -28.73 51.59 -49.67
CA LYS N 207 -29.59 51.18 -50.77
C LYS N 207 -28.79 50.52 -51.89
N SER N 208 -27.58 51.03 -52.17
CA SER N 208 -26.75 50.42 -53.21
C SER N 208 -26.34 49.00 -52.82
N GLU N 209 -25.82 48.82 -51.60
CA GLU N 209 -25.37 47.50 -51.17
C GLU N 209 -26.53 46.52 -51.07
N ALA N 210 -27.70 46.99 -50.68
CA ALA N 210 -28.87 46.11 -50.64
C ALA N 210 -29.24 45.61 -52.03
N ALA N 211 -29.14 46.47 -53.04
CA ALA N 211 -29.46 46.05 -54.41
C ALA N 211 -28.47 45.02 -54.93
N ASP N 212 -27.18 45.23 -54.68
CA ASP N 212 -26.17 44.29 -55.16
C ASP N 212 -26.38 42.90 -54.55
N TYR N 213 -26.68 42.85 -53.25
CA TYR N 213 -26.87 41.57 -52.59
C TYR N 213 -28.05 40.81 -53.19
N GLN N 214 -29.15 41.51 -53.48
CA GLN N 214 -30.29 40.85 -54.09
C GLN N 214 -29.96 40.32 -55.48
N LYS N 215 -29.17 41.06 -56.26
CA LYS N 215 -28.74 40.56 -57.56
C LYS N 215 -27.90 39.31 -57.42
N LEU N 216 -27.02 39.28 -56.42
CA LEU N 216 -26.19 38.09 -56.19
C LEU N 216 -27.06 36.89 -55.85
N LEU N 217 -28.04 37.07 -54.97
CA LEU N 217 -28.91 35.96 -54.61
C LEU N 217 -29.73 35.49 -55.79
N ALA N 218 -30.36 36.42 -56.50
CA ALA N 218 -31.14 36.04 -57.68
C ALA N 218 -30.26 35.39 -58.73
N SER N 219 -29.03 35.89 -58.89
CA SER N 219 -28.12 35.31 -59.87
C SER N 219 -27.81 33.84 -59.55
N ARG N 220 -27.77 33.49 -58.26
CA ARG N 220 -27.46 32.12 -57.87
C ARG N 220 -28.68 31.23 -57.78
N LEU N 221 -29.89 31.80 -57.71
CA LEU N 221 -31.09 30.97 -57.74
C LEU N 221 -31.23 30.27 -59.08
N LYS N 222 -30.76 30.90 -60.17
CA LYS N 222 -30.76 30.23 -61.46
C LYS N 222 -29.88 28.99 -61.44
N GLU N 223 -28.71 29.09 -60.81
CA GLU N 223 -27.81 27.94 -60.75
C GLU N 223 -28.47 26.78 -60.00
N GLN N 224 -29.12 27.07 -58.88
CA GLN N 224 -29.77 26.01 -58.12
C GLN N 224 -30.87 25.33 -58.95
N ARG N 225 -31.48 26.05 -59.88
CA ARG N 225 -32.48 25.45 -60.75
C ARG N 225 -31.85 24.84 -62.00
N GLU N 226 -30.95 25.58 -62.66
CA GLU N 226 -30.27 25.04 -63.83
C GLU N 226 -29.45 23.81 -63.46
N ARG N 227 -28.69 23.89 -62.37
CA ARG N 227 -27.93 22.73 -61.91
C ARG N 227 -28.86 21.60 -61.51
N ARG N 228 -30.04 21.93 -60.98
CA ARG N 228 -31.02 20.90 -60.64
C ARG N 228 -31.56 20.24 -61.91
N SER N 229 -31.79 21.02 -62.96
CA SER N 229 -32.33 20.45 -64.19
C SER N 229 -31.40 19.41 -64.78
N GLU N 230 -30.12 19.75 -64.94
CA GLU N 230 -29.15 18.79 -65.46
C GLU N 230 -28.94 17.64 -64.48
N SER N 231 -29.10 17.88 -63.18
CA SER N 231 -28.96 16.81 -62.20
C SER N 231 -30.07 15.77 -62.36
N LEU N 232 -31.27 16.19 -62.78
CA LEU N 232 -32.36 15.25 -62.96
C LEU N 232 -32.11 14.28 -64.11
N ALA N 233 -31.20 14.62 -65.02
CA ALA N 233 -30.91 13.72 -66.14
C ALA N 233 -30.35 12.39 -65.66
N LYS N 234 -29.64 12.40 -64.52
CA LYS N 234 -29.09 11.16 -63.99
C LYS N 234 -30.20 10.21 -63.54
N LYS N 235 -31.31 10.74 -63.04
CA LYS N 235 -32.41 9.89 -62.60
C LYS N 235 -32.97 9.07 -63.75
N ARG N 236 -33.14 9.69 -64.93
CA ARG N 236 -33.66 8.97 -66.07
C ARG N 236 -32.67 7.90 -66.55
N SER N 237 -31.38 8.22 -66.58
CA SER N 237 -30.36 7.28 -67.03
C SER N 237 -30.15 6.18 -65.99
N VAL O 2 6.03 47.31 -4.29
CA VAL O 2 7.03 46.39 -4.91
C VAL O 2 8.32 47.12 -5.22
N HIS O 3 9.44 46.43 -5.04
CA HIS O 3 10.75 46.89 -5.50
C HIS O 3 11.24 45.93 -6.58
N VAL O 4 11.69 46.49 -7.70
CA VAL O 4 12.19 45.64 -8.78
C VAL O 4 13.41 44.86 -8.32
N SER O 5 14.24 45.46 -7.47
CA SER O 5 15.44 44.78 -7.00
C SER O 5 15.14 43.48 -6.27
N PHE O 6 13.91 43.32 -5.77
CA PHE O 6 13.55 42.09 -5.09
C PHE O 6 13.57 40.88 -6.01
N TYR O 7 13.50 41.09 -7.34
CA TYR O 7 13.48 39.97 -8.28
C TYR O 7 14.86 39.52 -8.70
N ARG O 8 15.91 40.24 -8.31
CA ARG O 8 17.27 39.80 -8.59
C ARG O 8 17.56 38.49 -7.85
N ASN O 9 18.05 37.50 -8.59
CA ASN O 9 18.39 36.21 -8.00
C ASN O 9 19.78 36.26 -7.35
N TYR O 10 19.98 35.36 -6.39
CA TYR O 10 21.30 35.10 -5.84
C TYR O 10 21.28 33.72 -5.20
N GLY O 11 22.45 33.12 -5.05
CA GLY O 11 22.57 31.77 -4.56
C GLY O 11 23.85 31.56 -3.80
N LYS O 12 23.98 30.35 -3.25
CA LYS O 12 25.14 29.95 -2.47
C LYS O 12 26.13 29.19 -3.35
N THR O 13 27.41 29.31 -3.01
CA THR O 13 28.49 28.75 -3.82
C THR O 13 29.31 27.70 -3.08
N PHE O 14 28.93 27.32 -1.87
CA PHE O 14 29.69 26.30 -1.15
C PHE O 14 28.88 25.80 0.03
N LYS O 15 29.24 24.61 0.51
CA LYS O 15 28.68 24.02 1.71
C LYS O 15 29.81 23.60 2.63
N LYS O 16 29.60 23.77 3.93
CA LYS O 16 30.61 23.36 4.91
C LYS O 16 30.53 21.85 5.15
N PRO O 17 31.62 21.24 5.59
CA PRO O 17 31.62 19.79 5.80
C PRO O 17 30.65 19.38 6.91
N ARG O 18 30.15 18.15 6.79
CA ARG O 18 29.26 17.62 7.81
C ARG O 18 30.03 17.27 9.10
N ARG O 19 31.24 16.75 8.97
CA ARG O 19 32.06 16.41 10.12
C ARG O 19 33.19 17.43 10.23
N PRO O 20 33.17 18.35 11.19
CA PRO O 20 34.13 19.47 11.15
C PRO O 20 35.55 19.11 11.55
N TYR O 21 35.77 18.05 12.31
CA TYR O 21 37.08 17.75 12.89
C TYR O 21 37.51 16.33 12.54
N GLU O 22 37.41 15.98 11.26
CA GLU O 22 37.91 14.70 10.76
C GLU O 22 39.36 14.91 10.34
N LYS O 23 40.27 14.23 11.04
CA LYS O 23 41.70 14.49 10.85
C LYS O 23 42.14 14.18 9.43
N GLU O 24 41.63 13.09 8.85
CA GLU O 24 41.98 12.74 7.47
C GLU O 24 41.60 13.85 6.51
N ARG O 25 40.37 14.36 6.62
CA ARG O 25 39.93 15.42 5.72
C ARG O 25 40.75 16.68 5.93
N LEU O 26 41.02 17.05 7.19
CA LEU O 26 41.83 18.24 7.45
C LEU O 26 43.21 18.12 6.82
N ASP O 27 43.76 16.91 6.77
CA ASP O 27 45.07 16.71 6.16
C ASP O 27 45.02 16.87 4.65
N ALA O 28 44.02 16.26 4.00
CA ALA O 28 43.93 16.34 2.56
C ALA O 28 43.59 17.75 2.08
N GLU O 29 42.73 18.46 2.81
CA GLU O 29 42.34 19.80 2.37
C GLU O 29 43.48 20.79 2.51
N LEU O 30 44.26 20.70 3.59
CA LEU O 30 45.38 21.61 3.75
C LEU O 30 46.45 21.38 2.69
N LYS O 31 46.55 20.14 2.18
CA LYS O 31 47.54 19.88 1.13
C LYS O 31 47.14 20.55 -0.17
N LEU O 32 45.85 20.52 -0.52
CA LEU O 32 45.39 21.22 -1.72
C LEU O 32 45.44 22.73 -1.52
N VAL O 33 45.13 23.21 -0.32
CA VAL O 33 45.17 24.65 -0.07
C VAL O 33 46.59 25.19 -0.24
N GLY O 34 47.58 24.49 0.33
CA GLY O 34 48.94 24.95 0.23
C GLY O 34 49.58 24.70 -1.12
N GLU O 35 49.16 23.63 -1.80
CA GLU O 35 49.69 23.34 -3.13
C GLU O 35 49.27 24.42 -4.13
N TYR O 36 48.02 24.86 -4.07
CA TYR O 36 47.48 25.82 -5.03
C TYR O 36 47.36 27.22 -4.45
N GLY O 37 47.94 27.48 -3.29
CA GLY O 37 47.96 28.84 -2.74
C GLY O 37 46.59 29.44 -2.53
N LEU O 38 45.65 28.66 -1.99
CA LEU O 38 44.32 29.16 -1.74
C LEU O 38 44.27 30.02 -0.48
N ARG O 39 43.23 30.86 -0.40
CA ARG O 39 43.10 31.78 0.72
C ARG O 39 42.59 31.08 1.98
N CYS O 40 41.67 30.13 1.83
CA CYS O 40 41.07 29.45 2.97
C CYS O 40 40.32 28.24 2.44
N LYS O 41 39.70 27.49 3.36
CA LYS O 41 38.96 26.30 2.98
C LYS O 41 37.74 26.62 2.14
N ARG O 42 37.23 27.86 2.19
CA ARG O 42 36.07 28.23 1.41
C ARG O 42 36.36 28.11 -0.09
N GLU O 43 37.55 28.54 -0.52
CA GLU O 43 37.89 28.46 -1.93
C GLU O 43 37.92 27.02 -2.42
N LEU O 44 38.37 26.09 -1.58
CA LEU O 44 38.35 24.69 -1.95
C LEU O 44 36.94 24.11 -1.88
N TRP O 45 36.10 24.61 -0.98
CA TRP O 45 34.76 24.06 -0.83
C TRP O 45 33.84 24.45 -1.99
N ARG O 46 34.04 25.63 -2.56
CA ARG O 46 33.20 26.01 -3.70
C ARG O 46 33.59 25.25 -4.97
N VAL O 47 34.87 24.92 -5.13
CA VAL O 47 35.26 24.07 -6.25
C VAL O 47 34.64 22.68 -6.10
N GLN O 48 34.65 22.14 -4.89
CA GLN O 48 33.96 20.87 -4.65
C GLN O 48 32.46 21.02 -4.89
N TYR O 49 31.89 22.16 -4.52
CA TYR O 49 30.48 22.39 -4.78
C TYR O 49 30.20 22.42 -6.27
N ALA O 50 31.04 23.13 -7.03
CA ALA O 50 30.87 23.18 -8.48
C ALA O 50 31.04 21.80 -9.11
N LEU O 51 32.04 21.05 -8.66
CA LEU O 51 32.26 19.71 -9.20
C LEU O 51 31.06 18.80 -8.93
N SER O 52 30.49 18.89 -7.73
CA SER O 52 29.34 18.07 -7.41
C SER O 52 28.18 18.35 -8.34
N ARG O 53 27.97 19.62 -8.69
CA ARG O 53 26.89 19.98 -9.61
C ARG O 53 27.11 19.34 -10.99
N ILE O 54 28.34 19.37 -11.49
CA ILE O 54 28.63 18.79 -12.80
C ILE O 54 28.43 17.29 -12.77
N ARG O 55 28.94 16.62 -11.73
CA ARG O 55 28.79 15.17 -11.64
C ARG O 55 27.33 14.77 -11.48
N ASN O 56 26.56 15.54 -10.71
CA ASN O 56 25.15 15.21 -10.53
C ASN O 56 24.40 15.29 -11.85
N ALA O 57 24.69 16.30 -12.66
CA ALA O 57 24.04 16.40 -13.97
C ALA O 57 24.36 15.19 -14.84
N ALA O 58 25.62 14.76 -14.85
CA ALA O 58 26.00 13.61 -15.65
C ALA O 58 25.30 12.34 -15.19
N ARG O 59 25.18 12.13 -13.88
CA ARG O 59 24.55 10.91 -13.38
C ARG O 59 23.10 10.82 -13.82
N MET O 60 22.37 11.94 -13.78
CA MET O 60 20.98 11.92 -14.22
C MET O 60 20.89 11.55 -15.70
N LEU O 61 21.76 12.11 -16.52
CA LEU O 61 21.76 11.78 -17.94
C LEU O 61 22.10 10.31 -18.18
N LEU O 62 23.11 9.80 -17.48
CA LEU O 62 23.51 8.41 -17.65
C LEU O 62 22.42 7.44 -17.24
N THR O 63 21.50 7.84 -16.38
CA THR O 63 20.42 6.97 -15.95
C THR O 63 19.32 6.86 -17.00
N LEU O 64 19.26 7.77 -17.96
CA LEU O 64 18.29 7.73 -19.03
C LEU O 64 18.77 6.82 -20.16
N ASP O 65 17.84 6.44 -21.03
CA ASP O 65 18.19 5.69 -22.22
C ASP O 65 19.11 6.52 -23.12
N GLU O 66 20.09 5.86 -23.73
CA GLU O 66 21.04 6.58 -24.58
C GLU O 66 20.38 7.13 -25.84
N LYS O 67 19.17 6.69 -26.17
CA LYS O 67 18.42 7.24 -27.29
C LYS O 67 17.47 8.35 -26.87
N ASP O 68 17.40 8.65 -25.58
CA ASP O 68 16.52 9.71 -25.11
C ASP O 68 16.98 11.05 -25.67
N PRO O 69 16.11 11.83 -26.32
CA PRO O 69 16.57 13.11 -26.89
C PRO O 69 17.20 14.03 -25.88
N ARG O 70 16.67 14.08 -24.65
CA ARG O 70 17.25 14.94 -23.62
C ARG O 70 18.63 14.45 -23.23
N ARG O 71 18.83 13.13 -23.19
CA ARG O 71 20.15 12.59 -22.93
C ARG O 71 21.15 13.02 -24.00
N ILE O 72 20.73 13.00 -25.26
CA ILE O 72 21.64 13.34 -26.35
C ILE O 72 21.95 14.84 -26.35
N PHE O 73 20.94 15.68 -26.16
CA PHE O 73 21.14 17.12 -26.31
C PHE O 73 21.96 17.69 -25.16
N GLU O 74 21.52 17.45 -23.92
CA GLU O 74 22.24 18.01 -22.77
C GLU O 74 23.56 17.31 -22.53
N GLY O 75 23.66 16.03 -22.89
CA GLY O 75 24.94 15.34 -22.77
C GLY O 75 26.01 15.95 -23.63
N GLU O 76 25.66 16.30 -24.88
CA GLU O 76 26.62 16.95 -25.76
C GLU O 76 27.00 18.33 -25.23
N ALA O 77 26.03 19.07 -24.69
CA ALA O 77 26.32 20.40 -24.15
C ALA O 77 27.27 20.30 -22.96
N LEU O 78 27.05 19.31 -22.09
CA LEU O 78 27.93 19.15 -20.93
C LEU O 78 29.35 18.79 -21.36
N LEU O 79 29.48 17.86 -22.31
CA LEU O 79 30.81 17.51 -22.81
C LEU O 79 31.46 18.70 -23.49
N ARG O 80 30.71 19.45 -24.28
CA ARG O 80 31.26 20.63 -24.94
C ARG O 80 31.73 21.65 -23.91
N ARG O 81 31.02 21.79 -22.80
CA ARG O 81 31.43 22.73 -21.77
C ARG O 81 32.73 22.30 -21.09
N MET O 82 32.87 21.00 -20.82
CA MET O 82 34.09 20.51 -20.20
C MET O 82 35.30 20.65 -21.12
N ASN O 83 35.10 20.43 -22.42
CA ASN O 83 36.21 20.56 -23.38
C ASN O 83 36.67 22.00 -23.48
N ARG O 84 35.74 22.96 -23.45
CA ARG O 84 36.10 24.36 -23.65
C ARG O 84 36.94 24.92 -22.51
N TYR O 85 36.96 24.27 -21.34
CA TYR O 85 37.76 24.72 -20.22
C TYR O 85 38.98 23.85 -19.96
N GLY O 86 39.20 22.81 -20.77
CA GLY O 86 40.38 21.99 -20.62
C GLY O 86 40.27 20.91 -19.56
N LEU O 87 39.05 20.56 -19.15
CA LEU O 87 38.87 19.51 -18.16
C LEU O 87 38.90 18.13 -18.80
N LEU O 88 38.22 17.96 -19.92
CA LEU O 88 38.20 16.71 -20.67
C LEU O 88 38.98 16.85 -21.96
N ASP O 89 39.18 15.70 -22.62
CA ASP O 89 39.90 15.63 -23.88
C ASP O 89 38.96 15.12 -24.96
N GLU O 90 39.31 15.43 -26.22
CA GLU O 90 38.51 14.98 -27.35
C GLU O 90 38.39 13.46 -27.39
N SER O 91 39.32 12.75 -26.76
CA SER O 91 39.28 11.29 -26.68
C SER O 91 38.44 10.79 -25.52
N GLN O 92 37.84 11.69 -24.74
CA GLN O 92 37.03 11.33 -23.58
C GLN O 92 35.61 11.82 -23.76
N ASN O 93 35.06 11.70 -24.96
CA ASN O 93 33.72 12.22 -25.27
C ASN O 93 32.66 11.20 -24.87
N LYS O 94 32.52 11.02 -23.56
CA LYS O 94 31.46 10.21 -23.00
C LYS O 94 31.12 10.75 -21.62
N LEU O 95 29.84 10.64 -21.24
CA LEU O 95 29.42 11.13 -19.93
C LEU O 95 30.11 10.38 -18.81
N ASP O 96 30.52 9.14 -19.05
CA ASP O 96 31.18 8.37 -18.00
C ASP O 96 32.51 9.00 -17.59
N TYR O 97 33.16 9.70 -18.51
CA TYR O 97 34.41 10.38 -18.18
C TYR O 97 34.18 11.64 -17.37
N VAL O 98 32.99 12.22 -17.41
CA VAL O 98 32.69 13.36 -16.55
C VAL O 98 32.64 12.93 -15.10
N LEU O 99 32.12 11.73 -14.83
CA LEU O 99 32.06 11.21 -13.48
C LEU O 99 33.44 10.95 -12.89
N ALA O 100 34.49 10.91 -13.72
CA ALA O 100 35.84 10.64 -13.26
C ALA O 100 36.63 11.90 -12.97
N LEU O 101 36.01 13.08 -13.07
CA LEU O 101 36.69 14.33 -12.79
C LEU O 101 36.95 14.47 -11.29
N THR O 102 37.98 15.25 -10.95
CA THR O 102 38.37 15.46 -9.57
C THR O 102 38.58 16.96 -9.33
N VAL O 103 38.80 17.31 -8.06
CA VAL O 103 39.00 18.71 -7.70
C VAL O 103 40.27 19.25 -8.33
N GLU O 104 41.32 18.42 -8.42
CA GLU O 104 42.58 18.89 -8.99
C GLU O 104 42.41 19.35 -10.43
N ASN O 105 41.50 18.73 -11.18
CA ASN O 105 41.29 19.13 -12.57
C ASN O 105 40.79 20.57 -12.65
N PHE O 106 39.88 20.95 -11.75
CA PHE O 106 39.37 22.31 -11.76
C PHE O 106 40.38 23.31 -11.21
N LEU O 107 41.12 22.93 -10.18
CA LEU O 107 42.12 23.83 -9.62
C LEU O 107 43.27 24.07 -10.57
N GLU O 108 43.50 23.17 -11.53
CA GLU O 108 44.55 23.37 -12.51
C GLU O 108 44.16 24.35 -13.61
N ARG O 109 42.86 24.61 -13.78
CA ARG O 109 42.39 25.58 -14.76
C ARG O 109 42.26 26.99 -14.19
N ARG O 110 42.57 27.18 -12.91
CA ARG O 110 42.52 28.51 -12.33
C ARG O 110 43.58 29.41 -12.98
N LEU O 111 43.29 30.71 -13.03
CA LEU O 111 44.26 31.65 -13.55
C LEU O 111 45.52 31.66 -12.69
N GLN O 112 45.37 31.49 -11.37
CA GLN O 112 46.53 31.46 -10.50
C GLN O 112 47.44 30.28 -10.83
N THR O 113 46.87 29.11 -11.07
CA THR O 113 47.68 27.94 -11.39
C THR O 113 48.37 28.10 -12.74
N LEU O 114 47.65 28.62 -13.74
CA LEU O 114 48.22 28.74 -15.07
C LEU O 114 49.26 29.84 -15.17
N VAL O 115 49.10 30.91 -14.38
CA VAL O 115 50.12 31.96 -14.36
C VAL O 115 51.43 31.40 -13.81
N PHE O 116 51.36 30.43 -12.91
CA PHE O 116 52.55 29.84 -12.31
C PHE O 116 53.15 28.74 -13.19
N LYS O 117 52.30 27.88 -13.77
CA LYS O 117 52.79 26.76 -14.56
C LYS O 117 53.16 27.16 -15.98
N THR O 118 52.92 28.41 -16.38
CA THR O 118 53.39 28.90 -17.67
C THR O 118 54.68 29.70 -17.56
N GLY O 119 55.28 29.78 -16.37
CA GLY O 119 56.55 30.44 -16.19
C GLY O 119 56.46 31.91 -15.83
N MET O 120 55.27 32.50 -15.86
CA MET O 120 55.15 33.93 -15.56
C MET O 120 55.43 34.25 -14.11
N ALA O 121 55.30 33.27 -13.21
CA ALA O 121 55.49 33.49 -11.78
C ALA O 121 56.48 32.46 -11.23
N LYS O 122 57.13 32.84 -10.14
CA LYS O 122 58.12 31.98 -9.49
C LYS O 122 57.48 30.91 -8.62
N SER O 123 56.37 31.24 -7.96
CA SER O 123 55.68 30.30 -7.09
C SER O 123 54.18 30.47 -7.29
N ILE O 124 53.42 29.48 -6.80
CA ILE O 124 51.97 29.59 -6.84
C ILE O 124 51.49 30.76 -6.01
N HIS O 125 52.22 31.15 -4.98
CA HIS O 125 51.88 32.31 -4.17
C HIS O 125 52.32 33.62 -4.81
N HIS O 126 53.36 33.59 -5.64
CA HIS O 126 53.72 34.79 -6.39
C HIS O 126 52.68 35.12 -7.44
N ALA O 127 52.11 34.09 -8.07
CA ALA O 127 51.06 34.31 -9.07
C ALA O 127 49.84 34.96 -8.45
N ARG O 128 49.49 34.58 -7.22
CA ARG O 128 48.33 35.16 -6.55
C ARG O 128 48.47 36.68 -6.44
N VAL O 129 49.63 37.15 -5.99
CA VAL O 129 49.83 38.58 -5.80
C VAL O 129 49.86 39.30 -7.14
N LEU O 130 50.47 38.70 -8.16
CA LEU O 130 50.53 39.35 -9.47
C LEU O 130 49.13 39.55 -10.04
N ILE O 131 48.26 38.54 -9.90
CA ILE O 131 46.91 38.66 -10.45
C ILE O 131 46.15 39.79 -9.76
N ARG O 132 46.15 39.79 -8.42
CA ARG O 132 45.39 40.79 -7.70
C ARG O 132 45.99 42.18 -7.82
N GLN O 133 47.22 42.31 -8.31
CA GLN O 133 47.88 43.60 -8.43
C GLN O 133 47.82 44.15 -9.86
N ARG O 134 46.95 43.58 -10.69
CA ARG O 134 46.66 44.14 -12.02
C ARG O 134 47.87 44.06 -12.94
N HIS O 135 48.54 42.90 -12.92
CA HIS O 135 49.69 42.66 -13.78
C HIS O 135 49.42 41.64 -14.87
N ILE O 136 48.27 40.96 -14.83
CA ILE O 136 47.96 39.89 -15.78
C ILE O 136 46.77 40.32 -16.63
N ARG O 137 46.70 39.78 -17.84
CA ARG O 137 45.58 39.99 -18.73
C ARG O 137 45.32 38.72 -19.51
N VAL O 138 44.05 38.42 -19.76
CA VAL O 138 43.65 37.26 -20.55
C VAL O 138 43.14 37.82 -21.87
N GLY O 139 44.03 37.85 -22.85
CA GLY O 139 43.73 38.50 -24.13
C GLY O 139 43.95 40.00 -24.03
N ARG O 140 42.87 40.76 -24.17
CA ARG O 140 42.92 42.21 -24.03
C ARG O 140 42.48 42.69 -22.65
N GLN O 141 41.80 41.85 -21.88
CA GLN O 141 41.18 42.26 -20.64
C GLN O 141 42.09 41.95 -19.45
N VAL O 142 42.27 42.93 -18.59
CA VAL O 142 42.97 42.73 -17.32
C VAL O 142 42.07 41.93 -16.39
N VAL O 143 42.64 40.92 -15.75
CA VAL O 143 41.91 40.08 -14.80
C VAL O 143 42.64 40.13 -13.47
N ASN O 144 41.92 40.51 -12.42
CA ASN O 144 42.46 40.55 -11.06
C ASN O 144 41.75 39.57 -10.13
N VAL O 145 41.21 38.50 -10.69
CA VAL O 145 40.51 37.47 -9.92
C VAL O 145 41.30 36.18 -10.09
N ALA O 146 41.87 35.67 -9.00
CA ALA O 146 42.69 34.47 -9.07
C ALA O 146 41.86 33.23 -9.43
N SER O 147 40.56 33.25 -9.11
CA SER O 147 39.70 32.11 -9.38
C SER O 147 39.19 32.07 -10.80
N PHE O 148 39.55 33.05 -11.64
CA PHE O 148 39.17 33.04 -13.04
C PHE O 148 39.54 31.71 -13.69
N MET O 149 38.54 31.03 -14.25
CA MET O 149 38.73 29.73 -14.86
C MET O 149 39.00 29.92 -16.35
N VAL O 150 40.25 29.68 -16.76
CA VAL O 150 40.68 29.94 -18.13
C VAL O 150 40.12 28.89 -19.07
N ARG O 151 39.83 29.30 -20.30
CA ARG O 151 39.39 28.41 -21.36
C ARG O 151 40.57 28.00 -22.21
N VAL O 152 40.44 26.85 -22.88
CA VAL O 152 41.51 26.34 -23.72
C VAL O 152 41.86 27.35 -24.81
N ASP O 153 40.83 27.97 -25.41
CA ASP O 153 41.05 28.97 -26.44
C ASP O 153 41.66 30.25 -25.91
N SER O 154 41.71 30.44 -24.59
CA SER O 154 42.26 31.65 -24.00
C SER O 154 43.57 31.41 -23.27
N GLN O 155 44.00 30.15 -23.12
CA GLN O 155 45.20 29.87 -22.33
C GLN O 155 46.45 30.43 -22.98
N LYS O 156 46.48 30.52 -24.31
CA LYS O 156 47.66 31.00 -25.02
C LYS O 156 47.76 32.51 -25.09
N HIS O 157 46.76 33.24 -24.58
CA HIS O 157 46.76 34.69 -24.60
C HIS O 157 47.04 35.30 -23.23
N ILE O 158 47.43 34.48 -22.25
CA ILE O 158 47.76 35.02 -20.93
C ILE O 158 49.10 35.73 -21.01
N ASP O 159 49.11 37.02 -20.66
CA ASP O 159 50.30 37.83 -20.75
C ASP O 159 50.18 38.96 -19.73
N PHE O 160 51.27 39.70 -19.56
CA PHE O 160 51.26 40.85 -18.65
C PHE O 160 50.46 41.99 -19.25
N SER O 161 49.79 42.74 -18.39
CA SER O 161 48.98 43.87 -18.84
C SER O 161 49.87 44.96 -19.42
N LEU O 162 49.33 45.67 -20.42
CA LEU O 162 50.08 46.75 -21.06
C LEU O 162 50.37 47.91 -20.12
N THR O 163 49.59 48.05 -19.05
CA THR O 163 49.79 49.12 -18.08
C THR O 163 50.72 48.70 -16.95
N SER O 164 51.17 47.45 -16.93
CA SER O 164 52.02 46.95 -15.86
C SER O 164 53.49 47.29 -16.12
N PRO O 165 54.30 47.46 -15.07
CA PRO O 165 55.75 47.59 -15.28
C PRO O 165 56.36 46.35 -15.90
N PHE O 166 55.71 45.20 -15.79
CA PHE O 166 56.19 43.95 -16.37
C PHE O 166 55.66 43.70 -17.76
N GLY O 167 54.92 44.64 -18.34
CA GLY O 167 54.32 44.45 -19.65
C GLY O 167 54.43 45.67 -20.54
N GLY O 168 55.45 46.50 -20.32
CA GLY O 168 55.72 47.67 -21.13
C GLY O 168 55.33 48.98 -20.48
N GLY O 169 54.54 48.93 -19.42
CA GLY O 169 54.14 50.15 -18.73
C GLY O 169 55.29 50.77 -17.98
N ARG O 170 55.04 51.96 -17.46
CA ARG O 170 56.04 52.68 -16.69
C ARG O 170 56.29 51.98 -15.35
N PRO O 171 57.44 52.21 -14.74
CA PRO O 171 57.72 51.58 -13.45
C PRO O 171 56.77 52.06 -12.36
N GLY O 172 56.52 51.18 -11.40
CA GLY O 172 55.63 51.48 -10.29
C GLY O 172 56.12 52.64 -9.44
N ARG O 173 55.38 52.96 -8.38
CA ARG O 173 55.69 54.13 -7.57
C ARG O 173 56.88 53.94 -6.65
N VAL O 174 57.33 52.71 -6.45
CA VAL O 174 58.51 52.48 -5.61
C VAL O 174 59.78 52.80 -6.37
N LYS O 175 59.93 52.25 -7.58
CA LYS O 175 61.10 52.58 -8.40
C LYS O 175 61.11 54.06 -8.77
N ARG O 176 59.95 54.61 -9.10
CA ARG O 176 59.90 56.02 -9.49
C ARG O 176 60.34 56.93 -8.36
N LYS O 177 59.90 56.65 -7.12
CA LYS O 177 60.34 57.46 -5.99
C LYS O 177 61.83 57.26 -5.73
N ASN O 178 62.33 56.03 -5.83
CA ASN O 178 63.75 55.78 -5.65
C ASN O 178 64.57 56.48 -6.73
N GLN O 179 64.10 56.46 -7.97
CA GLN O 179 64.75 57.23 -9.02
C GLN O 179 64.73 58.71 -8.70
N LYS O 180 63.60 59.22 -8.21
CA LYS O 180 63.53 60.63 -7.83
C LYS O 180 64.51 60.96 -6.73
N SER O 181 64.61 60.10 -5.72
CA SER O 181 65.55 60.34 -4.62
C SER O 181 66.99 60.31 -5.13
N ALA O 182 67.31 59.35 -6.01
CA ALA O 182 68.66 59.28 -6.56
C ALA O 182 68.99 60.54 -7.35
N ALA O 183 68.03 61.05 -8.13
CA ALA O 183 68.26 62.27 -8.89
C ALA O 183 68.52 63.45 -7.97
N LYS O 184 67.79 63.53 -6.85
CA LYS O 184 67.99 64.65 -5.93
C LYS O 184 69.41 64.68 -5.39
N LYS O 185 70.02 63.52 -5.20
CA LYS O 185 71.40 63.45 -4.74
C LYS O 185 72.34 64.08 -5.76
N GLY P 2 -10.27 -23.20 7.71
CA GLY P 2 -10.97 -24.38 8.31
C GLY P 2 -12.46 -24.17 8.44
N ARG P 3 -13.02 -24.67 9.54
CA ARG P 3 -14.45 -24.52 9.77
C ARG P 3 -14.81 -23.05 9.96
N MET P 4 -16.05 -22.71 9.58
CA MET P 4 -16.51 -21.34 9.73
C MET P 4 -16.62 -20.94 11.19
N HIS P 5 -17.13 -21.83 12.04
CA HIS P 5 -17.50 -21.50 13.42
C HIS P 5 -16.86 -22.48 14.40
N SER P 6 -15.59 -22.79 14.19
CA SER P 6 -14.81 -23.59 15.13
C SER P 6 -13.36 -23.53 14.68
N ARG P 7 -12.49 -24.27 15.37
CA ARG P 7 -11.09 -24.38 15.00
C ARG P 7 -10.80 -25.66 14.23
N GLY P 8 -11.83 -26.42 13.85
CA GLY P 8 -11.59 -27.65 13.12
C GLY P 8 -10.91 -27.40 11.79
N LYS P 9 -10.04 -28.34 11.41
CA LYS P 9 -9.27 -28.27 10.17
C LYS P 9 -9.41 -29.55 9.37
N GLY P 10 -10.56 -30.21 9.45
CA GLY P 10 -10.75 -31.45 8.71
C GLY P 10 -10.79 -31.21 7.21
N ILE P 11 -10.37 -32.22 6.45
CA ILE P 11 -10.33 -32.16 5.00
C ILE P 11 -11.16 -33.26 4.36
N SER P 12 -11.82 -34.12 5.15
CA SER P 12 -12.56 -35.23 4.57
C SER P 12 -13.62 -34.71 3.59
N ALA P 13 -13.70 -35.34 2.42
CA ALA P 13 -14.61 -34.91 1.37
C ALA P 13 -14.61 -35.98 0.29
N SER P 14 -15.53 -35.85 -0.66
CA SER P 14 -15.56 -36.72 -1.82
C SER P 14 -14.48 -36.32 -2.81
N ALA P 15 -14.04 -37.30 -3.59
CA ALA P 15 -13.03 -37.09 -4.64
C ALA P 15 -13.63 -37.58 -5.97
N LEU P 16 -14.06 -36.64 -6.81
CA LEU P 16 -14.65 -37.02 -8.08
C LEU P 16 -13.61 -37.67 -9.00
N PRO P 17 -13.98 -38.71 -9.72
CA PRO P 17 -13.02 -39.32 -10.66
C PRO P 17 -12.77 -38.45 -11.88
N TYR P 18 -11.64 -38.72 -12.54
CA TYR P 18 -11.28 -37.97 -13.74
C TYR P 18 -12.19 -38.29 -14.92
N LYS P 19 -12.83 -39.46 -14.92
CA LYS P 19 -13.72 -39.85 -16.01
C LYS P 19 -15.09 -39.25 -15.77
N ARG P 20 -15.47 -38.27 -16.59
CA ARG P 20 -16.77 -37.63 -16.46
C ARG P 20 -17.89 -38.41 -17.14
N THR P 21 -17.57 -39.38 -17.98
CA THR P 21 -18.59 -40.16 -18.68
C THR P 21 -19.05 -41.32 -17.83
N PRO P 22 -20.26 -41.83 -18.07
CA PRO P 22 -20.76 -42.96 -17.29
C PRO P 22 -20.01 -44.23 -17.62
N PRO P 23 -19.98 -45.20 -16.71
CA PRO P 23 -19.29 -46.47 -17.01
C PRO P 23 -20.00 -47.24 -18.11
N SER P 24 -19.25 -48.14 -18.74
CA SER P 24 -19.81 -48.97 -19.80
C SER P 24 -20.89 -49.91 -19.28
N TRP P 25 -20.87 -50.23 -18.00
CA TRP P 25 -21.85 -51.15 -17.42
C TRP P 25 -23.13 -50.45 -16.98
N LEU P 26 -23.21 -49.12 -17.11
CA LEU P 26 -24.40 -48.36 -16.74
C LEU P 26 -25.27 -48.21 -17.99
N LYS P 27 -26.41 -48.90 -18.00
CA LYS P 27 -27.27 -48.94 -19.18
C LYS P 27 -28.44 -47.96 -19.12
N ILE P 28 -28.79 -47.47 -17.93
CA ILE P 28 -29.92 -46.56 -17.82
C ILE P 28 -29.64 -45.30 -18.63
N SER P 29 -30.67 -44.81 -19.31
CA SER P 29 -30.57 -43.63 -20.17
C SER P 29 -30.96 -42.37 -19.40
N ALA P 30 -30.60 -41.22 -19.97
CA ALA P 30 -30.90 -39.96 -19.31
C ALA P 30 -32.40 -39.75 -19.07
N PRO P 31 -33.29 -40.01 -20.03
CA PRO P 31 -34.73 -39.84 -19.74
C PRO P 31 -35.20 -40.69 -18.58
N ASP P 32 -34.68 -41.90 -18.42
CA ASP P 32 -35.08 -42.75 -17.31
C ASP P 32 -34.61 -42.18 -15.98
N VAL P 33 -33.38 -41.65 -15.95
CA VAL P 33 -32.85 -41.10 -14.70
C VAL P 33 -33.68 -39.90 -14.26
N GLU P 34 -33.95 -38.98 -15.18
CA GLU P 34 -34.73 -37.80 -14.83
C GLU P 34 -36.16 -38.15 -14.43
N ASP P 35 -36.70 -39.26 -14.95
CA ASP P 35 -38.01 -39.71 -14.50
C ASP P 35 -37.98 -40.12 -13.04
N ASN P 36 -36.91 -40.79 -12.61
CA ASN P 36 -36.78 -41.18 -11.21
C ASN P 36 -36.55 -39.98 -10.30
N ILE P 37 -35.75 -39.01 -10.77
CA ILE P 37 -35.47 -37.83 -9.96
C ILE P 37 -36.75 -37.06 -9.68
N CYS P 38 -37.60 -36.88 -10.70
CA CYS P 38 -38.90 -36.28 -10.47
C CYS P 38 -39.77 -37.14 -9.57
N LYS P 39 -39.70 -38.46 -9.73
CA LYS P 39 -40.50 -39.35 -8.91
C LYS P 39 -40.13 -39.24 -7.43
N PHE P 40 -38.83 -39.12 -7.12
CA PHE P 40 -38.40 -38.98 -5.73
C PHE P 40 -38.74 -37.60 -5.18
N ALA P 41 -38.61 -36.56 -6.00
CA ALA P 41 -38.90 -35.21 -5.52
C ALA P 41 -40.35 -35.08 -5.08
N LYS P 42 -41.27 -35.68 -5.83
CA LYS P 42 -42.68 -35.63 -5.46
C LYS P 42 -42.95 -36.37 -4.15
N LYS P 43 -42.06 -37.28 -3.76
CA LYS P 43 -42.18 -37.97 -2.48
C LYS P 43 -41.62 -37.16 -1.31
N GLY P 44 -41.05 -35.99 -1.57
CA GLY P 44 -40.55 -35.11 -0.53
C GLY P 44 -39.05 -35.13 -0.36
N LEU P 45 -38.33 -36.01 -1.05
CA LEU P 45 -36.89 -36.06 -0.91
C LEU P 45 -36.24 -34.80 -1.45
N THR P 46 -35.08 -34.47 -0.90
CA THR P 46 -34.30 -33.31 -1.29
C THR P 46 -33.19 -33.71 -2.26
N PRO P 47 -32.58 -32.76 -2.95
CA PRO P 47 -31.52 -33.12 -3.89
C PRO P 47 -30.39 -33.91 -3.26
N SER P 48 -30.04 -33.63 -2.01
CA SER P 48 -28.94 -34.34 -1.37
C SER P 48 -29.26 -35.83 -1.21
N GLN P 49 -30.45 -36.14 -0.72
CA GLN P 49 -30.82 -37.53 -0.45
C GLN P 49 -31.42 -38.23 -1.67
N ILE P 50 -31.64 -37.51 -2.77
CA ILE P 50 -31.98 -38.18 -4.02
C ILE P 50 -30.72 -38.79 -4.64
N GLY P 51 -29.61 -38.05 -4.64
CA GLY P 51 -28.38 -38.58 -5.19
C GLY P 51 -27.84 -39.75 -4.40
N VAL P 52 -28.07 -39.77 -3.08
CA VAL P 52 -27.61 -40.89 -2.27
C VAL P 52 -28.33 -42.18 -2.67
N ILE P 53 -29.63 -42.10 -2.90
CA ILE P 53 -30.38 -43.29 -3.30
C ILE P 53 -29.92 -43.77 -4.67
N LEU P 54 -29.69 -42.84 -5.61
CA LEU P 54 -29.23 -43.24 -6.93
C LEU P 54 -27.87 -43.92 -6.87
N ARG P 55 -26.97 -43.41 -6.02
CA ARG P 55 -25.64 -44.01 -5.90
C ARG P 55 -25.70 -45.37 -5.23
N ASP P 56 -26.53 -45.52 -4.20
CA ASP P 56 -26.52 -46.74 -3.39
C ASP P 56 -27.44 -47.83 -3.93
N SER P 57 -28.52 -47.47 -4.64
CA SER P 57 -29.51 -48.43 -5.08
C SER P 57 -29.62 -48.57 -6.59
N HIS P 58 -28.98 -47.69 -7.36
CA HIS P 58 -29.10 -47.73 -8.82
C HIS P 58 -27.76 -47.67 -9.54
N GLY P 59 -26.64 -47.60 -8.81
CA GLY P 59 -25.34 -47.57 -9.46
C GLY P 59 -25.03 -46.30 -10.20
N ILE P 60 -25.78 -45.23 -9.97
CA ILE P 60 -25.55 -43.95 -10.63
C ILE P 60 -24.64 -43.14 -9.72
N ALA P 61 -23.34 -43.13 -10.03
CA ALA P 61 -22.38 -42.42 -9.20
C ALA P 61 -22.60 -40.91 -9.27
N GLN P 62 -22.72 -40.38 -10.49
CA GLN P 62 -22.96 -38.95 -10.71
C GLN P 62 -24.08 -38.79 -11.71
N VAL P 63 -25.13 -38.06 -11.33
CA VAL P 63 -26.24 -37.82 -12.23
C VAL P 63 -25.80 -36.98 -13.41
N LYS P 64 -24.88 -36.04 -13.21
CA LYS P 64 -24.45 -35.18 -14.30
C LYS P 64 -23.79 -35.98 -15.42
N SER P 65 -23.12 -37.08 -15.08
CA SER P 65 -22.48 -37.89 -16.11
C SER P 65 -23.51 -38.55 -17.02
N VAL P 66 -24.67 -38.92 -16.49
CA VAL P 66 -25.69 -39.59 -17.28
C VAL P 66 -26.61 -38.59 -17.96
N THR P 67 -27.07 -37.57 -17.24
CA THR P 67 -28.04 -36.62 -17.75
C THR P 67 -27.42 -35.33 -18.27
N GLY P 68 -26.23 -34.98 -17.80
CA GLY P 68 -25.59 -33.74 -18.18
C GLY P 68 -25.99 -32.55 -17.34
N SER P 69 -26.85 -32.72 -16.34
CA SER P 69 -27.29 -31.63 -15.48
C SER P 69 -27.34 -32.12 -14.04
N LYS P 70 -27.09 -31.19 -13.11
CA LYS P 70 -27.18 -31.50 -11.71
C LYS P 70 -28.63 -31.69 -11.28
N ILE P 71 -28.83 -32.35 -10.13
CA ILE P 71 -30.16 -32.76 -9.73
C ILE P 71 -31.06 -31.55 -9.51
N LEU P 72 -30.55 -30.50 -8.87
CA LEU P 72 -31.38 -29.33 -8.60
C LEU P 72 -31.85 -28.69 -9.89
N ARG P 73 -30.97 -28.60 -10.89
CA ARG P 73 -31.36 -28.03 -12.18
C ARG P 73 -32.49 -28.83 -12.82
N ILE P 74 -32.43 -30.16 -12.72
CA ILE P 74 -33.48 -30.99 -13.27
C ILE P 74 -34.81 -30.72 -12.58
N LEU P 75 -34.79 -30.59 -11.26
CA LEU P 75 -36.03 -30.34 -10.52
C LEU P 75 -36.61 -28.97 -10.89
N LYS P 76 -35.77 -27.95 -11.04
CA LYS P 76 -36.26 -26.64 -11.39
C LYS P 76 -36.96 -26.66 -12.75
N ALA P 77 -36.39 -27.40 -13.72
CA ALA P 77 -36.99 -27.48 -15.03
C ALA P 77 -38.38 -28.10 -14.99
N HIS P 78 -38.70 -28.86 -13.95
CA HIS P 78 -40.02 -29.46 -13.77
C HIS P 78 -40.83 -28.78 -12.69
N GLY P 79 -40.40 -27.61 -12.23
CA GLY P 79 -41.14 -26.90 -11.20
C GLY P 79 -41.25 -27.66 -9.89
N LEU P 80 -40.18 -28.34 -9.48
CA LEU P 80 -40.17 -29.09 -8.23
C LEU P 80 -39.12 -28.58 -7.25
N ALA P 81 -38.47 -27.46 -7.54
CA ALA P 81 -37.48 -26.91 -6.62
C ALA P 81 -38.18 -26.23 -5.45
N PRO P 82 -37.85 -26.58 -4.21
CA PRO P 82 -38.53 -25.97 -3.07
C PRO P 82 -38.28 -24.47 -3.01
N GLU P 83 -39.25 -23.75 -2.45
CA GLU P 83 -39.15 -22.29 -2.37
C GLU P 83 -37.93 -21.86 -1.57
N ILE P 84 -37.69 -22.52 -0.44
CA ILE P 84 -36.50 -22.27 0.38
C ILE P 84 -35.46 -23.32 0.02
N PRO P 85 -34.22 -22.93 -0.31
CA PRO P 85 -33.20 -23.93 -0.66
C PRO P 85 -32.95 -24.93 0.45
N GLU P 86 -32.55 -26.15 0.06
CA GLU P 86 -32.45 -27.25 1.02
C GLU P 86 -31.51 -26.90 2.17
N ASP P 87 -30.31 -26.39 1.86
CA ASP P 87 -29.35 -26.13 2.92
C ASP P 87 -29.84 -25.06 3.88
N LEU P 88 -30.45 -23.99 3.36
CA LEU P 88 -31.04 -22.99 4.24
C LEU P 88 -32.18 -23.57 5.05
N TYR P 89 -32.94 -24.50 4.48
CA TYR P 89 -34.04 -25.12 5.19
C TYR P 89 -33.54 -25.89 6.41
N HIS P 90 -32.43 -26.61 6.26
CA HIS P 90 -31.94 -27.42 7.38
C HIS P 90 -31.36 -26.55 8.50
N LEU P 91 -30.75 -25.41 8.16
CA LEU P 91 -30.27 -24.51 9.19
C LEU P 91 -31.42 -23.95 10.01
N ILE P 92 -32.53 -23.60 9.36
CA ILE P 92 -33.69 -23.07 10.07
C ILE P 92 -34.25 -24.15 10.99
N LYS P 93 -34.34 -25.39 10.49
CA LYS P 93 -34.86 -26.48 11.32
C LYS P 93 -34.00 -26.68 12.56
N LYS P 94 -32.68 -26.56 12.43
CA LYS P 94 -31.80 -26.69 13.58
C LYS P 94 -32.01 -25.54 14.57
N ALA P 95 -32.14 -24.32 14.05
CA ALA P 95 -32.38 -23.18 14.92
C ALA P 95 -33.69 -23.33 15.67
N VAL P 96 -34.72 -23.84 15.00
CA VAL P 96 -36.00 -24.09 15.67
C VAL P 96 -35.83 -25.10 16.79
N ALA P 97 -35.06 -26.17 16.53
CA ALA P 97 -34.86 -27.21 17.54
C ALA P 97 -34.13 -26.65 18.77
N ILE P 98 -33.10 -25.84 18.55
CA ILE P 98 -32.37 -25.28 19.68
C ILE P 98 -33.27 -24.36 20.50
N ARG P 99 -34.03 -23.50 19.81
CA ARG P 99 -34.92 -22.59 20.54
C ARG P 99 -35.96 -23.35 21.34
N LYS P 100 -36.53 -24.40 20.77
CA LYS P 100 -37.49 -25.21 21.51
C LYS P 100 -36.85 -25.85 22.74
N HIS P 101 -35.63 -26.36 22.58
CA HIS P 101 -34.90 -26.89 23.72
C HIS P 101 -34.56 -25.79 24.72
N LEU P 102 -34.20 -24.62 24.21
CA LEU P 102 -33.72 -23.54 25.08
C LEU P 102 -34.84 -22.92 25.91
N GLU P 103 -36.09 -23.02 25.47
CA GLU P 103 -37.19 -22.44 26.23
C GLU P 103 -37.40 -23.19 27.54
N ARG P 104 -37.13 -24.49 27.55
CA ARG P 104 -37.22 -25.30 28.77
C ARG P 104 -35.92 -25.35 29.57
N ASN P 105 -34.82 -24.86 29.00
CA ASN P 105 -33.51 -24.91 29.64
C ASN P 105 -32.88 -23.51 29.58
N ARG P 106 -33.24 -22.67 30.54
CA ARG P 106 -32.76 -21.30 30.53
C ARG P 106 -31.29 -21.19 30.92
N LYS P 107 -30.78 -22.15 31.68
CA LYS P 107 -29.40 -22.13 32.15
C LYS P 107 -28.44 -22.84 31.23
N ASP P 108 -28.92 -23.41 30.11
CA ASP P 108 -28.06 -24.09 29.16
C ASP P 108 -27.37 -23.04 28.29
N LYS P 109 -26.36 -22.41 28.88
CA LYS P 109 -25.65 -21.34 28.18
C LYS P 109 -24.86 -21.85 26.98
N ASP P 110 -24.51 -23.13 26.96
CA ASP P 110 -23.86 -23.70 25.79
C ASP P 110 -24.81 -23.66 24.58
N SER P 111 -26.07 -24.04 24.79
CA SER P 111 -27.04 -23.98 23.71
C SER P 111 -27.26 -22.55 23.25
N LYS P 112 -27.35 -21.61 24.19
CA LYS P 112 -27.50 -20.20 23.82
C LYS P 112 -26.34 -19.74 22.95
N PHE P 113 -25.13 -20.21 23.23
CA PHE P 113 -23.99 -19.87 22.39
C PHE P 113 -24.14 -20.45 20.99
N ARG P 114 -24.56 -21.72 20.89
CA ARG P 114 -24.69 -22.36 19.59
C ARG P 114 -25.85 -21.79 18.79
N LEU P 115 -26.91 -21.33 19.47
CA LEU P 115 -28.03 -20.73 18.76
C LEU P 115 -27.58 -19.46 18.03
N ILE P 116 -26.69 -18.69 18.64
CA ILE P 116 -26.17 -17.49 17.98
C ILE P 116 -25.41 -17.87 16.72
N LEU P 117 -24.59 -18.92 16.80
CA LEU P 117 -23.82 -19.34 15.63
C LEU P 117 -24.73 -19.83 14.50
N VAL P 118 -25.76 -20.60 14.83
CA VAL P 118 -26.65 -21.14 13.81
C VAL P 118 -27.42 -20.02 13.12
N GLU P 119 -27.94 -19.06 13.90
CA GLU P 119 -28.73 -18.00 13.31
C GLU P 119 -27.86 -17.06 12.48
N SER P 120 -26.64 -16.80 12.92
CA SER P 120 -25.72 -16.01 12.10
C SER P 120 -25.38 -16.74 10.82
N ARG P 121 -25.34 -18.07 10.86
CA ARG P 121 -25.15 -18.85 9.65
C ARG P 121 -26.37 -18.77 8.73
N ILE P 122 -27.57 -18.71 9.33
CA ILE P 122 -28.78 -18.54 8.53
C ILE P 122 -28.76 -17.21 7.79
N HIS P 123 -28.36 -16.14 8.48
CA HIS P 123 -28.39 -14.81 7.87
C HIS P 123 -27.34 -14.65 6.79
N ARG P 124 -26.18 -15.30 6.93
CA ARG P 124 -25.17 -15.24 5.88
C ARG P 124 -25.60 -15.98 4.63
N LEU P 125 -26.27 -17.12 4.80
CA LEU P 125 -26.76 -17.88 3.66
C LEU P 125 -27.98 -17.21 3.02
N ALA P 126 -28.88 -16.68 3.84
CA ALA P 126 -30.06 -15.99 3.30
C ALA P 126 -29.65 -14.76 2.51
N ARG P 127 -28.64 -14.04 2.98
CA ARG P 127 -28.13 -12.88 2.24
C ARG P 127 -27.66 -13.30 0.86
N TYR P 128 -26.92 -14.40 0.78
CA TYR P 128 -26.41 -14.86 -0.52
C TYR P 128 -27.55 -15.24 -1.45
N TYR P 129 -28.57 -15.94 -0.94
CA TYR P 129 -29.66 -16.39 -1.79
C TYR P 129 -30.49 -15.21 -2.30
N LYS P 130 -30.62 -14.16 -1.49
CA LYS P 130 -31.32 -12.98 -1.96
C LYS P 130 -30.56 -12.28 -3.08
N LYS P 131 -29.23 -12.24 -2.98
CA LYS P 131 -28.43 -11.61 -4.03
C LYS P 131 -28.55 -12.38 -5.34
N THR P 132 -28.58 -13.71 -5.27
CA THR P 132 -28.74 -14.54 -6.46
C THR P 132 -30.20 -14.77 -6.82
N LYS P 133 -31.13 -14.17 -6.07
CA LYS P 133 -32.55 -14.19 -6.42
C LYS P 133 -33.14 -15.61 -6.34
N LYS P 134 -32.64 -16.40 -5.40
CA LYS P 134 -33.23 -17.70 -5.08
C LYS P 134 -34.24 -17.60 -3.93
N LEU P 135 -34.39 -16.44 -3.32
CA LEU P 135 -35.39 -16.18 -2.30
C LEU P 135 -36.15 -14.92 -2.66
N PRO P 136 -37.37 -14.76 -2.17
CA PRO P 136 -38.12 -13.53 -2.42
C PRO P 136 -37.34 -12.32 -1.93
N PRO P 137 -37.39 -11.20 -2.65
CA PRO P 137 -36.59 -10.04 -2.24
C PRO P 137 -36.84 -9.58 -0.81
N VAL P 138 -38.08 -9.70 -0.33
CA VAL P 138 -38.43 -9.27 1.02
C VAL P 138 -38.35 -10.40 2.03
N TRP P 139 -37.93 -11.59 1.62
CA TRP P 139 -37.84 -12.71 2.54
C TRP P 139 -36.93 -12.35 3.71
N LYS P 140 -37.38 -12.69 4.92
CA LYS P 140 -36.62 -12.41 6.13
C LYS P 140 -36.86 -13.53 7.13
N TYR P 141 -35.80 -13.92 7.83
CA TYR P 141 -35.91 -14.96 8.84
C TYR P 141 -36.40 -14.37 10.15
N GLU P 142 -37.48 -14.93 10.68
CA GLU P 142 -38.09 -14.46 11.91
C GLU P 142 -38.18 -15.61 12.89
N SER P 143 -37.54 -15.47 14.05
CA SER P 143 -37.58 -16.53 15.05
C SER P 143 -39.01 -16.85 15.46
N THR P 144 -39.88 -15.83 15.52
CA THR P 144 -41.25 -16.06 15.94
C THR P 144 -41.99 -16.99 14.97
N THR P 145 -41.81 -16.78 13.66
CA THR P 145 -42.53 -17.52 12.64
C THR P 145 -41.65 -18.52 11.91
N ALA P 146 -40.41 -18.73 12.36
CA ALA P 146 -39.53 -19.68 11.68
C ALA P 146 -40.07 -21.10 11.77
N SER P 147 -40.62 -21.48 12.92
CA SER P 147 -41.09 -22.85 13.10
C SER P 147 -42.24 -23.21 12.17
N THR P 148 -42.98 -22.23 11.66
CA THR P 148 -44.06 -22.52 10.72
C THR P 148 -43.52 -22.85 9.33
N LEU P 149 -42.42 -22.23 8.92
CA LEU P 149 -41.81 -22.51 7.63
C LEU P 149 -41.36 -23.96 7.56
N VAL P 150 -40.41 -24.34 8.42
CA VAL P 150 -39.87 -25.69 8.41
C VAL P 150 -40.81 -26.62 9.19
N ALA P 151 -40.66 -27.92 8.92
CA ALA P 151 -41.45 -28.94 9.61
C ALA P 151 -42.94 -28.79 9.34
N SER Q 19 -12.81 -70.17 80.84
CA SER Q 19 -13.27 -71.43 80.26
C SER Q 19 -12.50 -71.76 79.00
N VAL Q 20 -11.18 -71.58 79.05
CA VAL Q 20 -10.29 -71.84 77.92
C VAL Q 20 -9.30 -72.92 78.33
N ARG Q 21 -9.19 -73.96 77.51
CA ARG Q 21 -8.24 -75.02 77.78
C ARG Q 21 -6.85 -74.64 77.28
N GLU Q 22 -5.84 -75.33 77.81
CA GLU Q 22 -4.46 -75.04 77.43
C GLU Q 22 -4.27 -75.22 75.93
N GLY Q 23 -3.54 -74.31 75.32
CA GLY Q 23 -3.27 -74.32 73.90
C GLY Q 23 -4.22 -73.48 73.07
N GLU Q 24 -5.48 -73.39 73.46
CA GLU Q 24 -6.45 -72.61 72.72
C GLU Q 24 -6.11 -71.12 72.79
N LEU Q 25 -6.26 -70.43 71.68
CA LEU Q 25 -6.00 -69.00 71.58
C LEU Q 25 -7.31 -68.24 71.73
N VAL Q 26 -7.32 -67.24 72.61
CA VAL Q 26 -8.45 -66.35 72.79
C VAL Q 26 -8.06 -65.02 72.14
N PHE Q 27 -8.63 -64.74 70.98
CA PHE Q 27 -8.22 -63.59 70.19
C PHE Q 27 -8.91 -62.32 70.66
N GLY Q 28 -8.13 -61.26 70.85
CA GLY Q 28 -8.63 -59.92 71.00
C GLY Q 28 -8.23 -59.07 69.81
N VAL Q 29 -8.74 -57.84 69.81
CA VAL Q 29 -8.46 -56.87 68.76
C VAL Q 29 -7.78 -55.67 69.39
N ALA Q 30 -6.55 -55.39 68.95
CA ALA Q 30 -5.79 -54.24 69.42
C ALA Q 30 -5.91 -53.12 68.40
N HIS Q 31 -6.59 -52.04 68.79
CA HIS Q 31 -6.71 -50.85 67.95
C HIS Q 31 -5.56 -49.91 68.30
N ILE Q 32 -4.58 -49.82 67.40
CA ILE Q 32 -3.41 -48.97 67.60
C ILE Q 32 -3.61 -47.72 66.76
N PHE Q 33 -3.74 -46.58 67.43
CA PHE Q 33 -3.87 -45.27 66.79
C PHE Q 33 -2.56 -44.54 67.05
N ALA Q 34 -1.73 -44.45 66.03
CA ALA Q 34 -0.39 -43.85 66.13
C ALA Q 34 -0.41 -42.50 65.43
N SER Q 35 -0.80 -41.47 66.18
CA SER Q 35 -0.74 -40.10 65.70
C SER Q 35 0.68 -39.57 65.84
N PHE Q 36 0.89 -38.33 65.41
CA PHE Q 36 2.17 -37.67 65.59
C PHE Q 36 2.24 -36.86 66.87
N ASN Q 37 1.19 -36.89 67.70
CA ASN Q 37 1.19 -36.25 69.00
C ASN Q 37 0.96 -37.21 70.15
N ASP Q 38 0.47 -38.43 69.88
CA ASP Q 38 0.19 -39.40 70.92
C ASP Q 38 -0.01 -40.76 70.28
N THR Q 39 0.06 -41.80 71.10
CA THR Q 39 -0.17 -43.17 70.66
C THR Q 39 -1.20 -43.80 71.57
N PHE Q 40 -2.15 -44.52 70.97
CA PHE Q 40 -3.17 -45.27 71.70
C PHE Q 40 -2.98 -46.75 71.44
N ILE Q 41 -3.13 -47.57 72.49
CA ILE Q 41 -3.15 -49.01 72.37
C ILE Q 41 -4.43 -49.47 73.06
N HIS Q 42 -5.50 -49.63 72.28
CA HIS Q 42 -6.83 -49.95 72.77
C HIS Q 42 -7.15 -51.38 72.39
N VAL Q 43 -7.39 -52.22 73.39
CA VAL Q 43 -7.72 -53.63 73.17
C VAL Q 43 -9.19 -53.84 73.47
N THR Q 44 -9.87 -54.56 72.58
CA THR Q 44 -11.29 -54.86 72.73
C THR Q 44 -11.50 -56.32 72.38
N ASP Q 45 -12.76 -56.74 72.29
CA ASP Q 45 -13.11 -58.06 71.82
C ASP Q 45 -13.26 -58.02 70.30
N LEU Q 46 -13.74 -59.11 69.70
CA LEU Q 46 -13.88 -59.16 68.25
C LEU Q 46 -14.91 -58.16 67.73
N SER Q 47 -15.90 -57.79 68.56
CA SER Q 47 -16.92 -56.84 68.15
C SER Q 47 -16.51 -55.39 68.39
N GLY Q 48 -15.39 -55.15 69.06
CA GLY Q 48 -14.98 -53.80 69.36
C GLY Q 48 -15.93 -53.07 70.27
N ARG Q 49 -16.83 -53.78 70.93
CA ARG Q 49 -17.85 -53.17 71.78
C ARG Q 49 -17.61 -53.44 73.26
N GLU Q 50 -16.50 -54.06 73.62
CA GLU Q 50 -16.16 -54.34 75.02
C GLU Q 50 -14.67 -54.04 75.21
N THR Q 51 -14.38 -52.91 75.83
CA THR Q 51 -12.99 -52.52 76.06
C THR Q 51 -12.37 -53.39 77.15
N MET Q 52 -11.15 -53.86 76.88
CA MET Q 52 -10.38 -54.64 77.85
C MET Q 52 -9.36 -53.77 78.56
N VAL Q 53 -8.50 -53.11 77.80
CA VAL Q 53 -7.49 -52.21 78.35
C VAL Q 53 -7.17 -51.15 77.31
N ARG Q 54 -6.87 -49.94 77.78
CA ARG Q 54 -6.62 -48.80 76.90
C ARG Q 54 -5.53 -47.94 77.52
N ILE Q 55 -4.31 -48.10 77.04
CA ILE Q 55 -3.15 -47.36 77.52
C ILE Q 55 -2.62 -46.48 76.39
N THR Q 56 -2.40 -45.21 76.70
CA THR Q 56 -1.87 -44.26 75.73
C THR Q 56 -0.47 -43.84 76.13
N GLY Q 57 0.29 -43.38 75.13
CA GLY Q 57 1.65 -42.94 75.39
C GLY Q 57 1.71 -41.78 76.36
N GLY Q 58 0.66 -40.96 76.41
CA GLY Q 58 0.64 -39.84 77.33
C GLY Q 58 0.53 -40.25 78.79
N MET Q 59 0.14 -41.49 79.06
CA MET Q 59 0.05 -42.01 80.42
C MET Q 59 1.38 -42.54 80.94
N LYS Q 60 2.44 -42.51 80.13
CA LYS Q 60 3.72 -43.11 80.50
C LYS Q 60 4.88 -42.12 80.45
N VAL Q 61 4.61 -40.84 80.18
CA VAL Q 61 5.65 -39.81 80.12
C VAL Q 61 5.14 -38.56 80.81
N LYS Q 62 6.06 -37.64 81.08
CA LYS Q 62 5.75 -36.39 81.76
C LYS Q 62 5.64 -35.19 80.83
N ALA Q 63 6.38 -35.19 79.73
CA ALA Q 63 6.36 -34.07 78.79
C ALA Q 63 5.44 -34.39 77.62
N ASP Q 64 4.81 -33.33 77.09
CA ASP Q 64 3.93 -33.50 75.93
C ASP Q 64 4.70 -33.94 74.69
N ARG Q 65 5.96 -33.51 74.57
CA ARG Q 65 6.76 -33.82 73.39
C ARG Q 65 7.08 -35.30 73.26
N ASP Q 66 6.93 -36.09 74.31
CA ASP Q 66 7.31 -37.49 74.31
C ASP Q 66 6.11 -38.43 74.28
N GLU Q 67 4.89 -37.91 74.16
CA GLU Q 67 3.71 -38.77 74.18
C GLU Q 67 3.62 -39.66 72.94
N SER Q 68 4.22 -39.24 71.83
CA SER Q 68 4.23 -40.03 70.60
C SER Q 68 5.54 -40.77 70.37
N SER Q 69 6.52 -40.62 71.26
CA SER Q 69 7.81 -41.23 71.05
C SER Q 69 7.70 -42.76 71.08
N PRO Q 70 8.58 -43.45 70.36
CA PRO Q 70 8.54 -44.92 70.40
C PRO Q 70 8.76 -45.49 71.79
N TYR Q 71 9.56 -44.83 72.62
CA TYR Q 71 9.77 -45.32 73.99
C TYR Q 71 8.47 -45.31 74.78
N ALA Q 72 7.69 -44.24 74.66
CA ALA Q 72 6.40 -44.19 75.34
C ALA Q 72 5.46 -45.26 74.81
N ALA Q 73 5.50 -45.53 73.50
CA ALA Q 73 4.67 -46.58 72.94
C ALA Q 73 5.08 -47.96 73.43
N MET Q 74 6.39 -48.18 73.64
CA MET Q 74 6.84 -49.45 74.17
C MET Q 74 6.30 -49.70 75.56
N LEU Q 75 6.37 -48.69 76.44
CA LEU Q 75 5.87 -48.84 77.79
C LEU Q 75 4.36 -49.10 77.79
N ALA Q 76 3.62 -48.36 76.96
CA ALA Q 76 2.18 -48.57 76.90
C ALA Q 76 1.84 -49.97 76.43
N ALA Q 77 2.63 -50.52 75.49
CA ALA Q 77 2.37 -51.87 75.01
C ALA Q 77 2.66 -52.92 76.07
N GLN Q 78 3.69 -52.69 76.90
CA GLN Q 78 4.00 -53.64 77.96
C GLN Q 78 2.90 -53.70 79.00
N ASP Q 79 2.30 -52.55 79.34
CA ASP Q 79 1.18 -52.55 80.27
C ASP Q 79 -0.05 -53.22 79.68
N VAL Q 80 -0.28 -53.05 78.38
CA VAL Q 80 -1.40 -53.70 77.73
C VAL Q 80 -1.22 -55.22 77.72
N SER Q 81 -0.02 -55.69 77.42
CA SER Q 81 0.22 -57.13 77.38
C SER Q 81 0.00 -57.76 78.75
N GLN Q 82 0.50 -57.12 79.80
CA GLN Q 82 0.34 -57.67 81.15
C GLN Q 82 -1.14 -57.74 81.54
N ARG Q 83 -1.91 -56.70 81.23
CA ARG Q 83 -3.32 -56.70 81.58
C ARG Q 83 -4.10 -57.73 80.78
N CYS Q 84 -3.71 -57.95 79.52
CA CYS Q 84 -4.42 -58.93 78.69
C CYS Q 84 -4.28 -60.33 79.27
N LYS Q 85 -3.09 -60.69 79.75
CA LYS Q 85 -2.89 -62.03 80.31
C LYS Q 85 -3.77 -62.26 81.53
N GLU Q 86 -4.12 -61.21 82.26
CA GLU Q 86 -4.98 -61.36 83.42
C GLU Q 86 -6.40 -61.72 83.03
N LEU Q 87 -6.86 -61.26 81.87
CA LEU Q 87 -8.22 -61.51 81.40
C LEU Q 87 -8.31 -62.73 80.51
N GLY Q 88 -7.23 -63.47 80.34
CA GLY Q 88 -7.23 -64.66 79.51
C GLY Q 88 -7.00 -64.42 78.04
N ILE Q 89 -6.60 -63.21 77.65
CA ILE Q 89 -6.35 -62.89 76.24
C ILE Q 89 -4.86 -63.14 75.97
N ASN Q 90 -4.57 -64.00 75.01
CA ASN Q 90 -3.21 -64.34 74.64
C ASN Q 90 -2.88 -64.09 73.18
N ALA Q 91 -3.87 -63.76 72.36
CA ALA Q 91 -3.65 -63.43 70.96
C ALA Q 91 -4.37 -62.13 70.63
N LEU Q 92 -3.79 -61.36 69.70
CA LEU Q 92 -4.33 -60.06 69.35
C LEU Q 92 -4.34 -59.88 67.83
N HIS Q 93 -5.46 -59.41 67.32
CA HIS Q 93 -5.53 -58.88 65.95
C HIS Q 93 -5.15 -57.41 66.00
N ILE Q 94 -4.33 -56.99 65.04
CA ILE Q 94 -3.79 -55.64 65.00
C ILE Q 94 -4.55 -54.82 63.96
N LYS Q 95 -5.10 -53.69 64.39
CA LYS Q 95 -5.77 -52.74 63.50
C LYS Q 95 -5.07 -51.40 63.69
N LEU Q 96 -4.07 -51.12 62.85
CA LEU Q 96 -3.31 -49.89 62.92
C LEU Q 96 -3.99 -48.81 62.07
N ARG Q 97 -3.87 -47.56 62.53
CA ARG Q 97 -4.45 -46.44 61.82
C ARG Q 97 -3.65 -45.19 62.09
N ALA Q 98 -3.62 -44.30 61.11
CA ALA Q 98 -3.10 -42.95 61.28
C ALA Q 98 -4.28 -42.02 61.58
N THR Q 99 -4.02 -40.71 61.62
CA THR Q 99 -5.10 -39.76 61.89
C THR Q 99 -6.19 -39.86 60.82
N GLY Q 100 -5.80 -39.95 59.56
CA GLY Q 100 -6.75 -40.17 58.50
C GLY Q 100 -7.60 -38.94 58.20
N GLY Q 101 -8.78 -39.20 57.63
CA GLY Q 101 -9.62 -38.11 57.18
C GLY Q 101 -8.92 -37.30 56.10
N ASN Q 102 -8.98 -35.99 56.23
CA ASN Q 102 -8.22 -35.10 55.35
C ASN Q 102 -6.84 -34.79 55.91
N LYS Q 103 -6.48 -35.38 57.04
CA LYS Q 103 -5.18 -35.16 57.66
C LYS Q 103 -4.21 -36.26 57.22
N THR Q 104 -3.04 -36.29 57.85
CA THR Q 104 -1.97 -37.18 57.41
C THR Q 104 -2.41 -38.65 57.45
N LYS Q 105 -1.99 -39.40 56.43
CA LYS Q 105 -2.25 -40.83 56.35
C LYS Q 105 -1.04 -41.66 56.81
N THR Q 106 0.04 -41.01 57.23
CA THR Q 106 1.25 -41.71 57.64
C THR Q 106 1.18 -42.04 59.12
N PRO Q 107 1.28 -43.31 59.53
CA PRO Q 107 1.26 -43.62 60.96
C PRO Q 107 2.40 -42.93 61.70
N GLY Q 108 2.14 -42.61 62.96
CA GLY Q 108 3.10 -41.89 63.76
C GLY Q 108 4.29 -42.75 64.14
N PRO Q 109 5.27 -42.12 64.79
CA PRO Q 109 6.52 -42.84 65.11
C PRO Q 109 6.37 -43.90 66.19
N GLY Q 110 5.20 -44.06 66.79
CA GLY Q 110 4.98 -45.06 67.82
C GLY Q 110 4.28 -46.33 67.35
N ALA Q 111 3.92 -46.44 66.08
CA ALA Q 111 3.23 -47.63 65.61
C ALA Q 111 4.13 -48.86 65.62
N GLN Q 112 5.33 -48.74 65.06
CA GLN Q 112 6.24 -49.89 65.01
C GLN Q 112 6.68 -50.30 66.40
N SER Q 113 6.99 -49.34 67.27
CA SER Q 113 7.43 -49.67 68.62
C SER Q 113 6.32 -50.38 69.39
N ALA Q 114 5.08 -49.89 69.26
CA ALA Q 114 3.97 -50.52 69.97
C ALA Q 114 3.73 -51.95 69.48
N LEU Q 115 3.79 -52.17 68.16
CA LEU Q 115 3.53 -53.49 67.62
C LEU Q 115 4.65 -54.47 67.98
N ARG Q 116 5.89 -54.01 67.92
CA ARG Q 116 7.01 -54.88 68.27
C ARG Q 116 6.99 -55.25 69.75
N ALA Q 117 6.60 -54.31 70.61
CA ALA Q 117 6.57 -54.59 72.05
C ALA Q 117 5.52 -55.65 72.38
N LEU Q 118 4.37 -55.61 71.70
CA LEU Q 118 3.35 -56.62 71.95
C LEU Q 118 3.84 -58.02 71.56
N ALA Q 119 4.56 -58.11 70.44
CA ALA Q 119 5.07 -59.41 70.00
C ALA Q 119 6.10 -59.97 70.98
N ARG Q 120 6.81 -59.10 71.69
CA ARG Q 120 7.85 -59.52 72.64
C ARG Q 120 7.33 -59.60 74.07
N SER Q 121 6.03 -59.90 74.25
CA SER Q 121 5.48 -59.99 75.60
C SER Q 121 4.55 -61.20 75.73
N GLY Q 122 4.76 -62.24 74.92
CA GLY Q 122 3.96 -63.44 74.99
C GLY Q 122 2.68 -63.39 74.19
N MET Q 123 2.24 -62.21 73.77
CA MET Q 123 1.06 -62.11 72.93
C MET Q 123 1.36 -62.65 71.54
N LYS Q 124 0.46 -63.48 71.01
CA LYS Q 124 0.61 -64.02 69.67
C LYS Q 124 -0.12 -63.12 68.69
N ILE Q 125 0.63 -62.49 67.78
CA ILE Q 125 0.05 -61.53 66.86
C ILE Q 125 -0.77 -62.25 65.81
N GLY Q 126 -1.99 -61.77 65.58
CA GLY Q 126 -2.87 -62.34 64.57
C GLY Q 126 -2.76 -61.63 63.24
N ARG Q 127 -3.90 -61.33 62.63
CA ARG Q 127 -3.93 -60.67 61.34
C ARG Q 127 -3.79 -59.16 61.51
N ILE Q 128 -2.84 -58.58 60.82
CA ILE Q 128 -2.57 -57.14 60.87
C ILE Q 128 -3.30 -56.47 59.72
N GLU Q 129 -3.87 -55.29 59.99
CA GLU Q 129 -4.61 -54.57 58.97
C GLU Q 129 -4.50 -53.08 59.24
N ASP Q 130 -4.46 -52.30 58.16
CA ASP Q 130 -4.48 -50.84 58.25
C ASP Q 130 -5.91 -50.35 58.06
N VAL Q 131 -6.39 -49.55 59.03
CA VAL Q 131 -7.78 -49.12 59.04
C VAL Q 131 -7.87 -47.61 59.12
N THR Q 132 -6.87 -46.92 58.59
CA THR Q 132 -6.92 -45.46 58.56
C THR Q 132 -8.14 -45.01 57.77
N PRO Q 133 -8.91 -44.03 58.27
CA PRO Q 133 -10.09 -43.56 57.52
C PRO Q 133 -9.66 -42.77 56.29
N ILE Q 134 -10.03 -43.29 55.12
CA ILE Q 134 -9.65 -42.71 53.83
C ILE Q 134 -10.91 -42.14 53.20
N PRO Q 135 -10.99 -40.83 52.98
CA PRO Q 135 -12.14 -40.28 52.25
C PRO Q 135 -12.05 -40.60 50.76
N THR Q 136 -13.20 -40.83 50.16
CA THR Q 136 -13.28 -41.11 48.72
C THR Q 136 -13.60 -39.85 47.94
N IAS Q 137 -12.81 -38.80 48.15
CA IAS Q 137 -13.04 -37.53 47.43
C IAS Q 137 -11.78 -36.64 47.49
O IAS Q 137 -10.89 -36.89 48.37
CB IAS Q 137 -14.21 -36.78 48.05
CG IAS Q 137 -13.92 -36.50 49.51
OD1 IAS Q 137 -14.15 -37.35 50.39
OXT IAS Q 137 -11.66 -35.70 46.67
H IAS Q 137 -12.04 -38.86 48.81
HA IAS Q 137 -13.25 -37.78 46.37
HB2 IAS Q 137 -15.14 -37.37 47.94
HB3 IAS Q 137 -14.39 -35.83 47.50
N SER Q 138 -13.58 -35.29 49.87
CA SER Q 138 -13.27 -34.99 51.26
C SER Q 138 -13.64 -33.56 51.63
N THR Q 139 -13.83 -33.31 52.91
CA THR Q 139 -13.98 -31.95 53.40
C THR Q 139 -12.65 -31.22 53.32
N ARG Q 140 -12.72 -29.89 53.28
CA ARG Q 140 -11.52 -29.09 53.09
C ARG Q 140 -10.58 -29.20 54.28
N ARG Q 141 -9.30 -29.35 53.99
CA ARG Q 141 -8.26 -29.42 55.01
C ARG Q 141 -7.97 -28.03 55.57
N LYS Q 142 -7.57 -27.99 56.83
CA LYS Q 142 -7.27 -26.72 57.49
C LYS Q 142 -5.94 -26.16 57.00
N GLY Q 143 -5.72 -24.89 57.31
CA GLY Q 143 -4.46 -24.21 57.03
C GLY Q 143 -4.51 -23.21 55.91
N GLY Q 144 -5.55 -23.19 55.10
CA GLY Q 144 -5.63 -22.29 53.97
C GLY Q 144 -4.95 -22.86 52.74
N ARG Q 145 -5.15 -22.19 51.61
CA ARG Q 145 -4.63 -22.69 50.34
C ARG Q 145 -3.12 -22.55 50.24
N ARG Q 146 -2.51 -21.69 51.05
CA ARG Q 146 -1.06 -21.57 51.09
C ARG Q 146 -0.40 -22.54 52.05
N GLY Q 147 -1.17 -23.30 52.83
CA GLY Q 147 -0.63 -24.32 53.68
C GLY Q 147 0.00 -23.76 54.94
N ARG Q 148 0.48 -24.68 55.78
CA ARG Q 148 1.17 -24.31 57.01
C ARG Q 148 2.57 -23.81 56.68
N ARG Q 149 2.83 -22.55 57.00
CA ARG Q 149 4.06 -21.87 56.61
C ARG Q 149 5.01 -21.83 57.81
N LEU Q 150 6.10 -22.58 57.72
CA LEU Q 150 7.12 -22.62 58.76
C LEU Q 150 8.41 -21.96 58.28
N ASP R 3 50.05 60.70 -23.78
CA ASP R 3 49.40 61.12 -25.02
C ASP R 3 49.58 60.05 -26.10
N LYS R 4 48.46 59.52 -26.58
CA LYS R 4 48.45 58.51 -27.63
C LYS R 4 47.27 58.81 -28.56
N ALA R 5 47.04 57.91 -29.52
CA ALA R 5 45.94 58.08 -30.44
C ALA R 5 44.61 57.78 -29.73
N VAL R 6 43.53 58.35 -30.28
CA VAL R 6 42.20 58.13 -29.76
C VAL R 6 41.27 57.77 -30.91
N THR R 7 41.07 56.48 -31.13
CA THR R 7 40.22 56.02 -32.22
C THR R 7 38.79 55.84 -31.73
N ILE R 8 37.84 56.37 -32.50
CA ILE R 8 36.42 56.28 -32.19
C ILE R 8 35.77 55.36 -33.22
N ARG R 9 35.08 54.34 -32.74
CA ARG R 9 34.39 53.38 -33.59
C ARG R 9 32.92 53.32 -33.21
N THR R 10 32.06 53.22 -34.21
CA THR R 10 30.63 53.17 -34.01
C THR R 10 30.07 51.85 -34.54
N ARG R 11 29.04 51.36 -33.88
CA ARG R 11 28.39 50.11 -34.28
C ARG R 11 26.91 50.22 -33.94
N LYS R 12 26.14 49.25 -34.43
CA LYS R 12 24.68 49.27 -34.28
C LYS R 12 24.12 50.61 -34.74
N PHE R 13 24.61 51.06 -35.88
CA PHE R 13 24.22 52.35 -36.43
C PHE R 13 22.90 52.23 -37.18
N MET R 14 22.08 53.28 -37.10
CA MET R 14 20.84 53.35 -37.87
C MET R 14 20.40 54.80 -37.97
N THR R 15 19.92 55.17 -39.15
CA THR R 15 19.33 56.49 -39.37
C THR R 15 17.85 56.43 -39.01
N ASN R 16 17.41 57.35 -38.15
CA ASN R 16 16.04 57.39 -37.67
C ASN R 16 15.34 58.57 -38.34
N ARG R 17 14.58 58.28 -39.40
CA ARG R 17 13.81 59.32 -40.07
C ARG R 17 12.69 59.84 -39.18
N LEU R 18 12.08 58.96 -38.38
CA LEU R 18 10.94 59.38 -37.56
C LEU R 18 11.33 60.46 -36.57
N LEU R 19 12.52 60.37 -35.99
CA LEU R 19 13.03 61.39 -35.09
C LEU R 19 14.12 62.26 -35.72
N ALA R 20 14.39 62.07 -37.01
CA ALA R 20 15.35 62.89 -37.76
C ALA R 20 16.70 62.96 -37.03
N ARG R 21 17.30 61.80 -36.88
CA ARG R 21 18.56 61.70 -36.16
C ARG R 21 19.28 60.42 -36.57
N LYS R 22 20.56 60.35 -36.22
CA LYS R 22 21.36 59.14 -36.33
C LYS R 22 21.71 58.68 -34.93
N GLN R 23 21.51 57.39 -34.66
CA GLN R 23 21.76 56.81 -33.35
C GLN R 23 22.68 55.62 -33.48
N PHE R 24 23.56 55.46 -32.49
CA PHE R 24 24.63 54.48 -32.59
C PHE R 24 25.30 54.33 -31.23
N ILE R 25 26.05 53.24 -31.07
CA ILE R 25 26.89 53.02 -29.91
C ILE R 25 28.30 53.50 -30.23
N ILE R 26 28.93 54.15 -29.26
CA ILE R 26 30.26 54.73 -29.41
C ILE R 26 31.26 53.85 -28.68
N ASP R 27 32.30 53.42 -29.40
CA ASP R 27 33.44 52.74 -28.81
C ASP R 27 34.64 53.65 -28.91
N VAL R 28 35.26 53.94 -27.75
CA VAL R 28 36.36 54.88 -27.67
C VAL R 28 37.57 54.12 -27.15
N LEU R 29 38.61 53.98 -27.98
CA LEU R 29 39.89 53.46 -27.56
C LEU R 29 40.79 54.62 -27.19
N HIS R 30 41.18 54.69 -25.93
CA HIS R 30 41.97 55.81 -25.40
C HIS R 30 43.12 55.28 -24.56
N PRO R 31 44.08 54.61 -25.19
CA PRO R 31 45.25 54.15 -24.44
C PRO R 31 45.98 55.31 -23.79
N GLY R 32 46.42 55.10 -22.55
CA GLY R 32 47.18 56.11 -21.84
C GLY R 32 46.38 57.29 -21.35
N ARG R 33 45.04 57.20 -21.37
CA ARG R 33 44.19 58.29 -20.92
C ARG R 33 43.13 57.74 -19.97
N ALA R 34 42.75 58.58 -19.01
CA ALA R 34 41.70 58.22 -18.06
C ALA R 34 40.38 57.99 -18.81
N ASN R 35 39.87 59.04 -19.44
CA ASN R 35 38.66 58.95 -20.25
C ASN R 35 38.81 59.91 -21.43
N VAL R 36 37.75 60.04 -22.21
CA VAL R 36 37.61 61.07 -23.23
C VAL R 36 36.38 61.89 -22.88
N SER R 37 36.58 63.20 -22.68
CA SER R 37 35.47 64.05 -22.30
C SER R 37 34.41 64.06 -23.39
N LYS R 38 33.14 64.18 -22.97
CA LYS R 38 32.05 64.24 -23.94
C LYS R 38 32.23 65.42 -24.88
N ALA R 39 32.83 66.51 -24.41
CA ALA R 39 33.07 67.66 -25.27
C ALA R 39 34.00 67.30 -26.43
N GLU R 40 35.06 66.55 -26.14
CA GLU R 40 36.01 66.18 -27.19
C GLU R 40 35.43 65.15 -28.14
N LEU R 41 34.55 64.26 -27.65
CA LEU R 41 33.92 63.31 -28.55
C LEU R 41 32.97 63.99 -29.53
N LYS R 42 32.29 65.05 -29.08
CA LYS R 42 31.44 65.81 -29.99
C LYS R 42 32.28 66.49 -31.07
N GLU R 43 33.43 67.04 -30.69
CA GLU R 43 34.32 67.67 -31.66
C GLU R 43 34.90 66.67 -32.66
N LYS R 44 34.92 65.38 -32.30
CA LYS R 44 35.42 64.35 -33.20
C LYS R 44 34.33 63.66 -34.00
N LEU R 45 33.13 63.54 -33.43
CA LEU R 45 32.01 62.98 -34.19
C LEU R 45 31.52 63.96 -35.25
N SER R 46 31.65 65.26 -35.01
CA SER R 46 31.26 66.24 -36.00
C SER R 46 32.13 66.17 -37.25
N ARG R 47 33.35 65.65 -37.13
CA ARG R 47 34.23 65.50 -38.27
C ARG R 47 34.09 64.15 -38.96
N MET R 48 33.79 63.09 -38.20
CA MET R 48 33.62 61.78 -38.80
C MET R 48 32.30 61.65 -39.54
N TYR R 49 31.32 62.50 -39.24
CA TYR R 49 30.03 62.49 -39.93
C TYR R 49 29.70 63.81 -40.61
N GLU R 50 30.63 64.77 -40.60
CA GLU R 50 30.45 66.04 -41.31
C GLU R 50 29.19 66.76 -40.83
N VAL R 51 29.22 67.11 -39.55
CA VAL R 51 28.13 67.83 -38.90
C VAL R 51 28.45 69.31 -38.92
N LYS R 52 27.54 70.11 -39.49
CA LYS R 52 27.79 71.55 -39.60
C LYS R 52 27.74 72.24 -38.26
N ASP R 53 26.83 71.83 -37.37
CA ASP R 53 26.69 72.42 -36.05
C ASP R 53 26.82 71.30 -35.02
N PRO R 54 27.88 71.29 -34.20
CA PRO R 54 28.05 70.19 -33.23
C PRO R 54 26.96 70.14 -32.16
N ASN R 55 26.19 71.21 -31.97
CA ASN R 55 25.16 71.21 -30.94
C ASN R 55 24.10 70.14 -31.20
N ALA R 56 23.99 69.64 -32.43
CA ALA R 56 23.08 68.55 -32.75
C ALA R 56 23.63 67.19 -32.34
N ILE R 57 24.74 67.15 -31.61
CA ILE R 57 25.38 65.92 -31.19
C ILE R 57 25.13 65.71 -29.70
N PHE R 58 24.68 64.50 -29.35
CA PHE R 58 24.42 64.15 -27.96
C PHE R 58 25.07 62.82 -27.65
N VAL R 59 25.93 62.80 -26.64
CA VAL R 59 26.63 61.60 -26.21
C VAL R 59 26.40 61.43 -24.72
N PHE R 60 26.06 60.21 -24.29
CA PHE R 60 25.63 59.98 -22.93
C PHE R 60 25.81 58.51 -22.58
N LYS R 61 25.77 58.23 -21.27
CA LYS R 61 25.84 56.87 -20.74
C LYS R 61 27.18 56.20 -21.08
N PHE R 62 28.26 56.84 -20.65
CA PHE R 62 29.60 56.33 -20.90
C PHE R 62 30.08 55.49 -19.74
N ARG R 63 30.65 54.32 -20.06
CA ARG R 63 31.14 53.38 -19.06
C ARG R 63 32.53 52.96 -19.47
N THR R 64 33.54 53.30 -18.67
CA THR R 64 34.90 52.85 -18.91
C THR R 64 35.06 51.39 -18.50
N HIS R 65 35.61 50.58 -19.40
CA HIS R 65 35.77 49.16 -19.13
C HIS R 65 36.78 48.95 -17.99
N PHE R 66 36.59 47.85 -17.27
CA PHE R 66 37.52 47.49 -16.21
C PHE R 66 38.91 47.29 -16.78
N GLY R 67 39.91 47.88 -16.12
CA GLY R 67 41.28 47.83 -16.56
C GLY R 67 41.73 49.05 -17.34
N GLY R 68 40.79 49.82 -17.88
CA GLY R 68 41.11 51.04 -18.58
C GLY R 68 41.38 50.84 -20.06
N GLY R 69 41.59 51.96 -20.74
CA GLY R 69 41.96 51.95 -22.13
C GLY R 69 40.80 51.83 -23.11
N LYS R 70 39.57 51.79 -22.64
CA LYS R 70 38.43 51.69 -23.54
C LYS R 70 37.16 52.13 -22.81
N SER R 71 36.30 52.85 -23.51
CA SER R 71 35.02 53.28 -22.98
C SER R 71 33.95 53.06 -24.03
N THR R 72 32.71 52.91 -23.56
CA THR R 72 31.56 52.70 -24.43
C THR R 72 30.45 53.66 -24.03
N GLY R 73 29.79 54.23 -25.03
CA GLY R 73 28.68 55.14 -24.78
C GLY R 73 27.64 55.06 -25.87
N PHE R 74 26.70 56.00 -25.87
CA PHE R 74 25.67 56.08 -26.89
C PHE R 74 25.64 57.49 -27.47
N GLY R 75 25.45 57.58 -28.78
CA GLY R 75 25.48 58.86 -29.46
C GLY R 75 24.24 59.09 -30.29
N LEU R 76 23.86 60.37 -30.39
CA LEU R 76 22.75 60.80 -31.22
C LEU R 76 23.20 62.00 -32.04
N ILE R 77 22.99 61.93 -33.35
CA ILE R 77 23.25 63.04 -34.26
C ILE R 77 21.91 63.48 -34.85
N TYR R 78 21.54 64.73 -34.62
CA TYR R 78 20.29 65.28 -35.13
C TYR R 78 20.55 66.08 -36.39
N ASP R 79 19.58 66.05 -37.32
CA ASP R 79 19.72 66.76 -38.57
C ASP R 79 19.95 68.25 -38.35
N SER R 80 19.34 68.81 -37.32
CA SER R 80 19.52 70.23 -37.00
C SER R 80 19.22 70.44 -35.53
N VAL R 81 19.68 71.58 -35.01
CA VAL R 81 19.42 71.92 -33.61
C VAL R 81 17.94 72.13 -33.36
N GLU R 82 17.18 72.50 -34.38
CA GLU R 82 15.74 72.69 -34.21
C GLU R 82 15.06 71.35 -33.95
N ASN R 83 15.42 70.32 -34.73
CA ASN R 83 14.86 68.99 -34.49
C ASN R 83 15.30 68.45 -33.13
N ALA R 84 16.50 68.80 -32.68
CA ALA R 84 16.96 68.34 -31.37
C ALA R 84 16.08 68.90 -30.27
N LYS R 85 15.77 70.19 -30.31
CA LYS R 85 14.95 70.81 -29.27
C LYS R 85 13.54 70.28 -29.25
N LYS R 86 13.09 69.58 -30.30
CA LYS R 86 11.75 69.00 -30.33
C LYS R 86 11.71 67.61 -29.73
N TYR R 87 12.69 66.76 -30.05
CA TYR R 87 12.69 65.37 -29.64
C TYR R 87 13.63 65.07 -28.49
N GLU R 88 14.51 66.00 -28.13
CA GLU R 88 15.49 65.69 -27.09
C GLU R 88 14.92 66.02 -25.70
N PRO R 89 15.13 65.16 -24.71
CA PRO R 89 14.68 65.49 -23.36
C PRO R 89 15.38 66.72 -22.82
N LYS R 90 14.70 67.40 -21.89
CA LYS R 90 15.18 68.70 -21.42
C LYS R 90 16.55 68.59 -20.78
N TYR R 91 16.78 67.55 -19.97
CA TYR R 91 18.04 67.47 -19.24
C TYR R 91 19.23 67.30 -20.17
N ARG R 92 19.05 66.60 -21.29
CA ARG R 92 20.13 66.47 -22.26
C ARG R 92 20.37 67.74 -23.05
N LEU R 93 19.39 68.64 -23.12
CA LEU R 93 19.62 69.93 -23.74
C LEU R 93 20.38 70.87 -22.82
N ILE R 94 20.17 70.76 -21.50
CA ILE R 94 20.91 71.59 -20.56
C ILE R 94 22.38 71.21 -20.56
N ARG R 95 22.69 69.92 -20.72
CA ARG R 95 24.09 69.48 -20.72
C ARG R 95 24.85 70.13 -21.88
N ASN R 96 24.23 70.19 -23.06
CA ASN R 96 24.86 70.79 -24.23
C ASN R 96 24.74 72.31 -24.24
N GLY R 97 24.09 72.91 -23.25
CA GLY R 97 23.95 74.36 -23.20
C GLY R 97 22.83 74.92 -24.04
N LEU R 98 21.99 74.09 -24.64
CA LEU R 98 20.90 74.54 -25.48
C LEU R 98 19.68 74.98 -24.68
N ASP R 99 19.73 74.90 -23.35
CA ASP R 99 18.62 75.32 -22.52
C ASP R 99 19.14 75.61 -21.12
N THR R 100 18.34 76.33 -20.34
CA THR R 100 18.68 76.66 -18.97
C THR R 100 17.92 75.76 -18.01
N LYS R 101 18.31 75.82 -16.74
CA LYS R 101 17.73 74.99 -15.68
C LYS R 101 16.88 75.86 -14.78
N VAL R 102 15.59 75.54 -14.69
CA VAL R 102 14.67 76.24 -13.80
C VAL R 102 14.73 75.56 -12.44
N GLU R 103 15.27 76.26 -11.45
CA GLU R 103 15.41 75.68 -10.12
C GLU R 103 14.08 75.74 -9.38
N LYS R 104 13.64 74.58 -8.88
CA LYS R 104 12.37 74.49 -8.19
C LYS R 104 12.45 73.41 -7.13
N SER R 105 11.56 73.49 -6.14
CA SER R 105 11.42 72.49 -5.10
C SER R 105 10.07 71.81 -5.27
N ARG R 106 10.09 70.51 -5.51
CA ARG R 106 8.83 69.78 -5.71
C ARG R 106 7.97 69.82 -4.45
N LYS R 107 8.58 69.67 -3.28
CA LYS R 107 7.81 69.68 -2.04
C LYS R 107 7.15 71.03 -1.81
N GLN R 108 7.83 72.12 -2.13
CA GLN R 108 7.21 73.44 -1.99
C GLN R 108 6.04 73.60 -2.94
N MET R 109 6.17 73.09 -4.17
CA MET R 109 5.07 73.15 -5.12
C MET R 109 3.85 72.39 -4.61
N LYS R 110 4.06 71.25 -3.96
CA LYS R 110 2.94 70.49 -3.42
C LYS R 110 2.22 71.26 -2.31
N GLU R 111 2.98 71.87 -1.40
CA GLU R 111 2.36 72.62 -0.31
C GLU R 111 1.64 73.85 -0.82
N ARG R 112 2.13 74.47 -1.89
CA ARG R 112 1.40 75.58 -2.50
C ARG R 112 0.10 75.10 -3.12
N LYS R 113 0.12 73.92 -3.76
CA LYS R 113 -1.09 73.37 -4.35
C LYS R 113 -2.17 73.14 -3.29
N ASN R 114 -1.79 72.58 -2.14
CA ASN R 114 -2.76 72.29 -1.09
C ASN R 114 -3.25 73.56 -0.41
N ARG R 115 -2.40 74.57 -0.29
CA ARG R 115 -2.85 75.85 0.25
C ARG R 115 -3.78 76.59 -0.71
N ALA R 116 -3.56 76.43 -2.02
CA ALA R 116 -4.31 77.20 -3.00
C ALA R 116 -5.72 76.67 -3.24
N LYS R 117 -6.00 75.43 -2.87
CA LYS R 117 -7.31 74.85 -3.12
C LYS R 117 -8.28 75.03 -1.96
N LYS R 118 -7.87 75.77 -0.92
CA LYS R 118 -8.79 76.20 0.13
C LYS R 118 -9.41 77.56 -0.18
N VAL R 119 -9.04 78.18 -1.29
CA VAL R 119 -9.53 79.50 -1.66
C VAL R 119 -10.15 79.40 -3.05
N ARG R 120 -11.18 80.22 -3.28
CA ARG R 120 -11.94 80.20 -4.52
C ARG R 120 -11.78 81.53 -5.24
N GLY R 121 -11.71 81.46 -6.56
CA GLY R 121 -11.65 82.66 -7.38
C GLY R 121 -10.23 83.12 -7.65
N VAL R 122 -10.12 84.41 -7.97
CA VAL R 122 -8.84 85.00 -8.32
C VAL R 122 -7.89 85.08 -7.13
N LYS R 123 -8.40 84.92 -5.91
CA LYS R 123 -7.56 84.96 -4.72
C LYS R 123 -6.69 83.71 -4.59
N LYS R 124 -6.93 82.67 -5.38
CA LYS R 124 -6.12 81.46 -5.28
C LYS R 124 -4.63 81.77 -5.43
N THR R 125 -4.29 82.63 -6.39
CA THR R 125 -2.88 82.96 -6.63
C THR R 125 -2.31 83.81 -5.51
N LYS R 126 -3.07 84.79 -5.03
CA LYS R 126 -2.56 85.71 -4.01
C LYS R 126 -2.38 85.05 -2.65
N ALA R 127 -2.87 83.82 -2.47
CA ALA R 127 -2.72 83.11 -1.19
C ALA R 127 -1.24 82.83 -0.96
N GLY R 128 -0.65 83.53 0.00
CA GLY R 128 0.76 83.38 0.31
C GLY R 128 1.08 82.02 0.89
N VAL S 2 11.28 -41.58 0.90
CA VAL S 2 12.20 -41.33 -0.24
C VAL S 2 12.61 -39.86 -0.26
N LEU S 3 13.86 -39.61 -0.61
CA LEU S 3 14.35 -38.24 -0.69
C LEU S 3 13.67 -37.51 -1.85
N PRO S 4 13.54 -36.18 -1.76
CA PRO S 4 12.89 -35.45 -2.86
C PRO S 4 13.55 -35.66 -4.21
N ASN S 5 14.88 -35.76 -4.25
CA ASN S 5 15.60 -35.87 -5.51
C ASN S 5 15.71 -37.31 -6.01
N ASP S 6 15.29 -38.29 -5.21
CA ASP S 6 15.23 -39.68 -5.65
C ASP S 6 13.83 -40.08 -6.11
N VAL S 7 13.00 -39.11 -6.47
CA VAL S 7 11.63 -39.38 -6.89
C VAL S 7 11.27 -38.39 -7.99
N ASP S 8 10.41 -38.83 -8.90
CA ASP S 8 9.90 -37.99 -9.97
C ASP S 8 8.44 -37.67 -9.68
N LEU S 9 8.13 -36.37 -9.58
CA LEU S 9 6.79 -35.96 -9.20
C LEU S 9 5.76 -36.30 -10.27
N LEU S 10 6.19 -36.39 -11.53
CA LEU S 10 5.26 -36.64 -12.61
C LEU S 10 4.97 -38.12 -12.80
N ASN S 11 5.90 -39.00 -12.43
CA ASN S 11 5.75 -40.44 -12.60
C ASN S 11 6.06 -41.14 -11.29
N PRO S 12 5.22 -40.94 -10.27
CA PRO S 12 5.44 -41.63 -9.00
C PRO S 12 5.13 -43.09 -9.13
N PRO S 13 5.74 -43.95 -8.30
CA PRO S 13 5.40 -45.38 -8.34
C PRO S 13 3.92 -45.61 -8.06
N ALA S 14 3.35 -46.60 -8.75
CA ALA S 14 1.94 -46.90 -8.58
C ALA S 14 1.61 -47.33 -7.16
N GLU S 15 2.59 -47.87 -6.42
CA GLU S 15 2.38 -48.24 -5.03
C GLU S 15 2.39 -47.03 -4.10
N HIS S 16 3.20 -46.01 -4.41
CA HIS S 16 3.22 -44.82 -3.58
C HIS S 16 1.91 -44.06 -3.66
N GLU S 17 1.42 -43.82 -4.89
CA GLU S 17 0.14 -43.14 -5.04
C GLU S 17 -1.01 -43.94 -4.46
N LYS S 18 -0.85 -45.27 -4.36
CA LYS S 18 -1.90 -46.10 -3.78
C LYS S 18 -2.14 -45.74 -2.33
N LYS S 19 -1.08 -45.51 -1.55
CA LYS S 19 -1.22 -45.25 -0.12
C LYS S 19 -1.37 -43.77 0.21
N LYS S 20 -1.21 -42.89 -0.77
CA LYS S 20 -1.43 -41.48 -0.51
C LYS S 20 -2.92 -41.19 -0.31
N HIS S 21 -3.20 -40.08 0.36
CA HIS S 21 -4.58 -39.66 0.55
C HIS S 21 -5.22 -39.40 -0.82
N LYS S 22 -6.51 -39.74 -0.92
CA LYS S 22 -7.18 -39.67 -2.21
C LYS S 22 -7.13 -38.26 -2.81
N LEU S 23 -7.09 -37.24 -1.96
CA LEU S 23 -7.06 -35.87 -2.43
C LEU S 23 -5.65 -35.34 -2.67
N LYS S 24 -4.62 -36.04 -2.19
CA LYS S 24 -3.25 -35.57 -2.30
C LYS S 24 -2.47 -36.24 -3.43
N ARG S 25 -3.11 -37.13 -4.19
CA ARG S 25 -2.45 -37.71 -5.35
C ARG S 25 -2.32 -36.68 -6.46
N LEU S 26 -1.41 -36.95 -7.40
CA LEU S 26 -1.19 -36.03 -8.49
C LEU S 26 -2.49 -35.72 -9.23
N VAL S 27 -3.38 -36.70 -9.32
CA VAL S 27 -4.75 -36.49 -9.78
C VAL S 27 -5.68 -37.17 -8.78
N GLN S 28 -6.64 -36.41 -8.26
CA GLN S 28 -7.55 -36.97 -7.27
C GLN S 28 -8.28 -38.18 -7.84
N SER S 29 -8.38 -39.22 -7.01
CA SER S 29 -9.06 -40.45 -7.40
C SER S 29 -9.79 -41.00 -6.19
N PRO S 30 -11.04 -41.45 -6.36
CA PRO S 30 -11.76 -42.04 -5.23
C PRO S 30 -11.27 -43.45 -4.91
N ASN S 31 -11.37 -43.81 -3.63
CA ASN S 31 -11.06 -45.15 -3.18
C ASN S 31 -12.26 -46.08 -3.22
N SER S 32 -13.44 -45.57 -3.53
CA SER S 32 -14.67 -46.36 -3.53
C SER S 32 -14.85 -47.05 -4.89
N PHE S 33 -15.91 -47.84 -4.99
CA PHE S 33 -16.21 -48.60 -6.20
C PHE S 33 -17.58 -49.22 -6.04
N PHE S 34 -18.11 -49.73 -7.15
CA PHE S 34 -19.38 -50.45 -7.17
C PHE S 34 -19.14 -51.93 -7.38
N MET S 35 -20.13 -52.74 -7.01
CA MET S 35 -20.02 -54.18 -7.12
C MET S 35 -21.40 -54.77 -7.34
N ASP S 36 -21.43 -55.95 -7.95
CA ASP S 36 -22.66 -56.69 -8.17
C ASP S 36 -22.89 -57.68 -7.04
N VAL S 37 -24.09 -58.24 -7.01
CA VAL S 37 -24.46 -59.21 -5.99
C VAL S 37 -25.49 -60.19 -6.55
N THR S 46 -28.13 -55.59 -9.78
CA THR S 46 -28.16 -55.06 -8.42
C THR S 46 -26.78 -54.58 -7.99
N THR S 47 -26.46 -53.33 -8.30
CA THR S 47 -25.19 -52.73 -7.93
C THR S 47 -25.26 -52.19 -6.50
N VAL S 48 -24.13 -52.24 -5.82
CA VAL S 48 -24.02 -51.77 -4.45
C VAL S 48 -22.76 -50.92 -4.32
N PHE S 49 -22.89 -49.77 -3.68
CA PHE S 49 -21.74 -48.90 -3.45
C PHE S 49 -20.92 -49.44 -2.29
N SER S 50 -19.59 -49.46 -2.46
CA SER S 50 -18.73 -50.04 -1.44
C SER S 50 -18.88 -49.33 -0.11
N HIS S 51 -19.14 -48.02 -0.13
CA HIS S 51 -19.32 -47.24 1.09
C HIS S 51 -20.76 -46.82 1.25
N SER S 52 -21.68 -47.73 0.95
CA SER S 52 -23.10 -47.41 0.97
C SER S 52 -23.53 -46.92 2.35
N GLN S 53 -24.29 -45.83 2.37
CA GLN S 53 -24.89 -45.31 3.59
C GLN S 53 -26.28 -45.88 3.86
N THR S 54 -26.80 -46.71 2.96
CA THR S 54 -28.13 -47.26 3.06
C THR S 54 -28.06 -48.75 3.36
N VAL S 55 -29.10 -49.26 4.02
CA VAL S 55 -29.21 -50.68 4.33
C VAL S 55 -29.83 -51.37 3.11
N VAL S 56 -29.06 -52.23 2.46
CA VAL S 56 -29.52 -52.93 1.27
C VAL S 56 -30.01 -54.32 1.66
N VAL S 64 -30.77 -58.42 4.09
CA VAL S 64 -29.72 -57.50 4.48
C VAL S 64 -28.42 -57.88 3.78
N LEU S 65 -28.13 -57.21 2.67
CA LEU S 65 -26.91 -57.49 1.91
C LEU S 65 -25.71 -56.70 2.43
N CYS S 66 -25.90 -55.41 2.74
CA CYS S 66 -24.82 -54.59 3.24
C CYS S 66 -25.33 -53.77 4.43
N GLN S 67 -24.48 -53.64 5.45
CA GLN S 67 -24.78 -52.83 6.63
C GLN S 67 -23.89 -51.61 6.63
N PRO S 68 -24.43 -50.39 6.53
CA PRO S 68 -23.56 -49.21 6.50
C PRO S 68 -22.77 -49.06 7.79
N THR S 69 -21.55 -48.55 7.65
CA THR S 69 -20.66 -48.33 8.78
C THR S 69 -20.00 -46.96 8.60
N GLY S 70 -18.98 -46.68 9.40
CA GLY S 70 -18.23 -45.45 9.25
C GLY S 70 -17.34 -45.42 8.03
N GLY S 71 -17.12 -46.57 7.40
CA GLY S 71 -16.34 -46.65 6.17
C GLY S 71 -17.04 -47.51 5.14
N ARG S 72 -16.36 -48.53 4.65
CA ARG S 72 -16.99 -49.49 3.76
C ARG S 72 -18.15 -50.18 4.45
N ALA S 73 -19.23 -50.38 3.71
CA ALA S 73 -20.39 -51.07 4.25
C ALA S 73 -20.04 -52.54 4.52
N ARG S 74 -20.52 -53.05 5.65
CA ARG S 74 -20.25 -54.44 6.03
C ARG S 74 -21.12 -55.35 5.17
N LEU S 75 -20.49 -56.15 4.32
CA LEU S 75 -21.20 -57.09 3.47
C LEU S 75 -21.52 -58.37 4.24
N ILE S 76 -22.40 -59.17 3.66
CA ILE S 76 -22.84 -60.43 4.27
C ILE S 76 -21.94 -61.55 3.77
N GLU S 77 -21.64 -62.49 4.66
CA GLU S 77 -20.80 -63.62 4.27
C GLU S 77 -21.47 -64.49 3.21
N GLY S 78 -22.78 -64.66 3.29
CA GLY S 78 -23.49 -65.56 2.41
C GLY S 78 -23.29 -65.28 0.94
N CYS S 79 -23.79 -64.14 0.47
CA CYS S 79 -23.69 -63.81 -0.94
C CYS S 79 -22.26 -63.44 -1.32
N SER S 80 -21.94 -63.64 -2.60
CA SER S 80 -20.64 -63.28 -3.16
C SER S 80 -20.80 -62.07 -4.06
N PHE S 81 -19.89 -61.10 -3.90
CA PHE S 81 -19.94 -59.85 -4.63
C PHE S 81 -18.80 -59.79 -5.64
N ARG S 82 -19.08 -59.20 -6.79
CA ARG S 82 -18.11 -59.05 -7.87
C ARG S 82 -17.87 -57.57 -8.11
N ARG S 83 -16.61 -57.14 -7.99
CA ARG S 83 -16.28 -55.75 -8.26
C ARG S 83 -16.40 -55.47 -9.75
N LYS S 84 -16.71 -54.21 -10.07
CA LYS S 84 -16.90 -53.80 -11.45
C LYS S 84 -16.32 -52.40 -11.69
N GLY T 6 22.02 29.92 49.24
CA GLY T 6 23.32 29.83 49.88
C GLY T 6 24.02 31.17 49.96
N SER T 7 25.16 31.21 50.66
CA SER T 7 25.91 32.44 50.81
C SER T 7 26.35 32.96 49.45
N LEU T 8 26.07 34.24 49.20
CA LEU T 8 26.44 34.89 47.95
C LEU T 8 27.64 35.81 48.11
N ALA T 9 28.31 35.78 49.26
CA ALA T 9 29.42 36.68 49.53
C ALA T 9 30.70 36.28 48.81
N ARG T 10 30.83 35.02 48.40
CA ARG T 10 32.04 34.51 47.79
C ARG T 10 32.02 34.60 46.26
N ALA T 11 30.97 35.17 45.68
CA ALA T 11 30.92 35.31 44.23
C ALA T 11 32.08 36.15 43.74
N GLY T 12 32.79 35.65 42.72
CA GLY T 12 33.97 36.32 42.23
C GLY T 12 35.22 36.09 43.04
N LYS T 13 35.22 35.09 43.92
CA LYS T 13 36.35 34.85 44.81
C LYS T 13 37.63 34.58 44.06
N VAL T 14 37.67 33.49 43.28
CA VAL T 14 38.92 33.05 42.68
C VAL T 14 39.41 34.07 41.65
N ARG T 15 38.51 34.59 40.83
CA ARG T 15 38.95 35.51 39.78
C ARG T 15 39.58 36.76 40.38
N GLY T 16 39.16 37.16 41.57
CA GLY T 16 39.80 38.28 42.25
C GLY T 16 41.12 37.94 42.89
N GLN T 17 41.30 36.67 43.30
CA GLN T 17 42.54 36.24 43.92
C GLN T 17 43.67 36.09 42.90
N THR T 18 43.34 35.72 41.66
CA THR T 18 44.35 35.43 40.66
C THR T 18 45.24 36.64 40.43
N PRO T 19 46.56 36.51 40.56
CA PRO T 19 47.43 37.66 40.29
C PRO T 19 47.45 38.03 38.81
N LYS T 20 47.34 39.33 38.55
CA LYS T 20 47.31 39.81 37.17
C LYS T 20 48.67 39.62 36.51
N VAL T 21 48.63 39.23 35.24
CA VAL T 21 49.83 39.03 34.44
C VAL T 21 49.56 39.58 33.05
N ALA T 22 50.25 40.65 32.69
CA ALA T 22 50.03 41.27 31.39
C ALA T 22 50.49 40.36 30.26
N LYS T 23 49.80 40.45 29.13
CA LYS T 23 50.18 39.69 27.95
C LYS T 23 51.44 40.27 27.33
N GLN T 24 52.25 39.39 26.75
CA GLN T 24 53.51 39.80 26.12
C GLN T 24 53.26 40.10 24.66
N ASP T 25 53.50 41.35 24.26
CA ASP T 25 53.33 41.74 22.86
C ASP T 25 54.41 41.06 22.01
N LYS T 26 53.98 40.44 20.92
CA LYS T 26 54.87 39.75 20.01
C LYS T 26 54.48 40.08 18.57
N LYS T 27 55.37 39.73 17.64
CA LYS T 27 55.10 39.96 16.23
C LYS T 27 53.89 39.18 15.79
N LYS T 28 52.99 39.83 15.06
CA LYS T 28 51.78 39.18 14.60
C LYS T 28 52.11 38.13 13.54
N LYS T 29 51.17 37.23 13.34
CA LYS T 29 51.29 36.21 12.31
C LYS T 29 50.70 36.72 11.00
N PRO T 30 51.09 36.13 9.86
CA PRO T 30 50.47 36.50 8.60
C PRO T 30 48.98 36.15 8.60
N ARG T 31 48.24 36.82 7.72
CA ARG T 31 46.80 36.65 7.62
C ARG T 31 46.44 36.02 6.28
N GLY T 32 45.33 35.29 6.28
CA GLY T 32 44.78 34.80 5.02
C GLY T 32 45.68 33.76 4.37
N ARG T 33 45.95 33.97 3.08
CA ARG T 33 46.70 32.99 2.30
C ARG T 33 48.09 32.75 2.91
N ALA T 34 48.75 33.82 3.37
CA ALA T 34 50.08 33.66 3.95
C ALA T 34 50.04 32.76 5.16
N HIS T 35 49.00 32.87 5.99
CA HIS T 35 48.89 32.02 7.17
C HIS T 35 48.79 30.56 6.78
N LYS T 36 47.98 30.25 5.75
CA LYS T 36 47.87 28.88 5.28
C LYS T 36 49.15 28.39 4.63
N ARG T 37 50.05 29.31 4.26
CA ARG T 37 51.32 28.91 3.67
C ARG T 37 52.27 28.37 4.74
N MET T 38 52.47 29.14 5.82
CA MET T 38 53.30 28.65 6.91
C MET T 38 52.68 27.43 7.58
N GLN T 39 51.36 27.43 7.73
CA GLN T 39 50.68 26.27 8.28
C GLN T 39 50.87 25.03 7.41
N TYR T 40 51.11 25.22 6.11
CA TYR T 40 51.34 24.11 5.20
C TYR T 40 52.79 23.65 5.19
N ASN T 41 53.74 24.58 5.35
CA ASN T 41 55.14 24.20 5.41
C ASN T 41 55.49 23.51 6.71
N ARG T 42 54.79 23.86 7.79
CA ARG T 42 55.08 23.33 9.12
C ARG T 42 54.45 21.97 9.36
N ARG T 43 53.68 21.44 8.42
CA ARG T 43 53.03 20.14 8.57
C ARG T 43 53.32 19.16 7.45
N PHE T 44 53.81 19.61 6.29
CA PHE T 44 54.07 18.73 5.17
C PHE T 44 55.51 18.87 4.68
N VAL T 45 56.06 20.08 4.77
CA VAL T 45 57.39 20.33 4.24
C VAL T 45 58.47 20.15 5.30
N THR T 46 58.13 20.31 6.57
CA THR T 46 59.10 20.12 7.64
C THR T 46 58.48 19.27 8.76
N ARG T 55 54.71 13.05 18.40
CA ARG T 55 54.56 14.34 19.07
C ARG T 55 53.50 15.18 18.37
N GLY T 56 52.61 15.77 19.16
CA GLY T 56 51.58 16.64 18.63
C GLY T 56 52.10 18.04 18.38
N PRO T 57 51.23 18.87 17.80
CA PRO T 57 51.65 20.26 17.51
C PRO T 57 52.06 21.03 18.76
N ASN T 58 51.47 20.72 19.91
CA ASN T 58 51.70 21.48 21.13
C ASN T 58 52.29 20.60 22.23
N SER T 59 53.07 19.60 21.86
CA SER T 59 53.68 18.73 22.85
C SER T 59 54.67 19.51 23.70
N SER T 60 54.79 19.11 24.97
CA SER T 60 55.70 19.76 25.91
C SER T 60 57.09 19.12 25.84
N GLU T 61 57.65 19.12 24.65
CA GLU T 61 58.97 18.54 24.42
C GLU T 61 60.05 19.47 24.97
N VAL U 2 -7.43 -17.54 3.90
CA VAL U 2 -7.73 -18.30 2.65
C VAL U 2 -6.66 -17.99 1.60
N ARG U 3 -6.68 -18.77 0.51
CA ARG U 3 -5.80 -18.49 -0.62
C ARG U 3 -6.17 -17.15 -1.26
N VAL U 4 -5.27 -16.18 -1.16
CA VAL U 4 -5.49 -14.86 -1.73
C VAL U 4 -4.76 -14.69 -3.06
N SER U 5 -3.47 -15.01 -3.08
CA SER U 5 -2.62 -14.86 -4.27
C SER U 5 -2.01 -16.20 -4.63
N VAL U 6 -2.54 -16.85 -5.66
CA VAL U 6 -1.97 -18.12 -6.10
C VAL U 6 -0.57 -17.90 -6.65
N LEU U 7 -0.30 -16.72 -7.22
CA LEU U 7 1.03 -16.43 -7.71
C LEU U 7 2.05 -16.41 -6.58
N ASN U 8 1.69 -15.84 -5.43
CA ASN U 8 2.61 -15.81 -4.30
C ASN U 8 2.94 -17.21 -3.82
N ASP U 9 1.93 -18.08 -3.74
CA ASP U 9 2.19 -19.46 -3.32
C ASP U 9 3.12 -20.16 -4.32
N ALA U 10 2.89 -19.94 -5.61
CA ALA U 10 3.72 -20.59 -6.63
C ALA U 10 5.16 -20.10 -6.54
N LEU U 11 5.36 -18.79 -6.45
CA LEU U 11 6.73 -18.26 -6.40
C LEU U 11 7.40 -18.55 -5.07
N LYS U 12 6.64 -18.53 -3.97
CA LYS U 12 7.22 -18.85 -2.67
C LYS U 12 7.63 -20.31 -2.61
N SER U 13 6.83 -21.21 -3.19
CA SER U 13 7.20 -22.62 -3.23
C SER U 13 8.48 -22.84 -4.02
N MET U 14 8.60 -22.18 -5.18
CA MET U 14 9.81 -22.33 -5.98
C MET U 14 11.02 -21.79 -5.25
N TYR U 15 10.89 -20.63 -4.60
CA TYR U 15 12.02 -20.03 -3.91
C TYR U 15 12.50 -20.92 -2.77
N ASN U 16 11.57 -21.48 -1.99
CA ASN U 16 11.96 -22.39 -0.92
C ASN U 16 12.61 -23.65 -1.47
N ALA U 17 12.03 -24.21 -2.55
CA ALA U 17 12.60 -25.42 -3.14
C ALA U 17 14.00 -25.15 -3.68
N GLU U 18 14.20 -24.00 -4.33
CA GLU U 18 15.50 -23.68 -4.87
C GLU U 18 16.56 -23.56 -3.79
N LYS U 19 16.22 -22.94 -2.66
CA LYS U 19 17.20 -22.78 -1.59
C LYS U 19 17.56 -24.12 -0.96
N ALA U 20 16.61 -25.05 -0.89
CA ALA U 20 16.88 -26.39 -0.38
C ALA U 20 17.62 -27.26 -1.39
N GLY U 21 17.83 -26.77 -2.62
CA GLY U 21 18.55 -27.54 -3.61
C GLY U 21 17.75 -28.65 -4.25
N LYS U 22 16.43 -28.49 -4.34
CA LYS U 22 15.60 -29.46 -5.02
C LYS U 22 15.69 -29.29 -6.53
N ALA U 23 15.47 -30.39 -7.24
CA ALA U 23 15.45 -30.36 -8.70
C ALA U 23 14.07 -30.10 -9.26
N GLN U 24 13.03 -30.59 -8.60
CA GLN U 24 11.65 -30.37 -9.00
C GLN U 24 10.87 -29.72 -7.88
N VAL U 25 9.70 -29.21 -8.22
CA VAL U 25 8.78 -28.61 -7.25
C VAL U 25 7.40 -28.56 -7.87
N GLU U 26 6.37 -28.82 -7.07
CA GLU U 26 4.99 -28.82 -7.53
C GLU U 26 4.30 -27.53 -7.11
N LEU U 27 3.57 -26.93 -8.04
CA LEU U 27 2.79 -25.73 -7.80
C LEU U 27 1.32 -26.07 -7.95
N ARG U 28 0.53 -25.77 -6.92
CA ARG U 28 -0.90 -26.02 -6.93
C ARG U 28 -1.57 -24.90 -6.13
N PRO U 29 -2.63 -24.28 -6.65
CA PRO U 29 -3.24 -24.48 -7.97
C PRO U 29 -2.44 -23.83 -9.09
N SER U 30 -2.84 -24.10 -10.34
CA SER U 30 -2.25 -23.48 -11.51
C SER U 30 -3.17 -22.37 -12.01
N SER U 31 -2.56 -21.40 -12.71
CA SER U 31 -3.32 -20.34 -13.35
C SER U 31 -2.56 -19.87 -14.57
N LYS U 32 -3.28 -19.23 -15.49
CA LYS U 32 -2.63 -18.69 -16.68
C LYS U 32 -1.68 -17.55 -16.35
N VAL U 33 -1.87 -16.88 -15.20
CA VAL U 33 -0.91 -15.89 -14.77
C VAL U 33 0.39 -16.55 -14.34
N ILE U 34 0.29 -17.67 -13.60
CA ILE U 34 1.48 -18.39 -13.19
C ILE U 34 2.24 -18.92 -14.40
N ILE U 35 1.51 -19.49 -15.37
CA ILE U 35 2.16 -20.07 -16.54
C ILE U 35 2.89 -18.99 -17.33
N LYS U 36 2.27 -17.83 -17.50
CA LYS U 36 2.92 -16.75 -18.23
C LYS U 36 4.08 -16.16 -17.45
N PHE U 37 4.01 -16.16 -16.12
CA PHE U 37 5.15 -15.73 -15.32
C PHE U 37 6.32 -16.69 -15.46
N LEU U 38 6.04 -17.99 -15.48
CA LEU U 38 7.11 -18.98 -15.66
C LEU U 38 7.77 -18.84 -17.02
N ILE U 39 6.97 -18.59 -18.06
CA ILE U 39 7.52 -18.48 -19.42
C ILE U 39 8.52 -17.35 -19.49
N VAL U 40 8.26 -16.24 -18.81
CA VAL U 40 9.23 -15.14 -18.78
C VAL U 40 10.51 -15.59 -18.11
N MET U 41 10.41 -16.33 -17.00
CA MET U 41 11.60 -16.87 -16.36
C MET U 41 12.31 -17.88 -17.25
N GLN U 42 11.54 -18.71 -17.96
CA GLN U 42 12.13 -19.75 -18.80
C GLN U 42 12.90 -19.14 -19.96
N LYS U 43 12.37 -18.08 -20.58
CA LYS U 43 13.02 -17.48 -21.73
C LYS U 43 14.38 -16.89 -21.36
N HIS U 44 14.54 -16.41 -20.13
CA HIS U 44 15.80 -15.87 -19.66
C HIS U 44 16.69 -16.92 -19.00
N GLY U 45 16.32 -18.19 -19.10
CA GLY U 45 17.15 -19.26 -18.58
C GLY U 45 17.27 -19.28 -17.08
N TYR U 46 16.17 -19.05 -16.35
CA TYR U 46 16.17 -19.15 -14.90
C TYR U 46 15.49 -20.40 -14.38
N ILE U 47 14.67 -21.06 -15.21
CA ILE U 47 14.11 -22.36 -14.89
C ILE U 47 14.24 -23.25 -16.12
N GLY U 48 14.08 -24.55 -15.92
CA GLY U 48 14.15 -25.49 -17.01
C GLY U 48 12.80 -25.75 -17.64
N ASP U 49 12.46 -27.01 -17.80
CA ASP U 49 11.19 -27.41 -18.38
C ASP U 49 10.16 -27.60 -17.27
N PHE U 50 8.98 -27.00 -17.44
CA PHE U 50 7.88 -27.21 -16.52
C PHE U 50 6.70 -27.82 -17.27
N GLN U 51 5.92 -28.61 -16.54
CA GLN U 51 4.87 -29.43 -17.13
C GLN U 51 3.57 -29.20 -16.39
N TYR U 52 2.49 -28.96 -17.13
CA TYR U 52 1.18 -28.74 -16.56
C TYR U 52 0.40 -30.06 -16.54
N VAL U 53 -0.13 -30.41 -15.38
CA VAL U 53 -0.92 -31.63 -15.21
C VAL U 53 -2.38 -31.23 -15.12
N ASP U 54 -3.22 -31.86 -15.95
CA ASP U 54 -4.64 -31.60 -15.94
C ASP U 54 -5.33 -32.53 -14.94
N ASP U 55 -6.06 -31.95 -13.99
CA ASP U 55 -6.78 -32.71 -12.98
C ASP U 55 -8.27 -32.39 -12.98
N HIS U 56 -8.76 -31.71 -14.02
CA HIS U 56 -10.17 -31.36 -14.17
C HIS U 56 -10.65 -30.34 -13.15
N ARG U 57 -9.77 -29.84 -12.27
CA ARG U 57 -10.21 -28.83 -11.32
C ARG U 57 -9.52 -27.49 -11.53
N VAL U 58 -8.21 -27.46 -11.30
CA VAL U 58 -7.41 -26.26 -11.57
C VAL U 58 -6.07 -26.58 -12.21
N GLY U 59 -5.63 -27.84 -12.17
CA GLY U 59 -4.35 -28.24 -12.71
C GLY U 59 -3.22 -28.06 -11.71
N LYS U 60 -2.08 -28.65 -12.05
CA LYS U 60 -0.87 -28.56 -11.25
C LYS U 60 0.31 -28.40 -12.18
N ILE U 61 1.38 -27.81 -11.67
CA ILE U 61 2.59 -27.56 -12.45
C ILE U 61 3.78 -28.14 -11.70
N VAL U 62 4.61 -28.90 -12.40
CA VAL U 62 5.89 -29.37 -11.88
C VAL U 62 6.97 -28.63 -12.65
N VAL U 63 7.83 -27.93 -11.91
CA VAL U 63 8.86 -27.08 -12.49
C VAL U 63 10.22 -27.70 -12.23
N GLU U 64 11.03 -27.82 -13.28
CA GLU U 64 12.41 -28.28 -13.16
C GLU U 64 13.30 -27.08 -12.83
N LEU U 65 14.08 -27.20 -11.77
CA LEU U 65 14.98 -26.15 -11.34
C LEU U 65 16.41 -26.46 -11.78
N ASN U 66 17.19 -25.42 -12.05
CA ASN U 66 18.54 -25.58 -12.55
C ASN U 66 19.58 -24.85 -11.70
N GLY U 67 19.20 -24.33 -10.54
CA GLY U 67 20.15 -23.72 -9.63
C GLY U 67 20.59 -22.32 -9.99
N ARG U 68 19.94 -21.67 -10.96
CA ARG U 68 20.30 -20.32 -11.36
C ARG U 68 19.45 -19.24 -10.69
N LEU U 69 18.37 -19.62 -10.02
CA LEU U 69 17.40 -18.67 -9.48
C LEU U 69 17.81 -18.29 -8.06
N ASN U 70 18.15 -17.01 -7.88
CA ASN U 70 18.48 -16.53 -6.54
C ASN U 70 17.22 -16.29 -5.72
N LYS U 71 16.29 -15.49 -6.26
CA LYS U 71 15.03 -15.24 -5.57
C LYS U 71 13.97 -14.88 -6.60
N CYS U 72 12.72 -15.20 -6.25
CA CYS U 72 11.57 -14.80 -7.05
C CYS U 72 10.41 -14.56 -6.10
N GLY U 73 9.77 -13.40 -6.23
CA GLY U 73 8.67 -13.06 -5.35
C GLY U 73 7.69 -12.13 -6.03
N VAL U 74 6.47 -12.08 -5.47
CA VAL U 74 5.44 -11.19 -5.96
C VAL U 74 5.62 -9.82 -5.34
N ILE U 75 4.96 -8.81 -5.92
CA ILE U 75 4.79 -7.51 -5.30
C ILE U 75 3.28 -7.34 -5.09
N SER U 76 2.88 -7.20 -3.83
CA SER U 76 1.47 -7.05 -3.48
C SER U 76 1.32 -5.83 -2.60
N PRO U 77 0.36 -4.93 -2.89
CA PRO U 77 -0.60 -4.99 -4.00
C PRO U 77 0.05 -4.70 -5.34
N ARG U 78 -0.68 -4.93 -6.43
CA ARG U 78 -0.16 -4.74 -7.79
C ARG U 78 -0.26 -3.27 -8.14
N PHE U 79 0.78 -2.52 -7.81
CA PHE U 79 0.81 -1.09 -8.07
C PHE U 79 0.87 -0.82 -9.58
N ASP U 80 0.30 0.32 -9.98
CA ASP U 80 0.42 0.78 -11.35
C ASP U 80 1.83 1.30 -11.61
N VAL U 81 2.36 1.00 -12.79
CA VAL U 81 3.71 1.41 -13.16
C VAL U 81 3.66 1.92 -14.59
N GLY U 82 3.80 3.23 -14.77
CA GLY U 82 4.03 3.78 -16.08
C GLY U 82 5.46 3.59 -16.54
N VAL U 83 5.69 3.84 -17.83
CA VAL U 83 7.01 3.62 -18.39
C VAL U 83 8.05 4.48 -17.68
N ALA U 84 7.69 5.71 -17.32
CA ALA U 84 8.65 6.61 -16.68
C ALA U 84 9.02 6.18 -15.27
N THR U 85 8.18 5.38 -14.61
CA THR U 85 8.44 4.95 -13.24
C THR U 85 9.06 3.56 -13.16
N ILE U 86 9.36 2.93 -14.30
CA ILE U 86 10.01 1.63 -14.27
C ILE U 86 11.41 1.74 -13.68
N GLU U 87 12.11 2.85 -13.96
CA GLU U 87 13.47 3.00 -13.48
C GLU U 87 13.53 2.98 -11.95
N GLY U 88 12.59 3.65 -11.31
CA GLY U 88 12.57 3.66 -9.85
C GLY U 88 12.32 2.29 -9.25
N TRP U 89 11.45 1.50 -9.87
CA TRP U 89 11.16 0.17 -9.35
C TRP U 89 12.37 -0.76 -9.49
N THR U 90 13.10 -0.67 -10.60
CA THR U 90 14.29 -1.50 -10.77
C THR U 90 15.36 -1.13 -9.75
N ALA U 91 15.51 0.16 -9.45
CA ALA U 91 16.48 0.57 -8.44
C ALA U 91 16.13 0.05 -7.06
N ARG U 92 14.88 -0.34 -6.84
CA ARG U 92 14.44 -0.82 -5.54
C ARG U 92 14.49 -2.34 -5.42
N LEU U 93 14.07 -3.07 -6.45
CA LEU U 93 13.86 -4.50 -6.33
C LEU U 93 14.99 -5.36 -6.88
N LEU U 94 15.89 -4.79 -7.70
CA LEU U 94 16.84 -5.63 -8.40
C LEU U 94 18.25 -5.46 -7.85
N PRO U 95 19.07 -6.52 -7.91
CA PRO U 95 20.43 -6.42 -7.33
C PRO U 95 21.29 -5.35 -7.97
N SER U 96 21.16 -5.14 -9.28
CA SER U 96 21.99 -4.17 -9.97
C SER U 96 21.30 -3.74 -11.26
N ARG U 97 21.95 -2.85 -12.00
CA ARG U 97 21.44 -2.37 -13.28
C ARG U 97 21.87 -3.25 -14.44
N GLN U 98 22.20 -4.51 -14.18
CA GLN U 98 22.75 -5.39 -15.22
C GLN U 98 22.05 -6.73 -15.32
N PHE U 99 21.32 -7.17 -14.30
CA PHE U 99 20.57 -8.41 -14.39
C PHE U 99 19.41 -8.35 -13.41
N GLY U 100 18.45 -9.26 -13.61
CA GLY U 100 17.23 -9.25 -12.82
C GLY U 100 16.09 -8.58 -13.57
N TYR U 101 14.90 -9.17 -13.49
CA TYR U 101 13.75 -8.71 -14.25
C TYR U 101 12.55 -8.50 -13.35
N ILE U 102 11.83 -7.41 -13.58
CA ILE U 102 10.54 -7.16 -12.96
C ILE U 102 9.46 -7.53 -13.97
N VAL U 103 8.53 -8.37 -13.56
CA VAL U 103 7.47 -8.84 -14.45
C VAL U 103 6.26 -7.93 -14.29
N LEU U 104 5.78 -7.41 -15.41
CA LEU U 104 4.61 -6.53 -15.43
C LEU U 104 3.49 -7.20 -16.20
N THR U 105 2.26 -6.87 -15.83
CA THR U 105 1.08 -7.20 -16.61
C THR U 105 0.62 -5.91 -17.29
N THR U 106 0.75 -5.87 -18.60
CA THR U 106 0.36 -4.73 -19.41
C THR U 106 -0.78 -5.13 -20.33
N SER U 107 -1.40 -4.13 -20.97
CA SER U 107 -2.45 -4.43 -21.93
C SER U 107 -1.93 -5.22 -23.12
N ALA U 108 -0.61 -5.22 -23.34
CA ALA U 108 0.01 -6.01 -24.39
C ALA U 108 0.40 -7.41 -23.93
N GLY U 109 0.15 -7.75 -22.68
CA GLY U 109 0.48 -9.05 -22.14
C GLY U 109 1.50 -8.97 -21.01
N ILE U 110 1.74 -10.13 -20.42
CA ILE U 110 2.68 -10.24 -19.31
C ILE U 110 4.10 -10.30 -19.85
N MET U 111 4.96 -9.41 -19.37
CA MET U 111 6.31 -9.28 -19.90
C MET U 111 7.22 -8.70 -18.83
N ASP U 112 8.53 -8.79 -19.08
CA ASP U 112 9.53 -8.20 -18.20
C ASP U 112 9.69 -6.70 -18.51
N HIS U 113 10.31 -5.99 -17.57
CA HIS U 113 10.40 -4.54 -17.68
C HIS U 113 11.26 -4.08 -18.85
N GLU U 114 12.21 -4.90 -19.30
CA GLU U 114 13.02 -4.52 -20.45
C GLU U 114 12.20 -4.54 -21.72
N GLU U 115 11.34 -5.57 -21.88
CA GLU U 115 10.44 -5.61 -23.02
C GLU U 115 9.40 -4.49 -22.96
N ALA U 116 8.97 -4.12 -21.75
CA ALA U 116 7.99 -3.04 -21.61
C ALA U 116 8.56 -1.72 -22.10
N ARG U 117 9.84 -1.45 -21.82
CA ARG U 117 10.47 -0.22 -22.32
C ARG U 117 10.55 -0.24 -23.85
N ARG U 118 10.90 -1.38 -24.44
CA ARG U 118 11.00 -1.46 -25.89
C ARG U 118 9.65 -1.17 -26.55
N LYS U 119 8.58 -1.73 -26.01
CA LYS U 119 7.24 -1.47 -26.53
C LYS U 119 6.64 -0.19 -25.97
N ASN U 120 7.29 0.45 -24.99
CA ASN U 120 6.81 1.69 -24.40
C ASN U 120 5.37 1.53 -23.88
N VAL U 121 5.17 0.49 -23.07
CA VAL U 121 3.87 0.19 -22.48
C VAL U 121 4.05 0.05 -20.98
N GLY U 122 3.10 0.61 -20.22
CA GLY U 122 3.05 0.47 -18.78
C GLY U 122 2.00 -0.54 -18.35
N GLY U 123 1.92 -0.75 -17.04
CA GLY U 123 0.97 -1.69 -16.50
C GLY U 123 1.07 -1.82 -15.00
N LYS U 124 1.00 -3.06 -14.49
CA LYS U 124 1.03 -3.32 -13.07
C LYS U 124 2.11 -4.36 -12.77
N VAL U 125 2.71 -4.25 -11.59
CA VAL U 125 3.77 -5.16 -11.18
C VAL U 125 3.15 -6.46 -10.71
N LEU U 126 3.64 -7.59 -11.25
CA LEU U 126 3.30 -8.90 -10.74
C LEU U 126 4.33 -9.37 -9.73
N GLY U 127 5.60 -9.41 -10.14
CA GLY U 127 6.66 -9.85 -9.26
C GLY U 127 8.03 -9.54 -9.82
N PHE U 128 9.03 -10.32 -9.43
CA PHE U 128 10.40 -10.11 -9.88
C PHE U 128 11.16 -11.41 -9.69
N PHE U 129 12.32 -11.49 -10.35
CA PHE U 129 13.21 -12.62 -10.14
C PHE U 129 14.61 -12.24 -10.62
N TYR U 130 15.61 -12.90 -10.04
CA TYR U 130 17.00 -12.71 -10.42
C TYR U 130 17.87 -13.82 -9.83
N GLU V 148 -50.87 3.18 -8.66
CA GLU V 148 -49.61 2.48 -8.47
C GLU V 148 -49.84 0.97 -8.46
N LYS V 149 -50.79 0.52 -7.64
CA LYS V 149 -51.11 -0.90 -7.60
C LYS V 149 -51.65 -1.39 -8.93
N ALA V 150 -52.51 -0.59 -9.57
CA ALA V 150 -53.00 -0.96 -10.90
C ALA V 150 -51.88 -0.92 -11.94
N ARG V 151 -50.95 0.03 -11.80
CA ARG V 151 -49.85 0.11 -12.76
C ARG V 151 -49.01 -1.16 -12.73
N GLU V 152 -48.68 -1.65 -11.54
CA GLU V 152 -47.89 -2.87 -11.44
C GLU V 152 -48.71 -4.12 -11.75
N LYS V 153 -50.02 -4.08 -11.52
CA LYS V 153 -50.85 -5.25 -11.83
C LYS V 153 -50.91 -5.50 -13.33
N THR V 154 -51.14 -4.45 -14.12
CA THR V 154 -51.24 -4.62 -15.57
C THR V 154 -49.93 -5.12 -16.15
N LEU V 155 -48.81 -4.56 -15.69
CA LEU V 155 -47.51 -4.99 -16.20
C LEU V 155 -47.24 -6.46 -15.87
N SER V 156 -47.50 -6.85 -14.62
CA SER V 156 -47.28 -8.25 -14.24
C SER V 156 -48.24 -9.18 -14.95
N ASP V 157 -49.51 -8.78 -15.11
CA ASP V 157 -50.49 -9.64 -15.75
C ASP V 157 -50.17 -9.83 -17.23
N GLN V 158 -49.78 -8.77 -17.93
CA GLN V 158 -49.49 -8.87 -19.35
C GLN V 158 -48.16 -9.58 -19.59
N PHE V 159 -47.15 -9.31 -18.75
CA PHE V 159 -45.87 -9.98 -18.89
C PHE V 159 -46.01 -11.47 -18.68
N GLU V 160 -46.76 -11.88 -17.65
CA GLU V 160 -46.99 -13.29 -17.40
C GLU V 160 -47.82 -13.93 -18.50
N ALA V 161 -48.53 -13.13 -19.30
CA ALA V 161 -49.31 -13.68 -20.40
C ALA V 161 -48.41 -14.08 -21.57
N ARG V 162 -47.69 -13.10 -22.12
CA ARG V 162 -46.80 -13.39 -23.24
C ARG V 162 -45.66 -14.31 -22.82
N ARG V 163 -45.19 -14.17 -21.58
CA ARG V 163 -44.15 -15.07 -21.09
C ARG V 163 -44.57 -16.53 -21.20
N ALA V 164 -45.87 -16.81 -21.04
CA ALA V 164 -46.39 -18.16 -21.23
C ALA V 164 -46.68 -18.46 -22.69
N LYS V 165 -47.08 -17.45 -23.48
CA LYS V 165 -47.32 -17.68 -24.90
C LYS V 165 -46.03 -18.06 -25.62
N ASN V 166 -44.93 -17.38 -25.29
CA ASN V 166 -43.66 -17.72 -25.91
C ASN V 166 -43.25 -19.15 -25.59
N LYS V 167 -43.50 -19.59 -24.36
CA LYS V 167 -43.17 -20.97 -23.99
C LYS V 167 -43.96 -21.96 -24.84
N ALA V 168 -45.24 -21.69 -25.07
CA ALA V 168 -46.02 -22.55 -25.95
C ALA V 168 -45.50 -22.50 -27.38
N SER V 169 -45.16 -21.31 -27.87
CA SER V 169 -44.69 -21.19 -29.25
C SER V 169 -43.37 -21.92 -29.46
N ARG V 170 -42.43 -21.76 -28.52
CA ARG V 170 -41.15 -22.45 -28.65
C ARG V 170 -41.34 -23.97 -28.64
N GLU V 171 -42.17 -24.47 -27.74
CA GLU V 171 -42.43 -25.91 -27.71
C GLU V 171 -43.10 -26.38 -28.99
N ARG V 172 -44.03 -25.58 -29.52
CA ARG V 172 -44.65 -25.92 -30.80
C ARG V 172 -43.63 -25.92 -31.93
N LYS V 173 -42.74 -24.94 -31.94
CA LYS V 173 -41.72 -24.89 -32.99
C LYS V 173 -40.77 -26.08 -32.88
N PHE V 174 -40.42 -26.47 -31.66
CA PHE V 174 -39.56 -27.64 -31.47
C PHE V 174 -40.23 -28.90 -31.98
N ALA V 175 -41.53 -29.05 -31.71
CA ALA V 175 -42.24 -30.24 -32.17
C ALA V 175 -42.19 -30.36 -33.69
N ARG V 176 -42.27 -29.24 -34.41
CA ARG V 176 -42.24 -29.25 -35.85
C ARG V 176 -40.84 -29.47 -36.41
N ARG V 177 -39.80 -29.10 -35.67
CA ARG V 177 -38.44 -29.25 -36.17
C ARG V 177 -37.96 -30.70 -36.11
N LYS V 178 -38.49 -31.50 -35.19
CA LYS V 178 -38.09 -32.90 -35.11
C LYS V 178 -38.43 -33.65 -36.38
N LYS V 179 -39.49 -33.23 -37.09
CA LYS V 179 -39.91 -33.90 -38.32
C LYS V 179 -39.67 -32.99 -39.52
K K W . -15.01 42.26 -7.48
K K X . 6.17 -31.08 38.58
K K Y . -32.89 36.17 -9.79
K K Z . -11.46 27.42 -9.69
K K AA . -18.34 57.72 -14.71
K K BA . -15.34 58.59 -12.04
K K CA . 42.90 -20.95 24.24
K K DA . 1.10 62.07 -20.06
K K EA . -3.79 -10.56 58.96
K K FA . 6.49 -11.31 52.08
K K GA . -39.63 27.92 -5.53
K K HA . -0.73 -38.67 14.38
K K IA . -16.79 -35.12 6.39
K K JA . 8.14 59.37 -15.08
K K KA . -8.13 24.76 -0.83
K K LA . 14.62 1.10 2.03
K K MA . 3.22 6.47 7.56
K K NA . -22.23 -10.26 30.27
K K OA . 11.01 -15.16 45.53
MG MG PA . -37.46 34.85 -31.41
MG MG QA . -5.13 -14.55 23.64
MG MG RA . -15.37 -3.53 20.17
MG MG SA . -2.07 -10.85 27.89
MG MG TA . -6.83 -6.75 31.73
MG MG UA . 6.71 -6.46 28.31
MG MG VA . 8.60 -7.34 33.30
MG MG WA . 14.73 -16.30 38.30
MG MG XA . -6.40 -20.51 33.57
MG MG YA . 17.63 9.10 5.44
MG MG ZA . 30.93 2.79 34.84
MG MG AB . 11.80 0.83 17.80
MG MG BB . -5.60 51.23 13.49
MG MG CB . -14.84 71.26 -12.15
MG MG DB . -6.37 47.60 -5.44
MG MG EB . -1.99 41.05 -3.31
MG MG FB . -13.56 47.50 0.19
MG MG GB . -17.23 51.64 4.18
MG MG HB . -1.14 36.80 11.71
MG MG IB . -5.66 35.20 11.49
MG MG JB . -43.08 30.89 3.26
MG MG KB . -39.28 31.76 -9.45
MG MG LB . 0.84 34.15 1.35
MG MG MB . -8.66 53.87 -1.08
MG MG NB . -5.69 57.17 5.02
MG MG OB . 39.21 50.78 -4.97
MG MG PB . 43.87 45.05 9.75
MG MG QB . 43.52 27.02 29.86
MG MG RB . 42.04 15.02 19.71
MG MG SB . -9.17 -14.28 -9.26
MG MG TB . -14.25 -41.22 41.64
MG MG UB . -14.55 -15.76 10.77
MG MG VB . 6.84 6.28 27.25
MG MG WB . 9.58 -13.42 52.27
MG MG XB . 12.47 -9.44 54.56
MG MG YB . 10.42 -22.67 54.12
MG MG ZB . 5.53 45.00 4.83
MG MG AC . -7.35 -26.70 5.46
MG MG BC . -8.43 -29.53 22.16
MG MG CC . -18.66 -14.80 37.54
MG MG DC . -16.92 22.76 -4.01
MG MG EC . -9.95 -40.09 28.96
MG MG FC . 41.02 -19.79 20.93
MG MG GC . -9.50 -11.57 16.81
MG MG HC . 16.67 43.06 12.74
MG MG IC . -13.58 25.37 12.21
MG MG JC . -1.20 28.34 6.15
MG MG KC . 36.42 20.45 27.24
MG MG LC . 48.58 24.23 38.40
MG MG MC . -14.90 -28.93 -3.43
MG MG NC . -10.97 -49.89 20.96
MG MG OC . 14.84 -28.34 19.55
MG MG PC . 9.07 -5.52 6.23
MG MG QC . 2.25 -11.83 6.96
MG MG RC . 11.65 8.93 19.74
MG MG SC . 18.58 16.31 19.24
MG MG TC . 10.85 -13.02 59.58
MG MG UC . -20.26 25.04 -25.74
MG MG VC . -5.15 -45.39 15.65
ZN ZN WC . 3.89 -28.56 51.05
MG MG XC . -21.26 78.78 -30.11
#